data_2EP6
#
_entry.id   2EP6
#
_entity_poly.entity_id   1
_entity_poly.type   'polypeptide(L)'
_entity_poly.pdbx_seq_one_letter_code
;GSSGSSGDVKDVGILQVKVLKAADLLAADFSGKSDPFCLLELGNDRLQTHTVYKNLNPEWNKVFTFPIKDIHDVLEVTVF
DEDGDKPPDFLGKVAIPLLSIRDGQPNCYVLKNKDLEQAFKGVIYLEMDLIYN
;
_entity_poly.pdbx_strand_id   A
#
# COMPACT_ATOMS: atom_id res chain seq x y z
N GLY A 1 -13.02 35.38 -1.79
CA GLY A 1 -12.47 34.25 -2.52
C GLY A 1 -10.95 34.21 -2.47
N SER A 2 -10.32 35.34 -2.78
CA SER A 2 -8.86 35.43 -2.76
C SER A 2 -8.30 34.87 -1.46
N SER A 3 -8.83 35.35 -0.34
CA SER A 3 -8.37 34.90 0.97
C SER A 3 -8.16 33.40 1.00
N GLY A 4 -7.18 32.96 1.78
CA GLY A 4 -6.89 31.54 1.87
C GLY A 4 -7.75 30.83 2.91
N SER A 5 -7.52 29.54 3.07
CA SER A 5 -8.29 28.75 4.03
C SER A 5 -7.52 28.59 5.34
N SER A 6 -6.90 29.67 5.80
CA SER A 6 -6.13 29.64 7.04
C SER A 6 -7.02 29.28 8.22
N GLY A 7 -6.52 28.39 9.08
CA GLY A 7 -7.28 27.97 10.24
C GLY A 7 -6.74 26.69 10.86
N ASP A 8 -7.01 25.57 10.20
CA ASP A 8 -6.55 24.27 10.69
C ASP A 8 -5.05 24.13 10.51
N VAL A 9 -4.38 23.51 11.49
CA VAL A 9 -2.94 23.31 11.44
C VAL A 9 -2.48 23.00 10.02
N LYS A 10 -1.27 23.44 9.70
CA LYS A 10 -0.71 23.21 8.37
C LYS A 10 0.04 21.88 8.32
N ASP A 11 -0.42 20.99 7.44
CA ASP A 11 0.20 19.67 7.29
C ASP A 11 1.69 19.82 6.96
N VAL A 12 2.45 18.76 7.23
CA VAL A 12 3.88 18.77 6.94
C VAL A 12 4.16 18.50 5.47
N GLY A 13 3.28 17.75 4.84
CA GLY A 13 3.44 17.43 3.43
C GLY A 13 2.37 16.49 2.92
N ILE A 14 2.61 15.92 1.73
CA ILE A 14 1.66 14.99 1.13
C ILE A 14 2.37 13.75 0.61
N LEU A 15 1.81 12.58 0.91
CA LEU A 15 2.38 11.31 0.47
C LEU A 15 1.68 10.81 -0.79
N GLN A 16 2.40 10.84 -1.91
CA GLN A 16 1.84 10.38 -3.18
C GLN A 16 2.24 8.93 -3.45
N VAL A 17 1.26 8.04 -3.39
CA VAL A 17 1.51 6.62 -3.64
C VAL A 17 1.04 6.21 -5.03
N LYS A 18 1.78 5.29 -5.65
CA LYS A 18 1.44 4.81 -6.98
C LYS A 18 1.63 3.30 -7.08
N VAL A 19 0.53 2.57 -7.11
CA VAL A 19 0.56 1.11 -7.20
C VAL A 19 0.84 0.67 -8.63
N LEU A 20 2.00 0.05 -8.84
CA LEU A 20 2.38 -0.42 -10.17
C LEU A 20 1.76 -1.78 -10.46
N LYS A 21 2.30 -2.82 -9.82
CA LYS A 21 1.79 -4.17 -10.01
C LYS A 21 2.43 -5.14 -9.00
N ALA A 22 2.04 -6.40 -9.08
CA ALA A 22 2.58 -7.42 -8.18
C ALA A 22 3.13 -8.61 -8.96
N ALA A 23 4.30 -9.09 -8.56
CA ALA A 23 4.93 -10.22 -9.23
C ALA A 23 5.08 -11.40 -8.28
N ASP A 24 5.13 -12.60 -8.83
CA ASP A 24 5.28 -13.82 -8.03
C ASP A 24 4.26 -13.84 -6.89
N LEU A 25 2.99 -13.60 -7.23
CA LEU A 25 1.92 -13.59 -6.23
C LEU A 25 1.46 -15.01 -5.94
N LEU A 26 1.50 -15.39 -4.67
CA LEU A 26 1.08 -16.72 -4.25
C LEU A 26 -0.31 -17.05 -4.80
N ALA A 27 -0.54 -18.31 -5.10
CA ALA A 27 -1.82 -18.76 -5.63
C ALA A 27 -2.68 -19.40 -4.53
N ALA A 28 -3.87 -18.86 -4.33
CA ALA A 28 -4.79 -19.38 -3.32
C ALA A 28 -5.47 -20.65 -3.79
N ASP A 29 -5.95 -20.63 -5.03
CA ASP A 29 -6.62 -21.78 -5.62
C ASP A 29 -5.61 -22.78 -6.17
N PHE A 30 -6.08 -24.00 -6.44
CA PHE A 30 -5.22 -25.05 -6.98
C PHE A 30 -4.91 -24.80 -8.45
N SER A 31 -5.90 -24.28 -9.18
CA SER A 31 -5.74 -24.00 -10.60
C SER A 31 -4.45 -23.22 -10.86
N GLY A 32 -4.31 -22.09 -10.16
CA GLY A 32 -3.13 -21.26 -10.33
C GLY A 32 -3.47 -19.80 -10.55
N LYS A 33 -4.62 -19.38 -10.04
CA LYS A 33 -5.06 -18.00 -10.19
C LYS A 33 -5.67 -17.48 -8.89
N SER A 34 -5.88 -16.17 -8.83
CA SER A 34 -6.45 -15.54 -7.64
C SER A 34 -6.98 -14.15 -7.96
N ASP A 35 -7.73 -13.59 -7.03
CA ASP A 35 -8.31 -12.25 -7.21
C ASP A 35 -7.85 -11.30 -6.10
N PRO A 36 -6.53 -11.10 -6.00
CA PRO A 36 -5.94 -10.22 -5.00
C PRO A 36 -6.25 -8.75 -5.25
N PHE A 37 -5.85 -7.89 -4.32
CA PHE A 37 -6.09 -6.46 -4.43
C PHE A 37 -5.26 -5.69 -3.42
N CYS A 38 -4.77 -4.52 -3.84
CA CYS A 38 -3.96 -3.68 -2.96
C CYS A 38 -4.84 -2.75 -2.13
N LEU A 39 -4.58 -2.70 -0.84
CA LEU A 39 -5.36 -1.85 0.07
C LEU A 39 -4.44 -0.89 0.83
N LEU A 40 -4.45 0.37 0.41
CA LEU A 40 -3.62 1.39 1.05
C LEU A 40 -4.32 1.96 2.28
N GLU A 41 -3.61 1.97 3.40
CA GLU A 41 -4.16 2.50 4.66
C GLU A 41 -3.15 3.39 5.36
N LEU A 42 -3.49 4.66 5.49
CA LEU A 42 -2.61 5.63 6.14
C LEU A 42 -3.41 6.57 7.04
N GLY A 43 -2.78 7.03 8.12
CA GLY A 43 -3.45 7.93 9.05
C GLY A 43 -4.82 7.44 9.45
N ASN A 44 -5.86 7.99 8.82
CA ASN A 44 -7.23 7.61 9.12
C ASN A 44 -7.97 7.20 7.85
N ASP A 45 -7.55 7.77 6.72
CA ASP A 45 -8.17 7.46 5.44
C ASP A 45 -7.56 6.21 4.82
N ARG A 46 -8.34 5.52 4.01
CA ARG A 46 -7.87 4.30 3.35
C ARG A 46 -8.46 4.17 1.94
N LEU A 47 -7.69 3.58 1.04
CA LEU A 47 -8.14 3.40 -0.34
C LEU A 47 -7.58 2.11 -0.93
N GLN A 48 -8.41 1.40 -1.69
CA GLN A 48 -7.98 0.15 -2.31
C GLN A 48 -7.99 0.28 -3.84
N THR A 49 -7.42 -0.72 -4.50
CA THR A 49 -7.36 -0.72 -5.96
C THR A 49 -8.43 -1.63 -6.55
N HIS A 50 -8.62 -1.53 -7.87
CA HIS A 50 -9.61 -2.34 -8.56
C HIS A 50 -9.27 -3.82 -8.47
N THR A 51 -10.27 -4.64 -8.14
CA THR A 51 -10.07 -6.08 -8.03
C THR A 51 -10.07 -6.75 -9.39
N VAL A 52 -9.00 -7.47 -9.69
CA VAL A 52 -8.88 -8.17 -10.97
C VAL A 52 -9.04 -9.67 -10.79
N TYR A 53 -9.94 -10.26 -11.55
CA TYR A 53 -10.19 -11.69 -11.47
C TYR A 53 -9.54 -12.42 -12.65
N LYS A 54 -9.17 -13.68 -12.42
CA LYS A 54 -8.54 -14.49 -13.46
C LYS A 54 -7.20 -13.88 -13.88
N ASN A 55 -6.38 -13.53 -12.89
CA ASN A 55 -5.08 -12.95 -13.16
C ASN A 55 -4.17 -13.02 -11.93
N LEU A 56 -2.97 -13.55 -12.11
CA LEU A 56 -2.02 -13.68 -11.00
C LEU A 56 -1.20 -12.40 -10.86
N ASN A 57 -1.15 -11.60 -11.91
CA ASN A 57 -0.40 -10.35 -11.89
C ASN A 57 -1.24 -9.20 -12.39
N PRO A 58 -2.09 -8.65 -11.50
CA PRO A 58 -2.97 -7.53 -11.84
C PRO A 58 -2.20 -6.23 -12.05
N GLU A 59 -2.38 -5.62 -13.22
CA GLU A 59 -1.71 -4.37 -13.55
C GLU A 59 -2.50 -3.17 -13.03
N TRP A 60 -2.52 -3.00 -11.71
CA TRP A 60 -3.24 -1.90 -11.09
C TRP A 60 -2.86 -0.58 -11.74
N ASN A 61 -1.63 -0.14 -11.52
CA ASN A 61 -1.15 1.12 -12.08
C ASN A 61 -2.06 2.28 -11.69
N LYS A 62 -2.33 2.40 -10.40
CA LYS A 62 -3.19 3.46 -9.89
C LYS A 62 -2.41 4.44 -9.03
N VAL A 63 -3.07 5.49 -8.58
CA VAL A 63 -2.43 6.50 -7.73
C VAL A 63 -3.31 6.86 -6.54
N PHE A 64 -2.68 7.20 -5.42
CA PHE A 64 -3.41 7.56 -4.22
C PHE A 64 -2.65 8.63 -3.43
N THR A 65 -3.34 9.72 -3.10
CA THR A 65 -2.73 10.80 -2.34
C THR A 65 -3.34 10.92 -0.96
N PHE A 66 -2.48 11.00 0.06
CA PHE A 66 -2.94 11.10 1.44
C PHE A 66 -2.17 12.20 2.18
N PRO A 67 -2.86 12.92 3.07
CA PRO A 67 -2.27 14.00 3.86
C PRO A 67 -1.29 13.48 4.90
N ILE A 68 -0.18 14.18 5.06
CA ILE A 68 0.83 13.80 6.04
C ILE A 68 0.64 14.54 7.36
N LYS A 69 0.00 13.89 8.32
CA LYS A 69 -0.24 14.49 9.62
C LYS A 69 1.04 14.48 10.48
N ASP A 70 1.77 13.38 10.42
CA ASP A 70 3.01 13.24 11.17
C ASP A 70 4.12 12.65 10.30
N ILE A 71 5.22 13.39 10.19
CA ILE A 71 6.36 12.93 9.38
C ILE A 71 6.91 11.61 9.91
N HIS A 72 6.45 11.21 11.09
CA HIS A 72 6.90 9.97 11.70
C HIS A 72 5.91 8.84 11.41
N ASP A 73 5.12 9.01 10.36
CA ASP A 73 4.14 8.00 9.98
C ASP A 73 4.75 6.94 9.08
N VAL A 74 4.07 5.82 8.93
CA VAL A 74 4.55 4.72 8.10
C VAL A 74 3.40 4.08 7.32
N LEU A 75 3.49 4.16 6.00
CA LEU A 75 2.45 3.59 5.13
C LEU A 75 2.62 2.07 5.03
N GLU A 76 1.50 1.35 5.10
CA GLU A 76 1.52 -0.10 5.01
C GLU A 76 0.52 -0.60 3.98
N VAL A 77 1.00 -1.32 2.98
CA VAL A 77 0.14 -1.85 1.92
C VAL A 77 -0.08 -3.35 2.10
N THR A 78 -1.27 -3.71 2.54
CA THR A 78 -1.62 -5.12 2.76
C THR A 78 -2.46 -5.65 1.62
N VAL A 79 -1.92 -6.62 0.89
CA VAL A 79 -2.62 -7.23 -0.23
C VAL A 79 -3.32 -8.52 0.19
N PHE A 80 -4.65 -8.53 0.07
CA PHE A 80 -5.43 -9.71 0.45
C PHE A 80 -6.00 -10.38 -0.80
N ASP A 81 -6.79 -11.44 -0.58
CA ASP A 81 -7.40 -12.17 -1.67
C ASP A 81 -8.89 -12.37 -1.43
N GLU A 82 -9.72 -11.65 -2.19
CA GLU A 82 -11.16 -11.75 -2.05
C GLU A 82 -11.66 -13.11 -2.54
N ASP A 83 -12.45 -13.76 -1.70
CA ASP A 83 -13.00 -15.07 -2.04
C ASP A 83 -14.52 -15.09 -1.87
N GLY A 84 -15.22 -14.64 -2.90
CA GLY A 84 -16.68 -14.61 -2.85
C GLY A 84 -17.20 -14.24 -1.47
N ASP A 85 -18.27 -14.89 -1.05
CA ASP A 85 -18.87 -14.62 0.26
C ASP A 85 -17.80 -14.57 1.34
N LYS A 86 -16.86 -15.52 1.28
CA LYS A 86 -15.78 -15.59 2.26
C LYS A 86 -14.94 -14.31 2.25
N PRO A 87 -14.50 -13.88 3.43
CA PRO A 87 -13.68 -12.67 3.57
C PRO A 87 -12.28 -12.85 2.99
N PRO A 88 -11.57 -11.73 2.79
CA PRO A 88 -10.21 -11.74 2.24
C PRO A 88 -9.19 -12.32 3.21
N ASP A 89 -8.11 -12.87 2.67
CA ASP A 89 -7.07 -13.45 3.50
C ASP A 89 -5.79 -12.62 3.45
N PHE A 90 -4.94 -12.77 4.45
CA PHE A 90 -3.70 -12.03 4.53
C PHE A 90 -2.61 -12.71 3.70
N LEU A 91 -2.06 -11.99 2.73
CA LEU A 91 -1.01 -12.52 1.87
C LEU A 91 0.25 -11.67 1.96
N GLY A 92 0.77 -11.49 3.18
CA GLY A 92 1.96 -10.70 3.37
C GLY A 92 1.67 -9.22 3.46
N LYS A 93 2.68 -8.43 3.82
CA LYS A 93 2.53 -6.98 3.94
C LYS A 93 3.85 -6.27 3.64
N VAL A 94 3.82 -4.95 3.71
CA VAL A 94 5.01 -4.15 3.45
C VAL A 94 4.99 -2.85 4.25
N ALA A 95 6.01 -2.68 5.10
CA ALA A 95 6.11 -1.48 5.92
C ALA A 95 7.30 -0.63 5.51
N ILE A 96 7.05 0.63 5.17
CA ILE A 96 8.10 1.55 4.76
C ILE A 96 7.85 2.96 5.29
N PRO A 97 8.81 3.47 6.07
CA PRO A 97 8.72 4.82 6.65
C PRO A 97 8.84 5.92 5.60
N LEU A 98 7.96 6.91 5.69
CA LEU A 98 7.97 8.02 4.74
C LEU A 98 9.38 8.56 4.55
N LEU A 99 10.09 8.75 5.66
CA LEU A 99 11.45 9.26 5.62
C LEU A 99 12.26 8.58 4.52
N SER A 100 12.25 7.25 4.53
CA SER A 100 12.98 6.47 3.53
C SER A 100 12.75 7.04 2.13
N ILE A 101 11.51 7.42 1.84
CA ILE A 101 11.17 7.97 0.53
C ILE A 101 12.17 9.05 0.13
N ARG A 102 13.08 8.69 -0.78
CA ARG A 102 14.08 9.63 -1.27
C ARG A 102 13.69 10.20 -2.62
N ASP A 103 13.53 9.33 -3.61
CA ASP A 103 13.15 9.75 -4.95
C ASP A 103 12.05 8.86 -5.51
N GLY A 104 11.46 9.28 -6.62
CA GLY A 104 10.40 8.52 -7.24
C GLY A 104 10.92 7.35 -8.04
N GLN A 105 11.80 6.55 -7.44
CA GLN A 105 12.38 5.39 -8.11
C GLN A 105 11.62 4.12 -7.76
N PRO A 106 11.50 3.21 -8.73
CA PRO A 106 10.80 1.93 -8.55
C PRO A 106 11.56 0.99 -7.63
N ASN A 107 11.29 1.10 -6.33
CA ASN A 107 11.94 0.24 -5.34
C ASN A 107 11.05 -0.92 -4.95
N CYS A 108 11.50 -2.13 -5.26
CA CYS A 108 10.74 -3.34 -4.94
C CYS A 108 10.72 -3.59 -3.43
N TYR A 109 9.53 -3.89 -2.91
CA TYR A 109 9.37 -4.15 -1.48
C TYR A 109 8.80 -5.53 -1.24
N VAL A 110 9.66 -6.48 -0.92
CA VAL A 110 9.25 -7.86 -0.66
C VAL A 110 8.09 -7.90 0.34
N LEU A 111 7.12 -8.76 0.08
CA LEU A 111 5.96 -8.90 0.95
C LEU A 111 6.33 -9.68 2.21
N LYS A 112 6.55 -8.96 3.31
CA LYS A 112 6.89 -9.59 4.58
C LYS A 112 5.67 -9.71 5.49
N ASN A 113 5.52 -10.86 6.13
CA ASN A 113 4.40 -11.11 7.02
C ASN A 113 4.70 -10.59 8.42
N LYS A 114 3.70 -10.66 9.30
CA LYS A 114 3.85 -10.20 10.67
C LYS A 114 5.27 -10.44 11.18
N ASP A 115 5.86 -11.55 10.73
CA ASP A 115 7.22 -11.89 11.14
C ASP A 115 8.24 -11.30 10.17
N LEU A 116 8.23 -9.97 10.03
CA LEU A 116 9.15 -9.29 9.14
C LEU A 116 10.53 -9.94 9.17
N GLU A 117 10.87 -10.53 10.31
CA GLU A 117 12.16 -11.19 10.47
C GLU A 117 12.54 -11.96 9.21
N GLN A 118 11.54 -12.60 8.59
CA GLN A 118 11.77 -13.38 7.38
C GLN A 118 10.82 -12.94 6.28
N ALA A 119 10.88 -13.63 5.14
CA ALA A 119 10.03 -13.31 4.00
C ALA A 119 8.83 -14.24 3.94
N PHE A 120 7.97 -14.02 2.95
CA PHE A 120 6.77 -14.84 2.79
C PHE A 120 6.78 -15.55 1.43
N LYS A 121 6.58 -14.76 0.37
CA LYS A 121 6.56 -15.30 -0.99
C LYS A 121 6.43 -14.18 -2.01
N GLY A 122 7.29 -14.23 -3.04
CA GLY A 122 7.26 -13.22 -4.07
C GLY A 122 7.48 -11.82 -3.53
N VAL A 123 7.48 -10.83 -4.41
CA VAL A 123 7.68 -9.44 -4.02
C VAL A 123 6.66 -8.52 -4.69
N ILE A 124 6.78 -7.23 -4.41
CA ILE A 124 5.87 -6.24 -4.99
C ILE A 124 6.62 -4.99 -5.41
N TYR A 125 6.02 -4.21 -6.31
CA TYR A 125 6.64 -2.98 -6.79
C TYR A 125 5.72 -1.78 -6.54
N LEU A 126 6.07 -0.97 -5.54
CA LEU A 126 5.28 0.21 -5.20
C LEU A 126 6.12 1.48 -5.34
N GLU A 127 5.57 2.47 -6.03
CA GLU A 127 6.27 3.73 -6.23
C GLU A 127 5.63 4.84 -5.39
N MET A 128 6.37 5.32 -4.39
CA MET A 128 5.88 6.37 -3.52
C MET A 128 6.68 7.66 -3.72
N ASP A 129 6.13 8.77 -3.23
CA ASP A 129 6.80 10.06 -3.35
C ASP A 129 6.49 10.95 -2.16
N LEU A 130 7.52 11.58 -1.61
CA LEU A 130 7.35 12.46 -0.45
C LEU A 130 7.30 13.92 -0.89
N ILE A 131 6.24 14.61 -0.49
CA ILE A 131 6.07 16.02 -0.83
C ILE A 131 6.03 16.89 0.42
N TYR A 132 6.43 18.15 0.27
CA TYR A 132 6.45 19.08 1.38
C TYR A 132 5.64 20.34 1.05
N ASN A 133 4.68 20.66 1.92
CA ASN A 133 3.85 21.84 1.72
C ASN A 133 4.69 23.09 1.58
N GLY A 1 -28.82 24.68 8.26
CA GLY A 1 -27.53 25.32 8.43
C GLY A 1 -26.40 24.30 8.57
N SER A 2 -25.16 24.78 8.45
CA SER A 2 -24.00 23.91 8.55
C SER A 2 -22.77 24.71 8.99
N SER A 3 -21.84 24.03 9.65
CA SER A 3 -20.62 24.66 10.13
C SER A 3 -19.42 23.75 9.97
N GLY A 4 -18.34 24.28 9.41
CA GLY A 4 -17.14 23.49 9.21
C GLY A 4 -16.32 23.35 10.47
N SER A 5 -15.26 24.15 10.57
CA SER A 5 -14.38 24.10 11.74
C SER A 5 -13.58 25.39 11.87
N SER A 6 -13.35 25.82 13.11
CA SER A 6 -12.59 27.04 13.36
C SER A 6 -11.16 26.71 13.77
N GLY A 7 -10.23 26.83 12.82
CA GLY A 7 -8.83 26.54 13.11
C GLY A 7 -8.32 25.36 12.32
N ASP A 8 -7.56 25.63 11.27
CA ASP A 8 -6.99 24.58 10.43
C ASP A 8 -5.56 24.27 10.83
N VAL A 9 -5.17 23.01 10.72
CA VAL A 9 -3.82 22.58 11.08
C VAL A 9 -2.92 22.53 9.85
N LYS A 10 -1.69 23.00 10.00
CA LYS A 10 -0.72 23.01 8.91
C LYS A 10 -0.08 21.64 8.75
N ASP A 11 -0.17 21.08 7.54
CA ASP A 11 0.42 19.78 7.25
C ASP A 11 1.89 19.91 6.91
N VAL A 12 2.65 18.85 7.18
CA VAL A 12 4.08 18.85 6.90
C VAL A 12 4.35 18.61 5.42
N GLY A 13 3.50 17.82 4.78
CA GLY A 13 3.66 17.52 3.37
C GLY A 13 2.63 16.55 2.85
N ILE A 14 2.80 16.10 1.61
CA ILE A 14 1.88 15.16 1.01
C ILE A 14 2.60 13.89 0.54
N LEU A 15 1.92 12.76 0.66
CA LEU A 15 2.49 11.47 0.25
C LEU A 15 1.80 10.94 -0.99
N GLN A 16 2.47 11.06 -2.13
CA GLN A 16 1.92 10.58 -3.40
C GLN A 16 2.27 9.12 -3.63
N VAL A 17 1.25 8.25 -3.57
CA VAL A 17 1.46 6.82 -3.76
C VAL A 17 1.01 6.39 -5.16
N LYS A 18 1.80 5.52 -5.79
CA LYS A 18 1.48 5.03 -7.12
C LYS A 18 1.66 3.52 -7.21
N VAL A 19 0.56 2.79 -7.09
CA VAL A 19 0.58 1.34 -7.15
C VAL A 19 0.72 0.86 -8.59
N LEU A 20 1.85 0.23 -8.90
CA LEU A 20 2.11 -0.28 -10.24
C LEU A 20 1.46 -1.65 -10.42
N LYS A 21 1.99 -2.65 -9.74
CA LYS A 21 1.47 -4.01 -9.83
C LYS A 21 2.16 -4.93 -8.84
N ALA A 22 1.78 -6.20 -8.85
CA ALA A 22 2.37 -7.19 -7.94
C ALA A 22 2.79 -8.44 -8.70
N ALA A 23 3.96 -8.97 -8.36
CA ALA A 23 4.46 -10.18 -9.00
C ALA A 23 4.61 -11.32 -8.00
N ASP A 24 4.69 -12.54 -8.50
CA ASP A 24 4.84 -13.72 -7.66
C ASP A 24 3.70 -13.80 -6.65
N LEU A 25 2.54 -13.30 -7.03
CA LEU A 25 1.38 -13.31 -6.15
C LEU A 25 0.88 -14.73 -5.94
N LEU A 26 1.03 -15.24 -4.71
CA LEU A 26 0.59 -16.58 -4.37
C LEU A 26 -0.75 -16.90 -5.03
N ALA A 27 -0.76 -17.94 -5.85
CA ALA A 27 -1.99 -18.35 -6.54
C ALA A 27 -2.92 -19.09 -5.59
N ALA A 28 -3.72 -18.34 -4.84
CA ALA A 28 -4.66 -18.93 -3.90
C ALA A 28 -5.31 -20.18 -4.48
N ASP A 29 -5.59 -20.15 -5.77
CA ASP A 29 -6.21 -21.28 -6.46
C ASP A 29 -5.15 -22.22 -7.02
N PHE A 30 -5.37 -23.51 -6.84
CA PHE A 30 -4.43 -24.52 -7.34
C PHE A 30 -4.12 -24.28 -8.82
N SER A 31 -5.16 -24.09 -9.61
CA SER A 31 -5.00 -23.87 -11.04
C SER A 31 -3.78 -23.00 -11.32
N GLY A 32 -3.73 -21.84 -10.67
CA GLY A 32 -2.60 -20.94 -10.86
C GLY A 32 -3.05 -19.50 -11.08
N LYS A 33 -4.16 -19.13 -10.46
CA LYS A 33 -4.69 -17.78 -10.58
C LYS A 33 -5.16 -17.25 -9.23
N SER A 34 -5.31 -15.94 -9.13
CA SER A 34 -5.77 -15.31 -7.89
C SER A 34 -6.40 -13.95 -8.17
N ASP A 35 -7.23 -13.49 -7.24
CA ASP A 35 -7.90 -12.20 -7.38
C ASP A 35 -7.49 -11.26 -6.26
N PRO A 36 -6.17 -11.10 -6.07
CA PRO A 36 -5.62 -10.22 -5.04
C PRO A 36 -5.85 -8.74 -5.36
N PHE A 37 -5.92 -7.93 -4.31
CA PHE A 37 -6.13 -6.49 -4.48
C PHE A 37 -5.32 -5.70 -3.46
N CYS A 38 -4.89 -4.50 -3.86
CA CYS A 38 -4.10 -3.65 -2.98
C CYS A 38 -4.99 -2.79 -2.11
N LEU A 39 -4.62 -2.66 -0.84
CA LEU A 39 -5.40 -1.85 0.11
C LEU A 39 -4.49 -0.92 0.90
N LEU A 40 -4.52 0.36 0.55
CA LEU A 40 -3.70 1.35 1.22
C LEU A 40 -4.40 1.87 2.48
N GLU A 41 -3.63 2.02 3.56
CA GLU A 41 -4.18 2.50 4.82
C GLU A 41 -3.16 3.36 5.56
N LEU A 42 -3.51 4.62 5.78
CA LEU A 42 -2.62 5.55 6.49
C LEU A 42 -3.42 6.54 7.32
N GLY A 43 -2.88 6.92 8.47
CA GLY A 43 -3.56 7.86 9.34
C GLY A 43 -5.01 7.48 9.60
N ASN A 44 -5.92 8.14 8.89
CA ASN A 44 -7.35 7.86 9.05
C ASN A 44 -7.98 7.49 7.72
N ASP A 45 -7.41 7.99 6.63
CA ASP A 45 -7.91 7.71 5.28
C ASP A 45 -7.52 6.30 4.85
N ARG A 46 -8.28 5.74 3.91
CA ARG A 46 -8.02 4.40 3.41
C ARG A 46 -8.59 4.23 2.00
N LEU A 47 -7.79 3.66 1.10
CA LEU A 47 -8.21 3.44 -0.27
C LEU A 47 -7.58 2.15 -0.83
N GLN A 48 -8.30 1.51 -1.75
CA GLN A 48 -7.82 0.28 -2.36
C GLN A 48 -7.93 0.35 -3.88
N THR A 49 -7.32 -0.61 -4.56
CA THR A 49 -7.36 -0.67 -6.01
C THR A 49 -8.42 -1.64 -6.51
N HIS A 50 -8.73 -1.57 -7.80
CA HIS A 50 -9.73 -2.45 -8.39
C HIS A 50 -9.29 -3.91 -8.31
N THR A 51 -10.26 -4.80 -8.08
CA THR A 51 -9.97 -6.22 -7.98
C THR A 51 -9.93 -6.88 -9.35
N VAL A 52 -8.85 -7.60 -9.62
CA VAL A 52 -8.69 -8.27 -10.90
C VAL A 52 -8.74 -9.79 -10.73
N TYR A 53 -9.73 -10.42 -11.37
CA TYR A 53 -9.90 -11.87 -11.27
C TYR A 53 -9.22 -12.56 -12.46
N LYS A 54 -8.88 -13.83 -12.27
CA LYS A 54 -8.23 -14.61 -13.31
C LYS A 54 -6.97 -13.91 -13.81
N ASN A 55 -6.18 -13.39 -12.87
CA ASN A 55 -4.94 -12.69 -13.21
C ASN A 55 -3.95 -12.76 -12.06
N LEU A 56 -2.82 -13.41 -12.29
CA LEU A 56 -1.78 -13.55 -11.27
C LEU A 56 -1.08 -12.22 -11.03
N ASN A 57 -0.65 -11.58 -12.13
CA ASN A 57 0.03 -10.29 -12.03
C ASN A 57 -0.84 -9.17 -12.57
N PRO A 58 -1.78 -8.69 -11.73
CA PRO A 58 -2.70 -7.61 -12.09
C PRO A 58 -1.99 -6.27 -12.22
N GLU A 59 -2.46 -5.44 -13.15
CA GLU A 59 -1.87 -4.13 -13.38
C GLU A 59 -2.79 -3.03 -12.86
N TRP A 60 -2.66 -2.72 -11.57
CA TRP A 60 -3.48 -1.68 -10.95
C TRP A 60 -3.17 -0.31 -11.55
N ASN A 61 -1.90 0.09 -11.45
CA ASN A 61 -1.48 1.38 -11.98
C ASN A 61 -2.40 2.50 -11.51
N LYS A 62 -2.63 2.57 -10.21
CA LYS A 62 -3.50 3.59 -9.63
C LYS A 62 -2.67 4.71 -9.00
N VAL A 63 -3.35 5.76 -8.56
CA VAL A 63 -2.69 6.89 -7.92
C VAL A 63 -3.52 7.44 -6.77
N PHE A 64 -3.06 7.21 -5.55
CA PHE A 64 -3.76 7.68 -4.36
C PHE A 64 -2.84 8.52 -3.50
N THR A 65 -3.27 9.76 -3.23
CA THR A 65 -2.48 10.68 -2.41
C THR A 65 -3.11 10.85 -1.02
N PHE A 66 -2.26 10.90 -0.01
CA PHE A 66 -2.72 11.06 1.37
C PHE A 66 -1.93 12.15 2.09
N PRO A 67 -2.62 12.92 2.94
CA PRO A 67 -2.00 14.01 3.71
C PRO A 67 -1.05 13.49 4.78
N ILE A 68 0.01 14.25 5.03
CA ILE A 68 0.99 13.86 6.05
C ILE A 68 0.79 14.64 7.33
N LYS A 69 0.32 13.95 8.37
CA LYS A 69 0.08 14.57 9.66
C LYS A 69 1.31 14.45 10.57
N ASP A 70 2.17 13.50 10.25
CA ASP A 70 3.39 13.27 11.03
C ASP A 70 4.50 12.71 10.15
N ILE A 71 5.67 13.34 10.21
CA ILE A 71 6.81 12.89 9.42
C ILE A 71 7.22 11.47 9.80
N HIS A 72 6.83 11.04 10.99
CA HIS A 72 7.15 9.71 11.47
C HIS A 72 6.07 8.70 11.06
N ASP A 73 5.19 9.12 10.16
CA ASP A 73 4.11 8.27 9.68
C ASP A 73 4.67 7.07 8.92
N VAL A 74 3.87 6.01 8.82
CA VAL A 74 4.28 4.80 8.11
C VAL A 74 3.11 4.18 7.36
N LEU A 75 3.28 3.99 6.07
CA LEU A 75 2.23 3.40 5.24
C LEU A 75 2.32 1.87 5.25
N GLU A 76 1.19 1.21 5.41
CA GLU A 76 1.14 -0.24 5.43
C GLU A 76 0.18 -0.77 4.37
N VAL A 77 0.74 -1.27 3.27
CA VAL A 77 -0.06 -1.81 2.18
C VAL A 77 -0.29 -3.31 2.36
N THR A 78 -1.51 -3.67 2.71
CA THR A 78 -1.86 -5.07 2.91
C THR A 78 -2.57 -5.65 1.69
N VAL A 79 -2.04 -6.76 1.18
CA VAL A 79 -2.63 -7.41 0.01
C VAL A 79 -3.58 -8.53 0.42
N PHE A 80 -4.84 -8.41 0.04
CA PHE A 80 -5.84 -9.42 0.37
C PHE A 80 -6.29 -10.16 -0.89
N ASP A 81 -6.67 -11.42 -0.71
CA ASP A 81 -7.14 -12.24 -1.83
C ASP A 81 -8.57 -12.69 -1.62
N GLU A 82 -9.48 -12.14 -2.43
CA GLU A 82 -10.90 -12.48 -2.33
C GLU A 82 -11.15 -13.90 -2.84
N ASP A 83 -11.48 -14.80 -1.92
CA ASP A 83 -11.75 -16.18 -2.29
C ASP A 83 -13.25 -16.47 -2.26
N GLY A 84 -13.91 -16.18 -3.37
CA GLY A 84 -15.35 -16.41 -3.46
C GLY A 84 -16.05 -16.17 -2.14
N ASP A 85 -17.09 -16.95 -1.88
CA ASP A 85 -17.86 -16.82 -0.64
C ASP A 85 -16.93 -16.66 0.56
N LYS A 86 -15.84 -17.43 0.56
CA LYS A 86 -14.87 -17.38 1.65
C LYS A 86 -14.25 -15.98 1.75
N PRO A 87 -13.89 -15.59 2.99
CA PRO A 87 -13.28 -14.28 3.25
C PRO A 87 -11.86 -14.18 2.69
N PRO A 88 -11.31 -12.96 2.69
CA PRO A 88 -9.96 -12.70 2.19
C PRO A 88 -8.88 -13.29 3.09
N ASP A 89 -7.79 -13.75 2.48
CA ASP A 89 -6.68 -14.33 3.23
C ASP A 89 -5.48 -13.40 3.26
N PHE A 90 -4.60 -13.61 4.22
CA PHE A 90 -3.40 -12.78 4.36
C PHE A 90 -2.35 -13.19 3.35
N LEU A 91 -2.00 -12.26 2.46
CA LEU A 91 -0.99 -12.51 1.43
C LEU A 91 0.31 -11.81 1.76
N GLY A 92 0.42 -11.28 2.98
CA GLY A 92 1.61 -10.59 3.39
C GLY A 92 1.39 -9.10 3.54
N LYS A 93 2.31 -8.43 4.24
CA LYS A 93 2.22 -6.99 4.47
C LYS A 93 3.58 -6.32 4.30
N VAL A 94 3.58 -5.08 3.85
CA VAL A 94 4.81 -4.34 3.66
C VAL A 94 4.77 -3.00 4.39
N ALA A 95 5.71 -2.81 5.32
CA ALA A 95 5.78 -1.57 6.09
C ALA A 95 6.99 -0.74 5.69
N ILE A 96 6.74 0.50 5.29
CA ILE A 96 7.81 1.40 4.87
C ILE A 96 7.55 2.83 5.34
N PRO A 97 8.47 3.35 6.17
CA PRO A 97 8.35 4.71 6.71
C PRO A 97 8.56 5.77 5.65
N LEU A 98 7.93 6.93 5.83
CA LEU A 98 8.06 8.03 4.89
C LEU A 98 9.52 8.41 4.67
N LEU A 99 10.31 8.27 5.73
CA LEU A 99 11.74 8.59 5.66
C LEU A 99 12.43 7.78 4.56
N SER A 100 12.07 6.51 4.47
CA SER A 100 12.66 5.63 3.46
C SER A 100 12.53 6.23 2.07
N ILE A 101 11.55 7.10 1.89
CA ILE A 101 11.31 7.75 0.61
C ILE A 101 12.29 8.91 0.40
N ARG A 102 13.25 8.70 -0.50
CA ARG A 102 14.26 9.72 -0.80
C ARG A 102 14.04 10.28 -2.20
N ASP A 103 14.10 9.41 -3.20
CA ASP A 103 13.92 9.82 -4.58
C ASP A 103 12.68 9.16 -5.19
N GLY A 104 12.43 9.44 -6.47
CA GLY A 104 11.28 8.88 -7.14
C GLY A 104 11.65 7.73 -8.06
N GLN A 105 12.43 6.78 -7.54
CA GLN A 105 12.86 5.63 -8.32
C GLN A 105 12.02 4.41 -8.00
N PRO A 106 11.74 3.58 -9.02
CA PRO A 106 10.94 2.36 -8.86
C PRO A 106 11.67 1.29 -8.07
N ASN A 107 11.46 1.28 -6.76
CA ASN A 107 12.10 0.31 -5.88
C ASN A 107 11.12 -0.79 -5.50
N CYS A 108 11.47 -2.04 -5.82
CA CYS A 108 10.63 -3.18 -5.51
C CYS A 108 10.70 -3.51 -4.02
N TYR A 109 9.57 -3.88 -3.44
CA TYR A 109 9.50 -4.23 -2.02
C TYR A 109 9.19 -5.71 -1.84
N VAL A 110 9.64 -6.27 -0.72
CA VAL A 110 9.40 -7.68 -0.42
C VAL A 110 8.34 -7.84 0.65
N LEU A 111 7.39 -8.75 0.41
CA LEU A 111 6.32 -9.00 1.37
C LEU A 111 6.83 -9.80 2.57
N LYS A 112 6.46 -9.36 3.77
CA LYS A 112 6.88 -10.03 4.99
C LYS A 112 5.67 -10.62 5.73
N ASN A 113 5.94 -11.33 6.82
CA ASN A 113 4.88 -11.94 7.61
C ASN A 113 4.20 -10.90 8.50
N LYS A 114 3.11 -11.32 9.15
CA LYS A 114 2.37 -10.43 10.04
C LYS A 114 3.32 -9.67 10.96
N ASP A 115 4.01 -10.41 11.81
CA ASP A 115 4.96 -9.81 12.75
C ASP A 115 6.30 -9.59 12.10
N LEU A 116 6.29 -9.32 10.80
CA LEU A 116 7.53 -9.08 10.05
C LEU A 116 8.66 -9.94 10.59
N GLU A 117 8.39 -11.23 10.77
CA GLU A 117 9.39 -12.16 11.29
C GLU A 117 10.28 -12.67 10.16
N GLN A 118 9.67 -13.01 9.03
CA GLN A 118 10.41 -13.51 7.89
C GLN A 118 9.64 -13.26 6.59
N ALA A 119 10.35 -13.34 5.47
CA ALA A 119 9.73 -13.13 4.16
C ALA A 119 8.59 -14.11 3.92
N PHE A 120 7.46 -13.59 3.46
CA PHE A 120 6.30 -14.42 3.19
C PHE A 120 6.45 -15.18 1.87
N LYS A 121 6.39 -14.44 0.76
CA LYS A 121 6.53 -15.04 -0.56
C LYS A 121 6.56 -13.95 -1.64
N GLY A 122 7.04 -14.33 -2.82
CA GLY A 122 7.12 -13.37 -3.92
C GLY A 122 7.45 -11.97 -3.45
N VAL A 123 7.01 -10.98 -4.21
CA VAL A 123 7.25 -9.58 -3.87
C VAL A 123 6.29 -8.66 -4.60
N ILE A 124 6.36 -7.36 -4.29
CA ILE A 124 5.50 -6.38 -4.91
C ILE A 124 6.27 -5.11 -5.26
N TYR A 125 5.70 -4.29 -6.14
CA TYR A 125 6.33 -3.06 -6.56
C TYR A 125 5.45 -1.85 -6.22
N LEU A 126 6.06 -0.84 -5.60
CA LEU A 126 5.34 0.37 -5.22
C LEU A 126 6.16 1.60 -5.50
N GLU A 127 5.50 2.66 -5.98
CA GLU A 127 6.18 3.91 -6.28
C GLU A 127 5.52 5.09 -5.56
N MET A 128 6.22 5.63 -4.57
CA MET A 128 5.71 6.75 -3.80
C MET A 128 6.58 7.99 -3.99
N ASP A 129 6.11 9.13 -3.50
CA ASP A 129 6.84 10.37 -3.62
C ASP A 129 6.58 11.28 -2.42
N LEU A 130 7.66 11.71 -1.76
CA LEU A 130 7.55 12.57 -0.60
C LEU A 130 7.53 14.04 -1.00
N ILE A 131 6.40 14.70 -0.77
CA ILE A 131 6.25 16.11 -1.10
C ILE A 131 6.22 16.97 0.15
N TYR A 132 6.99 18.06 0.12
CA TYR A 132 7.05 18.97 1.26
C TYR A 132 6.18 20.20 1.03
N ASN A 133 5.28 20.47 1.96
CA ASN A 133 4.38 21.60 1.86
C ASN A 133 5.08 22.79 1.19
N GLY A 1 -2.26 43.68 9.49
CA GLY A 1 -3.58 43.83 10.04
C GLY A 1 -3.65 43.52 11.52
N SER A 2 -4.64 42.74 11.93
CA SER A 2 -4.80 42.38 13.33
C SER A 2 -3.90 41.19 13.69
N SER A 3 -3.76 40.96 14.99
CA SER A 3 -2.92 39.86 15.48
C SER A 3 -3.59 38.51 15.22
N GLY A 4 -2.81 37.56 14.72
CA GLY A 4 -3.34 36.24 14.43
C GLY A 4 -3.47 35.39 15.68
N SER A 5 -4.12 34.24 15.54
CA SER A 5 -4.32 33.33 16.67
C SER A 5 -4.12 31.89 16.25
N SER A 6 -3.00 31.30 16.69
CA SER A 6 -2.68 29.92 16.35
C SER A 6 -3.55 28.95 17.16
N GLY A 7 -3.78 27.77 16.59
CA GLY A 7 -4.59 26.76 17.27
C GLY A 7 -4.77 25.51 16.45
N ASP A 8 -5.00 25.68 15.15
CA ASP A 8 -5.19 24.55 14.25
C ASP A 8 -3.88 23.80 14.03
N VAL A 9 -3.98 22.60 13.48
CA VAL A 9 -2.80 21.79 13.21
C VAL A 9 -2.30 21.98 11.79
N LYS A 10 -0.98 22.02 11.63
CA LYS A 10 -0.37 22.21 10.32
C LYS A 10 0.15 20.88 9.76
N ASP A 11 0.03 20.70 8.46
CA ASP A 11 0.49 19.48 7.81
C ASP A 11 1.99 19.56 7.51
N VAL A 12 2.64 18.40 7.48
CA VAL A 12 4.06 18.33 7.20
C VAL A 12 4.33 18.17 5.71
N GLY A 13 3.36 17.61 5.00
CA GLY A 13 3.51 17.41 3.58
C GLY A 13 2.47 16.46 3.02
N ILE A 14 2.65 16.03 1.77
CA ILE A 14 1.73 15.12 1.12
C ILE A 14 2.42 13.84 0.68
N LEU A 15 1.74 12.71 0.85
CA LEU A 15 2.30 11.42 0.47
C LEU A 15 1.66 10.91 -0.82
N GLN A 16 2.43 10.89 -1.90
CA GLN A 16 1.94 10.42 -3.19
C GLN A 16 2.34 8.97 -3.43
N VAL A 17 1.35 8.09 -3.45
CA VAL A 17 1.59 6.67 -3.68
C VAL A 17 1.16 6.25 -5.08
N LYS A 18 1.95 5.37 -5.70
CA LYS A 18 1.65 4.90 -7.04
C LYS A 18 1.81 3.37 -7.12
N VAL A 19 0.69 2.67 -7.13
CA VAL A 19 0.70 1.22 -7.20
C VAL A 19 0.88 0.74 -8.63
N LEU A 20 2.13 0.44 -9.00
CA LEU A 20 2.45 -0.03 -10.34
C LEU A 20 1.80 -1.39 -10.61
N LYS A 21 2.35 -2.43 -10.00
CA LYS A 21 1.83 -3.78 -10.17
C LYS A 21 2.57 -4.76 -9.27
N ALA A 22 2.06 -5.99 -9.20
CA ALA A 22 2.68 -7.02 -8.37
C ALA A 22 3.16 -8.19 -9.23
N ALA A 23 4.01 -9.04 -8.65
CA ALA A 23 4.55 -10.18 -9.36
C ALA A 23 4.80 -11.35 -8.40
N ASP A 24 4.73 -12.57 -8.92
CA ASP A 24 4.95 -13.75 -8.11
C ASP A 24 4.02 -13.78 -6.90
N LEU A 25 2.86 -13.15 -7.05
CA LEU A 25 1.89 -13.10 -5.96
C LEU A 25 1.48 -14.50 -5.53
N LEU A 26 0.83 -14.59 -4.37
CA LEU A 26 0.38 -15.87 -3.84
C LEU A 26 -0.86 -16.35 -4.57
N ALA A 27 -1.00 -17.67 -4.70
CA ALA A 27 -2.15 -18.26 -5.37
C ALA A 27 -3.02 -19.04 -4.38
N ALA A 28 -4.07 -18.39 -3.89
CA ALA A 28 -4.98 -19.01 -2.94
C ALA A 28 -5.54 -20.31 -3.50
N ASP A 29 -6.05 -20.25 -4.72
CA ASP A 29 -6.62 -21.43 -5.37
C ASP A 29 -5.53 -22.28 -6.02
N PHE A 30 -5.61 -23.58 -5.83
CA PHE A 30 -4.62 -24.50 -6.40
C PHE A 30 -4.50 -24.30 -7.91
N SER A 31 -5.64 -24.06 -8.56
CA SER A 31 -5.66 -23.86 -10.00
C SER A 31 -4.44 -23.06 -10.46
N GLY A 32 -4.15 -21.97 -9.76
CA GLY A 32 -3.02 -21.15 -10.11
C GLY A 32 -3.39 -19.69 -10.33
N LYS A 33 -4.62 -19.34 -9.96
CA LYS A 33 -5.10 -17.98 -10.13
C LYS A 33 -5.74 -17.47 -8.84
N SER A 34 -5.79 -16.15 -8.68
CA SER A 34 -6.38 -15.54 -7.50
C SER A 34 -6.95 -14.17 -7.82
N ASP A 35 -7.65 -13.58 -6.86
CA ASP A 35 -8.25 -12.26 -7.04
C ASP A 35 -7.81 -11.31 -5.92
N PRO A 36 -6.49 -11.16 -5.78
CA PRO A 36 -5.91 -10.27 -4.76
C PRO A 36 -6.16 -8.79 -5.06
N PHE A 37 -5.85 -7.94 -4.08
CA PHE A 37 -6.04 -6.50 -4.24
C PHE A 37 -5.26 -5.73 -3.19
N CYS A 38 -4.84 -4.52 -3.54
CA CYS A 38 -4.08 -3.68 -2.62
C CYS A 38 -5.01 -2.79 -1.81
N LEU A 39 -4.71 -2.63 -0.52
CA LEU A 39 -5.51 -1.80 0.37
C LEU A 39 -4.64 -0.81 1.12
N LEU A 40 -4.61 0.43 0.65
CA LEU A 40 -3.82 1.47 1.28
C LEU A 40 -4.59 2.11 2.44
N GLU A 41 -3.93 2.25 3.58
CA GLU A 41 -4.56 2.85 4.76
C GLU A 41 -3.58 3.75 5.49
N LEU A 42 -3.98 5.00 5.73
CA LEU A 42 -3.14 5.96 6.42
C LEU A 42 -3.98 7.01 7.14
N GLY A 43 -3.40 7.63 8.16
CA GLY A 43 -4.12 8.64 8.91
C GLY A 43 -5.58 8.29 9.13
N ASN A 44 -6.47 9.10 8.59
CA ASN A 44 -7.91 8.87 8.72
C ASN A 44 -8.56 8.62 7.36
N ASP A 45 -7.73 8.27 6.38
CA ASP A 45 -8.22 8.00 5.03
C ASP A 45 -7.67 6.69 4.51
N ARG A 46 -8.49 5.97 3.74
CA ARG A 46 -8.08 4.69 3.18
C ARG A 46 -8.68 4.49 1.79
N LEU A 47 -7.95 3.80 0.92
CA LEU A 47 -8.40 3.55 -0.43
C LEU A 47 -7.81 2.25 -0.97
N GLN A 48 -8.63 1.49 -1.70
CA GLN A 48 -8.19 0.22 -2.27
C GLN A 48 -8.28 0.26 -3.79
N THR A 49 -7.58 -0.68 -4.43
CA THR A 49 -7.57 -0.76 -5.89
C THR A 49 -8.61 -1.75 -6.39
N HIS A 50 -8.87 -1.72 -7.69
CA HIS A 50 -9.84 -2.63 -8.31
C HIS A 50 -9.40 -4.08 -8.16
N THR A 51 -10.33 -4.95 -7.80
CA THR A 51 -10.04 -6.36 -7.63
C THR A 51 -10.02 -7.09 -8.97
N VAL A 52 -8.83 -7.51 -9.39
CA VAL A 52 -8.67 -8.22 -10.66
C VAL A 52 -8.81 -9.73 -10.47
N TYR A 53 -9.72 -10.33 -11.22
CA TYR A 53 -9.96 -11.76 -11.13
C TYR A 53 -9.29 -12.50 -12.29
N LYS A 54 -9.00 -13.78 -12.08
CA LYS A 54 -8.36 -14.59 -13.11
C LYS A 54 -7.06 -13.95 -13.59
N ASN A 55 -6.18 -13.63 -12.65
CA ASN A 55 -4.91 -13.01 -12.97
C ASN A 55 -3.99 -12.98 -11.75
N LEU A 56 -2.78 -13.50 -11.90
CA LEU A 56 -1.81 -13.53 -10.81
C LEU A 56 -0.97 -12.26 -10.80
N ASN A 57 -0.84 -11.63 -11.97
CA ASN A 57 -0.06 -10.40 -12.10
C ASN A 57 -0.95 -9.23 -12.50
N PRO A 58 -1.83 -8.82 -11.57
CA PRO A 58 -2.75 -7.70 -11.80
C PRO A 58 -2.03 -6.36 -11.86
N GLU A 59 -2.30 -5.60 -12.92
CA GLU A 59 -1.68 -4.29 -13.10
C GLU A 59 -2.64 -3.18 -12.71
N TRP A 60 -2.53 -2.72 -11.47
CA TRP A 60 -3.39 -1.66 -10.96
C TRP A 60 -2.95 -0.30 -11.50
N ASN A 61 -1.64 -0.07 -11.51
CA ASN A 61 -1.08 1.19 -11.99
C ASN A 61 -1.93 2.37 -11.53
N LYS A 62 -2.23 2.39 -10.22
CA LYS A 62 -3.03 3.47 -9.65
C LYS A 62 -2.16 4.43 -8.85
N VAL A 63 -2.68 5.62 -8.58
CA VAL A 63 -1.95 6.61 -7.81
C VAL A 63 -2.85 7.28 -6.76
N PHE A 64 -2.62 6.94 -5.50
CA PHE A 64 -3.40 7.51 -4.41
C PHE A 64 -2.58 8.51 -3.60
N THR A 65 -3.25 9.55 -3.12
CA THR A 65 -2.59 10.59 -2.33
C THR A 65 -3.25 10.76 -0.97
N PHE A 66 -2.43 10.90 0.07
CA PHE A 66 -2.94 11.09 1.42
C PHE A 66 -2.14 12.14 2.17
N PRO A 67 -2.83 12.97 2.96
CA PRO A 67 -2.20 14.03 3.75
C PRO A 67 -1.37 13.48 4.90
N ILE A 68 -0.15 14.00 5.05
CA ILE A 68 0.75 13.56 6.11
C ILE A 68 0.56 14.40 7.37
N LYS A 69 -0.07 13.81 8.38
CA LYS A 69 -0.33 14.50 9.64
C LYS A 69 0.90 14.41 10.55
N ASP A 70 1.73 13.41 10.33
CA ASP A 70 2.93 13.21 11.13
C ASP A 70 3.99 12.46 10.33
N ILE A 71 5.14 13.09 10.15
CA ILE A 71 6.24 12.48 9.40
C ILE A 71 6.55 11.08 9.94
N HIS A 72 6.31 10.88 11.23
CA HIS A 72 6.55 9.58 11.86
C HIS A 72 5.65 8.50 11.26
N ASP A 73 4.41 8.89 10.94
CA ASP A 73 3.46 7.96 10.36
C ASP A 73 4.12 7.05 9.33
N VAL A 74 3.61 5.83 9.20
CA VAL A 74 4.16 4.87 8.26
C VAL A 74 3.06 4.21 7.43
N LEU A 75 3.26 4.17 6.12
CA LEU A 75 2.28 3.57 5.22
C LEU A 75 2.38 2.05 5.25
N GLU A 76 1.22 1.40 5.30
CA GLU A 76 1.16 -0.06 5.34
C GLU A 76 0.20 -0.59 4.28
N VAL A 77 0.75 -1.18 3.22
CA VAL A 77 -0.05 -1.73 2.14
C VAL A 77 -0.23 -3.24 2.30
N THR A 78 -1.36 -3.65 2.84
CA THR A 78 -1.65 -5.06 3.05
C THR A 78 -2.55 -5.60 1.94
N VAL A 79 -1.99 -6.45 1.09
CA VAL A 79 -2.74 -7.03 -0.01
C VAL A 79 -3.62 -8.19 0.48
N PHE A 80 -4.90 -8.15 0.11
CA PHE A 80 -5.83 -9.20 0.51
C PHE A 80 -6.39 -9.93 -0.71
N ASP A 81 -6.97 -11.10 -0.47
CA ASP A 81 -7.53 -11.90 -1.55
C ASP A 81 -8.96 -12.33 -1.21
N GLU A 82 -9.93 -11.70 -1.84
CA GLU A 82 -11.34 -12.02 -1.61
C GLU A 82 -11.71 -13.35 -2.24
N ASP A 83 -12.09 -14.31 -1.40
CA ASP A 83 -12.47 -15.64 -1.88
C ASP A 83 -13.97 -15.88 -1.67
N GLY A 84 -14.77 -15.55 -2.68
CA GLY A 84 -16.20 -15.75 -2.60
C GLY A 84 -16.79 -15.13 -1.34
N ASP A 85 -17.83 -15.76 -0.80
CA ASP A 85 -18.48 -15.26 0.41
C ASP A 85 -17.50 -15.22 1.58
N LYS A 86 -16.55 -16.14 1.57
CA LYS A 86 -15.54 -16.21 2.63
C LYS A 86 -14.71 -14.94 2.68
N PRO A 87 -14.18 -14.61 3.86
CA PRO A 87 -13.36 -13.42 4.07
C PRO A 87 -12.00 -13.54 3.38
N PRO A 88 -11.29 -12.41 3.28
CA PRO A 88 -9.96 -12.35 2.65
C PRO A 88 -8.90 -13.06 3.49
N ASP A 89 -7.77 -13.37 2.85
CA ASP A 89 -6.68 -14.04 3.54
C ASP A 89 -5.39 -13.24 3.42
N PHE A 90 -4.64 -13.17 4.52
CA PHE A 90 -3.37 -12.42 4.54
C PHE A 90 -2.36 -13.05 3.60
N LEU A 91 -1.89 -12.26 2.64
CA LEU A 91 -0.91 -12.74 1.67
C LEU A 91 0.48 -12.18 1.98
N GLY A 92 0.61 -10.86 1.90
CA GLY A 92 1.89 -10.23 2.18
C GLY A 92 1.77 -8.73 2.38
N LYS A 93 2.16 -8.26 3.55
CA LYS A 93 2.09 -6.83 3.86
C LYS A 93 3.48 -6.19 3.79
N VAL A 94 3.50 -4.88 3.61
CA VAL A 94 4.76 -4.14 3.52
C VAL A 94 4.68 -2.82 4.29
N ALA A 95 5.60 -2.64 5.23
CA ALA A 95 5.63 -1.42 6.04
C ALA A 95 6.85 -0.57 5.68
N ILE A 96 6.60 0.66 5.24
CA ILE A 96 7.66 1.58 4.86
C ILE A 96 7.38 2.99 5.35
N PRO A 97 8.30 3.54 6.16
CA PRO A 97 8.17 4.88 6.70
C PRO A 97 8.31 5.97 5.63
N LEU A 98 7.63 7.09 5.84
CA LEU A 98 7.70 8.20 4.90
C LEU A 98 9.11 8.75 4.78
N LEU A 99 9.86 8.68 5.87
CA LEU A 99 11.24 9.16 5.88
C LEU A 99 12.09 8.43 4.85
N SER A 100 12.13 7.11 4.96
CA SER A 100 12.90 6.28 4.03
C SER A 100 12.88 6.88 2.63
N ILE A 101 11.72 7.41 2.24
CA ILE A 101 11.57 8.02 0.93
C ILE A 101 12.59 9.12 0.70
N ARG A 102 13.54 8.86 -0.19
CA ARG A 102 14.58 9.84 -0.51
C ARG A 102 14.55 10.22 -1.98
N ASP A 103 13.90 9.39 -2.78
CA ASP A 103 13.79 9.63 -4.22
C ASP A 103 12.60 8.90 -4.82
N GLY A 104 12.33 9.15 -6.09
CA GLY A 104 11.21 8.50 -6.75
C GLY A 104 11.65 7.36 -7.65
N GLN A 105 12.48 6.47 -7.12
CA GLN A 105 12.97 5.33 -7.89
C GLN A 105 12.19 4.07 -7.55
N PRO A 106 12.02 3.19 -8.55
CA PRO A 106 11.30 1.93 -8.39
C PRO A 106 12.05 0.93 -7.51
N ASN A 107 11.81 0.97 -6.21
CA ASN A 107 12.47 0.09 -5.27
C ASN A 107 11.65 -1.18 -5.06
N CYS A 108 12.23 -2.33 -5.42
CA CYS A 108 11.56 -3.61 -5.26
C CYS A 108 11.42 -3.99 -3.80
N TYR A 109 10.18 -4.22 -3.36
CA TYR A 109 9.91 -4.57 -1.98
C TYR A 109 9.44 -6.02 -1.88
N VAL A 110 10.00 -6.74 -0.92
CA VAL A 110 9.65 -8.15 -0.71
C VAL A 110 8.47 -8.28 0.25
N LEU A 111 7.44 -8.99 -0.19
CA LEU A 111 6.25 -9.19 0.64
C LEU A 111 6.57 -10.04 1.86
N LYS A 112 6.26 -9.51 3.04
CA LYS A 112 6.51 -10.21 4.30
C LYS A 112 5.34 -10.06 5.26
N ASN A 113 4.85 -11.17 5.77
CA ASN A 113 3.72 -11.16 6.70
C ASN A 113 4.03 -10.30 7.92
N LYS A 114 3.04 -10.12 8.79
CA LYS A 114 3.22 -9.32 9.99
C LYS A 114 4.61 -9.54 10.59
N ASP A 115 5.00 -10.79 10.72
CA ASP A 115 6.31 -11.13 11.29
C ASP A 115 7.37 -10.14 10.82
N LEU A 116 7.35 -9.82 9.52
CA LEU A 116 8.31 -8.89 8.95
C LEU A 116 9.74 -9.38 9.18
N GLU A 117 9.90 -10.69 9.30
CA GLU A 117 11.22 -11.28 9.51
C GLU A 117 11.57 -12.25 8.38
N GLN A 118 10.59 -13.05 7.97
CA GLN A 118 10.79 -14.02 6.90
C GLN A 118 9.83 -13.77 5.75
N ALA A 119 10.37 -13.36 4.61
CA ALA A 119 9.57 -13.08 3.43
C ALA A 119 8.62 -14.24 3.13
N PHE A 120 7.43 -13.92 2.63
CA PHE A 120 6.45 -14.95 2.30
C PHE A 120 6.75 -15.58 0.95
N LYS A 121 6.55 -14.81 -0.13
CA LYS A 121 6.82 -15.30 -1.47
C LYS A 121 6.72 -14.17 -2.49
N GLY A 122 7.40 -14.33 -3.62
CA GLY A 122 7.38 -13.31 -4.65
C GLY A 122 7.69 -11.93 -4.11
N VAL A 123 7.44 -10.91 -4.92
CA VAL A 123 7.70 -9.52 -4.51
C VAL A 123 6.60 -8.60 -5.00
N ILE A 124 6.77 -7.30 -4.76
CA ILE A 124 5.80 -6.31 -5.18
C ILE A 124 6.47 -5.01 -5.59
N TYR A 125 5.85 -4.28 -6.50
CA TYR A 125 6.39 -3.01 -6.98
C TYR A 125 5.52 -1.84 -6.53
N LEU A 126 6.14 -0.90 -5.83
CA LEU A 126 5.42 0.28 -5.33
C LEU A 126 6.26 1.53 -5.50
N GLU A 127 5.65 2.57 -6.08
CA GLU A 127 6.35 3.84 -6.31
C GLU A 127 5.70 4.96 -5.49
N MET A 128 6.44 5.46 -4.51
CA MET A 128 5.95 6.54 -3.66
C MET A 128 6.74 7.83 -3.88
N ASP A 129 6.20 8.95 -3.41
CA ASP A 129 6.86 10.24 -3.56
C ASP A 129 6.48 11.17 -2.42
N LEU A 130 7.47 11.58 -1.64
CA LEU A 130 7.25 12.47 -0.51
C LEU A 130 7.39 13.93 -0.93
N ILE A 131 6.27 14.66 -0.90
CA ILE A 131 6.28 16.07 -1.29
C ILE A 131 6.22 16.96 -0.05
N TYR A 132 7.01 18.03 -0.08
CA TYR A 132 7.05 18.98 1.03
C TYR A 132 6.20 20.21 0.74
N ASN A 133 5.14 20.38 1.52
CA ASN A 133 4.24 21.51 1.34
C ASN A 133 5.01 22.76 0.90
N GLY A 1 -9.07 40.69 0.45
CA GLY A 1 -10.05 39.74 0.97
C GLY A 1 -9.98 39.61 2.47
N SER A 2 -11.14 39.40 3.09
CA SER A 2 -11.22 39.26 4.54
C SER A 2 -11.60 37.84 4.92
N SER A 3 -10.59 37.04 5.30
CA SER A 3 -10.82 35.66 5.69
C SER A 3 -10.83 35.51 7.21
N GLY A 4 -9.71 35.87 7.83
CA GLY A 4 -9.61 35.77 9.28
C GLY A 4 -8.17 35.68 9.75
N SER A 5 -7.99 35.39 11.04
CA SER A 5 -6.66 35.29 11.62
C SER A 5 -6.31 33.83 11.89
N SER A 6 -7.13 33.16 12.69
CA SER A 6 -6.90 31.77 13.04
C SER A 6 -6.67 30.93 11.78
N GLY A 7 -5.68 30.04 11.84
CA GLY A 7 -5.38 29.19 10.70
C GLY A 7 -5.38 27.72 11.06
N ASP A 8 -6.20 26.95 10.37
CA ASP A 8 -6.31 25.52 10.61
C ASP A 8 -4.93 24.85 10.52
N VAL A 9 -4.76 23.75 11.25
CA VAL A 9 -3.50 23.02 11.26
C VAL A 9 -3.05 22.71 9.83
N LYS A 10 -1.85 23.16 9.49
CA LYS A 10 -1.30 22.93 8.16
C LYS A 10 -0.52 21.61 8.12
N ASP A 11 -0.91 20.73 7.19
CA ASP A 11 -0.26 19.44 7.04
C ASP A 11 1.25 19.62 6.82
N VAL A 12 2.00 18.55 7.06
CA VAL A 12 3.45 18.59 6.88
C VAL A 12 3.82 18.36 5.42
N GLY A 13 2.98 17.62 4.71
CA GLY A 13 3.24 17.34 3.30
C GLY A 13 2.24 16.38 2.72
N ILE A 14 2.48 15.97 1.47
CA ILE A 14 1.58 15.05 0.79
C ILE A 14 2.31 13.76 0.41
N LEU A 15 1.60 12.64 0.49
CA LEU A 15 2.17 11.34 0.15
C LEU A 15 1.53 10.77 -1.10
N GLN A 16 2.30 10.76 -2.20
CA GLN A 16 1.80 10.24 -3.46
C GLN A 16 2.26 8.80 -3.69
N VAL A 17 1.33 7.86 -3.58
CA VAL A 17 1.64 6.46 -3.77
C VAL A 17 1.13 5.95 -5.11
N LYS A 18 2.03 5.41 -5.92
CA LYS A 18 1.65 4.89 -7.23
C LYS A 18 1.90 3.38 -7.30
N VAL A 19 0.83 2.61 -7.16
CA VAL A 19 0.93 1.15 -7.22
C VAL A 19 1.05 0.66 -8.66
N LEU A 20 2.26 0.33 -9.06
CA LEU A 20 2.51 -0.15 -10.42
C LEU A 20 1.86 -1.51 -10.64
N LYS A 21 2.42 -2.53 -9.99
CA LYS A 21 1.89 -3.89 -10.11
C LYS A 21 2.60 -4.83 -9.15
N ALA A 22 2.17 -6.09 -9.13
CA ALA A 22 2.77 -7.10 -8.26
C ALA A 22 3.12 -8.36 -9.04
N ALA A 23 4.32 -8.89 -8.79
CA ALA A 23 4.78 -10.10 -9.46
C ALA A 23 5.07 -11.20 -8.46
N ASP A 24 5.03 -12.44 -8.94
CA ASP A 24 5.30 -13.60 -8.07
C ASP A 24 4.30 -13.67 -6.93
N LEU A 25 3.01 -13.50 -7.26
CA LEU A 25 1.96 -13.54 -6.26
C LEU A 25 1.49 -14.97 -6.02
N LEU A 26 0.97 -15.24 -4.82
CA LEU A 26 0.47 -16.56 -4.48
C LEU A 26 -0.92 -16.79 -5.06
N ALA A 27 -1.20 -18.04 -5.42
CA ALA A 27 -2.50 -18.40 -5.98
C ALA A 27 -3.38 -19.08 -4.94
N ALA A 28 -4.32 -18.34 -4.38
CA ALA A 28 -5.23 -18.88 -3.37
C ALA A 28 -5.89 -20.16 -3.86
N ASP A 29 -6.11 -20.23 -5.18
CA ASP A 29 -6.75 -21.40 -5.78
C ASP A 29 -5.71 -22.29 -6.45
N PHE A 30 -6.04 -23.58 -6.57
CA PHE A 30 -5.13 -24.54 -7.19
C PHE A 30 -5.03 -24.29 -8.69
N SER A 31 -6.17 -24.04 -9.34
CA SER A 31 -6.21 -23.79 -10.77
C SER A 31 -5.00 -22.95 -11.21
N GLY A 32 -4.77 -21.86 -10.50
CA GLY A 32 -3.65 -20.98 -10.83
C GLY A 32 -4.07 -19.54 -11.02
N LYS A 33 -5.23 -19.19 -10.47
CA LYS A 33 -5.74 -17.83 -10.59
C LYS A 33 -6.30 -17.36 -9.24
N SER A 34 -6.18 -16.05 -8.99
CA SER A 34 -6.67 -15.47 -7.75
C SER A 34 -7.22 -14.07 -7.99
N ASP A 35 -7.86 -13.51 -6.97
CA ASP A 35 -8.42 -12.16 -7.07
C ASP A 35 -7.90 -11.27 -5.95
N PRO A 36 -6.56 -11.18 -5.86
CA PRO A 36 -5.90 -10.35 -4.84
C PRO A 36 -6.08 -8.86 -5.10
N PHE A 37 -6.17 -8.09 -4.02
CA PHE A 37 -6.35 -6.65 -4.12
C PHE A 37 -5.50 -5.92 -3.08
N CYS A 38 -5.03 -4.73 -3.44
CA CYS A 38 -4.20 -3.93 -2.55
C CYS A 38 -5.06 -3.00 -1.70
N LEU A 39 -4.61 -2.74 -0.48
CA LEU A 39 -5.34 -1.86 0.43
C LEU A 39 -4.40 -0.86 1.10
N LEU A 40 -4.54 0.41 0.73
CA LEU A 40 -3.70 1.47 1.29
C LEU A 40 -4.36 2.09 2.52
N GLU A 41 -3.57 2.27 3.57
CA GLU A 41 -4.08 2.86 4.81
C GLU A 41 -3.03 3.76 5.45
N LEU A 42 -3.40 5.02 5.66
CA LEU A 42 -2.50 5.99 6.27
C LEU A 42 -3.26 7.00 7.12
N GLY A 43 -3.07 6.92 8.44
CA GLY A 43 -3.75 7.83 9.34
C GLY A 43 -5.21 7.48 9.53
N ASN A 44 -6.08 8.15 8.77
CA ASN A 44 -7.52 7.90 8.86
C ASN A 44 -8.09 7.60 7.48
N ASP A 45 -7.49 8.16 6.44
CA ASP A 45 -7.93 7.96 5.07
C ASP A 45 -7.41 6.63 4.52
N ARG A 46 -8.22 6.00 3.68
CA ARG A 46 -7.84 4.71 3.08
C ARG A 46 -8.54 4.52 1.75
N LEU A 47 -7.83 3.94 0.78
CA LEU A 47 -8.37 3.69 -0.55
C LEU A 47 -7.81 2.40 -1.14
N GLN A 48 -8.69 1.52 -1.57
CA GLN A 48 -8.28 0.25 -2.16
C GLN A 48 -8.28 0.33 -3.68
N THR A 49 -7.69 -0.67 -4.33
CA THR A 49 -7.62 -0.72 -5.78
C THR A 49 -8.71 -1.62 -6.34
N HIS A 50 -8.83 -1.64 -7.68
CA HIS A 50 -9.82 -2.47 -8.34
C HIS A 50 -9.47 -3.95 -8.23
N THR A 51 -10.45 -4.76 -7.84
CA THR A 51 -10.23 -6.19 -7.69
C THR A 51 -10.28 -6.90 -9.04
N VAL A 52 -9.15 -7.45 -9.46
CA VAL A 52 -9.07 -8.16 -10.73
C VAL A 52 -9.29 -9.65 -10.54
N TYR A 53 -10.10 -10.25 -11.42
CA TYR A 53 -10.39 -11.67 -11.35
C TYR A 53 -9.78 -12.41 -12.53
N LYS A 54 -9.47 -13.69 -12.32
CA LYS A 54 -8.88 -14.52 -13.37
C LYS A 54 -7.56 -13.92 -13.85
N ASN A 55 -6.72 -13.52 -12.89
CA ASN A 55 -5.42 -12.93 -13.22
C ASN A 55 -4.47 -13.02 -12.03
N LEU A 56 -3.23 -13.42 -12.28
CA LEU A 56 -2.23 -13.54 -11.23
C LEU A 56 -1.44 -12.25 -11.09
N ASN A 57 -1.32 -11.51 -12.19
CA ASN A 57 -0.57 -10.26 -12.20
C ASN A 57 -1.51 -9.08 -12.48
N PRO A 58 -2.19 -8.60 -11.43
CA PRO A 58 -3.12 -7.48 -11.54
C PRO A 58 -2.40 -6.16 -11.81
N GLU A 59 -2.70 -5.54 -12.95
CA GLU A 59 -2.08 -4.27 -13.32
C GLU A 59 -2.89 -3.10 -12.77
N TRP A 60 -2.62 -2.73 -11.52
CA TRP A 60 -3.32 -1.62 -10.89
C TRP A 60 -2.89 -0.29 -11.48
N ASN A 61 -1.58 -0.04 -11.50
CA ASN A 61 -1.04 1.19 -12.05
C ASN A 61 -1.91 2.39 -11.66
N LYS A 62 -2.33 2.42 -10.39
CA LYS A 62 -3.16 3.50 -9.88
C LYS A 62 -2.34 4.47 -9.04
N VAL A 63 -2.90 5.65 -8.77
CA VAL A 63 -2.23 6.66 -7.97
C VAL A 63 -3.09 7.11 -6.81
N PHE A 64 -2.69 6.76 -5.60
CA PHE A 64 -3.45 7.13 -4.40
C PHE A 64 -2.64 8.10 -3.53
N THR A 65 -3.17 9.31 -3.35
CA THR A 65 -2.50 10.31 -2.54
C THR A 65 -3.20 10.51 -1.21
N PHE A 66 -2.42 10.66 -0.14
CA PHE A 66 -2.98 10.85 1.19
C PHE A 66 -2.26 11.98 1.92
N PRO A 67 -3.02 12.80 2.66
CA PRO A 67 -2.48 13.93 3.41
C PRO A 67 -1.65 13.48 4.60
N ILE A 68 -0.45 14.04 4.74
CA ILE A 68 0.44 13.71 5.84
C ILE A 68 0.17 14.59 7.05
N LYS A 69 -0.49 14.02 8.06
CA LYS A 69 -0.81 14.75 9.28
C LYS A 69 0.26 14.52 10.34
N ASP A 70 0.91 13.37 10.28
CA ASP A 70 1.96 13.03 11.24
C ASP A 70 3.17 12.44 10.52
N ILE A 71 4.26 13.21 10.48
CA ILE A 71 5.48 12.76 9.82
C ILE A 71 6.01 11.48 10.47
N HIS A 72 5.49 11.16 11.65
CA HIS A 72 5.91 9.96 12.36
C HIS A 72 5.00 8.78 12.04
N ASP A 73 4.31 8.87 10.90
CA ASP A 73 3.40 7.82 10.47
C ASP A 73 4.10 6.86 9.52
N VAL A 74 3.46 5.72 9.27
CA VAL A 74 4.02 4.70 8.37
C VAL A 74 2.94 4.09 7.49
N LEU A 75 3.22 4.01 6.19
CA LEU A 75 2.27 3.43 5.25
C LEU A 75 2.41 1.91 5.19
N GLU A 76 1.30 1.22 5.38
CA GLU A 76 1.30 -0.25 5.35
C GLU A 76 0.42 -0.77 4.21
N VAL A 77 1.05 -1.17 3.12
CA VAL A 77 0.32 -1.69 1.96
C VAL A 77 0.18 -3.20 2.04
N THR A 78 -0.95 -3.66 2.55
CA THR A 78 -1.21 -5.09 2.68
C THR A 78 -2.03 -5.61 1.51
N VAL A 79 -1.75 -6.83 1.09
CA VAL A 79 -2.46 -7.45 -0.02
C VAL A 79 -3.41 -8.54 0.45
N PHE A 80 -4.69 -8.38 0.17
CA PHE A 80 -5.70 -9.35 0.58
C PHE A 80 -6.20 -10.15 -0.62
N ASP A 81 -7.02 -11.16 -0.35
CA ASP A 81 -7.57 -12.00 -1.41
C ASP A 81 -9.06 -12.22 -1.20
N GLU A 82 -9.86 -11.62 -2.08
CA GLU A 82 -11.31 -11.74 -1.98
C GLU A 82 -11.75 -13.19 -2.22
N ASP A 83 -12.59 -13.70 -1.34
CA ASP A 83 -13.09 -15.07 -1.46
C ASP A 83 -14.61 -15.10 -1.43
N GLY A 84 -15.23 -14.94 -2.60
CA GLY A 84 -16.68 -14.95 -2.69
C GLY A 84 -17.33 -14.34 -1.47
N ASP A 85 -18.26 -15.08 -0.87
CA ASP A 85 -18.96 -14.61 0.32
C ASP A 85 -18.02 -14.48 1.50
N LYS A 86 -17.16 -15.48 1.67
CA LYS A 86 -16.19 -15.48 2.77
C LYS A 86 -15.30 -14.25 2.71
N PRO A 87 -14.80 -13.83 3.89
CA PRO A 87 -13.94 -12.65 4.00
C PRO A 87 -12.55 -12.89 3.39
N PRO A 88 -11.79 -11.80 3.20
CA PRO A 88 -10.44 -11.87 2.63
C PRO A 88 -9.45 -12.53 3.56
N ASP A 89 -8.30 -12.93 3.03
CA ASP A 89 -7.27 -13.57 3.82
C ASP A 89 -5.94 -12.81 3.71
N PHE A 90 -5.11 -12.93 4.75
CA PHE A 90 -3.82 -12.25 4.78
C PHE A 90 -2.79 -12.99 3.92
N LEU A 91 -2.23 -12.30 2.95
CA LEU A 91 -1.24 -12.89 2.07
C LEU A 91 0.14 -12.30 2.33
N GLY A 92 0.28 -10.99 2.15
CA GLY A 92 1.55 -10.33 2.37
C GLY A 92 1.38 -8.87 2.75
N LYS A 93 2.42 -8.30 3.37
CA LYS A 93 2.38 -6.91 3.78
C LYS A 93 3.78 -6.29 3.75
N VAL A 94 3.84 -4.96 3.66
CA VAL A 94 5.11 -4.26 3.61
C VAL A 94 5.05 -2.97 4.43
N ALA A 95 5.99 -2.83 5.36
CA ALA A 95 6.05 -1.64 6.21
C ALA A 95 7.21 -0.73 5.80
N ILE A 96 6.87 0.50 5.41
CA ILE A 96 7.88 1.46 5.00
C ILE A 96 7.54 2.87 5.50
N PRO A 97 8.26 3.31 6.54
CA PRO A 97 8.05 4.64 7.13
C PRO A 97 8.51 5.76 6.20
N LEU A 98 7.71 6.82 6.14
CA LEU A 98 8.03 7.97 5.29
C LEU A 98 9.48 8.41 5.49
N LEU A 99 9.95 8.35 6.72
CA LEU A 99 11.32 8.74 7.05
C LEU A 99 12.31 7.98 6.17
N SER A 100 12.09 6.68 6.02
CA SER A 100 12.97 5.85 5.21
C SER A 100 13.06 6.38 3.79
N ILE A 101 11.94 6.85 3.27
CA ILE A 101 11.88 7.38 1.91
C ILE A 101 12.90 8.51 1.72
N ARG A 102 14.07 8.16 1.22
CA ARG A 102 15.14 9.13 0.99
C ARG A 102 15.10 9.65 -0.44
N ASP A 103 15.05 8.72 -1.39
CA ASP A 103 15.01 9.09 -2.81
C ASP A 103 13.68 8.70 -3.44
N GLY A 104 13.46 9.12 -4.67
CA GLY A 104 12.22 8.82 -5.36
C GLY A 104 12.42 7.82 -6.49
N GLN A 105 13.16 6.75 -6.22
CA GLN A 105 13.43 5.72 -7.21
C GLN A 105 12.59 4.48 -6.95
N PRO A 106 12.16 3.80 -8.02
CA PRO A 106 11.34 2.59 -7.93
C PRO A 106 12.14 1.40 -7.41
N ASN A 107 12.14 1.24 -6.08
CA ASN A 107 12.86 0.14 -5.45
C ASN A 107 11.93 -1.02 -5.16
N CYS A 108 12.26 -2.20 -5.70
CA CYS A 108 11.46 -3.39 -5.51
C CYS A 108 11.50 -3.84 -4.05
N TYR A 109 10.33 -3.99 -3.44
CA TYR A 109 10.23 -4.41 -2.05
C TYR A 109 9.79 -5.87 -1.96
N VAL A 110 10.30 -6.57 -0.95
CA VAL A 110 9.96 -7.97 -0.75
C VAL A 110 8.79 -8.11 0.21
N LEU A 111 7.91 -9.06 -0.08
CA LEU A 111 6.73 -9.30 0.76
C LEU A 111 7.11 -10.05 2.03
N LYS A 112 6.47 -9.69 3.14
CA LYS A 112 6.74 -10.33 4.42
C LYS A 112 5.47 -10.89 5.02
N ASN A 113 5.60 -11.52 6.19
CA ASN A 113 4.45 -12.10 6.87
C ASN A 113 4.52 -11.86 8.37
N LYS A 114 3.53 -12.36 9.10
CA LYS A 114 3.49 -12.19 10.55
C LYS A 114 4.90 -12.19 11.14
N ASP A 115 5.77 -13.00 10.57
CA ASP A 115 7.15 -13.09 11.04
C ASP A 115 8.08 -12.31 10.12
N LEU A 116 7.90 -11.00 10.08
CA LEU A 116 8.73 -10.13 9.24
C LEU A 116 10.17 -10.65 9.19
N GLU A 117 10.61 -11.27 10.27
CA GLU A 117 11.96 -11.80 10.35
C GLU A 117 12.41 -12.34 8.99
N GLN A 118 11.51 -13.05 8.32
CA GLN A 118 11.80 -13.63 7.01
C GLN A 118 10.72 -13.25 5.99
N ALA A 119 11.12 -13.18 4.73
CA ALA A 119 10.18 -12.84 3.66
C ALA A 119 9.04 -13.84 3.58
N PHE A 120 8.08 -13.57 2.71
CA PHE A 120 6.93 -14.45 2.55
C PHE A 120 7.06 -15.29 1.28
N LYS A 121 6.85 -14.66 0.13
CA LYS A 121 6.94 -15.35 -1.15
C LYS A 121 6.77 -14.37 -2.31
N GLY A 122 7.88 -14.06 -2.98
CA GLY A 122 7.84 -13.14 -4.11
C GLY A 122 8.15 -11.71 -3.69
N VAL A 123 7.89 -10.77 -4.60
CA VAL A 123 8.16 -9.36 -4.32
C VAL A 123 6.99 -8.49 -4.79
N ILE A 124 7.15 -7.17 -4.65
CA ILE A 124 6.12 -6.23 -5.06
C ILE A 124 6.73 -4.91 -5.52
N TYR A 125 6.01 -4.20 -6.37
CA TYR A 125 6.49 -2.92 -6.88
C TYR A 125 5.60 -1.77 -6.39
N LEU A 126 6.24 -0.72 -5.89
CA LEU A 126 5.51 0.45 -5.39
C LEU A 126 6.35 1.71 -5.54
N GLU A 127 5.82 2.67 -6.29
CA GLU A 127 6.52 3.94 -6.51
C GLU A 127 5.85 5.08 -5.72
N MET A 128 6.54 5.54 -4.68
CA MET A 128 6.02 6.62 -3.85
C MET A 128 6.78 7.92 -4.10
N ASP A 129 6.20 9.04 -3.70
CA ASP A 129 6.83 10.34 -3.86
C ASP A 129 6.60 11.22 -2.65
N LEU A 130 7.69 11.62 -1.99
CA LEU A 130 7.61 12.46 -0.81
C LEU A 130 7.44 13.93 -1.20
N ILE A 131 6.36 14.54 -0.75
CA ILE A 131 6.09 15.95 -1.05
C ILE A 131 6.00 16.78 0.24
N TYR A 132 6.55 17.98 0.19
CA TYR A 132 6.54 18.87 1.35
C TYR A 132 5.82 20.18 1.02
N ASN A 133 4.74 20.45 1.74
CA ASN A 133 3.97 21.68 1.53
C ASN A 133 4.87 22.90 1.54
N GLY A 1 7.54 35.11 26.75
CA GLY A 1 6.11 35.06 26.96
C GLY A 1 5.34 35.70 25.83
N SER A 2 4.13 35.21 25.58
CA SER A 2 3.29 35.73 24.51
C SER A 2 1.82 35.73 24.93
N SER A 3 1.15 36.86 24.71
CA SER A 3 -0.26 36.99 25.06
C SER A 3 -1.15 36.43 23.96
N GLY A 4 -2.22 35.76 24.36
CA GLY A 4 -3.15 35.19 23.39
C GLY A 4 -3.24 33.68 23.51
N SER A 5 -3.89 33.06 22.54
CA SER A 5 -4.06 31.61 22.53
C SER A 5 -4.41 31.10 21.14
N SER A 6 -3.65 30.10 20.68
CA SER A 6 -3.87 29.53 19.36
C SER A 6 -3.87 28.01 19.42
N GLY A 7 -4.84 27.39 18.76
CA GLY A 7 -4.94 25.95 18.75
C GLY A 7 -5.26 25.40 17.38
N ASP A 8 -4.35 24.62 16.82
CA ASP A 8 -4.54 24.03 15.50
C ASP A 8 -3.49 22.97 15.21
N VAL A 9 -3.76 22.11 14.24
CA VAL A 9 -2.83 21.05 13.87
C VAL A 9 -1.85 21.53 12.81
N LYS A 10 -0.73 20.83 12.69
CA LYS A 10 0.29 21.18 11.71
C LYS A 10 0.67 19.96 10.86
N ASP A 11 0.58 20.11 9.55
CA ASP A 11 0.92 19.03 8.63
C ASP A 11 2.39 19.08 8.25
N VAL A 12 2.88 18.00 7.65
CA VAL A 12 4.27 17.91 7.24
C VAL A 12 4.40 17.91 5.71
N GLY A 13 3.42 17.29 5.05
CA GLY A 13 3.44 17.22 3.60
C GLY A 13 2.39 16.28 3.05
N ILE A 14 2.41 16.06 1.74
CA ILE A 14 1.45 15.18 1.10
C ILE A 14 2.13 13.94 0.55
N LEU A 15 1.56 12.77 0.85
CA LEU A 15 2.10 11.50 0.38
C LEU A 15 1.48 11.09 -0.95
N GLN A 16 2.32 10.67 -1.89
CA GLN A 16 1.84 10.24 -3.20
C GLN A 16 2.31 8.83 -3.53
N VAL A 17 1.40 7.87 -3.40
CA VAL A 17 1.72 6.47 -3.68
C VAL A 17 1.24 6.07 -5.06
N LYS A 18 2.01 5.20 -5.72
CA LYS A 18 1.66 4.72 -7.05
C LYS A 18 1.88 3.21 -7.16
N VAL A 19 0.78 2.47 -7.21
CA VAL A 19 0.84 1.02 -7.32
C VAL A 19 1.02 0.59 -8.78
N LEU A 20 2.24 0.17 -9.11
CA LEU A 20 2.55 -0.27 -10.47
C LEU A 20 1.97 -1.65 -10.73
N LYS A 21 2.52 -2.66 -10.06
CA LYS A 21 2.05 -4.04 -10.22
C LYS A 21 2.75 -4.97 -9.24
N ALA A 22 2.33 -6.23 -9.24
CA ALA A 22 2.92 -7.23 -8.35
C ALA A 22 3.31 -8.49 -9.11
N ALA A 23 4.21 -9.27 -8.53
CA ALA A 23 4.67 -10.51 -9.15
C ALA A 23 4.83 -11.61 -8.12
N ASP A 24 5.04 -12.84 -8.60
CA ASP A 24 5.21 -13.98 -7.71
C ASP A 24 4.25 -13.91 -6.53
N LEU A 25 2.96 -13.73 -6.84
CA LEU A 25 1.95 -13.64 -5.80
C LEU A 25 1.25 -14.98 -5.59
N LEU A 26 1.46 -15.59 -4.44
CA LEU A 26 0.86 -16.88 -4.11
C LEU A 26 -0.57 -16.96 -4.67
N ALA A 27 -0.96 -18.17 -5.07
CA ALA A 27 -2.31 -18.38 -5.61
C ALA A 27 -3.26 -18.88 -4.53
N ALA A 28 -4.07 -17.97 -4.01
CA ALA A 28 -5.03 -18.31 -2.97
C ALA A 28 -5.90 -19.48 -3.40
N ASP A 29 -6.28 -19.50 -4.67
CA ASP A 29 -7.12 -20.57 -5.21
C ASP A 29 -6.26 -21.73 -5.68
N PHE A 30 -6.74 -22.96 -5.45
CA PHE A 30 -6.02 -24.15 -5.86
C PHE A 30 -5.83 -24.18 -7.38
N SER A 31 -6.76 -23.56 -8.10
CA SER A 31 -6.71 -23.51 -9.55
C SER A 31 -5.35 -22.96 -10.03
N GLY A 32 -4.97 -21.81 -9.50
CA GLY A 32 -3.72 -21.20 -9.88
C GLY A 32 -3.83 -19.69 -10.04
N LYS A 33 -5.03 -19.17 -9.90
CA LYS A 33 -5.27 -17.74 -10.03
C LYS A 33 -6.00 -17.20 -8.80
N SER A 34 -5.70 -15.95 -8.43
CA SER A 34 -6.32 -15.32 -7.28
C SER A 34 -6.88 -13.94 -7.66
N ASP A 35 -7.78 -13.44 -6.82
CA ASP A 35 -8.40 -12.14 -7.06
C ASP A 35 -8.07 -11.17 -5.93
N PRO A 36 -6.77 -11.06 -5.61
CA PRO A 36 -6.29 -10.16 -4.55
C PRO A 36 -6.43 -8.70 -4.91
N PHE A 37 -6.23 -7.82 -3.94
CA PHE A 37 -6.33 -6.38 -4.16
C PHE A 37 -5.48 -5.61 -3.15
N CYS A 38 -4.94 -4.48 -3.58
CA CYS A 38 -4.12 -3.64 -2.71
C CYS A 38 -4.98 -2.67 -1.91
N LEU A 39 -4.80 -2.69 -0.60
CA LEU A 39 -5.55 -1.80 0.29
C LEU A 39 -4.62 -0.90 1.09
N LEU A 40 -4.51 0.35 0.67
CA LEU A 40 -3.64 1.32 1.34
C LEU A 40 -4.37 1.95 2.52
N GLU A 41 -3.73 1.93 3.69
CA GLU A 41 -4.32 2.51 4.90
C GLU A 41 -3.33 3.44 5.59
N LEU A 42 -3.68 4.71 5.68
CA LEU A 42 -2.82 5.70 6.32
C LEU A 42 -3.66 6.74 7.07
N GLY A 43 -3.38 6.89 8.36
CA GLY A 43 -4.11 7.85 9.17
C GLY A 43 -5.58 7.49 9.32
N ASN A 44 -6.44 8.19 8.60
CA ASN A 44 -7.87 7.94 8.66
C ASN A 44 -8.42 7.58 7.28
N ASP A 45 -7.78 8.11 6.24
CA ASP A 45 -8.20 7.85 4.87
C ASP A 45 -7.63 6.53 4.36
N ARG A 46 -8.42 5.79 3.60
CA ARG A 46 -7.99 4.51 3.05
C ARG A 46 -8.64 4.25 1.70
N LEU A 47 -7.83 3.81 0.74
CA LEU A 47 -8.33 3.52 -0.60
C LEU A 47 -7.73 2.21 -1.14
N GLN A 48 -8.52 1.50 -1.94
CA GLN A 48 -8.06 0.24 -2.52
C GLN A 48 -8.12 0.29 -4.04
N THR A 49 -7.47 -0.68 -4.68
CA THR A 49 -7.45 -0.75 -6.14
C THR A 49 -8.52 -1.71 -6.66
N HIS A 50 -8.71 -1.71 -7.98
CA HIS A 50 -9.69 -2.59 -8.60
C HIS A 50 -9.34 -4.06 -8.39
N THR A 51 -10.35 -4.88 -8.12
CA THR A 51 -10.15 -6.30 -7.90
C THR A 51 -10.12 -7.08 -9.21
N VAL A 52 -8.93 -7.53 -9.60
CA VAL A 52 -8.76 -8.28 -10.84
C VAL A 52 -8.83 -9.78 -10.58
N TYR A 53 -9.72 -10.46 -11.29
CA TYR A 53 -9.87 -11.91 -11.14
C TYR A 53 -9.20 -12.65 -12.28
N LYS A 54 -8.69 -13.85 -11.99
CA LYS A 54 -8.01 -14.66 -12.98
C LYS A 54 -6.70 -14.03 -13.41
N ASN A 55 -5.87 -13.66 -12.43
CA ASN A 55 -4.59 -13.04 -12.70
C ASN A 55 -3.76 -12.94 -11.42
N LEU A 56 -2.58 -13.55 -11.43
CA LEU A 56 -1.70 -13.52 -10.27
C LEU A 56 -0.99 -12.17 -10.17
N ASN A 57 -0.60 -11.61 -11.31
CA ASN A 57 0.08 -10.32 -11.34
C ASN A 57 -0.84 -9.24 -11.89
N PRO A 58 -1.71 -8.70 -11.02
CA PRO A 58 -2.65 -7.65 -11.41
C PRO A 58 -1.96 -6.32 -11.69
N GLU A 59 -2.32 -5.69 -12.80
CA GLU A 59 -1.73 -4.41 -13.18
C GLU A 59 -2.64 -3.26 -12.77
N TRP A 60 -2.45 -2.77 -11.55
CA TRP A 60 -3.25 -1.66 -11.04
C TRP A 60 -2.80 -0.34 -11.64
N ASN A 61 -1.49 -0.07 -11.58
CA ASN A 61 -0.94 1.16 -12.13
C ASN A 61 -1.83 2.35 -11.80
N LYS A 62 -2.21 2.48 -10.54
CA LYS A 62 -3.05 3.57 -10.08
C LYS A 62 -2.28 4.54 -9.20
N VAL A 63 -2.87 5.70 -8.94
CA VAL A 63 -2.23 6.71 -8.10
C VAL A 63 -3.13 7.10 -6.94
N PHE A 64 -2.53 7.23 -5.76
CA PHE A 64 -3.28 7.60 -4.55
C PHE A 64 -2.48 8.60 -3.71
N THR A 65 -3.19 9.57 -3.15
CA THR A 65 -2.56 10.59 -2.32
C THR A 65 -3.25 10.69 -0.96
N PHE A 66 -2.44 10.69 0.10
CA PHE A 66 -2.97 10.78 1.46
C PHE A 66 -2.26 11.88 2.24
N PRO A 67 -3.03 12.58 3.09
CA PRO A 67 -2.50 13.68 3.91
C PRO A 67 -1.57 13.18 5.01
N ILE A 68 -0.41 13.82 5.15
CA ILE A 68 0.57 13.44 6.15
C ILE A 68 0.60 14.45 7.30
N LYS A 69 -0.08 14.13 8.39
CA LYS A 69 -0.12 15.01 9.55
C LYS A 69 1.05 14.73 10.49
N ASP A 70 1.51 13.49 10.48
CA ASP A 70 2.63 13.09 11.34
C ASP A 70 3.71 12.41 10.52
N ILE A 71 4.82 13.13 10.29
CA ILE A 71 5.94 12.59 9.53
C ILE A 71 6.31 11.19 10.01
N HIS A 72 6.03 10.91 11.28
CA HIS A 72 6.33 9.61 11.86
C HIS A 72 5.48 8.51 11.22
N ASP A 73 4.21 8.84 10.94
CA ASP A 73 3.30 7.88 10.33
C ASP A 73 4.03 6.98 9.33
N VAL A 74 3.56 5.74 9.20
CA VAL A 74 4.17 4.79 8.29
C VAL A 74 3.11 4.13 7.41
N LEU A 75 3.37 4.09 6.11
CA LEU A 75 2.44 3.48 5.16
C LEU A 75 2.57 1.96 5.17
N GLU A 76 1.43 1.28 5.19
CA GLU A 76 1.42 -0.18 5.20
C GLU A 76 0.46 -0.73 4.16
N VAL A 77 1.01 -1.23 3.06
CA VAL A 77 0.20 -1.79 1.98
C VAL A 77 -0.05 -3.28 2.19
N THR A 78 -1.21 -3.60 2.75
CA THR A 78 -1.58 -4.98 3.01
C THR A 78 -2.55 -5.50 1.96
N VAL A 79 -2.11 -6.46 1.16
CA VAL A 79 -2.96 -7.04 0.12
C VAL A 79 -3.96 -8.03 0.71
N PHE A 80 -5.16 -8.04 0.15
CA PHE A 80 -6.21 -8.94 0.62
C PHE A 80 -6.87 -9.66 -0.55
N ASP A 81 -7.52 -10.78 -0.25
CA ASP A 81 -8.19 -11.57 -1.28
C ASP A 81 -9.69 -11.67 -0.99
N GLU A 82 -10.48 -10.96 -1.78
CA GLU A 82 -11.93 -10.97 -1.62
C GLU A 82 -12.50 -12.35 -1.87
N ASP A 83 -13.31 -12.83 -0.93
CA ASP A 83 -13.93 -14.15 -1.04
C ASP A 83 -15.44 -14.06 -0.82
N GLY A 84 -16.17 -13.69 -1.86
CA GLY A 84 -17.62 -13.58 -1.75
C GLY A 84 -18.05 -13.09 -0.38
N ASP A 85 -18.96 -13.83 0.24
CA ASP A 85 -19.46 -13.47 1.57
C ASP A 85 -18.40 -13.70 2.64
N LYS A 86 -17.51 -14.66 2.39
CA LYS A 86 -16.45 -14.98 3.33
C LYS A 86 -15.47 -13.83 3.46
N PRO A 87 -14.84 -13.70 4.63
CA PRO A 87 -13.87 -12.64 4.91
C PRO A 87 -12.57 -12.84 4.14
N PRO A 88 -11.84 -11.73 3.91
CA PRO A 88 -10.57 -11.75 3.17
C PRO A 88 -9.47 -12.43 3.97
N ASP A 89 -8.34 -12.68 3.31
CA ASP A 89 -7.21 -13.33 3.96
C ASP A 89 -5.95 -12.44 3.87
N PHE A 90 -4.97 -12.72 4.71
CA PHE A 90 -3.73 -11.96 4.74
C PHE A 90 -2.80 -12.40 3.62
N LEU A 91 -2.56 -11.51 2.66
CA LEU A 91 -1.69 -11.82 1.54
C LEU A 91 -0.41 -10.97 1.60
N GLY A 92 0.47 -11.31 2.53
CA GLY A 92 1.72 -10.59 2.68
C GLY A 92 1.50 -9.15 3.08
N LYS A 93 2.57 -8.48 3.50
CA LYS A 93 2.50 -7.08 3.92
C LYS A 93 3.85 -6.39 3.77
N VAL A 94 3.82 -5.09 3.59
CA VAL A 94 5.04 -4.30 3.43
C VAL A 94 4.98 -3.01 4.23
N ALA A 95 5.92 -2.84 5.16
CA ALA A 95 5.96 -1.63 5.98
C ALA A 95 7.12 -0.74 5.58
N ILE A 96 6.80 0.50 5.20
CA ILE A 96 7.82 1.46 4.79
C ILE A 96 7.51 2.85 5.33
N PRO A 97 8.44 3.39 6.15
CA PRO A 97 8.29 4.72 6.74
C PRO A 97 8.41 5.83 5.71
N LEU A 98 7.58 6.86 5.86
CA LEU A 98 7.58 7.99 4.94
C LEU A 98 8.99 8.59 4.84
N LEU A 99 9.72 8.54 5.93
CA LEU A 99 11.08 9.08 5.97
C LEU A 99 11.96 8.42 4.92
N SER A 100 11.97 7.09 4.90
CA SER A 100 12.76 6.34 3.94
C SER A 100 12.65 6.94 2.55
N ILE A 101 11.43 7.27 2.15
CA ILE A 101 11.19 7.86 0.83
C ILE A 101 12.19 8.96 0.53
N ARG A 102 13.07 8.72 -0.43
CA ARG A 102 14.08 9.68 -0.82
C ARG A 102 13.83 10.21 -2.22
N ASP A 103 13.63 9.29 -3.16
CA ASP A 103 13.37 9.66 -4.55
C ASP A 103 12.21 8.84 -5.12
N GLY A 104 11.81 9.18 -6.36
CA GLY A 104 10.72 8.47 -6.99
C GLY A 104 11.20 7.37 -7.92
N GLN A 105 12.08 6.51 -7.40
CA GLN A 105 12.61 5.40 -8.18
C GLN A 105 11.84 4.11 -7.91
N PRO A 106 11.83 3.20 -8.89
CA PRO A 106 11.14 1.91 -8.78
C PRO A 106 11.83 0.98 -7.79
N ASN A 107 11.40 1.04 -6.53
CA ASN A 107 11.97 0.20 -5.48
C ASN A 107 11.24 -1.13 -5.40
N CYS A 108 11.95 -2.22 -5.65
CA CYS A 108 11.36 -3.56 -5.61
C CYS A 108 11.40 -4.11 -4.19
N TYR A 109 10.32 -3.92 -3.45
CA TYR A 109 10.23 -4.40 -2.08
C TYR A 109 9.88 -5.88 -2.04
N VAL A 110 10.35 -6.57 -1.01
CA VAL A 110 10.09 -8.00 -0.85
C VAL A 110 8.87 -8.24 0.04
N LEU A 111 7.92 -9.01 -0.47
CA LEU A 111 6.71 -9.32 0.30
C LEU A 111 6.98 -10.40 1.33
N LYS A 112 7.16 -9.98 2.58
CA LYS A 112 7.42 -10.90 3.68
C LYS A 112 6.17 -11.11 4.53
N ASN A 113 5.80 -12.37 4.73
CA ASN A 113 4.63 -12.71 5.52
C ASN A 113 4.67 -12.01 6.88
N LYS A 114 3.57 -12.10 7.62
CA LYS A 114 3.48 -11.49 8.94
C LYS A 114 4.79 -11.67 9.72
N ASP A 115 5.21 -12.91 9.87
CA ASP A 115 6.44 -13.22 10.58
C ASP A 115 7.51 -12.14 10.33
N LEU A 116 7.58 -11.68 9.09
CA LEU A 116 8.55 -10.65 8.71
C LEU A 116 9.97 -11.14 8.96
N GLU A 117 10.28 -12.33 8.48
CA GLU A 117 11.61 -12.90 8.64
C GLU A 117 12.26 -13.17 7.29
N GLN A 118 11.59 -13.99 6.47
CA GLN A 118 12.10 -14.32 5.15
C GLN A 118 11.02 -14.14 4.08
N ALA A 119 11.42 -14.23 2.82
CA ALA A 119 10.49 -14.08 1.71
C ALA A 119 9.49 -15.22 1.67
N PHE A 120 8.21 -14.88 1.75
CA PHE A 120 7.16 -15.89 1.72
C PHE A 120 6.43 -15.88 0.38
N LYS A 121 6.23 -14.69 -0.17
CA LYS A 121 5.55 -14.54 -1.45
C LYS A 121 6.55 -14.27 -2.56
N GLY A 122 7.09 -13.05 -2.59
CA GLY A 122 8.05 -12.68 -3.61
C GLY A 122 8.47 -11.22 -3.52
N VAL A 123 7.96 -10.42 -4.44
CA VAL A 123 8.27 -9.00 -4.47
C VAL A 123 7.08 -8.17 -4.92
N ILE A 124 7.18 -6.86 -4.76
CA ILE A 124 6.09 -5.95 -5.15
C ILE A 124 6.65 -4.59 -5.56
N TYR A 125 6.30 -4.17 -6.77
CA TYR A 125 6.76 -2.88 -7.28
C TYR A 125 5.85 -1.75 -6.81
N LEU A 126 6.43 -0.78 -6.11
CA LEU A 126 5.67 0.35 -5.60
C LEU A 126 6.50 1.64 -5.67
N GLU A 127 5.95 2.64 -6.35
CA GLU A 127 6.63 3.92 -6.49
C GLU A 127 5.91 5.01 -5.71
N MET A 128 6.54 5.47 -4.63
CA MET A 128 5.96 6.52 -3.80
C MET A 128 6.75 7.83 -3.94
N ASP A 129 6.13 8.92 -3.51
CA ASP A 129 6.77 10.23 -3.58
C ASP A 129 6.40 11.08 -2.37
N LEU A 130 7.43 11.64 -1.72
CA LEU A 130 7.21 12.48 -0.55
C LEU A 130 7.18 13.96 -0.94
N ILE A 131 6.06 14.61 -0.64
CA ILE A 131 5.90 16.02 -0.96
C ILE A 131 5.88 16.86 0.32
N TYR A 132 6.39 18.08 0.22
CA TYR A 132 6.43 18.99 1.36
C TYR A 132 5.46 20.15 1.17
N ASN A 133 4.55 20.32 2.12
CA ASN A 133 3.57 21.40 2.06
C ASN A 133 4.20 22.69 1.56
N GLY A 1 -14.04 31.80 19.05
CA GLY A 1 -12.91 30.91 19.26
C GLY A 1 -12.72 30.55 20.73
N SER A 2 -12.74 29.26 21.03
CA SER A 2 -12.58 28.78 22.39
C SER A 2 -11.11 28.63 22.75
N SER A 3 -10.80 28.71 24.04
CA SER A 3 -9.44 28.59 24.52
C SER A 3 -8.79 27.33 23.95
N GLY A 4 -7.66 27.51 23.26
CA GLY A 4 -6.96 26.37 22.69
C GLY A 4 -6.72 26.53 21.20
N SER A 5 -7.71 26.14 20.40
CA SER A 5 -7.60 26.23 18.95
C SER A 5 -8.49 27.35 18.41
N SER A 6 -7.97 28.09 17.45
CA SER A 6 -8.71 29.20 16.84
C SER A 6 -8.71 29.09 15.33
N GLY A 7 -7.62 28.57 14.77
CA GLY A 7 -7.53 28.42 13.33
C GLY A 7 -7.36 26.97 12.91
N ASP A 8 -6.16 26.61 12.49
CA ASP A 8 -5.87 25.25 12.07
C ASP A 8 -4.35 25.01 11.97
N VAL A 9 -3.97 23.75 11.88
CA VAL A 9 -2.56 23.38 11.79
C VAL A 9 -2.13 23.21 10.34
N LYS A 10 -0.86 23.49 10.06
CA LYS A 10 -0.32 23.37 8.71
C LYS A 10 0.34 22.01 8.52
N ASP A 11 -0.12 21.28 7.51
CA ASP A 11 0.44 19.95 7.21
C ASP A 11 1.94 20.04 6.98
N VAL A 12 2.59 18.88 6.92
CA VAL A 12 4.03 18.81 6.71
C VAL A 12 4.35 18.54 5.25
N GLY A 13 3.51 17.73 4.60
CA GLY A 13 3.72 17.41 3.20
C GLY A 13 2.62 16.54 2.63
N ILE A 14 2.85 16.00 1.44
CA ILE A 14 1.87 15.14 0.79
C ILE A 14 2.49 13.81 0.38
N LEU A 15 1.77 12.72 0.63
CA LEU A 15 2.25 11.39 0.27
C LEU A 15 1.55 10.87 -0.97
N GLN A 16 2.32 10.75 -2.06
CA GLN A 16 1.78 10.27 -3.32
C GLN A 16 2.18 8.82 -3.57
N VAL A 17 1.19 7.93 -3.60
CA VAL A 17 1.45 6.51 -3.84
C VAL A 17 0.98 6.09 -5.21
N LYS A 18 1.81 5.32 -5.91
CA LYS A 18 1.47 4.84 -7.25
C LYS A 18 1.68 3.34 -7.36
N VAL A 19 0.59 2.59 -7.28
CA VAL A 19 0.65 1.13 -7.38
C VAL A 19 0.83 0.68 -8.82
N LEU A 20 2.04 0.27 -9.17
CA LEU A 20 2.34 -0.19 -10.51
C LEU A 20 1.72 -1.55 -10.78
N LYS A 21 2.21 -2.57 -10.09
CA LYS A 21 1.70 -3.93 -10.24
C LYS A 21 2.33 -4.87 -9.20
N ALA A 22 1.84 -6.10 -9.17
CA ALA A 22 2.34 -7.10 -8.23
C ALA A 22 2.81 -8.35 -8.96
N ALA A 23 3.96 -8.88 -8.53
CA ALA A 23 4.52 -10.08 -9.15
C ALA A 23 4.79 -11.15 -8.10
N ASP A 24 4.92 -12.39 -8.55
CA ASP A 24 5.18 -13.52 -7.66
C ASP A 24 4.08 -13.64 -6.61
N LEU A 25 2.83 -13.51 -7.05
CA LEU A 25 1.69 -13.61 -6.14
C LEU A 25 1.25 -15.05 -5.99
N LEU A 26 1.31 -15.56 -4.77
CA LEU A 26 0.92 -16.93 -4.48
C LEU A 26 -0.45 -17.25 -5.09
N ALA A 27 -0.53 -18.36 -5.80
CA ALA A 27 -1.78 -18.76 -6.44
C ALA A 27 -2.78 -19.26 -5.39
N ALA A 28 -3.53 -18.34 -4.81
CA ALA A 28 -4.53 -18.69 -3.81
C ALA A 28 -5.31 -19.93 -4.21
N ASP A 29 -5.79 -19.94 -5.45
CA ASP A 29 -6.55 -21.08 -5.96
C ASP A 29 -5.62 -22.18 -6.44
N PHE A 30 -6.18 -23.38 -6.63
CA PHE A 30 -5.40 -24.52 -7.09
C PHE A 30 -5.10 -24.42 -8.57
N SER A 31 -6.12 -24.05 -9.35
CA SER A 31 -5.97 -23.92 -10.80
C SER A 31 -4.71 -23.13 -11.14
N GLY A 32 -4.59 -21.94 -10.56
CA GLY A 32 -3.44 -21.11 -10.82
C GLY A 32 -3.80 -19.65 -11.04
N LYS A 33 -4.87 -19.21 -10.39
CA LYS A 33 -5.34 -17.83 -10.53
C LYS A 33 -5.75 -17.27 -9.17
N SER A 34 -5.69 -15.95 -9.03
CA SER A 34 -6.06 -15.29 -7.78
C SER A 34 -6.71 -13.94 -8.06
N ASP A 35 -7.33 -13.37 -7.04
CA ASP A 35 -8.00 -12.08 -7.18
C ASP A 35 -7.57 -11.13 -6.06
N PRO A 36 -6.24 -10.95 -5.92
CA PRO A 36 -5.67 -10.06 -4.91
C PRO A 36 -5.95 -8.58 -5.18
N PHE A 37 -5.81 -7.75 -4.16
CA PHE A 37 -6.04 -6.33 -4.30
C PHE A 37 -5.24 -5.54 -3.26
N CYS A 38 -4.76 -4.37 -3.66
CA CYS A 38 -3.98 -3.51 -2.77
C CYS A 38 -4.89 -2.65 -1.90
N LEU A 39 -4.58 -2.58 -0.62
CA LEU A 39 -5.37 -1.79 0.32
C LEU A 39 -4.47 -0.85 1.14
N LEU A 40 -4.44 0.41 0.74
CA LEU A 40 -3.63 1.41 1.43
C LEU A 40 -4.36 1.98 2.64
N GLU A 41 -3.65 2.14 3.74
CA GLU A 41 -4.24 2.68 4.96
C GLU A 41 -3.24 3.54 5.73
N LEU A 42 -3.59 4.81 5.91
CA LEU A 42 -2.72 5.74 6.63
C LEU A 42 -3.53 6.76 7.41
N GLY A 43 -3.22 6.91 8.69
CA GLY A 43 -3.93 7.86 9.53
C GLY A 43 -5.40 7.51 9.68
N ASN A 44 -6.26 8.29 9.02
CA ASN A 44 -7.70 8.06 9.08
C ASN A 44 -8.26 7.75 7.69
N ASP A 45 -7.55 8.18 6.67
CA ASP A 45 -7.97 7.95 5.29
C ASP A 45 -7.44 6.62 4.77
N ARG A 46 -8.22 5.96 3.93
CA ARG A 46 -7.83 4.67 3.38
C ARG A 46 -8.44 4.47 1.98
N LEU A 47 -7.67 3.83 1.11
CA LEU A 47 -8.14 3.58 -0.26
C LEU A 47 -7.57 2.27 -0.79
N GLN A 48 -8.31 1.62 -1.68
CA GLN A 48 -7.88 0.36 -2.26
C GLN A 48 -8.01 0.39 -3.78
N THR A 49 -7.34 -0.54 -4.45
CA THR A 49 -7.37 -0.62 -5.90
C THR A 49 -8.41 -1.62 -6.38
N HIS A 50 -8.65 -1.64 -7.69
CA HIS A 50 -9.63 -2.56 -8.27
C HIS A 50 -9.12 -4.01 -8.18
N THR A 51 -10.04 -4.93 -7.89
CA THR A 51 -9.69 -6.34 -7.78
C THR A 51 -9.71 -7.01 -9.14
N VAL A 52 -8.57 -7.57 -9.53
CA VAL A 52 -8.46 -8.26 -10.82
C VAL A 52 -8.68 -9.76 -10.66
N TYR A 53 -9.70 -10.28 -11.33
CA TYR A 53 -10.02 -11.70 -11.26
C TYR A 53 -9.49 -12.43 -12.49
N LYS A 54 -9.18 -13.71 -12.32
CA LYS A 54 -8.66 -14.53 -13.40
C LYS A 54 -7.36 -13.95 -13.94
N ASN A 55 -6.44 -13.61 -13.04
CA ASN A 55 -5.15 -13.05 -13.42
C ASN A 55 -4.20 -13.01 -12.24
N LEU A 56 -3.03 -13.60 -12.40
CA LEU A 56 -2.02 -13.63 -11.35
C LEU A 56 -1.26 -12.30 -11.28
N ASN A 57 -1.11 -11.66 -12.43
CA ASN A 57 -0.41 -10.39 -12.50
C ASN A 57 -1.37 -9.24 -12.73
N PRO A 58 -1.98 -8.74 -11.64
CA PRO A 58 -2.93 -7.63 -11.69
C PRO A 58 -2.26 -6.31 -12.05
N GLU A 59 -2.74 -5.69 -13.13
CA GLU A 59 -2.19 -4.41 -13.58
C GLU A 59 -3.04 -3.26 -13.09
N TRP A 60 -2.78 -2.78 -11.88
CA TRP A 60 -3.53 -1.68 -11.30
C TRP A 60 -3.13 -0.36 -11.96
N ASN A 61 -1.90 0.07 -11.70
CA ASN A 61 -1.40 1.33 -12.27
C ASN A 61 -2.25 2.51 -11.80
N LYS A 62 -2.61 2.51 -10.52
CA LYS A 62 -3.41 3.58 -9.96
C LYS A 62 -2.58 4.48 -9.06
N VAL A 63 -3.16 5.58 -8.62
CA VAL A 63 -2.47 6.53 -7.75
C VAL A 63 -3.37 7.01 -6.61
N PHE A 64 -2.79 7.19 -5.44
CA PHE A 64 -3.52 7.64 -4.27
C PHE A 64 -2.68 8.58 -3.41
N THR A 65 -3.20 9.79 -3.18
CA THR A 65 -2.49 10.78 -2.38
C THR A 65 -3.18 10.98 -1.03
N PHE A 66 -2.37 11.11 0.02
CA PHE A 66 -2.90 11.32 1.37
C PHE A 66 -2.12 12.41 2.09
N PRO A 67 -2.85 13.20 2.90
CA PRO A 67 -2.26 14.30 3.66
C PRO A 67 -1.36 13.81 4.79
N ILE A 68 -0.14 14.30 4.83
CA ILE A 68 0.82 13.91 5.86
C ILE A 68 0.67 14.78 7.11
N LYS A 69 -0.03 14.25 8.10
CA LYS A 69 -0.25 14.98 9.35
C LYS A 69 0.87 14.69 10.35
N ASP A 70 1.47 13.51 10.23
CA ASP A 70 2.56 13.12 11.12
C ASP A 70 3.73 12.56 10.32
N ILE A 71 4.89 13.20 10.44
CA ILE A 71 6.08 12.76 9.73
C ILE A 71 6.52 11.38 10.21
N HIS A 72 6.16 11.04 11.44
CA HIS A 72 6.51 9.74 12.01
C HIS A 72 5.46 8.69 11.67
N ASP A 73 4.73 8.92 10.59
CA ASP A 73 3.70 7.99 10.15
C ASP A 73 4.30 6.83 9.37
N VAL A 74 3.57 5.72 9.32
CA VAL A 74 4.04 4.53 8.61
C VAL A 74 2.95 3.96 7.71
N LEU A 75 3.25 3.85 6.42
CA LEU A 75 2.29 3.32 5.45
C LEU A 75 2.38 1.80 5.38
N GLU A 76 1.22 1.15 5.36
CA GLU A 76 1.16 -0.31 5.30
C GLU A 76 0.32 -0.76 4.12
N VAL A 77 0.97 -1.23 3.06
CA VAL A 77 0.28 -1.69 1.87
C VAL A 77 0.18 -3.22 1.85
N THR A 78 -0.95 -3.74 2.30
CA THR A 78 -1.17 -5.18 2.33
C THR A 78 -2.13 -5.62 1.24
N VAL A 79 -1.81 -6.73 0.59
CA VAL A 79 -2.65 -7.25 -0.49
C VAL A 79 -3.55 -8.37 0.03
N PHE A 80 -4.86 -8.20 -0.16
CA PHE A 80 -5.83 -9.20 0.28
C PHE A 80 -6.47 -9.90 -0.91
N ASP A 81 -6.87 -11.15 -0.71
CA ASP A 81 -7.49 -11.93 -1.77
C ASP A 81 -8.94 -12.24 -1.43
N GLU A 82 -9.86 -11.61 -2.16
CA GLU A 82 -11.29 -11.82 -1.94
C GLU A 82 -11.68 -13.28 -2.19
N ASP A 83 -12.50 -13.83 -1.31
CA ASP A 83 -12.95 -15.21 -1.45
C ASP A 83 -14.46 -15.32 -1.23
N GLY A 84 -15.22 -15.12 -2.29
CA GLY A 84 -16.66 -15.19 -2.20
C GLY A 84 -17.19 -14.68 -0.87
N ASP A 85 -18.12 -15.42 -0.29
CA ASP A 85 -18.70 -15.03 1.01
C ASP A 85 -17.65 -15.09 2.11
N LYS A 86 -16.67 -15.97 1.95
CA LYS A 86 -15.61 -16.13 2.94
C LYS A 86 -14.72 -14.89 2.97
N PRO A 87 -14.13 -14.62 4.14
CA PRO A 87 -13.24 -13.47 4.33
C PRO A 87 -11.91 -13.63 3.59
N PRO A 88 -11.21 -12.51 3.38
CA PRO A 88 -9.93 -12.50 2.68
C PRO A 88 -8.82 -13.15 3.51
N ASP A 89 -7.73 -13.51 2.83
CA ASP A 89 -6.59 -14.15 3.50
C ASP A 89 -5.36 -13.26 3.45
N PHE A 90 -4.41 -13.53 4.33
CA PHE A 90 -3.18 -12.74 4.39
C PHE A 90 -2.12 -13.32 3.46
N LEU A 91 -1.81 -12.60 2.39
CA LEU A 91 -0.81 -13.05 1.43
C LEU A 91 0.51 -12.31 1.64
N GLY A 92 0.59 -11.54 2.72
CA GLY A 92 1.80 -10.80 3.00
C GLY A 92 1.59 -9.30 3.00
N LYS A 93 2.36 -8.59 3.81
CA LYS A 93 2.25 -7.13 3.91
C LYS A 93 3.61 -6.47 3.75
N VAL A 94 3.61 -5.16 3.60
CA VAL A 94 4.85 -4.40 3.45
C VAL A 94 4.80 -3.09 4.22
N ALA A 95 5.76 -2.90 5.12
CA ALA A 95 5.82 -1.69 5.93
C ALA A 95 6.92 -0.75 5.44
N ILE A 96 6.55 0.48 5.14
CA ILE A 96 7.51 1.47 4.66
C ILE A 96 7.24 2.85 5.27
N PRO A 97 8.07 3.25 6.23
CA PRO A 97 7.94 4.55 6.91
C PRO A 97 8.28 5.72 5.99
N LEU A 98 7.46 6.76 6.05
CA LEU A 98 7.68 7.95 5.23
C LEU A 98 9.17 8.25 5.09
N LEU A 99 9.92 7.98 6.15
CA LEU A 99 11.35 8.23 6.15
C LEU A 99 12.06 7.31 5.15
N SER A 100 11.79 6.01 5.26
CA SER A 100 12.41 5.04 4.37
C SER A 100 12.46 5.56 2.93
N ILE A 101 11.37 6.20 2.50
CA ILE A 101 11.30 6.75 1.16
C ILE A 101 12.64 7.33 0.72
N ARG A 102 13.39 6.55 -0.06
CA ARG A 102 14.69 6.97 -0.55
C ARG A 102 14.54 8.06 -1.62
N ASP A 103 14.13 7.65 -2.81
CA ASP A 103 13.95 8.58 -3.92
C ASP A 103 12.82 8.11 -4.84
N GLY A 104 12.52 8.91 -5.85
CA GLY A 104 11.47 8.57 -6.79
C GLY A 104 11.68 7.21 -7.42
N GLN A 105 12.92 6.90 -7.78
CA GLN A 105 13.25 5.62 -8.39
C GLN A 105 12.41 4.50 -7.78
N PRO A 106 11.92 3.59 -8.64
CA PRO A 106 11.11 2.46 -8.21
C PRO A 106 11.91 1.43 -7.42
N ASN A 107 11.48 1.16 -6.20
CA ASN A 107 12.16 0.20 -5.34
C ASN A 107 11.24 -0.97 -5.00
N CYS A 108 11.74 -2.19 -5.21
CA CYS A 108 10.97 -3.40 -4.93
C CYS A 108 10.90 -3.66 -3.43
N TYR A 109 9.71 -4.01 -2.95
CA TYR A 109 9.50 -4.28 -1.54
C TYR A 109 8.95 -5.69 -1.33
N VAL A 110 9.83 -6.63 -0.97
CA VAL A 110 9.43 -8.00 -0.74
C VAL A 110 8.37 -8.09 0.36
N LEU A 111 7.47 -9.05 0.22
CA LEU A 111 6.41 -9.25 1.21
C LEU A 111 6.92 -10.03 2.42
N LYS A 112 6.48 -9.63 3.61
CA LYS A 112 6.90 -10.29 4.84
C LYS A 112 5.69 -10.74 5.64
N ASN A 113 5.91 -11.61 6.62
CA ASN A 113 4.84 -12.11 7.47
C ASN A 113 4.14 -10.98 8.19
N LYS A 114 3.20 -11.32 9.07
CA LYS A 114 2.45 -10.34 9.84
C LYS A 114 3.40 -9.43 10.63
N ASP A 115 3.96 -9.98 11.71
CA ASP A 115 4.89 -9.23 12.55
C ASP A 115 6.29 -9.24 11.94
N LEU A 116 6.38 -9.06 10.63
CA LEU A 116 7.66 -9.05 9.94
C LEU A 116 8.63 -10.06 10.56
N GLU A 117 8.12 -11.25 10.86
CA GLU A 117 8.94 -12.30 11.45
C GLU A 117 9.93 -12.86 10.44
N GLN A 118 9.42 -13.62 9.47
CA GLN A 118 10.26 -14.22 8.44
C GLN A 118 9.91 -13.65 7.06
N ALA A 119 10.82 -13.87 6.11
CA ALA A 119 10.60 -13.39 4.75
C ALA A 119 9.49 -14.18 4.05
N PHE A 120 8.53 -13.46 3.48
CA PHE A 120 7.41 -14.09 2.79
C PHE A 120 7.70 -14.22 1.30
N LYS A 121 7.20 -15.29 0.70
CA LYS A 121 7.41 -15.54 -0.73
C LYS A 121 6.56 -14.59 -1.57
N GLY A 122 7.23 -13.78 -2.39
CA GLY A 122 6.52 -12.83 -3.23
C GLY A 122 6.91 -11.40 -2.95
N VAL A 123 7.05 -10.60 -4.01
CA VAL A 123 7.42 -9.20 -3.87
C VAL A 123 6.38 -8.28 -4.52
N ILE A 124 6.51 -6.99 -4.26
CA ILE A 124 5.58 -6.01 -4.81
C ILE A 124 6.32 -4.73 -5.22
N TYR A 125 5.83 -4.08 -6.27
CA TYR A 125 6.42 -2.85 -6.76
C TYR A 125 5.54 -1.65 -6.46
N LEU A 126 6.04 -0.74 -5.64
CA LEU A 126 5.29 0.46 -5.26
C LEU A 126 6.13 1.72 -5.48
N GLU A 127 5.58 2.67 -6.23
CA GLU A 127 6.29 3.92 -6.51
C GLU A 127 5.62 5.09 -5.77
N MET A 128 6.20 5.49 -4.65
CA MET A 128 5.67 6.59 -3.87
C MET A 128 6.50 7.86 -4.08
N ASP A 129 5.98 8.98 -3.60
CA ASP A 129 6.67 10.26 -3.74
C ASP A 129 6.39 11.16 -2.53
N LEU A 130 7.46 11.53 -1.83
CA LEU A 130 7.34 12.39 -0.66
C LEU A 130 7.45 13.86 -1.04
N ILE A 131 6.38 14.62 -0.79
CA ILE A 131 6.36 16.03 -1.11
C ILE A 131 6.25 16.88 0.16
N TYR A 132 6.93 18.01 0.17
CA TYR A 132 6.91 18.91 1.31
C TYR A 132 6.25 20.24 0.96
N ASN A 133 5.14 20.52 1.62
CA ASN A 133 4.39 21.76 1.38
C ASN A 133 5.34 22.96 1.37
N GLY A 1 7.91 33.18 22.06
CA GLY A 1 6.81 33.85 21.38
C GLY A 1 5.46 33.38 21.87
N SER A 2 4.67 34.32 22.38
CA SER A 2 3.34 34.00 22.89
C SER A 2 2.42 33.51 21.77
N SER A 3 1.47 32.67 22.13
CA SER A 3 0.53 32.11 21.15
C SER A 3 -0.03 33.22 20.26
N GLY A 4 -0.49 32.83 19.07
CA GLY A 4 -1.05 33.80 18.14
C GLY A 4 -2.41 33.38 17.61
N SER A 5 -2.64 33.66 16.33
CA SER A 5 -3.92 33.31 15.71
C SER A 5 -4.15 31.80 15.73
N SER A 6 -5.34 31.38 15.35
CA SER A 6 -5.69 29.97 15.34
C SER A 6 -6.80 29.69 14.33
N GLY A 7 -6.82 28.48 13.80
CA GLY A 7 -7.83 28.11 12.83
C GLY A 7 -7.45 26.87 12.03
N ASP A 8 -7.09 27.08 10.77
CA ASP A 8 -6.70 25.98 9.89
C ASP A 8 -5.22 25.66 10.04
N VAL A 9 -4.88 24.38 9.93
CA VAL A 9 -3.48 23.95 10.06
C VAL A 9 -2.98 23.35 8.75
N LYS A 10 -1.76 23.72 8.37
CA LYS A 10 -1.15 23.21 7.15
C LYS A 10 -0.36 21.94 7.42
N ASP A 11 -0.71 20.87 6.72
CA ASP A 11 -0.02 19.59 6.88
C ASP A 11 1.48 19.75 6.66
N VAL A 12 2.25 18.83 7.22
CA VAL A 12 3.71 18.87 7.08
C VAL A 12 4.13 18.58 5.64
N GLY A 13 3.30 17.85 4.92
CA GLY A 13 3.60 17.52 3.54
C GLY A 13 2.56 16.60 2.92
N ILE A 14 2.76 16.26 1.65
CA ILE A 14 1.83 15.39 0.94
C ILE A 14 2.54 14.13 0.43
N LEU A 15 1.86 12.99 0.55
CA LEU A 15 2.41 11.73 0.11
C LEU A 15 1.71 11.23 -1.14
N GLN A 16 2.48 11.00 -2.20
CA GLN A 16 1.93 10.52 -3.47
C GLN A 16 2.30 9.06 -3.70
N VAL A 17 1.33 8.17 -3.55
CA VAL A 17 1.56 6.75 -3.74
C VAL A 17 1.03 6.30 -5.10
N LYS A 18 1.79 5.42 -5.76
CA LYS A 18 1.40 4.91 -7.08
C LYS A 18 1.54 3.40 -7.12
N VAL A 19 0.42 2.71 -7.27
CA VAL A 19 0.42 1.24 -7.34
C VAL A 19 0.71 0.76 -8.74
N LEU A 20 1.87 0.16 -8.93
CA LEU A 20 2.26 -0.35 -10.24
C LEU A 20 1.65 -1.72 -10.50
N LYS A 21 2.14 -2.74 -9.79
CA LYS A 21 1.63 -4.09 -9.93
C LYS A 21 2.28 -5.03 -8.92
N ALA A 22 1.92 -6.30 -8.97
CA ALA A 22 2.46 -7.30 -8.07
C ALA A 22 2.72 -8.62 -8.78
N ALA A 23 3.87 -9.23 -8.52
CA ALA A 23 4.22 -10.50 -9.13
C ALA A 23 4.31 -11.61 -8.09
N ASP A 24 4.50 -12.84 -8.55
CA ASP A 24 4.60 -13.99 -7.66
C ASP A 24 3.56 -13.90 -6.54
N LEU A 25 2.35 -13.48 -6.90
CA LEU A 25 1.28 -13.36 -5.92
C LEU A 25 0.72 -14.72 -5.53
N LEU A 26 0.91 -15.10 -4.27
CA LEU A 26 0.43 -16.38 -3.78
C LEU A 26 -0.89 -16.77 -4.45
N ALA A 27 -0.85 -17.82 -5.26
CA ALA A 27 -2.04 -18.29 -5.95
C ALA A 27 -2.94 -19.10 -5.02
N ALA A 28 -3.91 -18.44 -4.41
CA ALA A 28 -4.83 -19.09 -3.51
C ALA A 28 -5.49 -20.30 -4.17
N ASP A 29 -5.89 -20.14 -5.43
CA ASP A 29 -6.53 -21.22 -6.17
C ASP A 29 -5.50 -22.21 -6.69
N PHE A 30 -5.93 -23.45 -6.88
CA PHE A 30 -5.03 -24.50 -7.38
C PHE A 30 -4.76 -24.33 -8.86
N SER A 31 -5.79 -23.94 -9.61
CA SER A 31 -5.66 -23.74 -11.05
C SER A 31 -4.42 -22.92 -11.38
N GLY A 32 -4.32 -21.75 -10.77
CA GLY A 32 -3.18 -20.88 -11.01
C GLY A 32 -3.58 -19.43 -11.22
N LYS A 33 -4.65 -19.01 -10.54
CA LYS A 33 -5.13 -17.65 -10.65
C LYS A 33 -5.50 -17.08 -9.28
N SER A 34 -5.69 -15.77 -9.21
CA SER A 34 -6.04 -15.12 -7.96
C SER A 34 -6.57 -13.70 -8.22
N ASP A 35 -7.39 -13.21 -7.29
CA ASP A 35 -7.96 -11.88 -7.41
C ASP A 35 -7.50 -10.98 -6.27
N PRO A 36 -6.18 -10.93 -6.06
CA PRO A 36 -5.58 -10.11 -5.01
C PRO A 36 -5.69 -8.62 -5.29
N PHE A 37 -5.93 -7.83 -4.25
CA PHE A 37 -6.06 -6.39 -4.39
C PHE A 37 -5.21 -5.66 -3.36
N CYS A 38 -4.78 -4.45 -3.68
CA CYS A 38 -3.97 -3.65 -2.78
C CYS A 38 -4.83 -2.73 -1.93
N LEU A 39 -4.59 -2.73 -0.63
CA LEU A 39 -5.35 -1.90 0.30
C LEU A 39 -4.42 -0.97 1.07
N LEU A 40 -4.40 0.30 0.68
CA LEU A 40 -3.56 1.30 1.34
C LEU A 40 -4.28 1.89 2.55
N GLU A 41 -3.62 1.83 3.71
CA GLU A 41 -4.19 2.37 4.94
C GLU A 41 -3.23 3.34 5.60
N LEU A 42 -3.62 4.60 5.69
CA LEU A 42 -2.80 5.63 6.30
C LEU A 42 -3.64 6.56 7.19
N GLY A 43 -3.10 6.92 8.34
CA GLY A 43 -3.81 7.80 9.25
C GLY A 43 -5.21 7.30 9.55
N ASN A 44 -6.20 7.97 8.95
CA ASN A 44 -7.59 7.60 9.16
C ASN A 44 -8.26 7.24 7.83
N ASP A 45 -7.63 7.64 6.73
CA ASP A 45 -8.15 7.34 5.41
C ASP A 45 -7.62 6.02 4.89
N ARG A 46 -8.41 5.37 4.03
CA ARG A 46 -8.01 4.08 3.46
C ARG A 46 -8.51 3.95 2.02
N LEU A 47 -7.58 3.71 1.11
CA LEU A 47 -7.91 3.56 -0.31
C LEU A 47 -7.29 2.29 -0.88
N GLN A 48 -8.09 1.54 -1.63
CA GLN A 48 -7.62 0.29 -2.24
C GLN A 48 -7.79 0.34 -3.76
N THR A 49 -7.20 -0.63 -4.45
CA THR A 49 -7.28 -0.70 -5.90
C THR A 49 -8.40 -1.64 -6.34
N HIS A 50 -8.61 -1.72 -7.65
CA HIS A 50 -9.65 -2.58 -8.21
C HIS A 50 -9.26 -4.04 -8.10
N THR A 51 -10.25 -4.92 -8.07
CA THR A 51 -10.01 -6.36 -7.97
C THR A 51 -10.04 -7.01 -9.34
N VAL A 52 -8.88 -7.47 -9.81
CA VAL A 52 -8.78 -8.12 -11.11
C VAL A 52 -8.81 -9.64 -10.96
N TYR A 53 -9.83 -10.26 -11.55
CA TYR A 53 -9.97 -11.71 -11.48
C TYR A 53 -9.35 -12.38 -12.71
N LYS A 54 -9.00 -13.65 -12.56
CA LYS A 54 -8.39 -14.40 -13.65
C LYS A 54 -7.11 -13.73 -14.13
N ASN A 55 -6.23 -13.40 -13.19
CA ASN A 55 -4.96 -12.74 -13.52
C ASN A 55 -4.02 -12.76 -12.32
N LEU A 56 -3.00 -13.59 -12.38
CA LEU A 56 -2.02 -13.68 -11.30
C LEU A 56 -1.30 -12.36 -11.09
N ASN A 57 -0.98 -11.69 -12.20
CA ASN A 57 -0.29 -10.40 -12.14
C ASN A 57 -1.23 -9.26 -12.52
N PRO A 58 -2.05 -8.83 -11.56
CA PRO A 58 -3.01 -7.74 -11.77
C PRO A 58 -2.32 -6.38 -11.93
N GLU A 59 -2.59 -5.73 -13.05
CA GLU A 59 -2.00 -4.41 -13.33
C GLU A 59 -2.94 -3.30 -12.93
N TRP A 60 -2.70 -2.70 -11.77
CA TRP A 60 -3.54 -1.61 -11.28
C TRP A 60 -3.19 -0.30 -11.97
N ASN A 61 -2.03 0.26 -11.63
CA ASN A 61 -1.59 1.52 -12.23
C ASN A 61 -2.44 2.68 -11.74
N LYS A 62 -2.63 2.75 -10.42
CA LYS A 62 -3.42 3.82 -9.82
C LYS A 62 -2.53 4.78 -9.02
N VAL A 63 -3.08 5.94 -8.68
CA VAL A 63 -2.34 6.94 -7.92
C VAL A 63 -3.16 7.46 -6.75
N PHE A 64 -2.69 7.19 -5.54
CA PHE A 64 -3.38 7.62 -4.33
C PHE A 64 -2.49 8.56 -3.50
N THR A 65 -3.04 9.71 -3.14
CA THR A 65 -2.29 10.69 -2.36
C THR A 65 -2.97 10.93 -1.01
N PHE A 66 -2.15 11.04 0.04
CA PHE A 66 -2.67 11.27 1.39
C PHE A 66 -1.88 12.37 2.09
N PRO A 67 -2.60 13.24 2.81
CA PRO A 67 -1.99 14.36 3.55
C PRO A 67 -1.18 13.88 4.75
N ILE A 68 0.12 14.16 4.72
CA ILE A 68 1.00 13.78 5.81
C ILE A 68 0.65 14.52 7.10
N LYS A 69 -0.22 13.92 7.90
CA LYS A 69 -0.63 14.53 9.16
C LYS A 69 0.46 14.39 10.22
N ASP A 70 1.27 13.34 10.10
CA ASP A 70 2.36 13.10 11.03
C ASP A 70 3.61 12.63 10.31
N ILE A 71 4.68 13.41 10.41
CA ILE A 71 5.94 13.07 9.76
C ILE A 71 6.42 11.68 10.17
N HIS A 72 5.94 11.22 11.32
CA HIS A 72 6.32 9.91 11.84
C HIS A 72 5.30 8.84 11.40
N ASP A 73 4.56 9.15 10.35
CA ASP A 73 3.55 8.22 9.84
C ASP A 73 4.20 7.10 9.03
N VAL A 74 3.57 5.93 9.03
CA VAL A 74 4.09 4.78 8.31
C VAL A 74 2.99 4.09 7.51
N LEU A 75 3.23 3.91 6.21
CA LEU A 75 2.25 3.27 5.35
C LEU A 75 2.49 1.76 5.29
N GLU A 76 1.40 0.99 5.39
CA GLU A 76 1.48 -0.46 5.35
C GLU A 76 0.58 -1.03 4.26
N VAL A 77 1.20 -1.55 3.20
CA VAL A 77 0.46 -2.12 2.08
C VAL A 77 0.21 -3.61 2.29
N THR A 78 -1.05 -4.01 2.29
CA THR A 78 -1.42 -5.40 2.49
C THR A 78 -2.32 -5.91 1.36
N VAL A 79 -2.00 -7.07 0.83
CA VAL A 79 -2.78 -7.66 -0.25
C VAL A 79 -3.76 -8.70 0.28
N PHE A 80 -5.02 -8.59 -0.14
CA PHE A 80 -6.06 -9.51 0.30
C PHE A 80 -6.68 -10.24 -0.90
N ASP A 81 -7.13 -11.46 -0.67
CA ASP A 81 -7.74 -12.27 -1.73
C ASP A 81 -9.24 -12.43 -1.48
N GLU A 82 -10.05 -11.77 -2.31
CA GLU A 82 -11.50 -11.85 -2.17
C GLU A 82 -12.03 -13.18 -2.71
N ASP A 83 -12.47 -14.04 -1.79
CA ASP A 83 -12.99 -15.35 -2.16
C ASP A 83 -14.47 -15.46 -1.79
N GLY A 84 -15.33 -15.00 -2.70
CA GLY A 84 -16.77 -15.07 -2.45
C GLY A 84 -17.19 -14.22 -1.27
N ASP A 85 -18.46 -14.31 -0.90
CA ASP A 85 -18.98 -13.54 0.22
C ASP A 85 -18.08 -13.67 1.44
N LYS A 86 -17.29 -14.73 1.48
CA LYS A 86 -16.38 -14.98 2.58
C LYS A 86 -15.25 -13.96 2.60
N PRO A 87 -14.71 -13.68 3.80
CA PRO A 87 -13.62 -12.72 3.97
C PRO A 87 -12.30 -13.24 3.39
N PRO A 88 -11.46 -12.31 2.91
CA PRO A 88 -10.16 -12.65 2.33
C PRO A 88 -9.16 -13.14 3.37
N ASP A 89 -7.96 -13.49 2.92
CA ASP A 89 -6.93 -13.98 3.83
C ASP A 89 -5.65 -13.16 3.66
N PHE A 90 -4.90 -13.02 4.76
CA PHE A 90 -3.66 -12.25 4.75
C PHE A 90 -2.67 -12.86 3.76
N LEU A 91 -2.09 -12.01 2.91
CA LEU A 91 -1.13 -12.47 1.92
C LEU A 91 0.18 -11.71 2.05
N GLY A 92 0.56 -11.38 3.28
CA GLY A 92 1.78 -10.64 3.52
C GLY A 92 1.58 -9.14 3.53
N LYS A 93 2.53 -8.41 4.10
CA LYS A 93 2.44 -6.96 4.17
C LYS A 93 3.83 -6.33 4.07
N VAL A 94 3.87 -5.03 3.84
CA VAL A 94 5.13 -4.30 3.73
C VAL A 94 5.06 -2.95 4.44
N ALA A 95 5.93 -2.78 5.44
CA ALA A 95 5.97 -1.54 6.20
C ALA A 95 7.12 -0.65 5.74
N ILE A 96 6.77 0.57 5.32
CA ILE A 96 7.77 1.52 4.85
C ILE A 96 7.46 2.93 5.34
N PRO A 97 8.28 3.44 6.27
CA PRO A 97 8.11 4.77 6.83
C PRO A 97 8.42 5.87 5.83
N LEU A 98 7.68 6.97 5.90
CA LEU A 98 7.88 8.10 4.99
C LEU A 98 9.33 8.58 5.03
N LEU A 99 9.93 8.54 6.21
CA LEU A 99 11.32 8.97 6.38
C LEU A 99 12.25 8.14 5.49
N SER A 100 11.90 6.88 5.30
CA SER A 100 12.71 5.98 4.47
C SER A 100 12.71 6.44 3.01
N ILE A 101 11.73 7.26 2.66
CA ILE A 101 11.62 7.77 1.29
C ILE A 101 12.40 9.07 1.13
N ARG A 102 13.59 8.97 0.56
CA ARG A 102 14.44 10.14 0.35
C ARG A 102 14.58 10.44 -1.15
N ASP A 103 14.39 9.42 -1.97
CA ASP A 103 14.49 9.58 -3.41
C ASP A 103 13.21 9.11 -4.11
N GLY A 104 13.22 9.16 -5.44
CA GLY A 104 12.05 8.73 -6.20
C GLY A 104 12.38 7.68 -7.23
N GLN A 105 13.01 6.59 -6.79
CA GLN A 105 13.38 5.50 -7.68
C GLN A 105 12.48 4.29 -7.48
N PRO A 106 12.15 3.60 -8.58
CA PRO A 106 11.30 2.40 -8.54
C PRO A 106 11.99 1.22 -7.88
N ASN A 107 11.95 1.19 -6.55
CA ASN A 107 12.58 0.11 -5.79
C ASN A 107 11.54 -0.92 -5.37
N CYS A 108 11.69 -2.15 -5.86
CA CYS A 108 10.77 -3.24 -5.53
C CYS A 108 10.84 -3.58 -4.04
N TYR A 109 9.73 -4.04 -3.49
CA TYR A 109 9.65 -4.41 -2.09
C TYR A 109 9.17 -5.84 -1.92
N VAL A 110 9.96 -6.65 -1.21
CA VAL A 110 9.61 -8.04 -0.98
C VAL A 110 8.61 -8.17 0.17
N LEU A 111 7.42 -8.68 -0.14
CA LEU A 111 6.38 -8.85 0.86
C LEU A 111 6.93 -9.50 2.13
N LYS A 112 6.33 -9.18 3.26
CA LYS A 112 6.77 -9.75 4.54
C LYS A 112 5.58 -10.15 5.39
N ASN A 113 5.58 -11.40 5.84
CA ASN A 113 4.49 -11.92 6.68
C ASN A 113 4.45 -11.20 8.02
N LYS A 114 3.26 -11.15 8.62
CA LYS A 114 3.09 -10.51 9.91
C LYS A 114 4.33 -10.67 10.78
N ASP A 115 4.80 -11.90 10.90
CA ASP A 115 5.99 -12.20 11.69
C ASP A 115 7.09 -11.18 11.44
N LEU A 116 7.40 -10.97 10.16
CA LEU A 116 8.45 -10.02 9.77
C LEU A 116 9.80 -10.45 10.31
N GLU A 117 10.12 -11.73 10.14
CA GLU A 117 11.40 -12.27 10.62
C GLU A 117 12.49 -12.12 9.55
N GLN A 118 12.23 -12.69 8.37
CA GLN A 118 13.18 -12.62 7.27
C GLN A 118 12.51 -12.08 6.00
N ALA A 119 11.69 -12.91 5.37
CA ALA A 119 10.99 -12.51 4.16
C ALA A 119 9.76 -13.40 3.92
N PHE A 120 9.03 -13.10 2.85
CA PHE A 120 7.84 -13.86 2.51
C PHE A 120 7.81 -14.21 1.02
N LYS A 121 7.33 -15.40 0.70
CA LYS A 121 7.25 -15.86 -0.68
C LYS A 121 6.53 -14.82 -1.55
N GLY A 122 7.20 -14.38 -2.61
CA GLY A 122 6.61 -13.40 -3.50
C GLY A 122 7.11 -12.00 -3.25
N VAL A 123 6.82 -11.08 -4.17
CA VAL A 123 7.25 -9.70 -4.04
C VAL A 123 6.16 -8.74 -4.47
N ILE A 124 6.41 -7.44 -4.32
CA ILE A 124 5.45 -6.43 -4.70
C ILE A 124 6.14 -5.11 -5.07
N TYR A 125 5.65 -4.47 -6.13
CA TYR A 125 6.23 -3.21 -6.58
C TYR A 125 5.36 -2.03 -6.16
N LEU A 126 6.00 -0.99 -5.64
CA LEU A 126 5.28 0.21 -5.20
C LEU A 126 6.14 1.45 -5.40
N GLU A 127 5.52 2.53 -5.86
CA GLU A 127 6.22 3.78 -6.08
C GLU A 127 5.59 4.92 -5.28
N MET A 128 6.32 5.40 -4.27
CA MET A 128 5.83 6.49 -3.43
C MET A 128 6.71 7.72 -3.57
N ASP A 129 6.12 8.89 -3.37
CA ASP A 129 6.85 10.15 -3.46
C ASP A 129 6.59 11.02 -2.24
N LEU A 130 7.61 11.77 -1.83
CA LEU A 130 7.49 12.66 -0.68
C LEU A 130 7.46 14.12 -1.11
N ILE A 131 6.37 14.80 -0.78
CA ILE A 131 6.21 16.21 -1.14
C ILE A 131 6.13 17.08 0.11
N TYR A 132 6.75 18.24 0.06
CA TYR A 132 6.74 19.17 1.19
C TYR A 132 5.98 20.45 0.83
N ASN A 133 4.87 20.69 1.53
CA ASN A 133 4.05 21.87 1.30
C ASN A 133 4.93 23.09 1.02
N GLY A 1 -12.04 20.84 24.51
CA GLY A 1 -10.72 21.23 24.98
C GLY A 1 -9.62 20.43 24.33
N SER A 2 -8.39 20.63 24.81
CA SER A 2 -7.24 19.92 24.27
C SER A 2 -6.93 20.39 22.84
N SER A 3 -7.03 21.70 22.62
CA SER A 3 -6.77 22.27 21.31
C SER A 3 -5.53 23.16 21.34
N GLY A 4 -4.94 23.37 20.17
CA GLY A 4 -3.75 24.20 20.09
C GLY A 4 -3.34 24.48 18.65
N SER A 5 -4.28 25.01 17.86
CA SER A 5 -4.01 25.32 16.47
C SER A 5 -4.14 26.82 16.20
N SER A 6 -3.01 27.47 15.96
CA SER A 6 -3.00 28.91 15.71
C SER A 6 -3.62 29.22 14.35
N GLY A 7 -4.93 29.43 14.33
CA GLY A 7 -5.62 29.73 13.09
C GLY A 7 -6.33 28.53 12.51
N ASP A 8 -5.64 27.80 11.63
CA ASP A 8 -6.21 26.62 11.00
C ASP A 8 -5.22 25.46 11.03
N VAL A 9 -5.68 24.28 10.62
CA VAL A 9 -4.84 23.09 10.60
C VAL A 9 -3.82 23.17 9.47
N LYS A 10 -2.54 23.05 9.81
CA LYS A 10 -1.48 23.10 8.83
C LYS A 10 -0.81 21.74 8.69
N ASP A 11 -0.91 21.15 7.50
CA ASP A 11 -0.31 19.85 7.22
C ASP A 11 1.18 19.98 6.92
N VAL A 12 1.94 18.94 7.22
CA VAL A 12 3.38 18.94 6.98
C VAL A 12 3.68 18.66 5.52
N GLY A 13 2.95 17.70 4.94
CA GLY A 13 3.16 17.34 3.55
C GLY A 13 2.15 16.33 3.05
N ILE A 14 2.34 15.84 1.83
CA ILE A 14 1.44 14.87 1.24
C ILE A 14 2.21 13.67 0.69
N LEU A 15 1.58 12.50 0.72
CA LEU A 15 2.20 11.28 0.23
C LEU A 15 1.47 10.76 -1.01
N GLN A 16 2.19 10.71 -2.13
CA GLN A 16 1.61 10.23 -3.38
C GLN A 16 2.08 8.82 -3.70
N VAL A 17 1.19 7.84 -3.55
CA VAL A 17 1.53 6.46 -3.82
C VAL A 17 1.12 6.06 -5.23
N LYS A 18 1.91 5.19 -5.85
CA LYS A 18 1.64 4.73 -7.21
C LYS A 18 1.84 3.22 -7.32
N VAL A 19 0.74 2.49 -7.40
CA VAL A 19 0.79 1.04 -7.52
C VAL A 19 1.03 0.61 -8.96
N LEU A 20 2.19 0.00 -9.22
CA LEU A 20 2.54 -0.45 -10.56
C LEU A 20 1.95 -1.83 -10.83
N LYS A 21 2.47 -2.84 -10.16
CA LYS A 21 1.99 -4.21 -10.32
C LYS A 21 2.68 -5.15 -9.34
N ALA A 22 2.28 -6.42 -9.37
CA ALA A 22 2.85 -7.42 -8.48
C ALA A 22 3.31 -8.65 -9.27
N ALA A 23 4.38 -9.28 -8.80
CA ALA A 23 4.92 -10.46 -9.45
C ALA A 23 5.06 -11.62 -8.47
N ASP A 24 5.28 -12.81 -9.00
CA ASP A 24 5.43 -14.01 -8.17
C ASP A 24 4.43 -14.00 -7.02
N LEU A 25 3.19 -13.65 -7.33
CA LEU A 25 2.13 -13.60 -6.33
C LEU A 25 1.72 -15.00 -5.90
N LEU A 26 1.01 -15.10 -4.79
CA LEU A 26 0.55 -16.37 -4.27
C LEU A 26 -0.85 -16.70 -4.80
N ALA A 27 -0.96 -17.82 -5.52
CA ALA A 27 -2.24 -18.24 -6.07
C ALA A 27 -3.25 -18.52 -4.96
N ALA A 28 -3.95 -17.48 -4.53
CA ALA A 28 -4.95 -17.62 -3.47
C ALA A 28 -5.91 -18.77 -3.77
N ASP A 29 -6.29 -18.91 -5.03
CA ASP A 29 -7.20 -19.96 -5.45
C ASP A 29 -6.42 -21.22 -5.85
N PHE A 30 -6.88 -22.37 -5.36
CA PHE A 30 -6.23 -23.64 -5.67
C PHE A 30 -6.05 -23.82 -7.17
N SER A 31 -7.12 -23.55 -7.92
CA SER A 31 -7.09 -23.68 -9.37
C SER A 31 -5.76 -23.18 -9.93
N GLY A 32 -5.35 -22.00 -9.50
CA GLY A 32 -4.10 -21.43 -9.97
C GLY A 32 -4.17 -19.93 -10.14
N LYS A 33 -5.38 -19.40 -10.18
CA LYS A 33 -5.59 -17.96 -10.35
C LYS A 33 -5.74 -17.28 -9.00
N SER A 34 -5.56 -15.96 -8.98
CA SER A 34 -5.68 -15.18 -7.75
C SER A 34 -6.36 -13.84 -8.02
N ASP A 35 -7.18 -13.41 -7.07
CA ASP A 35 -7.90 -12.15 -7.20
C ASP A 35 -7.53 -11.20 -6.07
N PRO A 36 -6.21 -11.09 -5.80
CA PRO A 36 -5.69 -10.21 -4.74
C PRO A 36 -5.84 -8.74 -5.09
N PHE A 37 -5.81 -7.90 -4.06
CA PHE A 37 -5.94 -6.45 -4.25
C PHE A 37 -5.12 -5.69 -3.23
N CYS A 38 -4.55 -4.57 -3.65
CA CYS A 38 -3.73 -3.74 -2.76
C CYS A 38 -4.60 -2.80 -1.93
N LEU A 39 -4.40 -2.80 -0.63
CA LEU A 39 -5.17 -1.95 0.28
C LEU A 39 -4.25 -1.00 1.03
N LEU A 40 -4.35 0.29 0.72
CA LEU A 40 -3.53 1.30 1.38
C LEU A 40 -4.28 1.91 2.57
N GLU A 41 -3.56 2.09 3.68
CA GLU A 41 -4.15 2.67 4.88
C GLU A 41 -3.16 3.59 5.59
N LEU A 42 -3.60 4.82 5.87
CA LEU A 42 -2.76 5.80 6.54
C LEU A 42 -3.60 6.83 7.28
N GLY A 43 -3.09 7.30 8.42
CA GLY A 43 -3.80 8.28 9.20
C GLY A 43 -5.22 7.85 9.51
N ASN A 44 -6.20 8.53 8.90
CA ASN A 44 -7.60 8.22 9.11
C ASN A 44 -8.26 7.75 7.80
N ASP A 45 -7.65 8.13 6.69
CA ASP A 45 -8.17 7.74 5.37
C ASP A 45 -7.53 6.45 4.89
N ARG A 46 -8.25 5.72 4.04
CA ARG A 46 -7.75 4.46 3.49
C ARG A 46 -8.41 4.15 2.15
N LEU A 47 -7.59 3.75 1.19
CA LEU A 47 -8.09 3.42 -0.14
C LEU A 47 -7.50 2.10 -0.63
N GLN A 48 -8.15 1.50 -1.63
CA GLN A 48 -7.70 0.24 -2.19
C GLN A 48 -7.75 0.26 -3.71
N THR A 49 -7.13 -0.74 -4.34
CA THR A 49 -7.12 -0.83 -5.80
C THR A 49 -8.19 -1.77 -6.30
N HIS A 50 -8.48 -1.70 -7.59
CA HIS A 50 -9.50 -2.55 -8.21
C HIS A 50 -9.04 -4.01 -8.24
N THR A 51 -9.93 -4.90 -7.82
CA THR A 51 -9.61 -6.33 -7.80
C THR A 51 -9.79 -6.95 -9.18
N VAL A 52 -8.71 -7.50 -9.72
CA VAL A 52 -8.74 -8.13 -11.04
C VAL A 52 -8.83 -9.65 -10.92
N TYR A 53 -9.93 -10.22 -11.40
CA TYR A 53 -10.14 -11.65 -11.35
C TYR A 53 -9.58 -12.33 -12.60
N LYS A 54 -9.22 -13.61 -12.46
CA LYS A 54 -8.69 -14.37 -13.58
C LYS A 54 -7.38 -13.75 -14.08
N ASN A 55 -6.45 -13.55 -13.16
CA ASN A 55 -5.15 -12.96 -13.51
C ASN A 55 -4.20 -12.99 -12.31
N LEU A 56 -3.05 -13.62 -12.48
CA LEU A 56 -2.06 -13.71 -11.42
C LEU A 56 -1.29 -12.39 -11.28
N ASN A 57 -1.15 -11.69 -12.38
CA ASN A 57 -0.43 -10.41 -12.39
C ASN A 57 -1.38 -9.26 -12.70
N PRO A 58 -2.12 -8.80 -11.68
CA PRO A 58 -3.09 -7.71 -11.82
C PRO A 58 -2.39 -6.37 -12.03
N GLU A 59 -2.70 -5.72 -13.17
CA GLU A 59 -2.10 -4.43 -13.49
C GLU A 59 -3.00 -3.28 -13.03
N TRP A 60 -2.78 -2.82 -11.80
CA TRP A 60 -3.58 -1.73 -11.24
C TRP A 60 -3.21 -0.41 -11.90
N ASN A 61 -1.98 0.03 -11.71
CA ASN A 61 -1.51 1.29 -12.28
C ASN A 61 -2.35 2.46 -11.79
N LYS A 62 -2.65 2.45 -10.49
CA LYS A 62 -3.44 3.52 -9.89
C LYS A 62 -2.60 4.34 -8.92
N VAL A 63 -2.67 5.66 -9.06
CA VAL A 63 -1.91 6.56 -8.20
C VAL A 63 -2.81 7.19 -7.14
N PHE A 64 -2.48 6.94 -5.87
CA PHE A 64 -3.26 7.49 -4.76
C PHE A 64 -2.46 8.54 -4.00
N THR A 65 -3.16 9.40 -3.26
CA THR A 65 -2.52 10.45 -2.49
C THR A 65 -3.18 10.60 -1.12
N PHE A 66 -2.37 10.66 -0.07
CA PHE A 66 -2.87 10.80 1.28
C PHE A 66 -2.13 11.91 2.03
N PRO A 67 -2.88 12.70 2.81
CA PRO A 67 -2.30 13.81 3.59
C PRO A 67 -1.44 13.32 4.74
N ILE A 68 -0.28 13.97 4.92
CA ILE A 68 0.64 13.60 5.98
C ILE A 68 0.37 14.40 7.26
N LYS A 69 -0.10 13.70 8.29
CA LYS A 69 -0.40 14.34 9.56
C LYS A 69 0.84 14.45 10.44
N ASP A 70 1.60 13.36 10.50
CA ASP A 70 2.82 13.32 11.29
C ASP A 70 3.97 12.69 10.50
N ILE A 71 5.08 13.41 10.41
CA ILE A 71 6.25 12.93 9.69
C ILE A 71 6.69 11.57 10.21
N HIS A 72 6.21 11.21 11.40
CA HIS A 72 6.55 9.93 12.01
C HIS A 72 5.53 8.86 11.66
N ASP A 73 4.82 9.07 10.56
CA ASP A 73 3.81 8.12 10.11
C ASP A 73 4.43 7.04 9.23
N VAL A 74 3.80 5.87 9.22
CA VAL A 74 4.29 4.75 8.41
C VAL A 74 3.17 4.13 7.59
N LEU A 75 3.37 4.06 6.28
CA LEU A 75 2.37 3.50 5.38
C LEU A 75 2.49 1.98 5.33
N GLU A 76 1.36 1.29 5.50
CA GLU A 76 1.33 -0.16 5.48
C GLU A 76 0.43 -0.67 4.36
N VAL A 77 1.05 -1.25 3.33
CA VAL A 77 0.30 -1.78 2.20
C VAL A 77 0.11 -3.28 2.32
N THR A 78 -1.04 -3.69 2.85
CA THR A 78 -1.34 -5.10 3.02
C THR A 78 -2.28 -5.59 1.92
N VAL A 79 -1.85 -6.65 1.23
CA VAL A 79 -2.64 -7.22 0.15
C VAL A 79 -3.70 -8.19 0.69
N PHE A 80 -4.88 -8.16 0.10
CA PHE A 80 -5.97 -9.03 0.52
C PHE A 80 -6.59 -9.74 -0.69
N ASP A 81 -7.26 -10.86 -0.41
CA ASP A 81 -7.90 -11.63 -1.47
C ASP A 81 -9.42 -11.68 -1.26
N GLU A 82 -10.14 -11.05 -2.17
CA GLU A 82 -11.60 -11.02 -2.08
C GLU A 82 -12.20 -12.37 -2.47
N ASP A 83 -13.02 -12.92 -1.58
CA ASP A 83 -13.66 -14.22 -1.82
C ASP A 83 -15.14 -14.16 -1.46
N GLY A 84 -15.95 -13.68 -2.38
CA GLY A 84 -17.38 -13.59 -2.14
C GLY A 84 -17.71 -12.71 -0.95
N ASP A 85 -18.69 -13.13 -0.16
CA ASP A 85 -19.11 -12.37 1.02
C ASP A 85 -18.16 -12.63 2.18
N LYS A 86 -17.55 -13.81 2.21
CA LYS A 86 -16.61 -14.18 3.26
C LYS A 86 -15.45 -13.21 3.31
N PRO A 87 -14.84 -13.08 4.50
CA PRO A 87 -13.69 -12.18 4.71
C PRO A 87 -12.43 -12.68 4.01
N PRO A 88 -11.59 -11.74 3.59
CA PRO A 88 -10.33 -12.07 2.90
C PRO A 88 -9.31 -12.70 3.83
N ASP A 89 -8.18 -13.12 3.26
CA ASP A 89 -7.11 -13.75 4.04
C ASP A 89 -5.79 -13.04 3.83
N PHE A 90 -5.08 -12.76 4.91
CA PHE A 90 -3.80 -12.08 4.83
C PHE A 90 -2.91 -12.72 3.77
N LEU A 91 -2.25 -11.88 2.98
CA LEU A 91 -1.37 -12.35 1.92
C LEU A 91 0.02 -11.74 2.05
N GLY A 92 0.13 -10.45 1.77
CA GLY A 92 1.41 -9.77 1.87
C GLY A 92 1.32 -8.46 2.61
N LYS A 93 2.45 -7.96 3.07
CA LYS A 93 2.50 -6.70 3.81
C LYS A 93 3.91 -6.12 3.84
N VAL A 94 4.05 -4.88 3.41
CA VAL A 94 5.35 -4.22 3.39
C VAL A 94 5.30 -2.90 4.15
N ALA A 95 6.14 -2.78 5.18
CA ALA A 95 6.20 -1.56 5.98
C ALA A 95 7.33 -0.65 5.52
N ILE A 96 6.99 0.61 5.25
CA ILE A 96 7.97 1.58 4.79
C ILE A 96 7.68 2.97 5.35
N PRO A 97 8.53 3.43 6.27
CA PRO A 97 8.39 4.75 6.90
C PRO A 97 8.66 5.89 5.93
N LEU A 98 7.73 6.83 5.85
CA LEU A 98 7.86 7.98 4.97
C LEU A 98 9.29 8.51 4.98
N LEU A 99 9.87 8.60 6.18
CA LEU A 99 11.24 9.09 6.33
C LEU A 99 12.19 8.36 5.37
N SER A 100 12.10 7.03 5.37
CA SER A 100 12.95 6.22 4.51
C SER A 100 12.89 6.71 3.06
N ILE A 101 11.80 7.37 2.72
CA ILE A 101 11.61 7.88 1.37
C ILE A 101 12.58 9.03 1.09
N ARG A 102 13.66 8.73 0.36
CA ARG A 102 14.66 9.74 0.02
C ARG A 102 14.48 10.22 -1.41
N ASP A 103 14.54 9.29 -2.36
CA ASP A 103 14.39 9.62 -3.77
C ASP A 103 13.11 9.02 -4.33
N GLY A 104 12.84 9.28 -5.61
CA GLY A 104 11.66 8.75 -6.25
C GLY A 104 11.98 7.72 -7.30
N GLN A 105 12.69 6.67 -6.91
CA GLN A 105 13.06 5.60 -7.83
C GLN A 105 12.22 4.35 -7.58
N PRO A 106 11.97 3.59 -8.65
CA PRO A 106 11.19 2.35 -8.58
C PRO A 106 11.92 1.25 -7.83
N ASN A 107 11.78 1.24 -6.51
CA ASN A 107 12.42 0.22 -5.68
C ASN A 107 11.46 -0.91 -5.34
N CYS A 108 11.83 -2.13 -5.72
CA CYS A 108 10.99 -3.29 -5.45
C CYS A 108 11.12 -3.74 -4.00
N TYR A 109 9.98 -4.03 -3.38
CA TYR A 109 9.96 -4.46 -1.99
C TYR A 109 9.52 -5.92 -1.87
N VAL A 110 10.00 -6.59 -0.82
CA VAL A 110 9.65 -7.99 -0.60
C VAL A 110 8.52 -8.11 0.41
N LEU A 111 7.56 -8.97 0.10
CA LEU A 111 6.41 -9.20 0.98
C LEU A 111 6.76 -10.21 2.07
N LYS A 112 7.06 -9.71 3.27
CA LYS A 112 7.40 -10.56 4.39
C LYS A 112 6.14 -11.00 5.14
N ASN A 113 6.33 -11.71 6.24
CA ASN A 113 5.22 -12.20 7.05
C ASN A 113 4.52 -11.05 7.76
N LYS A 114 3.47 -11.37 8.52
CA LYS A 114 2.72 -10.35 9.24
C LYS A 114 3.63 -9.54 10.15
N ASP A 115 4.22 -10.20 11.14
CA ASP A 115 5.12 -9.55 12.08
C ASP A 115 6.53 -9.42 11.49
N LEU A 116 6.60 -9.10 10.20
CA LEU A 116 7.87 -8.96 9.52
C LEU A 116 8.87 -10.01 10.01
N GLU A 117 8.43 -11.26 10.06
CA GLU A 117 9.28 -12.35 10.50
C GLU A 117 10.29 -12.73 9.42
N GLN A 118 9.80 -13.37 8.37
CA GLN A 118 10.67 -13.78 7.26
C GLN A 118 9.88 -13.84 5.95
N ALA A 119 10.58 -13.67 4.84
CA ALA A 119 9.96 -13.72 3.53
C ALA A 119 8.88 -14.80 3.46
N PHE A 120 7.67 -14.41 3.07
CA PHE A 120 6.56 -15.35 2.96
C PHE A 120 6.17 -15.56 1.51
N LYS A 121 6.21 -14.49 0.72
CA LYS A 121 5.85 -14.55 -0.68
C LYS A 121 6.94 -13.92 -1.55
N GLY A 122 6.68 -13.86 -2.85
CA GLY A 122 7.65 -13.28 -3.77
C GLY A 122 7.98 -11.84 -3.42
N VAL A 123 7.61 -10.91 -4.30
CA VAL A 123 7.88 -9.50 -4.09
C VAL A 123 6.77 -8.63 -4.67
N ILE A 124 6.88 -7.32 -4.50
CA ILE A 124 5.90 -6.38 -5.02
C ILE A 124 6.53 -5.05 -5.36
N TYR A 125 5.92 -4.34 -6.31
CA TYR A 125 6.43 -3.05 -6.74
C TYR A 125 5.54 -1.91 -6.24
N LEU A 126 6.16 -0.86 -5.73
CA LEU A 126 5.41 0.30 -5.22
C LEU A 126 6.24 1.57 -5.35
N GLU A 127 5.68 2.55 -6.07
CA GLU A 127 6.37 3.83 -6.27
C GLU A 127 5.64 4.95 -5.53
N MET A 128 6.29 5.50 -4.51
CA MET A 128 5.71 6.57 -3.73
C MET A 128 6.44 7.89 -3.98
N ASP A 129 5.90 8.98 -3.44
CA ASP A 129 6.50 10.30 -3.62
C ASP A 129 6.24 11.18 -2.40
N LEU A 130 7.30 11.65 -1.78
CA LEU A 130 7.18 12.51 -0.59
C LEU A 130 7.08 13.98 -1.01
N ILE A 131 6.01 14.63 -0.56
CA ILE A 131 5.79 16.04 -0.88
C ILE A 131 5.77 16.89 0.39
N TYR A 132 6.49 18.00 0.37
CA TYR A 132 6.56 18.90 1.51
C TYR A 132 5.86 20.23 1.20
N ASN A 133 4.84 20.55 1.98
CA ASN A 133 4.10 21.79 1.79
C ASN A 133 5.01 23.00 1.97
N GLY A 1 -14.70 21.58 19.02
CA GLY A 1 -15.68 21.41 17.95
C GLY A 1 -15.06 20.83 16.68
N SER A 2 -14.17 21.59 16.08
CA SER A 2 -13.50 21.16 14.86
C SER A 2 -12.12 21.80 14.72
N SER A 3 -11.41 21.43 13.66
CA SER A 3 -10.07 21.98 13.42
C SER A 3 -10.14 23.19 12.50
N GLY A 4 -9.66 24.33 12.99
CA GLY A 4 -9.68 25.55 12.22
C GLY A 4 -9.59 26.79 13.07
N SER A 5 -10.50 26.91 14.03
CA SER A 5 -10.52 28.08 14.92
C SER A 5 -10.05 27.69 16.32
N SER A 6 -9.73 28.70 17.13
CA SER A 6 -9.27 28.46 18.49
C SER A 6 -8.28 27.30 18.54
N GLY A 7 -7.35 27.29 17.58
CA GLY A 7 -6.36 26.23 17.53
C GLY A 7 -6.55 25.31 16.34
N ASP A 8 -5.54 25.23 15.49
CA ASP A 8 -5.61 24.38 14.30
C ASP A 8 -4.24 23.76 14.00
N VAL A 9 -4.26 22.61 13.33
CA VAL A 9 -3.02 21.92 12.97
C VAL A 9 -2.72 22.06 11.49
N LYS A 10 -1.43 22.13 11.16
CA LYS A 10 -1.00 22.26 9.77
C LYS A 10 -0.38 20.97 9.27
N ASP A 11 -0.54 20.70 7.98
CA ASP A 11 0.01 19.49 7.37
C ASP A 11 1.49 19.68 7.06
N VAL A 12 2.30 18.70 7.49
CA VAL A 12 3.74 18.75 7.26
C VAL A 12 4.06 18.59 5.78
N GLY A 13 3.16 17.93 5.05
CA GLY A 13 3.37 17.72 3.63
C GLY A 13 2.38 16.74 3.03
N ILE A 14 2.64 16.30 1.82
CA ILE A 14 1.76 15.35 1.14
C ILE A 14 2.52 14.09 0.73
N LEU A 15 1.85 12.95 0.82
CA LEU A 15 2.46 11.67 0.46
C LEU A 15 1.83 11.11 -0.81
N GLN A 16 2.57 11.19 -1.91
CA GLN A 16 2.08 10.70 -3.20
C GLN A 16 2.46 9.22 -3.39
N VAL A 17 1.45 8.37 -3.52
CA VAL A 17 1.67 6.94 -3.71
C VAL A 17 1.15 6.48 -5.06
N LYS A 18 1.91 5.62 -5.72
CA LYS A 18 1.51 5.09 -7.03
C LYS A 18 1.71 3.58 -7.09
N VAL A 19 0.60 2.84 -7.15
CA VAL A 19 0.66 1.39 -7.21
C VAL A 19 0.94 0.92 -8.63
N LEU A 20 2.08 0.24 -8.81
CA LEU A 20 2.47 -0.27 -10.12
C LEU A 20 1.80 -1.61 -10.39
N LYS A 21 2.29 -2.65 -9.74
CA LYS A 21 1.74 -4.00 -9.91
C LYS A 21 2.39 -4.98 -8.95
N ALA A 22 1.88 -6.21 -8.94
CA ALA A 22 2.42 -7.25 -8.07
C ALA A 22 2.80 -8.49 -8.87
N ALA A 23 3.89 -9.14 -8.47
CA ALA A 23 4.37 -10.34 -9.15
C ALA A 23 4.64 -11.46 -8.15
N ASP A 24 4.61 -12.70 -8.62
CA ASP A 24 4.86 -13.85 -7.78
C ASP A 24 3.83 -13.94 -6.66
N LEU A 25 2.56 -13.75 -7.01
CA LEU A 25 1.48 -13.80 -6.04
C LEU A 25 0.97 -15.23 -5.87
N LEU A 26 1.36 -15.86 -4.76
CA LEU A 26 0.95 -17.23 -4.48
C LEU A 26 -0.48 -17.48 -4.99
N ALA A 27 -0.69 -18.65 -5.57
CA ALA A 27 -2.01 -19.01 -6.09
C ALA A 27 -2.86 -19.65 -5.00
N ALA A 28 -3.67 -18.83 -4.33
CA ALA A 28 -4.54 -19.32 -3.27
C ALA A 28 -5.33 -20.53 -3.72
N ASP A 29 -5.70 -20.56 -4.99
CA ASP A 29 -6.46 -21.67 -5.56
C ASP A 29 -5.53 -22.73 -6.14
N PHE A 30 -6.05 -23.93 -6.30
CA PHE A 30 -5.25 -25.03 -6.86
C PHE A 30 -5.03 -24.84 -8.35
N SER A 31 -6.08 -24.44 -9.06
CA SER A 31 -5.99 -24.22 -10.51
C SER A 31 -4.70 -23.48 -10.86
N GLY A 32 -4.49 -22.33 -10.23
CA GLY A 32 -3.30 -21.55 -10.49
C GLY A 32 -3.61 -20.08 -10.71
N LYS A 33 -4.69 -19.60 -10.09
CA LYS A 33 -5.09 -18.21 -10.21
C LYS A 33 -5.52 -17.64 -8.87
N SER A 34 -5.74 -16.33 -8.82
CA SER A 34 -6.14 -15.66 -7.59
C SER A 34 -6.72 -14.29 -7.89
N ASP A 35 -7.44 -13.74 -6.92
CA ASP A 35 -8.06 -12.43 -7.08
C ASP A 35 -7.58 -11.47 -5.99
N PRO A 36 -6.26 -11.34 -5.85
CA PRO A 36 -5.63 -10.47 -4.85
C PRO A 36 -5.84 -8.99 -5.18
N PHE A 37 -5.72 -8.14 -4.16
CA PHE A 37 -5.89 -6.70 -4.34
C PHE A 37 -5.11 -5.94 -3.28
N CYS A 38 -4.51 -4.81 -3.69
CA CYS A 38 -3.73 -3.98 -2.79
C CYS A 38 -4.63 -3.02 -2.02
N LEU A 39 -4.39 -2.90 -0.72
CA LEU A 39 -5.17 -2.00 0.12
C LEU A 39 -4.27 -1.02 0.87
N LEU A 40 -4.37 0.25 0.50
CA LEU A 40 -3.56 1.29 1.13
C LEU A 40 -4.31 1.92 2.29
N GLU A 41 -3.66 2.00 3.44
CA GLU A 41 -4.26 2.58 4.64
C GLU A 41 -3.27 3.49 5.36
N LEU A 42 -3.64 4.76 5.49
CA LEU A 42 -2.79 5.74 6.16
C LEU A 42 -3.62 6.71 7.01
N GLY A 43 -3.23 6.86 8.27
CA GLY A 43 -3.95 7.75 9.16
C GLY A 43 -5.42 7.39 9.27
N ASN A 44 -6.27 8.19 8.62
CA ASN A 44 -7.70 7.95 8.66
C ASN A 44 -8.24 7.62 7.27
N ASP A 45 -7.55 8.12 6.25
CA ASP A 45 -7.95 7.88 4.87
C ASP A 45 -7.45 6.51 4.38
N ARG A 46 -8.29 5.83 3.62
CA ARG A 46 -7.95 4.51 3.10
C ARG A 46 -8.53 4.31 1.69
N LEU A 47 -7.77 3.64 0.84
CA LEU A 47 -8.21 3.37 -0.53
C LEU A 47 -7.57 2.10 -1.07
N GLN A 48 -8.37 1.28 -1.75
CA GLN A 48 -7.89 0.03 -2.32
C GLN A 48 -7.97 0.06 -3.84
N THR A 49 -7.32 -0.90 -4.49
CA THR A 49 -7.31 -0.99 -5.94
C THR A 49 -8.38 -1.97 -6.43
N HIS A 50 -8.65 -1.93 -7.73
CA HIS A 50 -9.64 -2.82 -8.32
C HIS A 50 -9.19 -4.27 -8.24
N THR A 51 -10.10 -5.14 -7.81
CA THR A 51 -9.80 -6.56 -7.67
C THR A 51 -9.90 -7.28 -9.02
N VAL A 52 -8.77 -7.78 -9.50
CA VAL A 52 -8.74 -8.49 -10.78
C VAL A 52 -8.97 -9.98 -10.58
N TYR A 53 -9.84 -10.56 -11.40
CA TYR A 53 -10.16 -11.98 -11.32
C TYR A 53 -9.51 -12.74 -12.46
N LYS A 54 -9.22 -14.02 -12.23
CA LYS A 54 -8.60 -14.86 -13.24
C LYS A 54 -7.27 -14.27 -13.71
N ASN A 55 -6.50 -13.73 -12.77
CA ASN A 55 -5.21 -13.14 -13.09
C ASN A 55 -4.29 -13.15 -11.88
N LEU A 56 -3.10 -13.72 -12.05
CA LEU A 56 -2.13 -13.80 -10.96
C LEU A 56 -1.35 -12.49 -10.84
N ASN A 57 -1.13 -11.82 -11.97
CA ASN A 57 -0.40 -10.57 -11.98
C ASN A 57 -1.34 -9.40 -12.30
N PRO A 58 -2.07 -8.93 -11.29
CA PRO A 58 -3.01 -7.81 -11.45
C PRO A 58 -2.30 -6.48 -11.66
N GLU A 59 -2.65 -5.81 -12.76
CA GLU A 59 -2.05 -4.52 -13.09
C GLU A 59 -2.99 -3.37 -12.74
N TRP A 60 -2.64 -2.63 -11.69
CA TRP A 60 -3.45 -1.50 -11.25
C TRP A 60 -3.00 -0.21 -11.92
N ASN A 61 -1.86 0.30 -11.49
CA ASN A 61 -1.30 1.53 -12.05
C ASN A 61 -2.14 2.73 -11.63
N LYS A 62 -2.52 2.76 -10.35
CA LYS A 62 -3.33 3.87 -9.83
C LYS A 62 -2.47 4.82 -9.01
N VAL A 63 -3.08 5.93 -8.57
CA VAL A 63 -2.36 6.92 -7.77
C VAL A 63 -3.19 7.36 -6.57
N PHE A 64 -2.65 7.16 -5.37
CA PHE A 64 -3.34 7.54 -4.15
C PHE A 64 -2.50 8.52 -3.33
N THR A 65 -3.12 9.64 -2.96
CA THR A 65 -2.43 10.66 -2.17
C THR A 65 -3.11 10.87 -0.82
N PHE A 66 -2.31 10.94 0.23
CA PHE A 66 -2.83 11.14 1.58
C PHE A 66 -2.12 12.29 2.28
N PRO A 67 -2.87 13.07 3.07
CA PRO A 67 -2.33 14.21 3.81
C PRO A 67 -1.41 13.78 4.95
N ILE A 68 -0.14 14.21 4.87
CA ILE A 68 0.84 13.87 5.89
C ILE A 68 0.63 14.70 7.15
N LYS A 69 -0.07 14.13 8.13
CA LYS A 69 -0.34 14.81 9.39
C LYS A 69 0.70 14.45 10.44
N ASP A 70 1.24 13.24 10.34
CA ASP A 70 2.26 12.78 11.28
C ASP A 70 3.48 12.26 10.53
N ILE A 71 4.48 13.12 10.38
CA ILE A 71 5.72 12.75 9.69
C ILE A 71 6.19 11.36 10.13
N HIS A 72 5.85 10.99 11.35
CA HIS A 72 6.24 9.69 11.89
C HIS A 72 5.25 8.61 11.46
N ASP A 73 4.53 8.86 10.37
CA ASP A 73 3.56 7.90 9.85
C ASP A 73 4.23 6.86 8.98
N VAL A 74 3.58 5.71 8.82
CA VAL A 74 4.11 4.62 8.01
C VAL A 74 3.01 3.94 7.21
N LEU A 75 3.10 4.03 5.88
CA LEU A 75 2.11 3.42 5.00
C LEU A 75 2.30 1.91 4.94
N GLU A 76 1.23 1.18 5.22
CA GLU A 76 1.27 -0.28 5.21
C GLU A 76 0.33 -0.84 4.14
N VAL A 77 0.89 -1.46 3.12
CA VAL A 77 0.11 -2.05 2.04
C VAL A 77 -0.02 -3.55 2.20
N THR A 78 -1.21 -4.01 2.56
CA THR A 78 -1.46 -5.43 2.74
C THR A 78 -2.38 -5.98 1.65
N VAL A 79 -1.90 -7.00 0.95
CA VAL A 79 -2.67 -7.62 -0.12
C VAL A 79 -3.70 -8.60 0.43
N PHE A 80 -4.94 -8.46 -0.02
CA PHE A 80 -6.01 -9.34 0.44
C PHE A 80 -6.69 -10.03 -0.74
N ASP A 81 -7.06 -11.30 -0.55
CA ASP A 81 -7.70 -12.08 -1.59
C ASP A 81 -9.15 -12.39 -1.22
N GLU A 82 -10.08 -11.76 -1.92
CA GLU A 82 -11.51 -11.97 -1.65
C GLU A 82 -11.92 -13.39 -2.06
N ASP A 83 -12.36 -14.18 -1.08
CA ASP A 83 -12.78 -15.54 -1.33
C ASP A 83 -14.28 -15.71 -1.02
N GLY A 84 -15.12 -15.40 -2.00
CA GLY A 84 -16.55 -15.52 -1.81
C GLY A 84 -17.05 -14.73 -0.61
N ASP A 85 -18.19 -15.14 -0.08
CA ASP A 85 -18.77 -14.45 1.07
C ASP A 85 -17.79 -14.41 2.23
N LYS A 86 -16.89 -15.40 2.29
CA LYS A 86 -15.88 -15.46 3.34
C LYS A 86 -14.95 -14.26 3.28
N PRO A 87 -14.33 -13.94 4.43
CA PRO A 87 -13.40 -12.81 4.52
C PRO A 87 -12.09 -13.07 3.77
N PRO A 88 -11.34 -11.99 3.52
CA PRO A 88 -10.06 -12.07 2.80
C PRO A 88 -8.98 -12.76 3.64
N ASP A 89 -7.92 -13.21 2.96
CA ASP A 89 -6.82 -13.88 3.64
C ASP A 89 -5.51 -13.13 3.40
N PHE A 90 -4.78 -12.89 4.48
CA PHE A 90 -3.50 -12.18 4.39
C PHE A 90 -2.56 -12.87 3.41
N LEU A 91 -2.04 -12.11 2.46
CA LEU A 91 -1.13 -12.65 1.46
C LEU A 91 0.25 -12.00 1.57
N GLY A 92 0.27 -10.69 1.81
CA GLY A 92 1.52 -9.97 1.93
C GLY A 92 1.33 -8.56 2.46
N LYS A 93 2.35 -8.05 3.16
CA LYS A 93 2.30 -6.71 3.71
C LYS A 93 3.66 -6.03 3.63
N VAL A 94 3.64 -4.72 3.35
CA VAL A 94 4.87 -3.96 3.25
C VAL A 94 4.77 -2.64 4.01
N ALA A 95 5.65 -2.47 4.99
CA ALA A 95 5.67 -1.24 5.79
C ALA A 95 6.88 -0.38 5.48
N ILE A 96 6.62 0.85 5.06
CA ILE A 96 7.71 1.78 4.73
C ILE A 96 7.42 3.17 5.28
N PRO A 97 8.36 3.70 6.08
CA PRO A 97 8.23 5.03 6.68
C PRO A 97 8.35 6.14 5.65
N LEU A 98 7.60 7.22 5.85
CA LEU A 98 7.63 8.36 4.93
C LEU A 98 9.05 8.89 4.77
N LEU A 99 9.89 8.65 5.77
CA LEU A 99 11.27 9.11 5.75
C LEU A 99 12.07 8.35 4.69
N SER A 100 12.12 7.04 4.83
CA SER A 100 12.85 6.19 3.88
C SER A 100 12.57 6.63 2.45
N ILE A 101 11.40 7.23 2.23
CA ILE A 101 11.02 7.69 0.91
C ILE A 101 11.77 8.97 0.52
N ARG A 102 12.77 8.81 -0.36
CA ARG A 102 13.57 9.94 -0.80
C ARG A 102 13.08 10.45 -2.16
N ASP A 103 12.85 9.52 -3.09
CA ASP A 103 12.38 9.87 -4.42
C ASP A 103 11.50 8.77 -4.99
N GLY A 104 10.96 9.01 -6.18
CA GLY A 104 10.10 8.02 -6.82
C GLY A 104 10.89 6.94 -7.52
N GLN A 105 11.83 6.33 -6.80
CA GLN A 105 12.67 5.27 -7.37
C GLN A 105 11.97 3.92 -7.24
N PRO A 106 11.97 3.16 -8.34
CA PRO A 106 11.34 1.82 -8.38
C PRO A 106 12.10 0.80 -7.55
N ASN A 107 11.88 0.82 -6.24
CA ASN A 107 12.54 -0.11 -5.34
C ASN A 107 11.65 -1.30 -5.02
N CYS A 108 12.12 -2.50 -5.38
CA CYS A 108 11.36 -3.72 -5.13
C CYS A 108 11.24 -3.99 -3.64
N TYR A 109 10.00 -4.07 -3.16
CA TYR A 109 9.75 -4.32 -1.75
C TYR A 109 9.22 -5.74 -1.53
N VAL A 110 9.94 -6.52 -0.74
CA VAL A 110 9.55 -7.90 -0.45
C VAL A 110 8.39 -7.94 0.54
N LEU A 111 7.41 -8.80 0.28
CA LEU A 111 6.26 -8.95 1.15
C LEU A 111 6.60 -9.76 2.39
N LYS A 112 5.65 -9.85 3.31
CA LYS A 112 5.86 -10.60 4.55
C LYS A 112 4.64 -11.48 4.85
N ASN A 113 4.68 -12.14 6.01
CA ASN A 113 3.57 -13.01 6.41
C ASN A 113 2.73 -12.35 7.49
N LYS A 114 3.38 -11.86 8.54
CA LYS A 114 2.69 -11.20 9.64
C LYS A 114 3.61 -10.22 10.35
N ASP A 115 3.19 -8.95 10.38
CA ASP A 115 3.98 -7.91 11.02
C ASP A 115 5.46 -8.05 10.67
N LEU A 116 5.76 -8.18 9.38
CA LEU A 116 7.13 -8.32 8.92
C LEU A 116 7.86 -9.40 9.72
N GLU A 117 7.21 -10.55 9.87
CA GLU A 117 7.80 -11.66 10.61
C GLU A 117 8.64 -12.55 9.69
N GLN A 118 8.11 -12.80 8.49
CA GLN A 118 8.81 -13.63 7.51
C GLN A 118 8.53 -13.16 6.09
N ALA A 119 9.59 -12.90 5.33
CA ALA A 119 9.44 -12.45 3.96
C ALA A 119 8.69 -13.46 3.12
N PHE A 120 7.59 -13.03 2.51
CA PHE A 120 6.78 -13.91 1.67
C PHE A 120 7.62 -14.53 0.56
N LYS A 121 6.96 -15.28 -0.32
CA LYS A 121 7.63 -15.93 -1.43
C LYS A 121 7.64 -15.04 -2.67
N GLY A 122 6.74 -14.07 -2.70
CA GLY A 122 6.66 -13.18 -3.83
C GLY A 122 7.13 -11.78 -3.49
N VAL A 123 7.07 -10.87 -4.45
CA VAL A 123 7.50 -9.49 -4.25
C VAL A 123 6.45 -8.51 -4.76
N ILE A 124 6.75 -7.22 -4.66
CA ILE A 124 5.83 -6.18 -5.11
C ILE A 124 6.59 -4.89 -5.46
N TYR A 125 6.09 -4.17 -6.45
CA TYR A 125 6.71 -2.92 -6.87
C TYR A 125 5.82 -1.73 -6.56
N LEU A 126 6.32 -0.84 -5.71
CA LEU A 126 5.57 0.35 -5.33
C LEU A 126 6.40 1.61 -5.54
N GLU A 127 5.76 2.65 -6.08
CA GLU A 127 6.43 3.91 -6.33
C GLU A 127 5.72 5.07 -5.63
N MET A 128 6.34 5.57 -4.58
CA MET A 128 5.78 6.68 -3.81
C MET A 128 6.68 7.90 -3.87
N ASP A 129 6.24 8.99 -3.24
CA ASP A 129 7.01 10.23 -3.23
C ASP A 129 6.68 11.06 -1.99
N LEU A 130 7.66 11.85 -1.54
CA LEU A 130 7.47 12.68 -0.35
C LEU A 130 7.59 14.16 -0.71
N ILE A 131 6.49 14.89 -0.58
CA ILE A 131 6.48 16.31 -0.89
C ILE A 131 6.36 17.15 0.38
N TYR A 132 7.05 18.28 0.42
CA TYR A 132 7.02 19.17 1.57
C TYR A 132 6.28 20.47 1.24
N ASN A 133 5.21 20.73 1.98
CA ASN A 133 4.43 21.95 1.76
C ASN A 133 5.32 23.16 1.60
N GLY A 1 -3.55 42.04 -3.67
CA GLY A 1 -4.95 42.21 -3.37
C GLY A 1 -5.62 40.90 -2.98
N SER A 2 -6.56 40.97 -2.05
CA SER A 2 -7.29 39.80 -1.60
C SER A 2 -6.32 38.77 -1.01
N SER A 3 -5.33 39.25 -0.26
CA SER A 3 -4.34 38.38 0.36
C SER A 3 -4.29 38.59 1.87
N GLY A 4 -3.99 37.52 2.60
CA GLY A 4 -3.92 37.60 4.05
C GLY A 4 -3.56 36.28 4.69
N SER A 5 -4.14 36.01 5.85
CA SER A 5 -3.86 34.76 6.57
C SER A 5 -5.10 33.87 6.58
N SER A 6 -4.87 32.57 6.42
CA SER A 6 -5.97 31.60 6.41
C SER A 6 -6.32 31.16 7.84
N GLY A 7 -5.33 30.61 8.54
CA GLY A 7 -5.56 30.17 9.90
C GLY A 7 -5.80 28.67 9.99
N ASP A 8 -6.65 28.16 9.10
CA ASP A 8 -6.96 26.73 9.08
C ASP A 8 -5.69 25.90 9.26
N VAL A 9 -5.87 24.69 9.79
CA VAL A 9 -4.75 23.79 10.02
C VAL A 9 -3.98 23.52 8.72
N LYS A 10 -2.66 23.47 8.82
CA LYS A 10 -1.82 23.22 7.66
C LYS A 10 -1.04 21.91 7.82
N ASP A 11 -1.21 21.01 6.87
CA ASP A 11 -0.52 19.72 6.91
C ASP A 11 0.97 19.90 6.64
N VAL A 12 1.77 18.98 7.16
CA VAL A 12 3.22 19.03 6.98
C VAL A 12 3.59 18.84 5.51
N GLY A 13 2.91 17.92 4.85
CA GLY A 13 3.18 17.65 3.45
C GLY A 13 2.18 16.70 2.83
N ILE A 14 2.51 16.20 1.64
CA ILE A 14 1.61 15.26 0.95
C ILE A 14 2.36 13.99 0.57
N LEU A 15 1.68 12.85 0.71
CA LEU A 15 2.29 11.56 0.38
C LEU A 15 1.71 11.02 -0.92
N GLN A 16 2.59 10.59 -1.82
CA GLN A 16 2.17 10.04 -3.10
C GLN A 16 2.56 8.57 -3.22
N VAL A 17 1.59 7.73 -3.54
CA VAL A 17 1.83 6.30 -3.69
C VAL A 17 1.37 5.81 -5.06
N LYS A 18 2.31 5.28 -5.84
CA LYS A 18 2.01 4.77 -7.17
C LYS A 18 2.13 3.26 -7.21
N VAL A 19 0.99 2.57 -7.27
CA VAL A 19 0.97 1.12 -7.32
C VAL A 19 1.10 0.61 -8.75
N LEU A 20 2.34 0.30 -9.14
CA LEU A 20 2.60 -0.19 -10.49
C LEU A 20 1.91 -1.53 -10.72
N LYS A 21 2.39 -2.57 -10.04
CA LYS A 21 1.81 -3.90 -10.18
C LYS A 21 2.45 -4.87 -9.19
N ALA A 22 1.97 -6.10 -9.18
CA ALA A 22 2.50 -7.14 -8.29
C ALA A 22 2.82 -8.42 -9.05
N ALA A 23 4.00 -8.97 -8.79
CA ALA A 23 4.42 -10.20 -9.45
C ALA A 23 4.76 -11.28 -8.43
N ASP A 24 4.51 -12.54 -8.81
CA ASP A 24 4.78 -13.66 -7.92
C ASP A 24 3.78 -13.71 -6.77
N LEU A 25 2.50 -13.66 -7.10
CA LEU A 25 1.44 -13.69 -6.10
C LEU A 25 0.95 -15.12 -5.89
N LEU A 26 1.30 -15.69 -4.74
CA LEU A 26 0.88 -17.05 -4.41
C LEU A 26 -0.51 -17.34 -4.95
N ALA A 27 -0.67 -18.53 -5.54
CA ALA A 27 -1.96 -18.94 -6.09
C ALA A 27 -2.88 -19.48 -5.01
N ALA A 28 -3.80 -18.64 -4.55
CA ALA A 28 -4.75 -19.05 -3.51
C ALA A 28 -5.58 -20.24 -3.96
N ASP A 29 -6.03 -20.20 -5.22
CA ASP A 29 -6.84 -21.29 -5.77
C ASP A 29 -5.95 -22.42 -6.29
N PHE A 30 -6.57 -23.55 -6.61
CA PHE A 30 -5.84 -24.70 -7.13
C PHE A 30 -5.54 -24.54 -8.61
N SER A 31 -6.53 -24.08 -9.36
CA SER A 31 -6.39 -23.89 -10.79
C SER A 31 -5.08 -23.18 -11.11
N GLY A 32 -4.90 -21.99 -10.55
CA GLY A 32 -3.69 -21.22 -10.78
C GLY A 32 -3.98 -19.74 -10.95
N LYS A 33 -4.96 -19.24 -10.24
CA LYS A 33 -5.33 -17.83 -10.32
C LYS A 33 -5.71 -17.28 -8.94
N SER A 34 -5.99 -15.99 -8.89
CA SER A 34 -6.36 -15.35 -7.62
C SER A 34 -6.98 -13.97 -7.89
N ASP A 35 -7.75 -13.49 -6.91
CA ASP A 35 -8.40 -12.19 -7.03
C ASP A 35 -7.95 -11.25 -5.91
N PRO A 36 -6.62 -11.08 -5.78
CA PRO A 36 -6.04 -10.21 -4.76
C PRO A 36 -6.30 -8.73 -5.04
N PHE A 37 -5.99 -7.89 -4.05
CA PHE A 37 -6.19 -6.45 -4.19
C PHE A 37 -5.36 -5.69 -3.16
N CYS A 38 -4.94 -4.48 -3.53
CA CYS A 38 -4.13 -3.66 -2.64
C CYS A 38 -5.02 -2.73 -1.82
N LEU A 39 -4.63 -2.49 -0.57
CA LEU A 39 -5.39 -1.62 0.31
C LEU A 39 -4.47 -0.65 1.06
N LEU A 40 -4.55 0.62 0.69
CA LEU A 40 -3.72 1.64 1.32
C LEU A 40 -4.46 2.31 2.48
N GLU A 41 -3.90 2.20 3.68
CA GLU A 41 -4.52 2.80 4.86
C GLU A 41 -3.54 3.75 5.56
N LEU A 42 -3.95 5.01 5.67
CA LEU A 42 -3.12 6.02 6.32
C LEU A 42 -3.98 7.05 7.05
N GLY A 43 -3.70 7.23 8.34
CA GLY A 43 -4.45 8.19 9.13
C GLY A 43 -5.95 7.93 9.07
N ASN A 44 -6.71 8.96 8.70
CA ASN A 44 -8.15 8.84 8.61
C ASN A 44 -8.59 8.46 7.19
N ASP A 45 -7.79 8.88 6.21
CA ASP A 45 -8.09 8.59 4.81
C ASP A 45 -7.53 7.23 4.41
N ARG A 46 -8.28 6.51 3.58
CA ARG A 46 -7.86 5.19 3.13
C ARG A 46 -8.52 4.85 1.78
N LEU A 47 -7.74 4.28 0.87
CA LEU A 47 -8.24 3.89 -0.43
C LEU A 47 -7.67 2.55 -0.88
N GLN A 48 -8.41 1.83 -1.71
CA GLN A 48 -7.96 0.54 -2.20
C GLN A 48 -8.05 0.48 -3.73
N THR A 49 -7.49 -0.58 -4.30
CA THR A 49 -7.50 -0.75 -5.75
C THR A 49 -8.59 -1.73 -6.18
N HIS A 50 -8.95 -1.68 -7.46
CA HIS A 50 -9.97 -2.57 -8.00
C HIS A 50 -9.52 -4.03 -7.93
N THR A 51 -10.47 -4.91 -7.61
CA THR A 51 -10.16 -6.34 -7.51
C THR A 51 -10.30 -7.02 -8.87
N VAL A 52 -9.18 -7.48 -9.40
CA VAL A 52 -9.17 -8.17 -10.69
C VAL A 52 -9.22 -9.68 -10.52
N TYR A 53 -10.14 -10.32 -11.23
CA TYR A 53 -10.27 -11.77 -11.15
C TYR A 53 -9.73 -12.44 -12.40
N LYS A 54 -9.49 -13.74 -12.32
CA LYS A 54 -8.97 -14.50 -13.44
C LYS A 54 -7.64 -13.94 -13.92
N ASN A 55 -6.78 -13.60 -12.96
CA ASN A 55 -5.47 -13.04 -13.28
C ASN A 55 -4.53 -13.15 -12.08
N LEU A 56 -3.32 -13.65 -12.31
CA LEU A 56 -2.33 -13.79 -11.25
C LEU A 56 -1.56 -12.49 -11.04
N ASN A 57 -1.31 -11.78 -12.14
CA ASN A 57 -0.57 -10.52 -12.08
C ASN A 57 -1.48 -9.35 -12.47
N PRO A 58 -2.27 -8.87 -11.51
CA PRO A 58 -3.19 -7.75 -11.72
C PRO A 58 -2.45 -6.42 -11.93
N GLU A 59 -2.81 -5.70 -12.98
CA GLU A 59 -2.20 -4.42 -13.28
C GLU A 59 -3.05 -3.26 -12.77
N TRP A 60 -2.68 -2.71 -11.62
CA TRP A 60 -3.42 -1.61 -11.02
C TRP A 60 -2.95 -0.27 -11.60
N ASN A 61 -1.64 -0.13 -11.76
CA ASN A 61 -1.06 1.10 -12.29
C ASN A 61 -1.87 2.31 -11.86
N LYS A 62 -2.18 2.39 -10.58
CA LYS A 62 -2.96 3.49 -10.03
C LYS A 62 -2.22 4.17 -8.88
N VAL A 63 -2.23 5.49 -8.88
CA VAL A 63 -1.56 6.26 -7.83
C VAL A 63 -2.57 6.90 -6.89
N PHE A 64 -2.35 6.72 -5.59
CA PHE A 64 -3.24 7.29 -4.58
C PHE A 64 -2.49 8.24 -3.65
N THR A 65 -2.93 9.49 -3.61
CA THR A 65 -2.31 10.50 -2.77
C THR A 65 -3.08 10.69 -1.47
N PHE A 66 -2.35 10.89 -0.37
CA PHE A 66 -2.96 11.09 0.93
C PHE A 66 -2.24 12.18 1.72
N PRO A 67 -3.02 12.97 2.47
CA PRO A 67 -2.46 14.06 3.29
C PRO A 67 -1.65 13.55 4.48
N ILE A 68 -0.48 14.14 4.67
CA ILE A 68 0.39 13.75 5.78
C ILE A 68 0.07 14.53 7.05
N LYS A 69 -0.53 13.85 8.02
CA LYS A 69 -0.89 14.49 9.28
C LYS A 69 0.31 14.52 10.23
N ASP A 70 1.05 13.43 10.28
CA ASP A 70 2.23 13.35 11.13
C ASP A 70 3.40 12.72 10.40
N ILE A 71 4.55 13.40 10.41
CA ILE A 71 5.73 12.90 9.74
C ILE A 71 6.18 11.56 10.31
N HIS A 72 5.75 11.29 11.54
CA HIS A 72 6.10 10.04 12.21
C HIS A 72 5.11 8.94 11.86
N ASP A 73 4.43 9.11 10.73
CA ASP A 73 3.44 8.13 10.28
C ASP A 73 4.07 7.13 9.32
N VAL A 74 3.52 5.92 9.28
CA VAL A 74 4.02 4.88 8.40
C VAL A 74 2.89 4.23 7.61
N LEU A 75 3.13 4.02 6.32
CA LEU A 75 2.14 3.41 5.45
C LEU A 75 2.25 1.89 5.46
N GLU A 76 1.11 1.21 5.49
CA GLU A 76 1.08 -0.24 5.50
C GLU A 76 0.26 -0.79 4.35
N VAL A 77 0.95 -1.18 3.27
CA VAL A 77 0.27 -1.73 2.10
C VAL A 77 0.13 -3.24 2.19
N THR A 78 -1.06 -3.69 2.58
CA THR A 78 -1.34 -5.11 2.71
C THR A 78 -2.24 -5.60 1.59
N VAL A 79 -1.81 -6.66 0.91
CA VAL A 79 -2.58 -7.23 -0.19
C VAL A 79 -3.42 -8.42 0.29
N PHE A 80 -4.73 -8.28 0.20
CA PHE A 80 -5.65 -9.35 0.62
C PHE A 80 -6.14 -10.14 -0.59
N ASP A 81 -6.74 -11.29 -0.32
CA ASP A 81 -7.26 -12.15 -1.38
C ASP A 81 -8.76 -12.41 -1.18
N GLU A 82 -9.58 -11.73 -1.97
CA GLU A 82 -11.03 -11.88 -1.88
C GLU A 82 -11.47 -13.22 -2.45
N ASP A 83 -12.32 -13.93 -1.72
CA ASP A 83 -12.83 -15.22 -2.16
C ASP A 83 -14.35 -15.24 -2.20
N GLY A 84 -14.92 -14.71 -3.28
CA GLY A 84 -16.36 -14.67 -3.42
C GLY A 84 -17.05 -14.16 -2.17
N ASP A 85 -17.79 -15.03 -1.50
CA ASP A 85 -18.50 -14.66 -0.28
C ASP A 85 -17.59 -14.77 0.94
N LYS A 86 -16.64 -15.71 0.88
CA LYS A 86 -15.71 -15.92 1.97
C LYS A 86 -14.87 -14.67 2.22
N PRO A 87 -14.36 -14.53 3.46
CA PRO A 87 -13.54 -13.38 3.85
C PRO A 87 -12.16 -13.42 3.18
N PRO A 88 -11.45 -12.28 3.24
CA PRO A 88 -10.13 -12.14 2.66
C PRO A 88 -9.07 -12.94 3.40
N ASP A 89 -7.93 -13.17 2.76
CA ASP A 89 -6.85 -13.93 3.37
C ASP A 89 -5.55 -13.13 3.35
N PHE A 90 -4.75 -13.28 4.40
CA PHE A 90 -3.47 -12.57 4.50
C PHE A 90 -2.42 -13.23 3.62
N LEU A 91 -1.88 -12.46 2.67
CA LEU A 91 -0.87 -12.96 1.77
C LEU A 91 0.52 -12.38 2.11
N GLY A 92 0.58 -11.06 2.18
CA GLY A 92 1.83 -10.39 2.51
C GLY A 92 1.64 -8.92 2.83
N LYS A 93 2.57 -8.38 3.61
CA LYS A 93 2.50 -6.97 4.01
C LYS A 93 3.88 -6.31 3.92
N VAL A 94 3.90 -5.01 3.68
CA VAL A 94 5.15 -4.26 3.58
C VAL A 94 5.08 -2.95 4.36
N ALA A 95 6.00 -2.78 5.29
CA ALA A 95 6.05 -1.56 6.10
C ALA A 95 7.16 -0.63 5.64
N ILE A 96 6.80 0.61 5.33
CA ILE A 96 7.76 1.59 4.87
C ILE A 96 7.43 2.98 5.41
N PRO A 97 8.31 3.51 6.28
CA PRO A 97 8.13 4.82 6.89
C PRO A 97 8.31 5.96 5.87
N LEU A 98 7.55 7.04 6.06
CA LEU A 98 7.62 8.18 5.17
C LEU A 98 9.04 8.74 5.12
N LEU A 99 9.72 8.73 6.26
CA LEU A 99 11.09 9.23 6.33
C LEU A 99 12.00 8.50 5.34
N SER A 100 11.84 7.18 5.26
CA SER A 100 12.65 6.37 4.36
C SER A 100 12.65 6.96 2.95
N ILE A 101 11.46 7.33 2.47
CA ILE A 101 11.32 7.92 1.15
C ILE A 101 12.35 9.02 0.91
N ARG A 102 13.30 8.75 0.02
CA ARG A 102 14.35 9.72 -0.30
C ARG A 102 14.37 10.04 -1.79
N ASP A 103 13.67 9.21 -2.57
CA ASP A 103 13.61 9.42 -4.02
C ASP A 103 12.34 8.79 -4.59
N GLY A 104 12.21 8.84 -5.91
CA GLY A 104 11.05 8.28 -6.56
C GLY A 104 11.40 7.22 -7.60
N GLN A 105 12.20 6.25 -7.19
CA GLN A 105 12.62 5.17 -8.09
C GLN A 105 11.86 3.88 -7.79
N PRO A 106 11.69 3.05 -8.83
CA PRO A 106 10.99 1.77 -8.71
C PRO A 106 11.77 0.75 -7.88
N ASN A 107 11.50 0.72 -6.58
CA ASN A 107 12.18 -0.21 -5.69
C ASN A 107 11.29 -1.41 -5.37
N CYS A 108 11.80 -2.61 -5.64
CA CYS A 108 11.05 -3.83 -5.39
C CYS A 108 11.13 -4.22 -3.92
N TYR A 109 9.98 -4.19 -3.24
CA TYR A 109 9.93 -4.53 -1.83
C TYR A 109 9.46 -5.97 -1.64
N VAL A 110 10.34 -6.79 -1.06
CA VAL A 110 10.02 -8.20 -0.81
C VAL A 110 8.89 -8.34 0.21
N LEU A 111 7.77 -8.88 -0.23
CA LEU A 111 6.61 -9.08 0.63
C LEU A 111 7.03 -9.77 1.93
N LYS A 112 6.28 -9.52 3.00
CA LYS A 112 6.56 -10.13 4.30
C LYS A 112 5.29 -10.71 4.91
N ASN A 113 5.45 -11.47 5.99
CA ASN A 113 4.33 -12.09 6.66
C ASN A 113 4.41 -11.85 8.17
N LYS A 114 3.39 -12.33 8.89
CA LYS A 114 3.34 -12.17 10.34
C LYS A 114 4.74 -12.23 10.94
N ASP A 115 5.60 -13.05 10.34
CA ASP A 115 6.97 -13.20 10.81
C ASP A 115 7.94 -12.48 9.88
N LEU A 116 7.84 -11.15 9.85
CA LEU A 116 8.72 -10.34 9.01
C LEU A 116 10.11 -10.97 8.90
N GLU A 117 10.55 -11.60 9.99
CA GLU A 117 11.86 -12.24 10.02
C GLU A 117 12.13 -13.00 8.73
N GLN A 118 11.19 -13.87 8.35
CA GLN A 118 11.32 -14.66 7.13
C GLN A 118 10.51 -14.04 5.99
N ALA A 119 11.22 -13.49 5.01
CA ALA A 119 10.57 -12.87 3.86
C ALA A 119 9.52 -13.79 3.26
N PHE A 120 8.50 -13.19 2.65
CA PHE A 120 7.43 -13.97 2.04
C PHE A 120 7.81 -14.42 0.63
N LYS A 121 6.98 -15.27 0.04
CA LYS A 121 7.24 -15.78 -1.31
C LYS A 121 6.72 -14.80 -2.36
N GLY A 122 7.65 -14.18 -3.09
CA GLY A 122 7.26 -13.23 -4.12
C GLY A 122 7.72 -11.82 -3.80
N VAL A 123 7.45 -10.90 -4.72
CA VAL A 123 7.84 -9.50 -4.55
C VAL A 123 6.75 -8.56 -5.05
N ILE A 124 6.87 -7.29 -4.70
CA ILE A 124 5.90 -6.28 -5.11
C ILE A 124 6.57 -4.94 -5.39
N TYR A 125 6.07 -4.24 -6.39
CA TYR A 125 6.63 -2.93 -6.77
C TYR A 125 5.78 -1.80 -6.19
N LEU A 126 6.46 -0.77 -5.68
CA LEU A 126 5.78 0.38 -5.09
C LEU A 126 6.61 1.64 -5.26
N GLU A 127 6.07 2.61 -5.99
CA GLU A 127 6.76 3.88 -6.22
C GLU A 127 6.07 5.02 -5.49
N MET A 128 6.64 5.41 -4.35
CA MET A 128 6.07 6.49 -3.55
C MET A 128 6.87 7.78 -3.74
N ASP A 129 6.44 8.85 -3.08
CA ASP A 129 7.11 10.13 -3.17
C ASP A 129 6.73 11.03 -2.00
N LEU A 130 7.73 11.61 -1.35
CA LEU A 130 7.49 12.50 -0.21
C LEU A 130 7.43 13.95 -0.66
N ILE A 131 6.31 14.62 -0.36
CA ILE A 131 6.13 16.01 -0.73
C ILE A 131 5.98 16.89 0.51
N TYR A 132 6.73 17.99 0.54
CA TYR A 132 6.69 18.91 1.67
C TYR A 132 5.90 20.17 1.31
N ASN A 133 4.86 20.46 2.08
CA ASN A 133 4.03 21.63 1.85
C ASN A 133 4.59 22.85 2.57
N GLY A 1 -8.34 27.51 27.12
CA GLY A 1 -9.78 27.55 27.18
C GLY A 1 -10.38 28.65 26.34
N SER A 2 -10.54 28.38 25.05
CA SER A 2 -11.10 29.36 24.12
C SER A 2 -12.54 29.01 23.77
N SER A 3 -13.33 30.04 23.46
CA SER A 3 -14.74 29.85 23.11
C SER A 3 -14.88 29.44 21.64
N GLY A 4 -13.99 28.57 21.18
CA GLY A 4 -14.03 28.13 19.81
C GLY A 4 -12.74 28.39 19.06
N SER A 5 -12.02 27.34 18.71
CA SER A 5 -10.76 27.47 18.00
C SER A 5 -10.96 28.22 16.68
N SER A 6 -10.20 29.29 16.49
CA SER A 6 -10.29 30.09 15.28
C SER A 6 -9.12 29.81 14.35
N GLY A 7 -8.71 28.55 14.30
CA GLY A 7 -7.59 28.17 13.44
C GLY A 7 -7.74 26.77 12.89
N ASP A 8 -6.78 26.35 12.07
CA ASP A 8 -6.82 25.03 11.46
C ASP A 8 -5.43 24.39 11.49
N VAL A 9 -5.37 23.10 11.80
CA VAL A 9 -4.12 22.38 11.85
C VAL A 9 -3.44 22.34 10.49
N LYS A 10 -2.15 22.61 10.45
CA LYS A 10 -1.38 22.59 9.21
C LYS A 10 -0.67 21.26 9.01
N ASP A 11 -0.92 20.63 7.87
CA ASP A 11 -0.30 19.34 7.56
C ASP A 11 1.22 19.48 7.46
N VAL A 12 1.90 18.37 7.23
CA VAL A 12 3.34 18.36 7.10
C VAL A 12 3.78 18.14 5.66
N GLY A 13 2.90 17.55 4.87
CA GLY A 13 3.20 17.29 3.47
C GLY A 13 2.17 16.40 2.81
N ILE A 14 2.42 16.07 1.54
CA ILE A 14 1.50 15.21 0.79
C ILE A 14 2.22 13.98 0.26
N LEU A 15 1.75 12.81 0.68
CA LEU A 15 2.35 11.55 0.23
C LEU A 15 1.71 11.06 -1.05
N GLN A 16 2.53 10.87 -2.09
CA GLN A 16 2.03 10.41 -3.38
C GLN A 16 2.41 8.94 -3.61
N VAL A 17 1.42 8.06 -3.53
CA VAL A 17 1.65 6.64 -3.74
C VAL A 17 1.17 6.20 -5.12
N LYS A 18 1.90 5.28 -5.72
CA LYS A 18 1.56 4.77 -7.05
C LYS A 18 1.75 3.25 -7.11
N VAL A 19 0.65 2.52 -7.14
CA VAL A 19 0.70 1.06 -7.22
C VAL A 19 0.87 0.59 -8.65
N LEU A 20 2.10 0.26 -9.03
CA LEU A 20 2.40 -0.21 -10.37
C LEU A 20 1.79 -1.58 -10.62
N LYS A 21 2.28 -2.59 -9.90
CA LYS A 21 1.78 -3.95 -10.04
C LYS A 21 2.45 -4.88 -9.02
N ALA A 22 1.93 -6.09 -8.93
CA ALA A 22 2.48 -7.09 -8.01
C ALA A 22 2.85 -8.38 -8.73
N ALA A 23 3.97 -8.97 -8.34
CA ALA A 23 4.44 -10.20 -8.95
C ALA A 23 4.64 -11.29 -7.91
N ASP A 24 4.80 -12.53 -8.36
CA ASP A 24 5.00 -13.66 -7.46
C ASP A 24 3.94 -13.68 -6.36
N LEU A 25 2.68 -13.51 -6.77
CA LEU A 25 1.58 -13.51 -5.81
C LEU A 25 1.06 -14.92 -5.58
N LEU A 26 1.33 -15.46 -4.40
CA LEU A 26 0.89 -16.80 -4.05
C LEU A 26 -0.48 -17.10 -4.65
N ALA A 27 -0.66 -18.33 -5.12
CA ALA A 27 -1.93 -18.74 -5.72
C ALA A 27 -2.86 -19.32 -4.67
N ALA A 28 -3.97 -18.63 -4.42
CA ALA A 28 -4.94 -19.08 -3.44
C ALA A 28 -5.75 -20.26 -3.97
N ASP A 29 -6.24 -20.13 -5.19
CA ASP A 29 -7.02 -21.20 -5.81
C ASP A 29 -6.11 -22.22 -6.48
N PHE A 30 -6.48 -23.49 -6.36
CA PHE A 30 -5.70 -24.57 -6.96
C PHE A 30 -5.53 -24.36 -8.46
N SER A 31 -6.63 -24.02 -9.13
CA SER A 31 -6.60 -23.80 -10.58
C SER A 31 -5.31 -23.09 -10.99
N GLY A 32 -4.96 -22.04 -10.25
CA GLY A 32 -3.75 -21.30 -10.56
C GLY A 32 -4.00 -19.82 -10.75
N LYS A 33 -5.10 -19.33 -10.17
CA LYS A 33 -5.46 -17.93 -10.28
C LYS A 33 -5.96 -17.39 -8.94
N SER A 34 -6.13 -16.08 -8.86
CA SER A 34 -6.60 -15.44 -7.64
C SER A 34 -7.09 -14.03 -7.91
N ASP A 35 -7.74 -13.42 -6.92
CA ASP A 35 -8.25 -12.06 -7.06
C ASP A 35 -7.69 -11.16 -5.97
N PRO A 36 -6.35 -11.12 -5.86
CA PRO A 36 -5.67 -10.29 -4.86
C PRO A 36 -5.78 -8.80 -5.16
N PHE A 37 -5.91 -8.00 -4.11
CA PHE A 37 -6.03 -6.56 -4.26
C PHE A 37 -5.20 -5.83 -3.20
N CYS A 38 -4.65 -4.68 -3.57
CA CYS A 38 -3.83 -3.89 -2.67
C CYS A 38 -4.69 -2.89 -1.89
N LEU A 39 -4.35 -2.70 -0.62
CA LEU A 39 -5.09 -1.78 0.24
C LEU A 39 -4.15 -0.84 0.97
N LEU A 40 -4.25 0.46 0.66
CA LEU A 40 -3.40 1.45 1.29
C LEU A 40 -4.12 2.11 2.46
N GLU A 41 -3.45 2.14 3.61
CA GLU A 41 -4.03 2.74 4.81
C GLU A 41 -3.01 3.64 5.51
N LEU A 42 -3.35 4.92 5.63
CA LEU A 42 -2.47 5.89 6.28
C LEU A 42 -3.28 6.96 7.00
N GLY A 43 -2.95 7.20 8.26
CA GLY A 43 -3.65 8.21 9.03
C GLY A 43 -5.12 7.88 9.20
N ASN A 44 -5.98 8.65 8.53
CA ASN A 44 -7.42 8.44 8.62
C ASN A 44 -7.99 8.07 7.25
N ASP A 45 -7.34 8.54 6.20
CA ASP A 45 -7.79 8.27 4.84
C ASP A 45 -7.23 6.94 4.34
N ARG A 46 -8.09 6.15 3.71
CA ARG A 46 -7.68 4.85 3.18
C ARG A 46 -8.39 4.55 1.86
N LEU A 47 -7.68 3.87 0.97
CA LEU A 47 -8.24 3.52 -0.34
C LEU A 47 -7.64 2.22 -0.85
N GLN A 48 -8.37 1.55 -1.74
CA GLN A 48 -7.91 0.29 -2.31
C GLN A 48 -7.95 0.33 -3.84
N THR A 49 -7.33 -0.66 -4.47
CA THR A 49 -7.30 -0.74 -5.92
C THR A 49 -8.37 -1.68 -6.44
N HIS A 50 -8.58 -1.67 -7.76
CA HIS A 50 -9.58 -2.53 -8.39
C HIS A 50 -9.18 -4.00 -8.28
N THR A 51 -10.14 -4.85 -7.91
CA THR A 51 -9.89 -6.27 -7.77
C THR A 51 -9.96 -6.98 -9.11
N VAL A 52 -8.83 -7.48 -9.58
CA VAL A 52 -8.76 -8.17 -10.86
C VAL A 52 -8.91 -9.69 -10.67
N TYR A 53 -9.85 -10.28 -11.39
CA TYR A 53 -10.09 -11.71 -11.29
C TYR A 53 -9.53 -12.44 -12.51
N LYS A 54 -9.29 -13.73 -12.36
CA LYS A 54 -8.76 -14.55 -13.45
C LYS A 54 -7.39 -14.04 -13.90
N ASN A 55 -6.62 -13.53 -12.94
CA ASN A 55 -5.29 -13.02 -13.23
C ASN A 55 -4.38 -13.13 -12.01
N LEU A 56 -3.15 -13.59 -12.22
CA LEU A 56 -2.19 -13.74 -11.13
C LEU A 56 -1.36 -12.48 -10.97
N ASN A 57 -1.15 -11.76 -12.07
CA ASN A 57 -0.38 -10.53 -12.04
C ASN A 57 -1.19 -9.36 -12.57
N PRO A 58 -2.02 -8.76 -11.69
CA PRO A 58 -2.86 -7.62 -12.05
C PRO A 58 -2.05 -6.35 -12.30
N GLU A 59 -2.57 -5.48 -13.16
CA GLU A 59 -1.90 -4.23 -13.48
C GLU A 59 -2.70 -3.04 -12.97
N TRP A 60 -2.58 -2.75 -11.68
CA TRP A 60 -3.29 -1.63 -11.07
C TRP A 60 -2.79 -0.31 -11.63
N ASN A 61 -1.47 -0.14 -11.66
CA ASN A 61 -0.87 1.08 -12.17
C ASN A 61 -1.73 2.30 -11.82
N LYS A 62 -2.20 2.35 -10.58
CA LYS A 62 -3.04 3.45 -10.12
C LYS A 62 -2.25 4.37 -9.20
N VAL A 63 -2.78 5.58 -8.98
CA VAL A 63 -2.13 6.55 -8.11
C VAL A 63 -3.08 7.00 -7.00
N PHE A 64 -2.58 7.00 -5.77
CA PHE A 64 -3.37 7.41 -4.62
C PHE A 64 -2.57 8.35 -3.72
N THR A 65 -3.09 9.54 -3.49
CA THR A 65 -2.43 10.53 -2.64
C THR A 65 -3.14 10.66 -1.30
N PHE A 66 -2.37 10.87 -0.24
CA PHE A 66 -2.91 11.03 1.09
C PHE A 66 -2.19 12.13 1.86
N PRO A 67 -2.97 12.98 2.55
CA PRO A 67 -2.42 14.09 3.34
C PRO A 67 -1.69 13.61 4.59
N ILE A 68 -0.40 13.93 4.67
CA ILE A 68 0.41 13.52 5.81
C ILE A 68 0.01 14.29 7.07
N LYS A 69 -0.35 13.55 8.11
CA LYS A 69 -0.76 14.15 9.37
C LYS A 69 0.41 14.19 10.35
N ASP A 70 1.19 13.12 10.37
CA ASP A 70 2.36 13.04 11.26
C ASP A 70 3.57 12.50 10.52
N ILE A 71 4.59 13.34 10.37
CA ILE A 71 5.81 12.94 9.69
C ILE A 71 6.33 11.60 10.21
N HIS A 72 5.98 11.28 11.46
CA HIS A 72 6.41 10.03 12.08
C HIS A 72 5.45 8.90 11.72
N ASP A 73 4.72 9.07 10.62
CA ASP A 73 3.77 8.06 10.17
C ASP A 73 4.44 7.08 9.21
N VAL A 74 3.88 5.88 9.13
CA VAL A 74 4.42 4.84 8.26
C VAL A 74 3.33 4.24 7.37
N LEU A 75 3.68 3.93 6.13
CA LEU A 75 2.74 3.35 5.18
C LEU A 75 2.76 1.83 5.25
N GLU A 76 1.58 1.22 5.23
CA GLU A 76 1.47 -0.23 5.30
C GLU A 76 0.49 -0.74 4.24
N VAL A 77 1.02 -1.38 3.20
CA VAL A 77 0.20 -1.92 2.13
C VAL A 77 0.08 -3.44 2.22
N THR A 78 -1.05 -3.91 2.74
CA THR A 78 -1.29 -5.34 2.89
C THR A 78 -2.12 -5.88 1.74
N VAL A 79 -1.62 -6.94 1.10
CA VAL A 79 -2.32 -7.56 -0.02
C VAL A 79 -3.27 -8.65 0.47
N PHE A 80 -4.55 -8.48 0.19
CA PHE A 80 -5.56 -9.45 0.59
C PHE A 80 -6.10 -10.21 -0.61
N ASP A 81 -6.87 -11.26 -0.35
CA ASP A 81 -7.46 -12.06 -1.43
C ASP A 81 -8.95 -12.26 -1.20
N GLU A 82 -9.76 -11.45 -1.89
CA GLU A 82 -11.21 -11.54 -1.76
C GLU A 82 -11.72 -12.87 -2.28
N ASP A 83 -12.15 -13.74 -1.37
CA ASP A 83 -12.66 -15.05 -1.73
C ASP A 83 -14.19 -15.07 -1.66
N GLY A 84 -14.84 -14.60 -2.73
CA GLY A 84 -16.29 -14.58 -2.77
C GLY A 84 -16.89 -14.10 -1.47
N ASP A 85 -18.07 -14.61 -1.14
CA ASP A 85 -18.76 -14.23 0.09
C ASP A 85 -17.81 -14.30 1.29
N LYS A 86 -16.97 -15.32 1.30
CA LYS A 86 -16.01 -15.51 2.39
C LYS A 86 -15.09 -14.30 2.51
N PRO A 87 -14.58 -14.07 3.73
CA PRO A 87 -13.67 -12.95 4.01
C PRO A 87 -12.30 -13.14 3.36
N PRO A 88 -11.55 -12.03 3.25
CA PRO A 88 -10.21 -12.05 2.65
C PRO A 88 -9.20 -12.77 3.53
N ASP A 89 -8.15 -13.31 2.89
CA ASP A 89 -7.11 -14.02 3.62
C ASP A 89 -5.77 -13.32 3.47
N PHE A 90 -5.11 -13.06 4.59
CA PHE A 90 -3.82 -12.39 4.58
C PHE A 90 -2.85 -13.09 3.65
N LEU A 91 -2.17 -12.31 2.82
CA LEU A 91 -1.21 -12.86 1.86
C LEU A 91 0.19 -12.25 2.08
N GLY A 92 0.30 -10.95 1.83
CA GLY A 92 1.57 -10.28 2.00
C GLY A 92 1.42 -8.91 2.63
N LYS A 93 2.53 -8.36 3.13
CA LYS A 93 2.51 -7.04 3.75
C LYS A 93 3.87 -6.36 3.61
N VAL A 94 3.85 -5.02 3.55
CA VAL A 94 5.08 -4.25 3.41
C VAL A 94 5.01 -2.97 4.24
N ALA A 95 6.00 -2.79 5.12
CA ALA A 95 6.06 -1.61 5.97
C ALA A 95 7.28 -0.75 5.63
N ILE A 96 7.02 0.50 5.26
CA ILE A 96 8.10 1.42 4.92
C ILE A 96 7.80 2.83 5.41
N PRO A 97 8.62 3.32 6.34
CA PRO A 97 8.47 4.66 6.92
C PRO A 97 8.79 5.76 5.91
N LEU A 98 8.02 6.85 5.97
CA LEU A 98 8.22 7.97 5.07
C LEU A 98 9.65 8.48 5.12
N LEU A 99 10.19 8.57 6.34
CA LEU A 99 11.56 9.03 6.53
C LEU A 99 12.53 8.28 5.63
N SER A 100 12.33 6.96 5.53
CA SER A 100 13.19 6.12 4.69
C SER A 100 13.13 6.58 3.24
N ILE A 101 11.96 7.02 2.80
CA ILE A 101 11.78 7.48 1.43
C ILE A 101 12.66 8.69 1.13
N ARG A 102 13.80 8.43 0.50
CA ARG A 102 14.73 9.50 0.16
C ARG A 102 14.80 9.70 -1.36
N ASP A 103 14.29 8.72 -2.10
CA ASP A 103 14.30 8.78 -3.56
C ASP A 103 12.93 8.39 -4.12
N GLY A 104 12.66 8.83 -5.35
CA GLY A 104 11.40 8.51 -5.98
C GLY A 104 11.54 7.51 -7.10
N GLN A 105 12.34 6.47 -6.86
CA GLN A 105 12.56 5.43 -7.85
C GLN A 105 11.76 4.18 -7.52
N PRO A 106 11.30 3.47 -8.56
CA PRO A 106 10.52 2.24 -8.41
C PRO A 106 11.35 1.08 -7.87
N ASN A 107 11.41 0.96 -6.55
CA ASN A 107 12.18 -0.11 -5.92
C ASN A 107 11.28 -1.26 -5.49
N CYS A 108 11.58 -2.46 -5.96
CA CYS A 108 10.80 -3.64 -5.63
C CYS A 108 10.89 -3.95 -4.14
N TYR A 109 9.75 -4.05 -3.48
CA TYR A 109 9.70 -4.34 -2.05
C TYR A 109 9.28 -5.78 -1.81
N VAL A 110 9.94 -6.43 -0.85
CA VAL A 110 9.63 -7.81 -0.52
C VAL A 110 8.33 -7.91 0.28
N LEU A 111 7.48 -8.86 -0.11
CA LEU A 111 6.20 -9.05 0.57
C LEU A 111 6.37 -9.93 1.80
N LYS A 112 6.57 -9.30 2.95
CA LYS A 112 6.74 -10.03 4.21
C LYS A 112 5.39 -10.46 4.77
N ASN A 113 5.43 -11.34 5.76
CA ASN A 113 4.20 -11.84 6.40
C ASN A 113 4.19 -11.49 7.88
N LYS A 114 3.12 -11.90 8.56
CA LYS A 114 2.97 -11.64 9.99
C LYS A 114 4.32 -11.70 10.70
N ASP A 115 5.21 -12.55 10.19
CA ASP A 115 6.53 -12.71 10.77
C ASP A 115 7.60 -12.05 9.88
N LEU A 116 7.54 -10.72 9.79
CA LEU A 116 8.49 -9.96 8.98
C LEU A 116 9.86 -10.65 8.97
N GLU A 117 10.22 -11.25 10.11
CA GLU A 117 11.50 -11.93 10.23
C GLU A 117 11.80 -12.76 8.98
N GLN A 118 10.82 -13.57 8.56
CA GLN A 118 10.98 -14.41 7.38
C GLN A 118 10.13 -13.89 6.23
N ALA A 119 10.78 -13.55 5.13
CA ALA A 119 10.09 -13.04 3.95
C ALA A 119 9.06 -14.04 3.45
N PHE A 120 7.97 -13.54 2.87
CA PHE A 120 6.91 -14.38 2.34
C PHE A 120 7.02 -14.52 0.83
N LYS A 121 7.10 -15.77 0.36
CA LYS A 121 7.21 -16.04 -1.06
C LYS A 121 6.37 -15.05 -1.87
N GLY A 122 7.04 -14.09 -2.51
CA GLY A 122 6.35 -13.10 -3.30
C GLY A 122 6.93 -11.72 -3.14
N VAL A 123 6.65 -10.84 -4.11
CA VAL A 123 7.15 -9.47 -4.06
C VAL A 123 6.14 -8.50 -4.66
N ILE A 124 6.40 -7.20 -4.48
CA ILE A 124 5.51 -6.17 -5.00
C ILE A 124 6.28 -4.90 -5.33
N TYR A 125 5.69 -4.06 -6.17
CA TYR A 125 6.32 -2.80 -6.57
C TYR A 125 5.47 -1.60 -6.15
N LEU A 126 6.07 -0.69 -5.39
CA LEU A 126 5.37 0.50 -4.94
C LEU A 126 6.27 1.74 -5.04
N GLU A 127 5.74 2.78 -5.68
CA GLU A 127 6.49 4.02 -5.86
C GLU A 127 5.82 5.18 -5.11
N MET A 128 6.48 5.65 -4.06
CA MET A 128 5.94 6.76 -3.26
C MET A 128 6.71 8.04 -3.54
N ASP A 129 6.13 9.18 -3.14
CA ASP A 129 6.76 10.47 -3.33
C ASP A 129 6.58 11.35 -2.10
N LEU A 130 7.69 11.93 -1.63
CA LEU A 130 7.65 12.80 -0.46
C LEU A 130 7.51 14.26 -0.87
N ILE A 131 6.36 14.84 -0.55
CA ILE A 131 6.10 16.24 -0.88
C ILE A 131 5.86 17.07 0.37
N TYR A 132 6.43 18.27 0.40
CA TYR A 132 6.28 19.15 1.55
C TYR A 132 5.36 20.32 1.21
N ASN A 133 4.35 20.55 2.05
CA ASN A 133 3.40 21.63 1.84
C ASN A 133 4.08 22.98 2.01
N GLY A 1 -5.71 43.70 4.59
CA GLY A 1 -5.21 42.37 4.91
C GLY A 1 -3.98 42.42 5.81
N SER A 2 -2.82 42.12 5.23
CA SER A 2 -1.58 42.13 5.99
C SER A 2 -1.77 41.47 7.37
N SER A 3 -2.39 40.30 7.37
CA SER A 3 -2.64 39.57 8.61
C SER A 3 -2.14 38.14 8.51
N GLY A 4 -1.65 37.61 9.63
CA GLY A 4 -1.13 36.25 9.64
C GLY A 4 -0.70 35.82 11.04
N SER A 5 -1.57 35.09 11.72
CA SER A 5 -1.28 34.61 13.06
C SER A 5 -1.66 33.14 13.22
N SER A 6 -0.99 32.46 14.14
CA SER A 6 -1.25 31.05 14.39
C SER A 6 -2.73 30.82 14.68
N GLY A 7 -3.36 29.95 13.87
CA GLY A 7 -4.77 29.67 14.06
C GLY A 7 -5.11 28.22 13.77
N ASP A 8 -4.93 27.82 12.51
CA ASP A 8 -5.21 26.45 12.10
C ASP A 8 -3.93 25.63 12.03
N VAL A 9 -4.07 24.32 12.23
CA VAL A 9 -2.92 23.42 12.18
C VAL A 9 -2.50 23.12 10.75
N LYS A 10 -1.19 23.10 10.52
CA LYS A 10 -0.65 22.82 9.19
C LYS A 10 -0.05 21.42 9.12
N ASP A 11 -0.16 20.79 7.95
CA ASP A 11 0.38 19.45 7.75
C ASP A 11 1.86 19.51 7.42
N VAL A 12 2.55 18.38 7.59
CA VAL A 12 3.98 18.29 7.32
C VAL A 12 4.23 18.14 5.82
N GLY A 13 3.32 17.48 5.13
CA GLY A 13 3.46 17.28 3.70
C GLY A 13 2.43 16.31 3.14
N ILE A 14 2.53 16.03 1.85
CA ILE A 14 1.60 15.11 1.20
C ILE A 14 2.32 13.87 0.68
N LEU A 15 1.68 12.72 0.81
CA LEU A 15 2.26 11.47 0.36
C LEU A 15 1.50 10.92 -0.85
N GLN A 16 2.18 10.86 -1.99
CA GLN A 16 1.57 10.36 -3.22
C GLN A 16 2.05 8.95 -3.53
N VAL A 17 1.14 7.99 -3.46
CA VAL A 17 1.49 6.60 -3.74
C VAL A 17 0.96 6.17 -5.11
N LYS A 18 1.71 5.30 -5.77
CA LYS A 18 1.32 4.80 -7.09
C LYS A 18 1.55 3.30 -7.20
N VAL A 19 0.45 2.54 -7.23
CA VAL A 19 0.53 1.09 -7.33
C VAL A 19 0.80 0.65 -8.77
N LEU A 20 2.02 0.20 -9.03
CA LEU A 20 2.41 -0.24 -10.36
C LEU A 20 1.88 -1.66 -10.63
N LYS A 21 2.42 -2.63 -9.91
CA LYS A 21 2.00 -4.01 -10.07
C LYS A 21 2.68 -4.91 -9.04
N ALA A 22 2.25 -6.17 -8.97
CA ALA A 22 2.82 -7.12 -8.03
C ALA A 22 3.21 -8.42 -8.73
N ALA A 23 4.36 -8.96 -8.35
CA ALA A 23 4.85 -10.20 -8.94
C ALA A 23 4.93 -11.32 -7.90
N ASP A 24 5.26 -12.52 -8.35
CA ASP A 24 5.38 -13.67 -7.46
C ASP A 24 4.26 -13.66 -6.42
N LEU A 25 3.03 -13.55 -6.89
CA LEU A 25 1.86 -13.53 -6.00
C LEU A 25 1.28 -14.93 -5.83
N LEU A 26 1.17 -15.37 -4.58
CA LEU A 26 0.61 -16.69 -4.28
C LEU A 26 -0.78 -16.85 -4.87
N ALA A 27 -1.13 -18.07 -5.23
CA ALA A 27 -2.44 -18.36 -5.81
C ALA A 27 -3.35 -19.02 -4.78
N ALA A 28 -4.26 -18.23 -4.20
CA ALA A 28 -5.20 -18.74 -3.21
C ALA A 28 -5.92 -19.98 -3.73
N ASP A 29 -6.26 -19.97 -5.01
CA ASP A 29 -6.96 -21.10 -5.63
C ASP A 29 -5.97 -22.16 -6.08
N PHE A 30 -6.50 -23.34 -6.43
CA PHE A 30 -5.65 -24.44 -6.89
C PHE A 30 -5.42 -24.37 -8.39
N SER A 31 -6.47 -23.99 -9.13
CA SER A 31 -6.39 -23.88 -10.58
C SER A 31 -5.07 -23.23 -11.00
N GLY A 32 -4.76 -22.09 -10.38
CA GLY A 32 -3.53 -21.39 -10.70
C GLY A 32 -3.75 -19.91 -10.93
N LYS A 33 -4.76 -19.35 -10.26
CA LYS A 33 -5.08 -17.94 -10.39
C LYS A 33 -5.37 -17.32 -9.03
N SER A 34 -5.66 -16.02 -9.03
CA SER A 34 -5.96 -15.30 -7.79
C SER A 34 -6.62 -13.96 -8.08
N ASP A 35 -7.51 -13.55 -7.20
CA ASP A 35 -8.22 -12.28 -7.36
C ASP A 35 -7.94 -11.35 -6.17
N PRO A 36 -6.65 -11.17 -5.85
CA PRO A 36 -6.23 -10.31 -4.75
C PRO A 36 -6.46 -8.83 -5.03
N PHE A 37 -6.14 -7.98 -4.07
CA PHE A 37 -6.32 -6.55 -4.21
C PHE A 37 -5.45 -5.78 -3.22
N CYS A 38 -4.88 -4.67 -3.67
CA CYS A 38 -4.02 -3.85 -2.82
C CYS A 38 -4.86 -2.88 -1.98
N LEU A 39 -4.61 -2.87 -0.68
CA LEU A 39 -5.34 -1.99 0.23
C LEU A 39 -4.38 -1.09 0.99
N LEU A 40 -4.36 0.19 0.63
CA LEU A 40 -3.48 1.15 1.28
C LEU A 40 -4.20 1.85 2.43
N GLU A 41 -3.51 2.00 3.56
CA GLU A 41 -4.09 2.65 4.73
C GLU A 41 -3.05 3.51 5.44
N LEU A 42 -3.35 4.80 5.55
CA LEU A 42 -2.44 5.74 6.21
C LEU A 42 -3.22 6.81 6.96
N GLY A 43 -2.66 7.26 8.09
CA GLY A 43 -3.32 8.29 8.88
C GLY A 43 -4.75 7.94 9.20
N ASN A 44 -5.69 8.58 8.51
CA ASN A 44 -7.11 8.33 8.73
C ASN A 44 -7.80 7.89 7.44
N ASP A 45 -7.25 8.35 6.30
CA ASP A 45 -7.82 8.00 5.01
C ASP A 45 -7.24 6.68 4.51
N ARG A 46 -8.02 5.98 3.69
CA ARG A 46 -7.59 4.70 3.15
C ARG A 46 -8.26 4.43 1.80
N LEU A 47 -7.51 3.81 0.89
CA LEU A 47 -8.03 3.50 -0.44
C LEU A 47 -7.47 2.18 -0.95
N GLN A 48 -8.22 1.52 -1.81
CA GLN A 48 -7.80 0.23 -2.36
C GLN A 48 -7.89 0.25 -3.89
N THR A 49 -7.37 -0.80 -4.52
CA THR A 49 -7.38 -0.91 -5.97
C THR A 49 -8.53 -1.79 -6.45
N HIS A 50 -8.65 -1.94 -7.77
CA HIS A 50 -9.70 -2.76 -8.35
C HIS A 50 -9.35 -4.25 -8.25
N THR A 51 -10.34 -5.06 -7.91
CA THR A 51 -10.13 -6.50 -7.78
C THR A 51 -10.19 -7.19 -9.14
N VAL A 52 -9.04 -7.64 -9.62
CA VAL A 52 -8.95 -8.32 -10.90
C VAL A 52 -9.06 -9.84 -10.74
N TYR A 53 -9.92 -10.45 -11.54
CA TYR A 53 -10.12 -11.89 -11.49
C TYR A 53 -9.50 -12.58 -12.70
N LYS A 54 -9.16 -13.85 -12.54
CA LYS A 54 -8.55 -14.63 -13.62
C LYS A 54 -7.23 -14.00 -14.06
N ASN A 55 -6.34 -13.78 -13.11
CA ASN A 55 -5.03 -13.20 -13.40
C ASN A 55 -4.14 -13.20 -12.16
N LEU A 56 -2.97 -13.82 -12.28
CA LEU A 56 -2.03 -13.89 -11.17
C LEU A 56 -1.28 -12.58 -11.00
N ASN A 57 -1.11 -11.85 -12.11
CA ASN A 57 -0.41 -10.57 -12.09
C ASN A 57 -1.37 -9.42 -12.37
N PRO A 58 -2.07 -8.97 -11.32
CA PRO A 58 -3.03 -7.87 -11.44
C PRO A 58 -2.36 -6.53 -11.68
N GLU A 59 -2.62 -5.94 -12.85
CA GLU A 59 -2.03 -4.66 -13.21
C GLU A 59 -2.99 -3.51 -12.88
N TRP A 60 -2.69 -2.80 -11.79
CA TRP A 60 -3.52 -1.68 -11.36
C TRP A 60 -3.04 -0.38 -11.99
N ASN A 61 -1.83 0.03 -11.62
CA ASN A 61 -1.25 1.27 -12.16
C ASN A 61 -2.09 2.48 -11.74
N LYS A 62 -2.60 2.46 -10.52
CA LYS A 62 -3.41 3.55 -10.00
C LYS A 62 -2.59 4.47 -9.12
N VAL A 63 -3.21 5.56 -8.66
CA VAL A 63 -2.54 6.52 -7.80
C VAL A 63 -3.43 6.93 -6.63
N PHE A 64 -2.82 7.17 -5.48
CA PHE A 64 -3.55 7.57 -4.29
C PHE A 64 -2.73 8.53 -3.44
N THR A 65 -3.28 9.71 -3.18
CA THR A 65 -2.60 10.73 -2.38
C THR A 65 -3.22 10.84 -1.00
N PHE A 66 -2.38 10.86 0.03
CA PHE A 66 -2.85 10.97 1.40
C PHE A 66 -2.07 12.04 2.16
N PRO A 67 -2.80 12.86 2.94
CA PRO A 67 -2.19 13.93 3.73
C PRO A 67 -1.36 13.41 4.90
N ILE A 68 -0.14 13.90 5.02
CA ILE A 68 0.75 13.48 6.09
C ILE A 68 0.55 14.33 7.35
N LYS A 69 -0.08 13.74 8.36
CA LYS A 69 -0.33 14.43 9.61
C LYS A 69 0.91 14.41 10.51
N ASP A 70 1.66 13.33 10.44
CA ASP A 70 2.87 13.20 11.24
C ASP A 70 3.97 12.48 10.44
N ILE A 71 5.06 13.19 10.18
CA ILE A 71 6.18 12.62 9.43
C ILE A 71 6.53 11.22 9.95
N HIS A 72 6.25 10.97 11.22
CA HIS A 72 6.53 9.68 11.84
C HIS A 72 5.65 8.60 11.23
N ASP A 73 4.40 8.93 10.96
CA ASP A 73 3.45 7.99 10.39
C ASP A 73 4.15 7.07 9.39
N VAL A 74 3.68 5.83 9.32
CA VAL A 74 4.26 4.84 8.40
C VAL A 74 3.19 4.24 7.49
N LEU A 75 3.52 4.10 6.21
CA LEU A 75 2.59 3.53 5.24
C LEU A 75 2.77 2.03 5.12
N GLU A 76 1.67 1.29 5.16
CA GLU A 76 1.72 -0.16 5.05
C GLU A 76 0.72 -0.66 4.01
N VAL A 77 1.24 -1.29 2.95
CA VAL A 77 0.39 -1.82 1.89
C VAL A 77 0.11 -3.30 2.10
N THR A 78 -1.11 -3.60 2.56
CA THR A 78 -1.52 -4.98 2.79
C THR A 78 -2.30 -5.55 1.62
N VAL A 79 -1.98 -6.78 1.24
CA VAL A 79 -2.67 -7.43 0.13
C VAL A 79 -3.58 -8.55 0.62
N PHE A 80 -4.86 -8.48 0.25
CA PHE A 80 -5.83 -9.48 0.65
C PHE A 80 -6.27 -10.32 -0.55
N ASP A 81 -7.10 -11.32 -0.28
CA ASP A 81 -7.60 -12.19 -1.34
C ASP A 81 -9.11 -12.41 -1.20
N GLU A 82 -9.88 -11.75 -2.06
CA GLU A 82 -11.33 -11.88 -2.03
C GLU A 82 -11.77 -13.24 -2.53
N ASP A 83 -12.25 -14.07 -1.62
CA ASP A 83 -12.71 -15.42 -1.97
C ASP A 83 -14.23 -15.50 -1.90
N GLY A 84 -14.89 -15.09 -2.98
CA GLY A 84 -16.35 -15.13 -3.02
C GLY A 84 -16.98 -14.78 -1.68
N ASP A 85 -18.05 -15.47 -1.34
CA ASP A 85 -18.74 -15.23 -0.08
C ASP A 85 -17.75 -15.17 1.09
N LYS A 86 -16.76 -16.05 1.06
CA LYS A 86 -15.75 -16.10 2.12
C LYS A 86 -15.01 -14.78 2.21
N PRO A 87 -14.65 -14.38 3.45
CA PRO A 87 -13.94 -13.13 3.70
C PRO A 87 -12.50 -13.18 3.20
N PRO A 88 -11.86 -12.00 3.11
CA PRO A 88 -10.48 -11.89 2.65
C PRO A 88 -9.48 -12.46 3.64
N ASP A 89 -8.37 -12.97 3.12
CA ASP A 89 -7.33 -13.55 3.97
C ASP A 89 -5.99 -12.86 3.74
N PHE A 90 -5.36 -12.41 4.82
CA PHE A 90 -4.07 -11.73 4.73
C PHE A 90 -3.06 -12.58 3.96
N LEU A 91 -2.31 -11.93 3.08
CA LEU A 91 -1.31 -12.62 2.27
C LEU A 91 0.08 -12.05 2.52
N GLY A 92 0.17 -10.72 2.58
CA GLY A 92 1.43 -10.07 2.82
C GLY A 92 1.30 -8.57 2.96
N LYS A 93 2.41 -7.91 3.28
CA LYS A 93 2.41 -6.45 3.45
C LYS A 93 3.83 -5.90 3.37
N VAL A 94 3.94 -4.58 3.26
CA VAL A 94 5.25 -3.93 3.18
C VAL A 94 5.27 -2.65 4.03
N ALA A 95 6.17 -2.60 5.00
CA ALA A 95 6.30 -1.44 5.87
C ALA A 95 7.37 -0.49 5.36
N ILE A 96 6.98 0.73 5.05
CA ILE A 96 7.92 1.74 4.55
C ILE A 96 7.62 3.11 5.15
N PRO A 97 8.49 3.54 6.07
CA PRO A 97 8.34 4.85 6.74
C PRO A 97 8.60 6.01 5.80
N LEU A 98 7.65 6.93 5.72
CA LEU A 98 7.77 8.10 4.85
C LEU A 98 9.22 8.59 4.81
N LEU A 99 9.94 8.39 5.91
CA LEU A 99 11.33 8.82 6.00
C LEU A 99 12.20 8.03 5.01
N SER A 100 12.18 6.71 5.14
CA SER A 100 12.97 5.85 4.26
C SER A 100 12.94 6.36 2.83
N ILE A 101 11.87 7.09 2.49
CA ILE A 101 11.72 7.64 1.15
C ILE A 101 12.77 8.72 0.87
N ARG A 102 13.69 8.41 -0.04
CA ARG A 102 14.74 9.36 -0.39
C ARG A 102 14.43 10.05 -1.73
N ASP A 103 14.40 9.27 -2.80
CA ASP A 103 14.12 9.79 -4.12
C ASP A 103 12.91 9.09 -4.74
N GLY A 104 12.56 9.50 -5.96
CA GLY A 104 11.42 8.90 -6.63
C GLY A 104 11.82 7.75 -7.52
N GLN A 105 12.63 6.84 -6.99
CA GLN A 105 13.09 5.68 -7.76
C GLN A 105 12.34 4.43 -7.35
N PRO A 106 12.08 3.55 -8.32
CA PRO A 106 11.37 2.29 -8.08
C PRO A 106 12.19 1.30 -7.27
N ASN A 107 11.85 1.15 -6.00
CA ASN A 107 12.56 0.23 -5.11
C ASN A 107 11.80 -1.08 -4.95
N CYS A 108 12.46 -2.19 -5.26
CA CYS A 108 11.84 -3.50 -5.16
C CYS A 108 11.64 -3.89 -3.69
N TYR A 109 10.39 -3.85 -3.25
CA TYR A 109 10.06 -4.19 -1.87
C TYR A 109 9.65 -5.66 -1.75
N VAL A 110 9.99 -6.27 -0.62
CA VAL A 110 9.65 -7.67 -0.37
C VAL A 110 8.31 -7.80 0.33
N LEU A 111 7.61 -8.89 0.05
CA LEU A 111 6.31 -9.14 0.66
C LEU A 111 6.39 -10.28 1.68
N LYS A 112 6.65 -9.93 2.94
CA LYS A 112 6.75 -10.92 4.00
C LYS A 112 5.53 -10.87 4.90
N ASN A 113 5.05 -12.04 5.31
CA ASN A 113 3.87 -12.13 6.18
C ASN A 113 4.11 -11.35 7.47
N LYS A 114 3.05 -11.21 8.27
CA LYS A 114 3.13 -10.48 9.54
C LYS A 114 4.48 -10.73 10.21
N ASP A 115 4.87 -11.99 10.31
CA ASP A 115 6.13 -12.36 10.92
C ASP A 115 7.24 -11.37 10.53
N LEU A 116 7.33 -11.09 9.23
CA LEU A 116 8.34 -10.18 8.72
C LEU A 116 9.74 -10.70 8.98
N GLU A 117 9.93 -12.01 8.75
CA GLU A 117 11.22 -12.64 8.97
C GLU A 117 11.73 -13.28 7.67
N GLN A 118 10.99 -14.24 7.16
CA GLN A 118 11.36 -14.94 5.94
C GLN A 118 10.31 -14.73 4.85
N ALA A 119 10.77 -14.64 3.61
CA ALA A 119 9.88 -14.44 2.47
C ALA A 119 8.77 -15.48 2.46
N PHE A 120 7.54 -15.04 2.20
CA PHE A 120 6.39 -15.93 2.17
C PHE A 120 5.85 -16.07 0.74
N LYS A 121 5.75 -14.94 0.05
CA LYS A 121 5.26 -14.94 -1.32
C LYS A 121 6.36 -14.53 -2.30
N GLY A 122 6.68 -13.23 -2.32
CA GLY A 122 7.71 -12.74 -3.21
C GLY A 122 8.04 -11.28 -2.96
N VAL A 123 7.84 -10.45 -3.98
CA VAL A 123 8.13 -9.02 -3.85
C VAL A 123 7.03 -8.19 -4.52
N ILE A 124 7.24 -6.87 -4.56
CA ILE A 124 6.26 -5.98 -5.17
C ILE A 124 6.91 -4.63 -5.53
N TYR A 125 6.53 -4.09 -6.67
CA TYR A 125 7.07 -2.82 -7.13
C TYR A 125 6.10 -1.68 -6.82
N LEU A 126 6.58 -0.70 -6.04
CA LEU A 126 5.76 0.45 -5.68
C LEU A 126 6.54 1.74 -5.84
N GLU A 127 5.85 2.79 -6.30
CA GLU A 127 6.48 4.09 -6.51
C GLU A 127 5.76 5.17 -5.72
N MET A 128 6.43 5.70 -4.70
CA MET A 128 5.85 6.74 -3.86
C MET A 128 6.59 8.07 -4.06
N ASP A 129 5.89 9.17 -3.77
CA ASP A 129 6.48 10.49 -3.92
C ASP A 129 6.29 11.32 -2.66
N LEU A 130 7.37 11.92 -2.18
CA LEU A 130 7.32 12.74 -0.97
C LEU A 130 7.10 14.21 -1.31
N ILE A 131 6.08 14.81 -0.71
CA ILE A 131 5.77 16.20 -0.94
C ILE A 131 5.75 16.99 0.36
N TYR A 132 6.52 18.08 0.39
CA TYR A 132 6.59 18.92 1.58
C TYR A 132 5.84 20.22 1.37
N ASN A 133 4.79 20.42 2.16
CA ASN A 133 3.98 21.64 2.06
C ASN A 133 4.83 22.88 2.26
N GLY A 1 -28.11 29.14 11.50
CA GLY A 1 -26.96 28.67 12.25
C GLY A 1 -25.68 29.40 11.88
N SER A 2 -25.33 30.40 12.67
CA SER A 2 -24.13 31.19 12.42
C SER A 2 -22.98 30.29 11.98
N SER A 3 -22.28 30.71 10.92
CA SER A 3 -21.16 29.95 10.40
C SER A 3 -20.20 29.53 11.52
N GLY A 4 -19.82 28.27 11.51
CA GLY A 4 -18.91 27.78 12.54
C GLY A 4 -17.63 27.19 11.96
N SER A 5 -16.70 28.06 11.60
CA SER A 5 -15.43 27.64 11.02
C SER A 5 -14.36 27.50 12.09
N SER A 6 -14.23 26.29 12.64
CA SER A 6 -13.24 26.03 13.68
C SER A 6 -11.83 26.32 13.18
N GLY A 7 -10.86 26.27 14.09
CA GLY A 7 -9.48 26.53 13.73
C GLY A 7 -8.99 25.62 12.61
N ASP A 8 -8.25 26.20 11.68
CA ASP A 8 -7.72 25.44 10.55
C ASP A 8 -6.55 24.57 10.98
N VAL A 9 -6.31 23.50 10.24
CA VAL A 9 -5.21 22.57 10.55
C VAL A 9 -4.02 22.81 9.63
N LYS A 10 -2.83 22.51 10.14
CA LYS A 10 -1.61 22.69 9.36
C LYS A 10 -1.08 21.35 8.85
N ASP A 11 -0.61 21.33 7.61
CA ASP A 11 -0.08 20.11 7.02
C ASP A 11 1.45 20.17 6.91
N VAL A 12 2.08 19.01 7.02
CA VAL A 12 3.54 18.93 6.94
C VAL A 12 3.99 18.54 5.53
N GLY A 13 3.15 17.79 4.83
CA GLY A 13 3.49 17.36 3.49
C GLY A 13 2.39 16.53 2.85
N ILE A 14 2.69 15.92 1.72
CA ILE A 14 1.72 15.10 1.01
C ILE A 14 2.37 13.83 0.46
N LEU A 15 1.79 12.69 0.78
CA LEU A 15 2.32 11.40 0.32
C LEU A 15 1.57 10.93 -0.93
N GLN A 16 2.30 10.81 -2.03
CA GLN A 16 1.71 10.37 -3.28
C GLN A 16 2.12 8.94 -3.60
N VAL A 17 1.22 7.99 -3.36
CA VAL A 17 1.50 6.58 -3.63
C VAL A 17 1.02 6.18 -5.02
N LYS A 18 1.82 5.36 -5.70
CA LYS A 18 1.48 4.90 -7.04
C LYS A 18 1.73 3.41 -7.17
N VAL A 19 0.66 2.62 -7.09
CA VAL A 19 0.76 1.18 -7.20
C VAL A 19 0.93 0.76 -8.66
N LEU A 20 2.08 0.15 -8.96
CA LEU A 20 2.36 -0.30 -10.32
C LEU A 20 1.76 -1.68 -10.57
N LYS A 21 2.32 -2.70 -9.93
CA LYS A 21 1.84 -4.07 -10.08
C LYS A 21 2.58 -5.01 -9.14
N ALA A 22 2.21 -6.29 -9.20
CA ALA A 22 2.86 -7.30 -8.36
C ALA A 22 3.33 -8.49 -9.19
N ALA A 23 4.28 -9.23 -8.64
CA ALA A 23 4.82 -10.40 -9.32
C ALA A 23 5.08 -11.55 -8.35
N ASP A 24 5.04 -12.78 -8.86
CA ASP A 24 5.27 -13.95 -8.04
C ASP A 24 4.27 -14.01 -6.89
N LEU A 25 3.00 -13.83 -7.21
CA LEU A 25 1.94 -13.86 -6.20
C LEU A 25 1.44 -15.28 -5.98
N LEU A 26 1.45 -15.72 -4.72
CA LEU A 26 0.99 -17.06 -4.38
C LEU A 26 -0.40 -17.34 -4.96
N ALA A 27 -0.51 -18.43 -5.71
CA ALA A 27 -1.78 -18.81 -6.32
C ALA A 27 -2.84 -19.09 -5.27
N ALA A 28 -3.61 -18.06 -4.91
CA ALA A 28 -4.67 -18.19 -3.92
C ALA A 28 -5.69 -19.24 -4.34
N ASP A 29 -6.14 -19.15 -5.59
CA ASP A 29 -7.13 -20.08 -6.12
C ASP A 29 -6.49 -21.45 -6.40
N PHE A 30 -7.33 -22.42 -6.74
CA PHE A 30 -6.85 -23.77 -7.03
C PHE A 30 -6.52 -23.93 -8.51
N SER A 31 -6.87 -22.93 -9.30
CA SER A 31 -6.61 -22.96 -10.73
C SER A 31 -5.32 -22.22 -11.08
N GLY A 32 -4.47 -22.04 -10.06
CA GLY A 32 -3.21 -21.36 -10.27
C GLY A 32 -3.38 -19.88 -10.54
N LYS A 33 -4.48 -19.32 -10.04
CA LYS A 33 -4.77 -17.90 -10.23
C LYS A 33 -5.02 -17.22 -8.89
N SER A 34 -5.18 -15.90 -8.93
CA SER A 34 -5.42 -15.12 -7.71
C SER A 34 -6.14 -13.82 -8.04
N ASP A 35 -6.99 -13.37 -7.12
CA ASP A 35 -7.75 -12.14 -7.30
C ASP A 35 -7.50 -11.17 -6.15
N PRO A 36 -6.23 -10.99 -5.78
CA PRO A 36 -5.83 -10.10 -4.69
C PRO A 36 -6.04 -8.63 -5.04
N PHE A 37 -5.78 -7.76 -4.06
CA PHE A 37 -5.94 -6.32 -4.27
C PHE A 37 -5.08 -5.53 -3.29
N CYS A 38 -4.61 -4.37 -3.72
CA CYS A 38 -3.78 -3.52 -2.88
C CYS A 38 -4.63 -2.57 -2.05
N LEU A 39 -4.36 -2.52 -0.75
CA LEU A 39 -5.11 -1.66 0.16
C LEU A 39 -4.18 -0.72 0.91
N LEU A 40 -4.34 0.58 0.71
CA LEU A 40 -3.52 1.58 1.37
C LEU A 40 -4.25 2.20 2.55
N GLU A 41 -3.61 2.19 3.71
CA GLU A 41 -4.20 2.76 4.93
C GLU A 41 -3.25 3.74 5.59
N LEU A 42 -3.75 4.95 5.86
CA LEU A 42 -2.95 5.99 6.50
C LEU A 42 -3.84 7.01 7.19
N GLY A 43 -3.61 7.22 8.47
CA GLY A 43 -4.39 8.17 9.23
C GLY A 43 -5.79 7.67 9.53
N ASN A 44 -6.79 8.31 8.93
CA ASN A 44 -8.17 7.93 9.13
C ASN A 44 -8.89 7.75 7.80
N ASP A 45 -8.11 7.53 6.74
CA ASP A 45 -8.68 7.34 5.41
C ASP A 45 -8.20 6.02 4.80
N ARG A 46 -9.06 5.40 4.00
CA ARG A 46 -8.73 4.14 3.35
C ARG A 46 -8.92 4.23 1.85
N LEU A 47 -8.05 3.54 1.10
CA LEU A 47 -8.13 3.55 -0.36
C LEU A 47 -7.51 2.28 -0.94
N GLN A 48 -8.28 1.57 -1.75
CA GLN A 48 -7.80 0.34 -2.37
C GLN A 48 -7.93 0.41 -3.89
N THR A 49 -7.33 -0.56 -4.57
CA THR A 49 -7.38 -0.61 -6.03
C THR A 49 -8.44 -1.58 -6.51
N HIS A 50 -8.69 -1.58 -7.82
CA HIS A 50 -9.69 -2.47 -8.41
C HIS A 50 -9.26 -3.92 -8.28
N THR A 51 -10.22 -4.79 -7.95
CA THR A 51 -9.95 -6.21 -7.79
C THR A 51 -10.05 -6.95 -9.12
N VAL A 52 -8.92 -7.45 -9.60
CA VAL A 52 -8.89 -8.18 -10.86
C VAL A 52 -9.02 -9.68 -10.63
N TYR A 53 -9.75 -10.34 -11.52
CA TYR A 53 -9.96 -11.79 -11.41
C TYR A 53 -9.44 -12.50 -12.65
N LYS A 54 -8.97 -13.72 -12.47
CA LYS A 54 -8.45 -14.52 -13.57
C LYS A 54 -7.12 -13.96 -14.08
N ASN A 55 -6.24 -13.59 -13.14
CA ASN A 55 -4.94 -13.04 -13.49
C ASN A 55 -3.99 -13.10 -12.30
N LEU A 56 -2.80 -13.64 -12.52
CA LEU A 56 -1.80 -13.76 -11.47
C LEU A 56 -1.04 -12.44 -11.30
N ASN A 57 -0.93 -11.68 -12.38
CA ASN A 57 -0.24 -10.40 -12.34
C ASN A 57 -1.21 -9.24 -12.55
N PRO A 58 -1.88 -8.82 -11.47
CA PRO A 58 -2.85 -7.73 -11.51
C PRO A 58 -2.19 -6.37 -11.73
N GLU A 59 -2.48 -5.75 -12.86
CA GLU A 59 -1.91 -4.45 -13.19
C GLU A 59 -2.89 -3.32 -12.86
N TRP A 60 -2.61 -2.61 -11.78
CA TRP A 60 -3.47 -1.50 -11.36
C TRP A 60 -3.04 -0.20 -12.03
N ASN A 61 -1.86 0.28 -11.68
CA ASN A 61 -1.34 1.52 -12.26
C ASN A 61 -2.18 2.72 -11.80
N LYS A 62 -2.34 2.86 -10.49
CA LYS A 62 -3.12 3.96 -9.93
C LYS A 62 -2.25 4.86 -9.07
N VAL A 63 -2.83 5.94 -8.56
CA VAL A 63 -2.11 6.88 -7.71
C VAL A 63 -2.99 7.38 -6.57
N PHE A 64 -2.62 7.04 -5.35
CA PHE A 64 -3.39 7.46 -4.17
C PHE A 64 -2.57 8.44 -3.32
N THR A 65 -3.10 9.65 -3.16
CA THR A 65 -2.44 10.68 -2.38
C THR A 65 -3.13 10.87 -1.03
N PHE A 66 -2.33 10.98 0.03
CA PHE A 66 -2.87 11.19 1.37
C PHE A 66 -2.14 12.32 2.07
N PRO A 67 -2.90 13.12 2.85
CA PRO A 67 -2.36 14.25 3.59
C PRO A 67 -1.48 13.82 4.76
N ILE A 68 -0.30 14.42 4.87
CA ILE A 68 0.63 14.09 5.95
C ILE A 68 0.39 14.97 7.17
N LYS A 69 0.33 14.34 8.34
CA LYS A 69 0.11 15.07 9.58
C LYS A 69 1.30 14.90 10.53
N ASP A 70 2.03 13.80 10.36
CA ASP A 70 3.20 13.52 11.19
C ASP A 70 4.21 12.69 10.44
N ILE A 71 5.43 13.23 10.30
CA ILE A 71 6.49 12.53 9.60
C ILE A 71 6.75 11.16 10.20
N HIS A 72 6.22 10.94 11.41
CA HIS A 72 6.38 9.66 12.10
C HIS A 72 5.38 8.63 11.58
N ASP A 73 4.57 9.03 10.62
CA ASP A 73 3.57 8.14 10.04
C ASP A 73 4.22 7.05 9.21
N VAL A 74 3.57 5.89 9.15
CA VAL A 74 4.09 4.76 8.39
C VAL A 74 3.00 4.12 7.54
N LEU A 75 3.23 4.04 6.23
CA LEU A 75 2.28 3.46 5.31
C LEU A 75 2.47 1.95 5.21
N GLU A 76 1.36 1.21 5.17
CA GLU A 76 1.41 -0.24 5.07
C GLU A 76 0.48 -0.74 3.98
N VAL A 77 1.06 -1.23 2.88
CA VAL A 77 0.28 -1.74 1.77
C VAL A 77 0.18 -3.25 1.82
N THR A 78 -0.95 -3.75 2.34
CA THR A 78 -1.18 -5.18 2.45
C THR A 78 -2.07 -5.69 1.34
N VAL A 79 -1.79 -6.89 0.85
CA VAL A 79 -2.57 -7.49 -0.22
C VAL A 79 -3.56 -8.52 0.32
N PHE A 80 -4.84 -8.23 0.16
CA PHE A 80 -5.89 -9.14 0.64
C PHE A 80 -6.61 -9.79 -0.54
N ASP A 81 -7.12 -11.00 -0.31
CA ASP A 81 -7.84 -11.73 -1.35
C ASP A 81 -9.31 -11.91 -0.97
N GLU A 82 -10.19 -11.38 -1.81
CA GLU A 82 -11.63 -11.47 -1.57
C GLU A 82 -12.17 -12.84 -2.02
N ASP A 83 -12.97 -13.45 -1.16
CA ASP A 83 -13.56 -14.75 -1.47
C ASP A 83 -15.06 -14.76 -1.15
N GLY A 84 -15.86 -14.27 -2.09
CA GLY A 84 -17.30 -14.22 -1.90
C GLY A 84 -17.69 -13.53 -0.60
N ASP A 85 -18.64 -14.11 0.11
CA ASP A 85 -19.11 -13.54 1.37
C ASP A 85 -18.09 -13.78 2.48
N LYS A 86 -17.20 -14.75 2.26
CA LYS A 86 -16.17 -15.07 3.24
C LYS A 86 -15.15 -13.95 3.36
N PRO A 87 -14.54 -13.81 4.55
CA PRO A 87 -13.54 -12.78 4.82
C PRO A 87 -12.24 -13.04 4.07
N PRO A 88 -11.46 -11.97 3.85
CA PRO A 88 -10.18 -12.05 3.14
C PRO A 88 -9.11 -12.77 3.96
N ASP A 89 -8.00 -13.10 3.31
CA ASP A 89 -6.91 -13.80 3.98
C ASP A 89 -5.62 -12.98 3.90
N PHE A 90 -4.70 -13.25 4.81
CA PHE A 90 -3.43 -12.53 4.85
C PHE A 90 -2.46 -13.11 3.83
N LEU A 91 -2.00 -12.26 2.90
CA LEU A 91 -1.07 -12.69 1.86
C LEU A 91 0.22 -11.89 1.95
N GLY A 92 0.58 -11.46 3.15
CA GLY A 92 1.80 -10.70 3.34
C GLY A 92 1.53 -9.23 3.57
N LYS A 93 2.57 -8.48 3.92
CA LYS A 93 2.45 -7.05 4.16
C LYS A 93 3.77 -6.34 3.91
N VAL A 94 3.71 -5.01 3.86
CA VAL A 94 4.91 -4.20 3.62
C VAL A 94 4.88 -2.91 4.44
N ALA A 95 5.92 -2.69 5.23
CA ALA A 95 6.00 -1.49 6.06
C ALA A 95 7.08 -0.53 5.53
N ILE A 96 6.66 0.66 5.14
CA ILE A 96 7.59 1.67 4.63
C ILE A 96 7.23 3.05 5.14
N PRO A 97 8.03 3.55 6.10
CA PRO A 97 7.82 4.88 6.69
C PRO A 97 8.14 6.00 5.72
N LEU A 98 7.39 7.10 5.83
CA LEU A 98 7.60 8.25 4.95
C LEU A 98 9.08 8.59 4.84
N LEU A 99 9.84 8.24 5.87
CA LEU A 99 11.28 8.51 5.89
C LEU A 99 12.00 7.64 4.87
N SER A 100 11.66 6.36 4.83
CA SER A 100 12.28 5.42 3.90
C SER A 100 12.36 6.02 2.49
N ILE A 101 11.31 6.73 2.10
CA ILE A 101 11.26 7.36 0.79
C ILE A 101 12.51 8.21 0.54
N ARG A 102 13.54 7.59 -0.03
CA ARG A 102 14.78 8.29 -0.32
C ARG A 102 14.79 8.80 -1.75
N ASP A 103 14.60 7.90 -2.71
CA ASP A 103 14.59 8.26 -4.13
C ASP A 103 13.24 7.97 -4.75
N GLY A 104 12.87 8.74 -5.76
CA GLY A 104 11.59 8.55 -6.42
C GLY A 104 11.49 7.19 -7.09
N GLN A 105 12.49 6.84 -7.90
CA GLN A 105 12.50 5.57 -8.59
C GLN A 105 11.87 4.47 -7.74
N PRO A 106 11.13 3.57 -8.39
CA PRO A 106 10.46 2.45 -7.70
C PRO A 106 11.44 1.42 -7.17
N ASN A 107 11.18 0.91 -5.97
CA ASN A 107 12.04 -0.09 -5.35
C ASN A 107 11.25 -1.34 -4.98
N CYS A 108 11.75 -2.50 -5.40
CA CYS A 108 11.09 -3.77 -5.11
C CYS A 108 11.11 -4.06 -3.61
N TYR A 109 9.94 -4.18 -3.03
CA TYR A 109 9.82 -4.46 -1.60
C TYR A 109 9.34 -5.88 -1.36
N VAL A 110 10.13 -6.65 -0.62
CA VAL A 110 9.79 -8.04 -0.31
C VAL A 110 8.56 -8.11 0.59
N LEU A 111 7.58 -8.90 0.16
CA LEU A 111 6.35 -9.06 0.94
C LEU A 111 6.56 -10.02 2.10
N LYS A 112 6.99 -9.48 3.24
CA LYS A 112 7.23 -10.29 4.42
C LYS A 112 5.92 -10.57 5.16
N ASN A 113 5.75 -11.81 5.60
CA ASN A 113 4.55 -12.21 6.32
C ASN A 113 4.43 -11.45 7.65
N LYS A 114 3.33 -11.68 8.36
CA LYS A 114 3.10 -11.03 9.63
C LYS A 114 4.37 -11.01 10.47
N ASP A 115 4.75 -12.18 10.98
CA ASP A 115 5.95 -12.30 11.81
C ASP A 115 7.04 -11.33 11.33
N LEU A 116 7.06 -11.08 10.03
CA LEU A 116 8.04 -10.19 9.44
C LEU A 116 9.46 -10.71 9.67
N GLU A 117 9.59 -12.02 9.77
CA GLU A 117 10.90 -12.66 10.00
C GLU A 117 11.34 -13.42 8.76
N GLN A 118 10.42 -14.20 8.18
CA GLN A 118 10.72 -15.00 7.00
C GLN A 118 10.04 -14.40 5.77
N ALA A 119 10.84 -14.01 4.78
CA ALA A 119 10.32 -13.44 3.55
C ALA A 119 9.32 -14.37 2.89
N PHE A 120 8.25 -13.81 2.33
CA PHE A 120 7.22 -14.60 1.67
C PHE A 120 7.61 -14.89 0.23
N LYS A 121 6.99 -15.91 -0.36
CA LYS A 121 7.27 -16.29 -1.73
C LYS A 121 6.61 -15.31 -2.71
N GLY A 122 7.31 -14.23 -3.02
CA GLY A 122 6.79 -13.24 -3.94
C GLY A 122 7.18 -11.83 -3.56
N VAL A 123 7.21 -10.94 -4.54
CA VAL A 123 7.57 -9.54 -4.30
C VAL A 123 6.49 -8.60 -4.81
N ILE A 124 6.67 -7.31 -4.56
CA ILE A 124 5.71 -6.31 -4.99
C ILE A 124 6.40 -5.00 -5.36
N TYR A 125 5.93 -4.36 -6.43
CA TYR A 125 6.50 -3.10 -6.88
C TYR A 125 5.59 -1.93 -6.55
N LEU A 126 6.14 -0.92 -5.89
CA LEU A 126 5.38 0.26 -5.51
C LEU A 126 6.20 1.53 -5.69
N GLU A 127 5.55 2.59 -6.19
CA GLU A 127 6.23 3.86 -6.41
C GLU A 127 5.57 4.97 -5.61
N MET A 128 6.24 5.40 -4.54
CA MET A 128 5.72 6.46 -3.69
C MET A 128 6.53 7.74 -3.87
N ASP A 129 5.94 8.86 -3.45
CA ASP A 129 6.60 10.16 -3.56
C ASP A 129 6.31 11.03 -2.35
N LEU A 130 7.35 11.56 -1.74
CA LEU A 130 7.20 12.42 -0.56
C LEU A 130 7.40 13.88 -0.92
N ILE A 131 6.32 14.65 -0.86
CA ILE A 131 6.38 16.07 -1.18
C ILE A 131 6.34 16.93 0.08
N TYR A 132 7.13 17.98 0.11
CA TYR A 132 7.17 18.88 1.26
C TYR A 132 6.51 20.21 0.93
N ASN A 133 5.41 20.50 1.62
CA ASN A 133 4.67 21.74 1.42
C ASN A 133 5.61 22.94 1.46
N GLY A 1 -17.75 25.26 23.39
CA GLY A 1 -17.53 25.37 24.82
C GLY A 1 -16.06 25.40 25.19
N SER A 2 -15.37 24.30 24.91
CA SER A 2 -13.94 24.21 25.22
C SER A 2 -13.19 25.43 24.69
N SER A 3 -13.21 25.61 23.38
CA SER A 3 -12.52 26.74 22.76
C SER A 3 -13.44 27.44 21.75
N GLY A 4 -13.02 28.62 21.30
CA GLY A 4 -13.81 29.38 20.35
C GLY A 4 -13.09 29.59 19.04
N SER A 5 -12.66 30.82 18.79
CA SER A 5 -11.95 31.15 17.57
C SER A 5 -10.69 30.31 17.41
N SER A 6 -10.58 29.62 16.28
CA SER A 6 -9.42 28.77 16.03
C SER A 6 -8.99 28.89 14.57
N GLY A 7 -7.68 29.01 14.36
CA GLY A 7 -7.15 29.13 13.01
C GLY A 7 -7.07 27.79 12.30
N ASP A 8 -6.17 27.70 11.33
CA ASP A 8 -5.99 26.47 10.57
C ASP A 8 -4.61 25.87 10.79
N VAL A 9 -4.50 24.55 10.66
CA VAL A 9 -3.24 23.87 10.85
C VAL A 9 -2.57 23.55 9.51
N LYS A 10 -1.28 23.84 9.42
CA LYS A 10 -0.52 23.59 8.19
C LYS A 10 0.12 22.21 8.23
N ASP A 11 -0.19 21.40 7.21
CA ASP A 11 0.37 20.05 7.13
C ASP A 11 1.85 20.09 6.77
N VAL A 12 2.53 18.97 6.95
CA VAL A 12 3.96 18.87 6.64
C VAL A 12 4.18 18.61 5.16
N GLY A 13 3.16 18.08 4.50
CA GLY A 13 3.27 17.80 3.07
C GLY A 13 2.26 16.76 2.62
N ILE A 14 2.45 16.24 1.41
CA ILE A 14 1.56 15.24 0.85
C ILE A 14 2.32 13.98 0.42
N LEU A 15 1.69 12.83 0.60
CA LEU A 15 2.31 11.56 0.23
C LEU A 15 1.65 10.98 -1.02
N GLN A 16 2.48 10.64 -2.01
CA GLN A 16 1.98 10.07 -3.25
C GLN A 16 2.39 8.60 -3.39
N VAL A 17 1.41 7.75 -3.66
CA VAL A 17 1.67 6.32 -3.82
C VAL A 17 1.20 5.83 -5.18
N LYS A 18 2.13 5.31 -5.97
CA LYS A 18 1.82 4.79 -7.29
C LYS A 18 1.94 3.27 -7.33
N VAL A 19 0.82 2.59 -7.48
CA VAL A 19 0.80 1.13 -7.53
C VAL A 19 0.99 0.63 -8.95
N LEU A 20 2.22 0.21 -9.27
CA LEU A 20 2.54 -0.28 -10.60
C LEU A 20 1.88 -1.64 -10.85
N LYS A 21 2.37 -2.66 -10.14
CA LYS A 21 1.83 -4.00 -10.28
C LYS A 21 2.48 -4.95 -9.26
N ALA A 22 2.09 -6.23 -9.32
CA ALA A 22 2.64 -7.23 -8.42
C ALA A 22 3.02 -8.49 -9.17
N ALA A 23 4.15 -9.07 -8.82
CA ALA A 23 4.64 -10.29 -9.46
C ALA A 23 4.86 -11.40 -8.44
N ASP A 24 5.09 -12.61 -8.93
CA ASP A 24 5.31 -13.76 -8.06
C ASP A 24 4.24 -13.85 -6.99
N LEU A 25 2.99 -13.65 -7.39
CA LEU A 25 1.87 -13.70 -6.46
C LEU A 25 1.32 -15.11 -6.36
N LEU A 26 1.50 -15.74 -5.19
CA LEU A 26 1.01 -17.09 -4.96
C LEU A 26 -0.44 -17.23 -5.41
N ALA A 27 -0.78 -18.40 -5.93
CA ALA A 27 -2.14 -18.67 -6.38
C ALA A 27 -2.96 -19.36 -5.30
N ALA A 28 -3.85 -18.61 -4.67
CA ALA A 28 -4.70 -19.15 -3.62
C ALA A 28 -5.57 -20.29 -4.13
N ASP A 29 -6.14 -20.11 -5.32
CA ASP A 29 -6.98 -21.12 -5.92
C ASP A 29 -6.14 -22.20 -6.60
N PHE A 30 -6.62 -23.44 -6.54
CA PHE A 30 -5.91 -24.56 -7.14
C PHE A 30 -5.84 -24.42 -8.65
N SER A 31 -6.85 -23.76 -9.22
CA SER A 31 -6.91 -23.56 -10.67
C SER A 31 -5.64 -22.88 -11.18
N GLY A 32 -5.14 -21.93 -10.39
CA GLY A 32 -3.92 -21.22 -10.77
C GLY A 32 -4.16 -19.74 -11.00
N LYS A 33 -5.21 -19.22 -10.37
CA LYS A 33 -5.55 -17.80 -10.51
C LYS A 33 -5.94 -17.20 -9.16
N SER A 34 -5.88 -15.88 -9.06
CA SER A 34 -6.23 -15.18 -7.83
C SER A 34 -6.70 -13.76 -8.11
N ASP A 35 -7.32 -13.13 -7.12
CA ASP A 35 -7.82 -11.77 -7.26
C ASP A 35 -7.32 -10.90 -6.13
N PRO A 36 -5.99 -10.71 -6.04
CA PRO A 36 -5.37 -9.89 -5.00
C PRO A 36 -5.66 -8.41 -5.17
N PHE A 37 -5.65 -7.68 -4.07
CA PHE A 37 -5.91 -6.24 -4.10
C PHE A 37 -5.12 -5.52 -3.01
N CYS A 38 -4.54 -4.37 -3.36
CA CYS A 38 -3.77 -3.59 -2.40
C CYS A 38 -4.67 -2.68 -1.59
N LEU A 39 -4.41 -2.61 -0.29
CA LEU A 39 -5.21 -1.77 0.60
C LEU A 39 -4.32 -0.84 1.42
N LEU A 40 -4.30 0.44 1.03
CA LEU A 40 -3.49 1.43 1.72
C LEU A 40 -4.24 2.03 2.89
N GLU A 41 -3.56 2.16 4.03
CA GLU A 41 -4.17 2.72 5.23
C GLU A 41 -3.21 3.68 5.93
N LEU A 42 -3.63 4.94 6.04
CA LEU A 42 -2.80 5.96 6.68
C LEU A 42 -3.68 7.00 7.37
N GLY A 43 -3.39 7.25 8.65
CA GLY A 43 -4.16 8.23 9.41
C GLY A 43 -5.53 7.71 9.79
N ASN A 44 -6.56 8.35 9.26
CA ASN A 44 -7.94 7.95 9.54
C ASN A 44 -8.71 7.68 8.25
N ASP A 45 -7.98 7.50 7.16
CA ASP A 45 -8.59 7.23 5.86
C ASP A 45 -8.11 5.89 5.30
N ARG A 46 -8.97 5.24 4.53
CA ARG A 46 -8.63 3.96 3.93
C ARG A 46 -8.92 3.95 2.43
N LEU A 47 -7.99 3.42 1.65
CA LEU A 47 -8.14 3.37 0.20
C LEU A 47 -7.51 2.10 -0.37
N GLN A 48 -8.26 1.40 -1.23
CA GLN A 48 -7.77 0.18 -1.84
C GLN A 48 -7.81 0.27 -3.36
N THR A 49 -7.23 -0.72 -4.03
CA THR A 49 -7.20 -0.75 -5.48
C THR A 49 -8.28 -1.66 -6.04
N HIS A 50 -8.56 -1.53 -7.33
CA HIS A 50 -9.58 -2.36 -7.98
C HIS A 50 -9.18 -3.82 -7.96
N THR A 51 -10.15 -4.69 -7.68
CA THR A 51 -9.90 -6.12 -7.61
C THR A 51 -9.96 -6.75 -9.00
N VAL A 52 -8.86 -7.38 -9.42
CA VAL A 52 -8.80 -8.02 -10.72
C VAL A 52 -9.03 -9.52 -10.61
N TYR A 53 -10.11 -10.00 -11.21
CA TYR A 53 -10.44 -11.41 -11.18
C TYR A 53 -9.86 -12.14 -12.38
N LYS A 54 -9.45 -13.39 -12.17
CA LYS A 54 -8.87 -14.20 -13.23
C LYS A 54 -7.60 -13.57 -13.77
N ASN A 55 -6.69 -13.22 -12.86
CA ASN A 55 -5.42 -12.61 -13.23
C ASN A 55 -4.42 -12.69 -12.08
N LEU A 56 -3.30 -13.36 -12.33
CA LEU A 56 -2.26 -13.51 -11.32
C LEU A 56 -1.44 -12.23 -11.18
N ASN A 57 -1.06 -11.66 -12.32
CA ASN A 57 -0.27 -10.44 -12.33
C ASN A 57 -1.10 -9.26 -12.87
N PRO A 58 -1.95 -8.69 -12.01
CA PRO A 58 -2.81 -7.57 -12.38
C PRO A 58 -2.02 -6.27 -12.59
N GLU A 59 -2.53 -5.42 -13.46
CA GLU A 59 -1.86 -4.15 -13.76
C GLU A 59 -2.67 -2.97 -13.21
N TRP A 60 -2.70 -2.85 -11.88
CA TRP A 60 -3.43 -1.77 -11.23
C TRP A 60 -3.20 -0.45 -11.94
N ASN A 61 -1.93 -0.04 -12.02
CA ASN A 61 -1.57 1.22 -12.68
C ASN A 61 -2.41 2.37 -12.14
N LYS A 62 -2.50 2.45 -10.81
CA LYS A 62 -3.27 3.51 -10.17
C LYS A 62 -2.47 4.15 -9.04
N VAL A 63 -2.56 5.48 -8.94
CA VAL A 63 -1.85 6.22 -7.90
C VAL A 63 -2.81 6.92 -6.96
N PHE A 64 -2.52 6.85 -5.67
CA PHE A 64 -3.37 7.48 -4.66
C PHE A 64 -2.59 8.53 -3.86
N THR A 65 -3.31 9.44 -3.23
CA THR A 65 -2.69 10.49 -2.43
C THR A 65 -3.31 10.58 -1.04
N PHE A 66 -2.51 11.01 -0.07
CA PHE A 66 -2.98 11.14 1.30
C PHE A 66 -2.25 12.27 2.02
N PRO A 67 -2.99 12.98 2.90
CA PRO A 67 -2.43 14.09 3.67
C PRO A 67 -1.42 13.63 4.72
N ILE A 68 -0.34 14.38 4.86
CA ILE A 68 0.69 14.06 5.83
C ILE A 68 0.66 15.00 7.02
N LYS A 69 0.18 14.50 8.17
CA LYS A 69 0.10 15.31 9.38
C LYS A 69 1.31 15.07 10.27
N ASP A 70 1.73 13.82 10.37
CA ASP A 70 2.88 13.47 11.20
C ASP A 70 3.96 12.79 10.36
N ILE A 71 5.01 13.54 10.03
CA ILE A 71 6.10 13.01 9.23
C ILE A 71 6.56 11.66 9.76
N HIS A 72 6.27 11.39 11.03
CA HIS A 72 6.65 10.12 11.65
C HIS A 72 5.58 9.06 11.42
N ASP A 73 4.80 9.23 10.36
CA ASP A 73 3.75 8.29 10.03
C ASP A 73 4.30 7.12 9.21
N VAL A 74 3.51 6.05 9.10
CA VAL A 74 3.93 4.88 8.35
C VAL A 74 2.76 4.33 7.53
N LEU A 75 3.03 4.06 6.25
CA LEU A 75 2.01 3.52 5.35
C LEU A 75 2.10 2.01 5.28
N GLU A 76 1.01 1.33 5.65
CA GLU A 76 0.96 -0.12 5.62
C GLU A 76 0.15 -0.61 4.42
N VAL A 77 0.83 -1.30 3.51
CA VAL A 77 0.17 -1.83 2.32
C VAL A 77 0.13 -3.35 2.34
N THR A 78 -0.99 -3.89 2.79
CA THR A 78 -1.16 -5.35 2.88
C THR A 78 -1.97 -5.87 1.70
N VAL A 79 -1.45 -6.87 1.01
CA VAL A 79 -2.14 -7.47 -0.13
C VAL A 79 -3.14 -8.53 0.32
N PHE A 80 -4.41 -8.30 0.02
CA PHE A 80 -5.47 -9.23 0.39
C PHE A 80 -6.05 -9.91 -0.85
N ASP A 81 -6.69 -11.06 -0.64
CA ASP A 81 -7.29 -11.81 -1.73
C ASP A 81 -8.76 -12.12 -1.43
N GLU A 82 -9.66 -11.40 -2.11
CA GLU A 82 -11.08 -11.59 -1.92
C GLU A 82 -11.53 -12.94 -2.46
N ASP A 83 -12.42 -13.61 -1.74
CA ASP A 83 -12.93 -14.92 -2.15
C ASP A 83 -14.45 -14.98 -1.99
N GLY A 84 -15.16 -14.54 -3.02
CA GLY A 84 -16.61 -14.55 -2.98
C GLY A 84 -17.15 -14.28 -1.61
N ASP A 85 -17.97 -15.20 -1.10
CA ASP A 85 -18.56 -15.06 0.22
C ASP A 85 -17.49 -15.13 1.31
N LYS A 86 -16.49 -15.98 1.09
CA LYS A 86 -15.40 -16.14 2.05
C LYS A 86 -14.65 -14.83 2.25
N PRO A 87 -14.10 -14.63 3.45
CA PRO A 87 -13.34 -13.42 3.80
C PRO A 87 -12.01 -13.35 3.07
N PRO A 88 -11.38 -12.16 3.13
CA PRO A 88 -10.08 -11.93 2.47
C PRO A 88 -8.94 -12.69 3.14
N ASP A 89 -7.92 -13.04 2.37
CA ASP A 89 -6.78 -13.76 2.90
C ASP A 89 -5.53 -12.87 2.92
N PHE A 90 -4.74 -12.98 3.98
CA PHE A 90 -3.53 -12.19 4.12
C PHE A 90 -2.40 -12.78 3.29
N LEU A 91 -1.89 -11.99 2.34
CA LEU A 91 -0.80 -12.44 1.48
C LEU A 91 0.45 -11.60 1.71
N GLY A 92 0.94 -11.59 2.96
CA GLY A 92 2.12 -10.82 3.29
C GLY A 92 1.82 -9.36 3.58
N LYS A 93 2.86 -8.59 3.86
CA LYS A 93 2.70 -7.17 4.16
C LYS A 93 4.01 -6.42 3.97
N VAL A 94 3.92 -5.10 3.83
CA VAL A 94 5.10 -4.27 3.64
C VAL A 94 4.98 -2.96 4.42
N ALA A 95 5.91 -2.73 5.33
CA ALA A 95 5.91 -1.52 6.14
C ALA A 95 7.06 -0.59 5.74
N ILE A 96 6.70 0.61 5.29
CA ILE A 96 7.69 1.59 4.87
C ILE A 96 7.33 2.99 5.35
N PRO A 97 8.03 3.46 6.39
CA PRO A 97 7.80 4.79 6.96
C PRO A 97 8.23 5.91 6.02
N LEU A 98 7.42 6.97 5.96
CA LEU A 98 7.72 8.10 5.11
C LEU A 98 9.14 8.61 5.34
N LEU A 99 9.56 8.64 6.61
CA LEU A 99 10.89 9.09 6.96
C LEU A 99 11.95 8.41 6.11
N SER A 100 11.79 7.10 5.92
CA SER A 100 12.73 6.32 5.12
C SER A 100 12.75 6.82 3.67
N ILE A 101 11.59 7.23 3.18
CA ILE A 101 11.48 7.72 1.82
C ILE A 101 12.34 8.97 1.61
N ARG A 102 13.45 8.79 0.90
CA ARG A 102 14.35 9.90 0.62
C ARG A 102 14.27 10.31 -0.84
N ASP A 103 14.46 9.34 -1.74
CA ASP A 103 14.41 9.61 -3.17
C ASP A 103 13.18 8.96 -3.79
N GLY A 104 13.02 9.15 -5.10
CA GLY A 104 11.89 8.58 -5.81
C GLY A 104 12.30 7.53 -6.82
N GLN A 105 12.99 6.50 -6.35
CA GLN A 105 13.44 5.42 -7.23
C GLN A 105 12.64 4.15 -6.99
N PRO A 106 12.38 3.39 -8.07
CA PRO A 106 11.62 2.15 -8.01
C PRO A 106 12.39 1.04 -7.30
N ASN A 107 11.95 0.70 -6.08
CA ASN A 107 12.60 -0.34 -5.30
C ASN A 107 11.60 -1.46 -4.96
N CYS A 108 11.91 -2.66 -5.41
CA CYS A 108 11.05 -3.82 -5.15
C CYS A 108 11.08 -4.20 -3.68
N TYR A 109 9.91 -4.21 -3.05
CA TYR A 109 9.80 -4.56 -1.64
C TYR A 109 9.23 -5.96 -1.47
N VAL A 110 10.05 -6.87 -0.92
CA VAL A 110 9.63 -8.24 -0.70
C VAL A 110 8.50 -8.31 0.31
N LEU A 111 7.54 -9.20 0.07
CA LEU A 111 6.40 -9.37 0.97
C LEU A 111 6.77 -10.24 2.16
N LYS A 112 6.63 -9.68 3.36
CA LYS A 112 6.95 -10.40 4.59
C LYS A 112 5.69 -10.67 5.41
N ASN A 113 5.85 -11.39 6.51
CA ASN A 113 4.72 -11.71 7.37
C ASN A 113 4.36 -10.52 8.26
N LYS A 114 3.37 -10.72 9.12
CA LYS A 114 2.92 -9.66 10.03
C LYS A 114 4.09 -9.10 10.84
N ASP A 115 4.71 -9.97 11.63
CA ASP A 115 5.83 -9.57 12.47
C ASP A 115 7.14 -9.63 11.67
N LEU A 116 7.05 -9.39 10.37
CA LEU A 116 8.21 -9.43 9.50
C LEU A 116 9.21 -10.48 9.97
N GLU A 117 8.68 -11.59 10.48
CA GLU A 117 9.53 -12.67 10.96
C GLU A 117 9.88 -13.63 9.82
N GLN A 118 8.95 -13.81 8.91
CA GLN A 118 9.16 -14.71 7.77
C GLN A 118 8.92 -13.98 6.45
N ALA A 119 9.56 -14.47 5.39
CA ALA A 119 9.43 -13.86 4.07
C ALA A 119 8.44 -14.64 3.20
N PHE A 120 7.33 -14.00 2.86
CA PHE A 120 6.31 -14.65 2.03
C PHE A 120 6.78 -14.75 0.58
N LYS A 121 6.51 -15.90 -0.03
CA LYS A 121 6.91 -16.13 -1.42
C LYS A 121 6.22 -15.14 -2.35
N GLY A 122 6.97 -14.13 -2.79
CA GLY A 122 6.41 -13.13 -3.68
C GLY A 122 6.86 -11.73 -3.33
N VAL A 123 6.89 -10.85 -4.34
CA VAL A 123 7.31 -9.47 -4.14
C VAL A 123 6.26 -8.50 -4.64
N ILE A 124 6.57 -7.20 -4.57
CA ILE A 124 5.65 -6.17 -5.01
C ILE A 124 6.41 -4.90 -5.43
N TYR A 125 5.81 -4.14 -6.33
CA TYR A 125 6.42 -2.90 -6.81
C TYR A 125 5.56 -1.70 -6.46
N LEU A 126 6.13 -0.79 -5.66
CA LEU A 126 5.41 0.41 -5.25
C LEU A 126 6.29 1.65 -5.41
N GLU A 127 5.80 2.62 -6.19
CA GLU A 127 6.55 3.85 -6.43
C GLU A 127 5.89 5.02 -5.72
N MET A 128 6.46 5.44 -4.59
CA MET A 128 5.93 6.55 -3.81
C MET A 128 6.76 7.81 -4.04
N ASP A 129 6.18 8.95 -3.69
CA ASP A 129 6.87 10.23 -3.85
C ASP A 129 6.55 11.18 -2.70
N LEU A 130 7.57 11.53 -1.94
CA LEU A 130 7.41 12.43 -0.79
C LEU A 130 7.33 13.88 -1.25
N ILE A 131 6.22 14.54 -0.91
CA ILE A 131 6.03 15.94 -1.28
C ILE A 131 5.95 16.82 -0.05
N TYR A 132 6.40 18.07 -0.19
CA TYR A 132 6.37 19.02 0.92
C TYR A 132 5.59 20.28 0.54
N ASN A 133 4.62 20.64 1.37
CA ASN A 133 3.80 21.82 1.12
C ASN A 133 4.63 22.94 0.52
N GLY A 1 -8.53 38.00 0.77
CA GLY A 1 -7.34 38.70 1.22
C GLY A 1 -6.28 37.76 1.77
N SER A 2 -5.04 38.00 1.40
CA SER A 2 -3.93 37.15 1.86
C SER A 2 -3.43 37.62 3.22
N SER A 3 -4.01 37.07 4.28
CA SER A 3 -3.63 37.42 5.64
C SER A 3 -3.82 36.25 6.59
N GLY A 4 -2.79 35.95 7.38
CA GLY A 4 -2.86 34.85 8.31
C GLY A 4 -3.48 35.25 9.63
N SER A 5 -4.39 34.42 10.14
CA SER A 5 -5.07 34.71 11.40
C SER A 5 -4.43 33.92 12.54
N SER A 6 -4.34 32.61 12.36
CA SER A 6 -3.74 31.75 13.37
C SER A 6 -2.31 31.35 12.99
N GLY A 7 -1.49 31.12 14.01
CA GLY A 7 -0.11 30.73 13.76
C GLY A 7 0.27 29.42 14.45
N ASP A 8 0.29 28.35 13.68
CA ASP A 8 0.64 27.04 14.22
C ASP A 8 1.45 26.23 13.21
N VAL A 9 2.12 25.19 13.70
CA VAL A 9 2.93 24.34 12.84
C VAL A 9 2.22 24.04 11.52
N LYS A 10 3.01 23.80 10.48
CA LYS A 10 2.45 23.50 9.16
C LYS A 10 2.44 21.99 8.90
N ASP A 11 1.40 21.52 8.22
CA ASP A 11 1.27 20.10 7.91
C ASP A 11 2.51 19.60 7.17
N VAL A 12 2.91 18.37 7.48
CA VAL A 12 4.08 17.76 6.85
C VAL A 12 4.04 17.93 5.34
N GLY A 13 2.90 17.56 4.74
CA GLY A 13 2.76 17.67 3.30
C GLY A 13 1.76 16.66 2.74
N ILE A 14 2.08 16.11 1.58
CA ILE A 14 1.21 15.13 0.94
C ILE A 14 2.00 13.89 0.52
N LEU A 15 1.45 12.72 0.82
CA LEU A 15 2.09 11.46 0.49
C LEU A 15 1.53 10.88 -0.80
N GLN A 16 2.41 10.53 -1.73
CA GLN A 16 2.00 9.97 -3.01
C GLN A 16 2.43 8.51 -3.13
N VAL A 17 1.54 7.68 -3.67
CA VAL A 17 1.84 6.27 -3.84
C VAL A 17 1.28 5.74 -5.17
N LYS A 18 2.16 5.16 -5.98
CA LYS A 18 1.76 4.62 -7.27
C LYS A 18 1.96 3.11 -7.32
N VAL A 19 0.86 2.37 -7.36
CA VAL A 19 0.92 0.91 -7.41
C VAL A 19 1.03 0.42 -8.85
N LEU A 20 2.23 0.03 -9.24
CA LEU A 20 2.47 -0.46 -10.59
C LEU A 20 1.80 -1.82 -10.80
N LYS A 21 2.33 -2.84 -10.13
CA LYS A 21 1.79 -4.19 -10.23
C LYS A 21 2.47 -5.13 -9.24
N ALA A 22 1.89 -6.31 -9.07
CA ALA A 22 2.46 -7.30 -8.16
C ALA A 22 2.83 -8.59 -8.89
N ALA A 23 4.04 -9.07 -8.66
CA ALA A 23 4.53 -10.28 -9.29
C ALA A 23 4.81 -11.37 -8.27
N ASP A 24 4.77 -12.62 -8.70
CA ASP A 24 5.02 -13.75 -7.81
C ASP A 24 4.09 -13.72 -6.61
N LEU A 25 2.80 -13.60 -6.88
CA LEU A 25 1.79 -13.55 -5.82
C LEU A 25 1.34 -14.96 -5.44
N LEU A 26 0.62 -15.06 -4.34
CA LEU A 26 0.12 -16.35 -3.86
C LEU A 26 -1.18 -16.73 -4.55
N ALA A 27 -1.25 -17.95 -5.07
CA ALA A 27 -2.44 -18.43 -5.75
C ALA A 27 -3.39 -19.11 -4.77
N ALA A 28 -4.32 -18.35 -4.22
CA ALA A 28 -5.29 -18.88 -3.26
C ALA A 28 -5.97 -20.12 -3.82
N ASP A 29 -6.42 -20.03 -5.08
CA ASP A 29 -7.10 -21.15 -5.72
C ASP A 29 -6.09 -22.18 -6.20
N PHE A 30 -6.59 -23.39 -6.51
CA PHE A 30 -5.72 -24.47 -6.99
C PHE A 30 -5.45 -24.33 -8.48
N SER A 31 -6.50 -24.02 -9.24
CA SER A 31 -6.37 -23.87 -10.69
C SER A 31 -5.11 -23.08 -11.04
N GLY A 32 -4.97 -21.90 -10.45
CA GLY A 32 -3.82 -21.07 -10.72
C GLY A 32 -4.19 -19.62 -10.97
N LYS A 33 -5.18 -19.13 -10.24
CA LYS A 33 -5.64 -17.75 -10.39
C LYS A 33 -6.06 -17.17 -9.04
N SER A 34 -6.08 -15.85 -8.95
CA SER A 34 -6.47 -15.17 -7.73
C SER A 34 -6.91 -13.74 -8.01
N ASP A 35 -7.84 -13.24 -7.20
CA ASP A 35 -8.35 -11.89 -7.36
C ASP A 35 -7.96 -11.01 -6.18
N PRO A 36 -6.64 -10.83 -5.98
CA PRO A 36 -6.10 -10.01 -4.89
C PRO A 36 -6.38 -8.53 -5.09
N PHE A 37 -5.91 -7.71 -4.14
CA PHE A 37 -6.11 -6.27 -4.22
C PHE A 37 -5.30 -5.56 -3.14
N CYS A 38 -4.68 -4.45 -3.50
CA CYS A 38 -3.88 -3.67 -2.56
C CYS A 38 -4.75 -2.71 -1.76
N LEU A 39 -4.49 -2.62 -0.46
CA LEU A 39 -5.25 -1.74 0.42
C LEU A 39 -4.33 -0.79 1.16
N LEU A 40 -4.54 0.52 0.95
CA LEU A 40 -3.73 1.54 1.60
C LEU A 40 -4.51 2.21 2.72
N GLU A 41 -3.90 2.25 3.91
CA GLU A 41 -4.54 2.87 5.06
C GLU A 41 -3.57 3.79 5.79
N LEU A 42 -3.93 5.05 5.93
CA LEU A 42 -3.10 6.03 6.62
C LEU A 42 -3.94 7.13 7.26
N GLY A 43 -3.57 7.51 8.47
CA GLY A 43 -4.30 8.55 9.18
C GLY A 43 -5.76 8.21 9.35
N ASN A 44 -6.61 8.84 8.56
CA ASN A 44 -8.05 8.60 8.62
C ASN A 44 -8.59 8.17 7.27
N ASP A 45 -7.94 8.62 6.20
CA ASP A 45 -8.36 8.27 4.84
C ASP A 45 -7.79 6.92 4.43
N ARG A 46 -8.55 6.19 3.62
CA ARG A 46 -8.13 4.88 3.14
C ARG A 46 -8.66 4.61 1.74
N LEU A 47 -7.78 4.13 0.87
CA LEU A 47 -8.16 3.83 -0.51
C LEU A 47 -7.49 2.55 -1.00
N GLN A 48 -8.18 1.80 -1.84
CA GLN A 48 -7.64 0.55 -2.38
C GLN A 48 -7.72 0.54 -3.91
N THR A 49 -7.13 -0.48 -4.52
CA THR A 49 -7.13 -0.62 -5.96
C THR A 49 -8.25 -1.55 -6.43
N HIS A 50 -8.61 -1.45 -7.71
CA HIS A 50 -9.66 -2.29 -8.27
C HIS A 50 -9.23 -3.76 -8.28
N THR A 51 -10.19 -4.64 -8.01
CA THR A 51 -9.92 -6.08 -7.98
C THR A 51 -9.97 -6.67 -9.39
N VAL A 52 -9.00 -7.53 -9.70
CA VAL A 52 -8.95 -8.18 -11.00
C VAL A 52 -9.09 -9.68 -10.88
N TYR A 53 -10.19 -10.22 -11.40
CA TYR A 53 -10.45 -11.65 -11.34
C TYR A 53 -9.80 -12.36 -12.52
N LYS A 54 -9.45 -13.63 -12.31
CA LYS A 54 -8.81 -14.43 -13.35
C LYS A 54 -7.47 -13.83 -13.76
N ASN A 55 -6.70 -13.40 -12.77
CA ASN A 55 -5.39 -12.81 -13.03
C ASN A 55 -4.51 -12.86 -11.79
N LEU A 56 -3.31 -13.41 -11.94
CA LEU A 56 -2.38 -13.53 -10.83
C LEU A 56 -1.58 -12.23 -10.65
N ASN A 57 -1.27 -11.58 -11.76
CA ASN A 57 -0.51 -10.33 -11.73
C ASN A 57 -1.33 -9.19 -12.32
N PRO A 58 -2.18 -8.57 -11.49
CA PRO A 58 -3.03 -7.46 -11.90
C PRO A 58 -2.24 -6.19 -12.17
N GLU A 59 -2.59 -5.49 -13.24
CA GLU A 59 -1.90 -4.25 -13.61
C GLU A 59 -2.65 -3.04 -13.08
N TRP A 60 -2.89 -3.03 -11.77
CA TRP A 60 -3.60 -1.92 -11.14
C TRP A 60 -3.21 -0.59 -11.77
N ASN A 61 -1.91 -0.28 -11.75
CA ASN A 61 -1.41 0.97 -12.31
C ASN A 61 -2.20 2.16 -11.80
N LYS A 62 -2.48 2.17 -10.50
CA LYS A 62 -3.22 3.24 -9.87
C LYS A 62 -2.38 3.95 -8.81
N VAL A 63 -2.60 5.26 -8.67
CA VAL A 63 -1.86 6.05 -7.69
C VAL A 63 -2.80 6.71 -6.70
N PHE A 64 -2.48 6.59 -5.41
CA PHE A 64 -3.30 7.18 -4.35
C PHE A 64 -2.57 8.33 -3.68
N THR A 65 -3.33 9.23 -3.06
CA THR A 65 -2.75 10.37 -2.37
C THR A 65 -3.40 10.58 -1.01
N PHE A 66 -2.57 10.70 0.02
CA PHE A 66 -3.05 10.91 1.38
C PHE A 66 -2.23 11.97 2.10
N PRO A 67 -2.91 12.79 2.92
CA PRO A 67 -2.26 13.86 3.68
C PRO A 67 -1.38 13.31 4.80
N ILE A 68 -0.28 14.02 5.08
CA ILE A 68 0.64 13.61 6.12
C ILE A 68 0.53 14.52 7.35
N LYS A 69 -0.19 14.05 8.36
CA LYS A 69 -0.37 14.82 9.58
C LYS A 69 0.86 14.71 10.48
N ASP A 70 1.49 13.54 10.48
CA ASP A 70 2.67 13.30 11.29
C ASP A 70 3.81 12.77 10.45
N ILE A 71 4.96 13.42 10.55
CA ILE A 71 6.14 13.02 9.78
C ILE A 71 6.61 11.62 10.19
N HIS A 72 6.29 11.24 11.43
CA HIS A 72 6.68 9.93 11.94
C HIS A 72 5.63 8.88 11.59
N ASP A 73 4.87 9.14 10.54
CA ASP A 73 3.83 8.21 10.11
C ASP A 73 4.39 7.17 9.15
N VAL A 74 3.76 6.00 9.11
CA VAL A 74 4.20 4.93 8.24
C VAL A 74 3.03 4.31 7.47
N LEU A 75 3.24 4.04 6.19
CA LEU A 75 2.20 3.45 5.36
C LEU A 75 2.29 1.93 5.37
N GLU A 76 1.15 1.27 5.53
CA GLU A 76 1.10 -0.18 5.56
C GLU A 76 0.20 -0.72 4.45
N VAL A 77 0.82 -1.18 3.36
CA VAL A 77 0.08 -1.72 2.23
C VAL A 77 -0.02 -3.24 2.31
N THR A 78 -1.14 -3.74 2.83
CA THR A 78 -1.36 -5.16 2.96
C THR A 78 -2.22 -5.70 1.82
N VAL A 79 -1.84 -6.86 1.29
CA VAL A 79 -2.57 -7.47 0.19
C VAL A 79 -3.63 -8.44 0.71
N PHE A 80 -4.80 -8.42 0.09
CA PHE A 80 -5.90 -9.29 0.49
C PHE A 80 -6.51 -9.99 -0.71
N ASP A 81 -7.05 -11.18 -0.50
CA ASP A 81 -7.66 -11.96 -1.56
C ASP A 81 -9.16 -12.12 -1.32
N GLU A 82 -9.97 -11.48 -2.16
CA GLU A 82 -11.42 -11.55 -2.03
C GLU A 82 -11.91 -12.99 -2.20
N ASP A 83 -12.61 -13.48 -1.18
CA ASP A 83 -13.13 -14.85 -1.20
C ASP A 83 -14.65 -14.84 -1.09
N GLY A 84 -15.33 -14.74 -2.22
CA GLY A 84 -16.78 -14.72 -2.23
C GLY A 84 -17.36 -14.02 -1.01
N ASP A 85 -18.32 -14.65 -0.36
CA ASP A 85 -18.96 -14.07 0.82
C ASP A 85 -17.96 -13.94 1.97
N LYS A 86 -17.22 -15.01 2.22
CA LYS A 86 -16.23 -15.02 3.29
C LYS A 86 -15.20 -13.90 3.08
N PRO A 87 -14.62 -13.42 4.19
CA PRO A 87 -13.61 -12.36 4.15
C PRO A 87 -12.29 -12.82 3.55
N PRO A 88 -11.46 -11.86 3.13
CA PRO A 88 -10.15 -12.15 2.54
C PRO A 88 -9.16 -12.70 3.55
N ASP A 89 -8.03 -13.20 3.05
CA ASP A 89 -7.00 -13.77 3.91
C ASP A 89 -5.70 -12.97 3.81
N PHE A 90 -4.87 -13.06 4.83
CA PHE A 90 -3.60 -12.35 4.86
C PHE A 90 -2.58 -13.03 3.95
N LEU A 91 -2.13 -12.30 2.93
CA LEU A 91 -1.15 -12.84 1.98
C LEU A 91 0.22 -12.24 2.23
N GLY A 92 0.35 -10.93 2.04
CA GLY A 92 1.61 -10.26 2.25
C GLY A 92 1.45 -8.81 2.65
N LYS A 93 2.36 -8.31 3.47
CA LYS A 93 2.30 -6.92 3.93
C LYS A 93 3.69 -6.28 3.86
N VAL A 94 3.71 -4.98 3.57
CA VAL A 94 4.96 -4.24 3.47
C VAL A 94 4.90 -2.95 4.27
N ALA A 95 5.81 -2.81 5.23
CA ALA A 95 5.85 -1.61 6.06
C ALA A 95 7.03 -0.72 5.69
N ILE A 96 6.75 0.52 5.32
CA ILE A 96 7.78 1.47 4.93
C ILE A 96 7.47 2.87 5.42
N PRO A 97 8.29 3.37 6.35
CA PRO A 97 8.11 4.71 6.92
C PRO A 97 8.41 5.82 5.91
N LEU A 98 7.63 6.89 5.97
CA LEU A 98 7.80 8.01 5.06
C LEU A 98 9.27 8.46 5.01
N LEU A 99 9.94 8.36 6.15
CA LEU A 99 11.35 8.74 6.23
C LEU A 99 12.19 7.92 5.27
N SER A 100 11.88 6.64 5.16
CA SER A 100 12.62 5.74 4.26
C SER A 100 12.55 6.25 2.82
N ILE A 101 11.64 7.19 2.57
CA ILE A 101 11.48 7.75 1.23
C ILE A 101 12.54 8.81 0.95
N ARG A 102 13.48 8.48 0.08
CA ARG A 102 14.56 9.39 -0.28
C ARG A 102 14.34 9.96 -1.68
N ASP A 103 14.24 9.07 -2.66
CA ASP A 103 14.03 9.49 -4.05
C ASP A 103 12.89 8.69 -4.68
N GLY A 104 12.51 9.08 -5.89
CA GLY A 104 11.43 8.40 -6.59
C GLY A 104 11.94 7.30 -7.50
N GLN A 105 12.76 6.41 -6.95
CA GLN A 105 13.31 5.30 -7.73
C GLN A 105 12.52 4.02 -7.49
N PRO A 106 12.36 3.23 -8.55
CA PRO A 106 11.62 1.96 -8.48
C PRO A 106 12.36 0.90 -7.67
N ASN A 107 12.09 0.85 -6.38
CA ASN A 107 12.74 -0.12 -5.50
C ASN A 107 11.81 -1.29 -5.20
N CYS A 108 12.21 -2.48 -5.65
CA CYS A 108 11.41 -3.69 -5.44
C CYS A 108 11.40 -4.07 -3.95
N TYR A 109 10.21 -4.15 -3.38
CA TYR A 109 10.05 -4.51 -1.97
C TYR A 109 9.55 -5.94 -1.82
N VAL A 110 10.26 -6.73 -1.03
CA VAL A 110 9.88 -8.12 -0.80
C VAL A 110 8.71 -8.22 0.16
N LEU A 111 7.64 -8.87 -0.28
CA LEU A 111 6.44 -9.04 0.53
C LEU A 111 6.70 -9.99 1.69
N LYS A 112 6.69 -9.45 2.92
CA LYS A 112 6.92 -10.25 4.11
C LYS A 112 5.63 -10.43 4.90
N ASN A 113 5.61 -11.44 5.77
CA ASN A 113 4.44 -11.72 6.58
C ASN A 113 4.42 -10.83 7.82
N LYS A 114 3.29 -10.82 8.52
CA LYS A 114 3.13 -10.01 9.72
C LYS A 114 4.44 -9.94 10.51
N ASP A 115 4.92 -11.10 10.94
CA ASP A 115 6.17 -11.16 11.70
C ASP A 115 7.17 -10.13 11.19
N LEU A 116 7.28 -10.01 9.87
CA LEU A 116 8.19 -9.06 9.26
C LEU A 116 9.64 -9.36 9.66
N GLU A 117 9.99 -10.64 9.68
CA GLU A 117 11.33 -11.06 10.05
C GLU A 117 12.09 -11.60 8.85
N GLN A 118 11.41 -12.42 8.05
CA GLN A 118 12.01 -13.01 6.86
C GLN A 118 11.07 -12.91 5.67
N ALA A 119 11.61 -13.12 4.47
CA ALA A 119 10.82 -13.05 3.25
C ALA A 119 10.01 -14.32 3.05
N PHE A 120 8.74 -14.17 2.70
CA PHE A 120 7.86 -15.31 2.47
C PHE A 120 7.41 -15.37 1.02
N LYS A 121 6.94 -14.24 0.49
CA LYS A 121 6.48 -14.16 -0.88
C LYS A 121 7.55 -13.56 -1.79
N GLY A 122 7.21 -13.36 -3.06
CA GLY A 122 8.16 -12.80 -3.99
C GLY A 122 8.46 -11.34 -3.70
N VAL A 123 7.96 -10.45 -4.54
CA VAL A 123 8.19 -9.02 -4.36
C VAL A 123 7.01 -8.20 -4.90
N ILE A 124 7.13 -6.88 -4.81
CA ILE A 124 6.07 -6.00 -5.27
C ILE A 124 6.64 -4.63 -5.67
N TYR A 125 6.26 -4.17 -6.86
CA TYR A 125 6.73 -2.88 -7.35
C TYR A 125 5.88 -1.74 -6.81
N LEU A 126 6.47 -0.92 -5.95
CA LEU A 126 5.76 0.21 -5.36
C LEU A 126 6.58 1.49 -5.49
N GLU A 127 5.99 2.51 -6.11
CA GLU A 127 6.67 3.78 -6.29
C GLU A 127 5.95 4.90 -5.53
N MET A 128 6.56 5.33 -4.43
CA MET A 128 5.99 6.39 -3.60
C MET A 128 6.78 7.69 -3.74
N ASP A 129 6.20 8.78 -3.26
CA ASP A 129 6.86 10.08 -3.34
C ASP A 129 6.47 10.95 -2.15
N LEU A 130 7.43 11.68 -1.60
CA LEU A 130 7.19 12.54 -0.46
C LEU A 130 7.09 14.01 -0.91
N ILE A 131 5.94 14.61 -0.64
CA ILE A 131 5.72 16.02 -1.00
C ILE A 131 5.57 16.89 0.24
N TYR A 132 6.39 17.94 0.30
CA TYR A 132 6.35 18.87 1.43
C TYR A 132 5.64 20.16 1.06
N ASN A 133 4.63 20.51 1.85
CA ASN A 133 3.86 21.73 1.61
C ASN A 133 4.77 22.87 1.18
N GLY A 1 -9.86 11.70 28.42
CA GLY A 1 -9.17 12.84 28.99
C GLY A 1 -8.60 13.76 27.93
N SER A 2 -9.48 14.32 27.10
CA SER A 2 -9.06 15.23 26.04
C SER A 2 -8.63 16.58 26.62
N SER A 3 -7.58 17.15 26.04
CA SER A 3 -7.07 18.43 26.50
C SER A 3 -8.17 19.49 26.50
N GLY A 4 -8.78 19.70 25.33
CA GLY A 4 -9.84 20.69 25.23
C GLY A 4 -9.33 22.06 24.85
N SER A 5 -8.86 22.19 23.61
CA SER A 5 -8.33 23.46 23.12
C SER A 5 -8.81 23.74 21.70
N SER A 6 -8.81 25.01 21.32
CA SER A 6 -9.25 25.42 19.99
C SER A 6 -8.05 25.81 19.12
N GLY A 7 -7.89 25.12 18.00
CA GLY A 7 -6.79 25.41 17.09
C GLY A 7 -6.72 24.43 15.94
N ASP A 8 -6.05 24.83 14.86
CA ASP A 8 -5.90 23.98 13.69
C ASP A 8 -4.49 23.42 13.59
N VAL A 9 -4.36 22.27 12.94
CA VAL A 9 -3.05 21.63 12.78
C VAL A 9 -2.41 22.01 11.46
N LYS A 10 -1.10 21.81 11.36
CA LYS A 10 -0.36 22.14 10.15
C LYS A 10 0.12 20.87 9.45
N ASP A 11 0.05 20.87 8.12
CA ASP A 11 0.49 19.72 7.34
C ASP A 11 1.95 19.86 6.95
N VAL A 12 2.66 18.73 6.90
CA VAL A 12 4.06 18.72 6.53
C VAL A 12 4.25 18.56 5.04
N GLY A 13 3.29 17.92 4.39
CA GLY A 13 3.35 17.71 2.95
C GLY A 13 2.31 16.73 2.46
N ILE A 14 2.51 16.22 1.25
CA ILE A 14 1.58 15.27 0.66
C ILE A 14 2.28 13.97 0.27
N LEU A 15 1.55 12.86 0.34
CA LEU A 15 2.11 11.55 -0.01
C LEU A 15 1.39 10.96 -1.20
N GLN A 16 2.04 11.01 -2.36
CA GLN A 16 1.47 10.47 -3.59
C GLN A 16 1.96 9.05 -3.84
N VAL A 17 1.09 8.07 -3.64
CA VAL A 17 1.45 6.67 -3.85
C VAL A 17 0.94 6.18 -5.21
N LYS A 18 1.76 5.38 -5.87
CA LYS A 18 1.40 4.83 -7.18
C LYS A 18 1.59 3.32 -7.21
N VAL A 19 0.49 2.60 -7.36
CA VAL A 19 0.54 1.14 -7.41
C VAL A 19 0.78 0.64 -8.84
N LEU A 20 2.04 0.33 -9.14
CA LEU A 20 2.40 -0.15 -10.47
C LEU A 20 1.76 -1.51 -10.75
N LYS A 21 2.24 -2.54 -10.04
CA LYS A 21 1.72 -3.89 -10.21
C LYS A 21 2.34 -4.84 -9.20
N ALA A 22 1.88 -6.09 -9.20
CA ALA A 22 2.40 -7.10 -8.29
C ALA A 22 2.63 -8.42 -9.01
N ALA A 23 3.77 -9.04 -8.73
CA ALA A 23 4.12 -10.32 -9.36
C ALA A 23 4.42 -11.38 -8.29
N ASP A 24 4.82 -12.56 -8.76
CA ASP A 24 5.13 -13.66 -7.85
C ASP A 24 4.10 -13.76 -6.74
N LEU A 25 2.83 -13.67 -7.10
CA LEU A 25 1.74 -13.75 -6.13
C LEU A 25 1.19 -15.17 -6.05
N LEU A 26 1.44 -15.83 -4.92
CA LEU A 26 0.95 -17.20 -4.71
C LEU A 26 -0.44 -17.38 -5.29
N ALA A 27 -0.55 -18.20 -6.31
CA ALA A 27 -1.83 -18.47 -6.96
C ALA A 27 -2.82 -19.09 -5.98
N ALA A 28 -3.37 -18.27 -5.10
CA ALA A 28 -4.33 -18.74 -4.10
C ALA A 28 -5.19 -19.87 -4.67
N ASP A 29 -5.67 -19.69 -5.90
CA ASP A 29 -6.50 -20.68 -6.55
C ASP A 29 -5.66 -21.79 -7.15
N PHE A 30 -6.24 -22.99 -7.22
CA PHE A 30 -5.53 -24.15 -7.77
C PHE A 30 -5.33 -24.01 -9.27
N SER A 31 -6.42 -23.71 -9.97
CA SER A 31 -6.38 -23.55 -11.43
C SER A 31 -5.07 -22.87 -11.86
N GLY A 32 -4.66 -21.87 -11.09
CA GLY A 32 -3.44 -21.15 -11.40
C GLY A 32 -3.66 -19.66 -11.51
N LYS A 33 -4.67 -19.15 -10.82
CA LYS A 33 -4.99 -17.73 -10.85
C LYS A 33 -5.27 -17.21 -9.44
N SER A 34 -5.46 -15.89 -9.34
CA SER A 34 -5.73 -15.27 -8.05
C SER A 34 -6.33 -13.88 -8.24
N ASP A 35 -7.12 -13.44 -7.25
CA ASP A 35 -7.76 -12.13 -7.31
C ASP A 35 -7.28 -11.24 -6.17
N PRO A 36 -5.95 -11.15 -6.01
CA PRO A 36 -5.34 -10.34 -4.94
C PRO A 36 -5.51 -8.85 -5.19
N PHE A 37 -5.76 -8.10 -4.11
CA PHE A 37 -5.95 -6.66 -4.20
C PHE A 37 -5.11 -5.94 -3.16
N CYS A 38 -4.61 -4.75 -3.53
CA CYS A 38 -3.79 -3.96 -2.63
C CYS A 38 -4.65 -3.02 -1.79
N LEU A 39 -4.29 -2.88 -0.51
CA LEU A 39 -5.04 -2.00 0.40
C LEU A 39 -4.11 -1.00 1.07
N LEU A 40 -4.46 0.28 0.97
CA LEU A 40 -3.67 1.34 1.56
C LEU A 40 -4.34 1.89 2.82
N GLU A 41 -3.57 2.05 3.89
CA GLU A 41 -4.10 2.57 5.14
C GLU A 41 -3.06 3.44 5.85
N LEU A 42 -3.39 4.71 6.02
CA LEU A 42 -2.48 5.65 6.69
C LEU A 42 -3.27 6.70 7.47
N GLY A 43 -2.73 7.09 8.62
CA GLY A 43 -3.39 8.07 9.45
C GLY A 43 -4.84 7.73 9.73
N ASN A 44 -5.76 8.37 9.00
CA ASN A 44 -7.18 8.11 9.17
C ASN A 44 -7.83 7.72 7.85
N ASP A 45 -7.29 8.25 6.75
CA ASP A 45 -7.82 7.95 5.43
C ASP A 45 -7.27 6.63 4.90
N ARG A 46 -8.03 5.98 4.02
CA ARG A 46 -7.63 4.71 3.45
C ARG A 46 -8.29 4.49 2.10
N LEU A 47 -7.55 3.88 1.18
CA LEU A 47 -8.06 3.60 -0.16
C LEU A 47 -7.54 2.28 -0.69
N GLN A 48 -8.36 1.59 -1.48
CA GLN A 48 -7.98 0.30 -2.05
C GLN A 48 -8.04 0.34 -3.58
N THR A 49 -7.41 -0.65 -4.21
CA THR A 49 -7.39 -0.73 -5.66
C THR A 49 -8.48 -1.65 -6.18
N HIS A 50 -8.66 -1.67 -7.50
CA HIS A 50 -9.68 -2.50 -8.13
C HIS A 50 -9.30 -3.98 -8.05
N THR A 51 -10.25 -4.82 -7.69
CA THR A 51 -10.01 -6.26 -7.60
C THR A 51 -10.05 -6.93 -8.96
N VAL A 52 -8.90 -7.40 -9.42
CA VAL A 52 -8.81 -8.05 -10.72
C VAL A 52 -8.87 -9.58 -10.57
N TYR A 53 -9.76 -10.21 -11.33
CA TYR A 53 -9.91 -11.65 -11.27
C TYR A 53 -9.38 -12.30 -12.55
N LYS A 54 -9.09 -13.60 -12.45
CA LYS A 54 -8.57 -14.35 -13.60
C LYS A 54 -7.30 -13.70 -14.13
N ASN A 55 -6.43 -13.29 -13.22
CA ASN A 55 -5.16 -12.66 -13.60
C ASN A 55 -4.16 -12.71 -12.45
N LEU A 56 -3.12 -13.51 -12.62
CA LEU A 56 -2.09 -13.65 -11.60
C LEU A 56 -1.33 -12.34 -11.41
N ASN A 57 -1.12 -11.62 -12.50
CA ASN A 57 -0.41 -10.35 -12.46
C ASN A 57 -1.34 -9.19 -12.81
N PRO A 58 -2.11 -8.72 -11.82
CA PRO A 58 -3.05 -7.62 -12.00
C PRO A 58 -2.35 -6.28 -12.20
N GLU A 59 -2.77 -5.55 -13.23
CA GLU A 59 -2.18 -4.25 -13.53
C GLU A 59 -3.04 -3.12 -12.96
N TRP A 60 -2.64 -2.61 -11.80
CA TRP A 60 -3.36 -1.53 -11.15
C TRP A 60 -3.00 -0.19 -11.77
N ASN A 61 -1.75 0.24 -11.59
CA ASN A 61 -1.29 1.50 -12.14
C ASN A 61 -2.22 2.64 -11.75
N LYS A 62 -2.47 2.78 -10.44
CA LYS A 62 -3.34 3.82 -9.94
C LYS A 62 -2.55 4.83 -9.10
N VAL A 63 -3.18 5.96 -8.79
CA VAL A 63 -2.55 7.00 -7.99
C VAL A 63 -3.39 7.38 -6.79
N PHE A 64 -2.85 7.15 -5.60
CA PHE A 64 -3.57 7.46 -4.37
C PHE A 64 -2.77 8.44 -3.51
N THR A 65 -3.36 9.61 -3.26
CA THR A 65 -2.71 10.64 -2.46
C THR A 65 -3.32 10.72 -1.07
N PHE A 66 -2.51 11.10 -0.09
CA PHE A 66 -2.97 11.22 1.28
C PHE A 66 -2.27 12.38 1.99
N PRO A 67 -3.03 13.09 2.84
CA PRO A 67 -2.50 14.23 3.60
C PRO A 67 -1.51 13.81 4.68
N ILE A 68 -0.28 14.32 4.59
CA ILE A 68 0.76 13.99 5.55
C ILE A 68 0.65 14.87 6.79
N LYS A 69 -0.06 14.38 7.80
CA LYS A 69 -0.23 15.12 9.05
C LYS A 69 1.06 15.12 9.86
N ASP A 70 1.77 14.00 9.86
CA ASP A 70 3.01 13.88 10.59
C ASP A 70 4.05 13.12 9.77
N ILE A 71 5.21 13.74 9.57
CA ILE A 71 6.29 13.12 8.81
C ILE A 71 6.78 11.85 9.49
N HIS A 72 6.53 11.74 10.80
CA HIS A 72 6.96 10.58 11.56
C HIS A 72 5.97 9.43 11.38
N ASP A 73 5.07 9.57 10.42
CA ASP A 73 4.08 8.54 10.14
C ASP A 73 4.63 7.50 9.17
N VAL A 74 4.07 6.30 9.21
CA VAL A 74 4.49 5.22 8.33
C VAL A 74 3.31 4.60 7.60
N LEU A 75 3.45 4.42 6.29
CA LEU A 75 2.40 3.83 5.48
C LEU A 75 2.48 2.32 5.49
N GLU A 76 1.33 1.66 5.71
CA GLU A 76 1.29 0.21 5.74
C GLU A 76 0.47 -0.34 4.57
N VAL A 77 1.11 -1.14 3.73
CA VAL A 77 0.44 -1.73 2.57
C VAL A 77 0.33 -3.24 2.71
N THR A 78 -0.91 -3.74 2.77
CA THR A 78 -1.14 -5.17 2.90
C THR A 78 -1.95 -5.70 1.72
N VAL A 79 -1.50 -6.82 1.16
CA VAL A 79 -2.20 -7.43 0.03
C VAL A 79 -3.16 -8.52 0.50
N PHE A 80 -4.40 -8.42 0.06
CA PHE A 80 -5.42 -9.40 0.43
C PHE A 80 -5.97 -10.10 -0.81
N ASP A 81 -6.85 -11.08 -0.58
CA ASP A 81 -7.46 -11.83 -1.68
C ASP A 81 -8.92 -12.13 -1.39
N GLU A 82 -9.81 -11.64 -2.26
CA GLU A 82 -11.24 -11.86 -2.09
C GLU A 82 -11.64 -13.26 -2.54
N ASP A 83 -12.37 -13.96 -1.67
CA ASP A 83 -12.82 -15.32 -1.98
C ASP A 83 -14.34 -15.43 -1.85
N GLY A 84 -15.04 -15.05 -2.91
CA GLY A 84 -16.50 -15.12 -2.90
C GLY A 84 -17.07 -14.80 -1.54
N ASP A 85 -18.14 -15.49 -1.17
CA ASP A 85 -18.79 -15.27 0.11
C ASP A 85 -17.80 -15.41 1.27
N LYS A 86 -16.96 -16.43 1.18
CA LYS A 86 -15.95 -16.67 2.21
C LYS A 86 -15.03 -15.47 2.38
N PRO A 87 -14.49 -15.30 3.60
CA PRO A 87 -13.59 -14.18 3.91
C PRO A 87 -12.24 -14.32 3.21
N PRO A 88 -11.58 -13.18 2.96
CA PRO A 88 -10.28 -13.14 2.31
C PRO A 88 -9.16 -13.70 3.19
N ASP A 89 -8.06 -14.09 2.57
CA ASP A 89 -6.92 -14.63 3.30
C ASP A 89 -5.73 -13.67 3.24
N PHE A 90 -4.80 -13.85 4.18
CA PHE A 90 -3.61 -12.99 4.24
C PHE A 90 -2.52 -13.54 3.34
N LEU A 91 -1.92 -12.67 2.54
CA LEU A 91 -0.84 -13.06 1.63
C LEU A 91 0.49 -12.47 2.07
N GLY A 92 0.57 -11.14 2.08
CA GLY A 92 1.79 -10.47 2.49
C GLY A 92 1.56 -9.02 2.85
N LYS A 93 2.53 -8.42 3.52
CA LYS A 93 2.44 -7.02 3.93
C LYS A 93 3.80 -6.34 3.89
N VAL A 94 3.80 -5.03 3.67
CA VAL A 94 5.03 -4.26 3.61
C VAL A 94 4.91 -2.96 4.38
N ALA A 95 5.75 -2.78 5.39
CA ALA A 95 5.75 -1.58 6.20
C ALA A 95 6.91 -0.66 5.84
N ILE A 96 6.61 0.58 5.47
CA ILE A 96 7.62 1.54 5.11
C ILE A 96 7.34 2.91 5.72
N PRO A 97 8.21 3.35 6.64
CA PRO A 97 8.06 4.65 7.31
C PRO A 97 8.31 5.81 6.37
N LEU A 98 7.41 6.80 6.39
CA LEU A 98 7.53 7.97 5.54
C LEU A 98 8.96 8.49 5.53
N LEU A 99 9.71 8.18 6.58
CA LEU A 99 11.10 8.61 6.69
C LEU A 99 11.99 7.84 5.72
N SER A 100 11.87 6.52 5.72
CA SER A 100 12.66 5.68 4.83
C SER A 100 12.67 6.23 3.42
N ILE A 101 11.62 6.98 3.08
CA ILE A 101 11.51 7.57 1.75
C ILE A 101 12.52 8.68 1.56
N ARG A 102 13.61 8.36 0.84
CA ARG A 102 14.66 9.34 0.58
C ARG A 102 14.53 9.92 -0.82
N ASP A 103 14.30 9.05 -1.80
CA ASP A 103 14.15 9.48 -3.18
C ASP A 103 12.93 8.82 -3.83
N GLY A 104 12.73 9.08 -5.12
CA GLY A 104 11.60 8.51 -5.82
C GLY A 104 12.02 7.46 -6.84
N GLN A 105 12.75 6.45 -6.39
CA GLN A 105 13.21 5.39 -7.26
C GLN A 105 12.44 4.10 -7.01
N PRO A 106 12.21 3.33 -8.09
CA PRO A 106 11.47 2.06 -8.01
C PRO A 106 12.26 0.98 -7.28
N ASN A 107 11.94 0.77 -6.01
CA ASN A 107 12.62 -0.24 -5.20
C ASN A 107 11.68 -1.41 -4.89
N CYS A 108 12.10 -2.61 -5.27
CA CYS A 108 11.31 -3.81 -5.02
C CYS A 108 11.26 -4.14 -3.54
N TYR A 109 10.06 -4.25 -3.00
CA TYR A 109 9.88 -4.57 -1.59
C TYR A 109 9.40 -6.00 -1.40
N VAL A 110 10.05 -6.72 -0.49
CA VAL A 110 9.68 -8.11 -0.22
C VAL A 110 8.46 -8.20 0.67
N LEU A 111 7.62 -9.19 0.42
CA LEU A 111 6.40 -9.38 1.21
C LEU A 111 6.68 -10.21 2.46
N LYS A 112 6.27 -9.69 3.61
CA LYS A 112 6.47 -10.38 4.88
C LYS A 112 5.16 -10.56 5.62
N ASN A 113 5.17 -11.37 6.67
CA ASN A 113 3.98 -11.64 7.46
C ASN A 113 3.50 -10.37 8.16
N LYS A 114 2.35 -10.46 8.82
CA LYS A 114 1.78 -9.32 9.52
C LYS A 114 2.84 -8.62 10.37
N ASP A 115 3.48 -9.38 11.25
CA ASP A 115 4.53 -8.84 12.11
C ASP A 115 5.88 -8.86 11.42
N LEU A 116 5.87 -8.69 10.10
CA LEU A 116 7.10 -8.70 9.32
C LEU A 116 8.11 -9.69 9.90
N GLU A 117 7.61 -10.82 10.39
CA GLU A 117 8.47 -11.85 10.98
C GLU A 117 9.14 -12.67 9.88
N GLN A 118 8.33 -13.32 9.06
CA GLN A 118 8.84 -14.16 7.98
C GLN A 118 8.70 -13.45 6.64
N ALA A 119 9.49 -13.87 5.66
CA ALA A 119 9.46 -13.28 4.34
C ALA A 119 8.63 -14.13 3.37
N PHE A 120 7.32 -13.88 3.36
CA PHE A 120 6.42 -14.63 2.49
C PHE A 120 6.89 -14.58 1.03
N LYS A 121 6.59 -15.63 0.28
CA LYS A 121 7.00 -15.72 -1.12
C LYS A 121 6.21 -14.73 -1.96
N GLY A 122 6.93 -13.91 -2.74
CA GLY A 122 6.27 -12.93 -3.59
C GLY A 122 6.81 -11.53 -3.36
N VAL A 123 6.91 -10.77 -4.44
CA VAL A 123 7.40 -9.39 -4.36
C VAL A 123 6.33 -8.39 -4.77
N ILE A 124 6.69 -7.11 -4.77
CA ILE A 124 5.76 -6.06 -5.15
C ILE A 124 6.50 -4.78 -5.55
N TYR A 125 5.96 -4.06 -6.51
CA TYR A 125 6.56 -2.82 -6.98
C TYR A 125 5.68 -1.63 -6.66
N LEU A 126 6.11 -0.82 -5.70
CA LEU A 126 5.35 0.36 -5.30
C LEU A 126 6.17 1.62 -5.52
N GLU A 127 5.56 2.60 -6.18
CA GLU A 127 6.23 3.87 -6.46
C GLU A 127 5.56 5.02 -5.70
N MET A 128 6.28 5.56 -4.73
CA MET A 128 5.76 6.67 -3.93
C MET A 128 6.55 7.95 -4.20
N ASP A 129 5.93 9.09 -3.91
CA ASP A 129 6.56 10.38 -4.13
C ASP A 129 6.34 11.31 -2.93
N LEU A 130 7.40 11.56 -2.18
CA LEU A 130 7.31 12.42 -1.00
C LEU A 130 7.32 13.89 -1.41
N ILE A 131 6.30 14.63 -1.00
CA ILE A 131 6.19 16.04 -1.32
C ILE A 131 6.17 16.89 -0.05
N TYR A 132 6.82 18.05 -0.10
CA TYR A 132 6.88 18.95 1.04
C TYR A 132 6.01 20.18 0.81
N ASN A 133 5.18 20.51 1.79
CA ASN A 133 4.30 21.67 1.70
C ASN A 133 5.10 22.97 1.69
N GLY A 1 -18.85 24.14 8.76
CA GLY A 1 -19.57 24.53 9.96
C GLY A 1 -19.30 25.96 10.37
N SER A 2 -18.18 26.16 11.07
CA SER A 2 -17.80 27.49 11.53
C SER A 2 -16.29 27.62 11.64
N SER A 3 -15.69 28.39 10.75
CA SER A 3 -14.24 28.59 10.76
C SER A 3 -13.83 29.66 9.74
N GLY A 4 -12.93 30.54 10.15
CA GLY A 4 -12.46 31.60 9.26
C GLY A 4 -10.96 31.75 9.28
N SER A 5 -10.37 31.68 10.47
CA SER A 5 -8.92 31.82 10.61
C SER A 5 -8.31 30.53 11.16
N SER A 6 -7.46 29.91 10.36
CA SER A 6 -6.80 28.67 10.76
C SER A 6 -5.29 28.77 10.58
N GLY A 7 -4.62 29.34 11.59
CA GLY A 7 -3.17 29.48 11.51
C GLY A 7 -2.45 28.57 12.49
N ASP A 8 -2.26 27.32 12.09
CA ASP A 8 -1.58 26.34 12.94
C ASP A 8 -0.39 25.73 12.21
N VAL A 9 0.42 24.97 12.94
CA VAL A 9 1.58 24.32 12.36
C VAL A 9 1.32 23.89 10.93
N LYS A 10 2.26 24.21 10.03
CA LYS A 10 2.13 23.86 8.63
C LYS A 10 2.25 22.35 8.43
N ASP A 11 1.18 21.73 7.94
CA ASP A 11 1.17 20.30 7.70
C ASP A 11 2.46 19.84 7.03
N VAL A 12 2.90 18.63 7.35
CA VAL A 12 4.12 18.09 6.77
C VAL A 12 4.13 18.25 5.26
N GLY A 13 3.04 17.85 4.61
CA GLY A 13 2.94 17.97 3.17
C GLY A 13 1.96 16.99 2.58
N ILE A 14 2.34 16.36 1.47
CA ILE A 14 1.47 15.39 0.81
C ILE A 14 2.26 14.16 0.38
N LEU A 15 1.63 12.99 0.49
CA LEU A 15 2.27 11.74 0.11
C LEU A 15 1.56 11.09 -1.08
N GLN A 16 2.21 11.11 -2.23
CA GLN A 16 1.65 10.53 -3.44
C GLN A 16 2.10 9.08 -3.61
N VAL A 17 1.14 8.16 -3.68
CA VAL A 17 1.43 6.75 -3.85
C VAL A 17 0.92 6.23 -5.20
N LYS A 18 1.64 5.28 -5.77
CA LYS A 18 1.26 4.71 -7.05
C LYS A 18 1.48 3.19 -7.06
N VAL A 19 0.39 2.43 -7.15
CA VAL A 19 0.47 0.98 -7.17
C VAL A 19 0.81 0.46 -8.56
N LEU A 20 2.09 0.17 -8.78
CA LEU A 20 2.55 -0.33 -10.07
C LEU A 20 1.94 -1.70 -10.36
N LYS A 21 2.43 -2.73 -9.68
CA LYS A 21 1.94 -4.08 -9.85
C LYS A 21 2.56 -5.04 -8.84
N ALA A 22 2.26 -6.32 -8.98
CA ALA A 22 2.78 -7.33 -8.07
C ALA A 22 3.41 -8.49 -8.84
N ALA A 23 4.33 -9.20 -8.19
CA ALA A 23 5.00 -10.33 -8.82
C ALA A 23 5.16 -11.49 -7.83
N ASP A 24 5.04 -12.71 -8.34
CA ASP A 24 5.18 -13.89 -7.50
C ASP A 24 4.11 -13.92 -6.42
N LEU A 25 2.85 -13.75 -6.83
CA LEU A 25 1.73 -13.75 -5.89
C LEU A 25 1.23 -15.18 -5.65
N LEU A 26 0.57 -15.38 -4.51
CA LEU A 26 0.04 -16.68 -4.17
C LEU A 26 -1.31 -16.93 -4.85
N ALA A 27 -1.54 -18.17 -5.26
CA ALA A 27 -2.78 -18.53 -5.92
C ALA A 27 -3.77 -19.13 -4.93
N ALA A 28 -4.71 -18.32 -4.47
CA ALA A 28 -5.72 -18.76 -3.52
C ALA A 28 -6.46 -19.99 -4.04
N ASP A 29 -6.71 -20.01 -5.34
CA ASP A 29 -7.41 -21.13 -5.97
C ASP A 29 -6.42 -22.20 -6.42
N PHE A 30 -6.95 -23.31 -6.93
CA PHE A 30 -6.11 -24.42 -7.39
C PHE A 30 -5.81 -24.28 -8.89
N SER A 31 -6.80 -23.82 -9.63
CA SER A 31 -6.66 -23.64 -11.07
C SER A 31 -5.35 -22.94 -11.40
N GLY A 32 -5.10 -21.82 -10.75
CA GLY A 32 -3.88 -21.07 -10.98
C GLY A 32 -4.12 -19.59 -11.16
N LYS A 33 -5.19 -19.10 -10.54
CA LYS A 33 -5.54 -17.68 -10.64
C LYS A 33 -5.85 -17.11 -9.26
N SER A 34 -6.04 -15.79 -9.20
CA SER A 34 -6.33 -15.11 -7.95
C SER A 34 -6.87 -13.70 -8.19
N ASP A 35 -7.66 -13.21 -7.25
CA ASP A 35 -8.24 -11.88 -7.38
C ASP A 35 -7.76 -10.97 -6.24
N PRO A 36 -6.44 -10.93 -6.04
CA PRO A 36 -5.82 -10.11 -4.99
C PRO A 36 -5.93 -8.61 -5.29
N PHE A 37 -6.05 -7.81 -4.22
CA PHE A 37 -6.16 -6.37 -4.37
C PHE A 37 -5.27 -5.66 -3.36
N CYS A 38 -4.65 -4.57 -3.79
CA CYS A 38 -3.76 -3.79 -2.93
C CYS A 38 -4.56 -2.77 -2.12
N LEU A 39 -4.37 -2.78 -0.80
CA LEU A 39 -5.07 -1.86 0.08
C LEU A 39 -4.09 -0.95 0.81
N LEU A 40 -4.45 0.32 0.94
CA LEU A 40 -3.60 1.28 1.62
C LEU A 40 -4.29 1.83 2.88
N GLU A 41 -3.50 2.07 3.92
CA GLU A 41 -4.04 2.59 5.17
C GLU A 41 -3.03 3.51 5.85
N LEU A 42 -3.39 4.79 5.98
CA LEU A 42 -2.53 5.78 6.61
C LEU A 42 -3.34 6.79 7.39
N GLY A 43 -2.90 7.09 8.62
CA GLY A 43 -3.60 8.06 9.44
C GLY A 43 -5.04 7.68 9.67
N ASN A 44 -5.94 8.27 8.87
CA ASN A 44 -7.37 8.00 9.00
C ASN A 44 -7.96 7.61 7.64
N ASP A 45 -7.38 8.14 6.57
CA ASP A 45 -7.85 7.84 5.23
C ASP A 45 -7.34 6.49 4.75
N ARG A 46 -8.11 5.84 3.89
CA ARG A 46 -7.74 4.54 3.37
C ARG A 46 -8.41 4.27 2.02
N LEU A 47 -7.65 3.70 1.09
CA LEU A 47 -8.18 3.41 -0.23
C LEU A 47 -7.66 2.06 -0.74
N GLN A 48 -8.34 1.49 -1.73
CA GLN A 48 -7.94 0.21 -2.29
C GLN A 48 -8.02 0.24 -3.82
N THR A 49 -7.35 -0.70 -4.46
CA THR A 49 -7.33 -0.79 -5.91
C THR A 49 -8.37 -1.78 -6.42
N HIS A 50 -8.63 -1.75 -7.72
CA HIS A 50 -9.61 -2.65 -8.34
C HIS A 50 -9.14 -4.09 -8.23
N THR A 51 -10.08 -5.00 -7.95
CA THR A 51 -9.76 -6.41 -7.83
C THR A 51 -9.78 -7.10 -9.19
N VAL A 52 -8.60 -7.50 -9.66
CA VAL A 52 -8.47 -8.18 -10.95
C VAL A 52 -8.59 -9.68 -10.79
N TYR A 53 -9.68 -10.24 -11.32
CA TYR A 53 -9.91 -11.68 -11.24
C TYR A 53 -9.38 -12.39 -12.49
N LYS A 54 -9.15 -13.70 -12.36
CA LYS A 54 -8.65 -14.50 -13.48
C LYS A 54 -7.25 -14.05 -13.88
N ASN A 55 -6.44 -13.71 -12.89
CA ASN A 55 -5.07 -13.26 -13.14
C ASN A 55 -4.21 -13.40 -11.88
N LEU A 56 -2.91 -13.61 -12.08
CA LEU A 56 -1.99 -13.75 -10.97
C LEU A 56 -1.11 -12.52 -10.81
N ASN A 57 -0.98 -11.76 -11.90
CA ASN A 57 -0.17 -10.55 -11.89
C ASN A 57 -1.00 -9.34 -12.31
N PRO A 58 -1.77 -8.79 -11.36
CA PRO A 58 -2.63 -7.63 -11.60
C PRO A 58 -1.82 -6.35 -11.82
N GLU A 59 -2.25 -5.55 -12.79
CA GLU A 59 -1.55 -4.30 -13.10
C GLU A 59 -2.40 -3.10 -12.67
N TRP A 60 -2.63 -2.99 -11.36
CA TRP A 60 -3.41 -1.88 -10.82
C TRP A 60 -3.03 -0.56 -11.46
N ASN A 61 -1.75 -0.20 -11.33
CA ASN A 61 -1.25 1.05 -11.90
C ASN A 61 -2.14 2.22 -11.51
N LYS A 62 -2.49 2.30 -10.22
CA LYS A 62 -3.32 3.37 -9.72
C LYS A 62 -2.48 4.43 -9.01
N VAL A 63 -3.13 5.53 -8.62
CA VAL A 63 -2.44 6.62 -7.93
C VAL A 63 -3.30 7.19 -6.82
N PHE A 64 -2.88 6.96 -5.58
CA PHE A 64 -3.61 7.45 -4.42
C PHE A 64 -2.77 8.44 -3.62
N THR A 65 -3.38 9.54 -3.21
CA THR A 65 -2.69 10.56 -2.43
C THR A 65 -3.23 10.64 -1.01
N PHE A 66 -2.33 10.83 -0.04
CA PHE A 66 -2.73 10.92 1.36
C PHE A 66 -1.97 12.06 2.05
N PRO A 67 -2.69 12.79 2.92
CA PRO A 67 -2.12 13.92 3.66
C PRO A 67 -1.13 13.46 4.73
N ILE A 68 -0.10 14.27 4.97
CA ILE A 68 0.90 13.95 5.97
C ILE A 68 0.81 14.89 7.17
N LYS A 69 0.45 14.34 8.32
CA LYS A 69 0.33 15.13 9.54
C LYS A 69 1.55 14.94 10.44
N ASP A 70 2.31 13.87 10.18
CA ASP A 70 3.51 13.57 10.96
C ASP A 70 4.54 12.85 10.11
N ILE A 71 5.72 13.44 10.00
CA ILE A 71 6.79 12.84 9.21
C ILE A 71 7.22 11.49 9.79
N HIS A 72 6.90 11.28 11.06
CA HIS A 72 7.25 10.03 11.73
C HIS A 72 6.19 8.96 11.47
N ASP A 73 5.42 9.14 10.41
CA ASP A 73 4.37 8.20 10.05
C ASP A 73 4.87 7.21 9.00
N VAL A 74 4.35 5.99 9.06
CA VAL A 74 4.74 4.94 8.11
C VAL A 74 3.52 4.34 7.42
N LEU A 75 3.64 4.12 6.11
CA LEU A 75 2.56 3.55 5.34
C LEU A 75 2.64 2.03 5.30
N GLU A 76 1.49 1.36 5.35
CA GLU A 76 1.45 -0.09 5.32
C GLU A 76 0.56 -0.58 4.18
N VAL A 77 1.18 -1.24 3.21
CA VAL A 77 0.44 -1.77 2.05
C VAL A 77 0.27 -3.28 2.16
N THR A 78 -0.89 -3.72 2.63
CA THR A 78 -1.18 -5.13 2.78
C THR A 78 -2.06 -5.64 1.64
N VAL A 79 -1.73 -6.82 1.11
CA VAL A 79 -2.48 -7.41 0.02
C VAL A 79 -3.54 -8.37 0.55
N PHE A 80 -4.75 -8.30 -0.01
CA PHE A 80 -5.84 -9.17 0.41
C PHE A 80 -6.41 -9.93 -0.78
N ASP A 81 -7.15 -10.99 -0.49
CA ASP A 81 -7.76 -11.80 -1.54
C ASP A 81 -9.27 -11.92 -1.35
N GLU A 82 -10.03 -11.39 -2.30
CA GLU A 82 -11.48 -11.43 -2.24
C GLU A 82 -12.00 -12.83 -2.56
N ASP A 83 -12.72 -13.42 -1.62
CA ASP A 83 -13.28 -14.75 -1.79
C ASP A 83 -14.77 -14.77 -1.45
N GLY A 84 -15.61 -14.61 -2.45
CA GLY A 84 -17.04 -14.61 -2.25
C GLY A 84 -17.44 -13.82 -1.00
N ASP A 85 -18.60 -14.17 -0.44
CA ASP A 85 -19.09 -13.50 0.76
C ASP A 85 -18.12 -13.68 1.93
N LYS A 86 -17.33 -14.74 1.87
CA LYS A 86 -16.36 -15.03 2.92
C LYS A 86 -15.31 -13.92 3.02
N PRO A 87 -14.69 -13.79 4.20
CA PRO A 87 -13.67 -12.77 4.44
C PRO A 87 -12.38 -13.05 3.68
N PRO A 88 -11.63 -11.98 3.37
CA PRO A 88 -10.36 -12.08 2.64
C PRO A 88 -9.26 -12.73 3.48
N ASP A 89 -8.25 -13.27 2.81
CA ASP A 89 -7.14 -13.91 3.49
C ASP A 89 -5.85 -13.10 3.32
N PHE A 90 -5.00 -13.13 4.35
CA PHE A 90 -3.73 -12.40 4.31
C PHE A 90 -2.75 -13.08 3.38
N LEU A 91 -2.23 -12.32 2.42
CA LEU A 91 -1.27 -12.85 1.45
C LEU A 91 0.12 -12.28 1.72
N GLY A 92 0.29 -10.98 1.45
CA GLY A 92 1.58 -10.35 1.65
C GLY A 92 1.44 -8.96 2.25
N LYS A 93 2.54 -8.45 2.82
CA LYS A 93 2.53 -7.12 3.42
C LYS A 93 3.92 -6.50 3.36
N VAL A 94 3.96 -5.16 3.33
CA VAL A 94 5.22 -4.44 3.26
C VAL A 94 5.15 -3.14 4.06
N ALA A 95 6.06 -2.99 5.02
CA ALA A 95 6.10 -1.79 5.85
C ALA A 95 7.18 -0.82 5.35
N ILE A 96 6.77 0.41 5.08
CA ILE A 96 7.69 1.44 4.60
C ILE A 96 7.43 2.77 5.27
N PRO A 97 8.34 3.18 6.17
CA PRO A 97 8.23 4.45 6.90
C PRO A 97 8.43 5.65 6.00
N LEU A 98 7.51 6.61 6.08
CA LEU A 98 7.58 7.82 5.27
C LEU A 98 9.01 8.38 5.25
N LEU A 99 9.75 8.13 6.32
CA LEU A 99 11.13 8.59 6.43
C LEU A 99 12.02 7.90 5.41
N SER A 100 11.90 6.58 5.32
CA SER A 100 12.70 5.80 4.38
C SER A 100 12.62 6.40 2.97
N ILE A 101 11.47 6.98 2.65
CA ILE A 101 11.26 7.59 1.34
C ILE A 101 12.28 8.69 1.08
N ARG A 102 13.23 8.42 0.20
CA ARG A 102 14.26 9.39 -0.14
C ARG A 102 14.13 9.85 -1.59
N ASP A 103 13.99 8.90 -2.50
CA ASP A 103 13.85 9.20 -3.92
C ASP A 103 12.57 8.59 -4.48
N GLY A 104 12.30 8.87 -5.76
CA GLY A 104 11.10 8.34 -6.38
C GLY A 104 11.40 7.21 -7.35
N GLN A 105 12.41 6.41 -7.02
CA GLN A 105 12.80 5.28 -7.88
C GLN A 105 12.00 4.04 -7.53
N PRO A 106 11.67 3.24 -8.55
CA PRO A 106 10.91 1.99 -8.38
C PRO A 106 11.71 0.92 -7.65
N ASN A 107 11.55 0.85 -6.34
CA ASN A 107 12.26 -0.13 -5.53
C ASN A 107 11.34 -1.28 -5.13
N CYS A 108 11.75 -2.51 -5.46
CA CYS A 108 10.95 -3.69 -5.14
C CYS A 108 10.85 -3.87 -3.63
N TYR A 109 9.62 -3.91 -3.12
CA TYR A 109 9.39 -4.09 -1.70
C TYR A 109 8.95 -5.51 -1.39
N VAL A 110 9.92 -6.34 -0.96
CA VAL A 110 9.64 -7.72 -0.62
C VAL A 110 8.35 -7.84 0.19
N LEU A 111 7.70 -9.00 0.08
CA LEU A 111 6.45 -9.25 0.79
C LEU A 111 6.70 -10.14 2.01
N LYS A 112 6.46 -9.61 3.20
CA LYS A 112 6.65 -10.36 4.44
C LYS A 112 5.45 -10.18 5.37
N ASN A 113 5.12 -11.23 6.10
CA ASN A 113 4.00 -11.20 7.03
C ASN A 113 4.25 -10.18 8.15
N LYS A 114 3.27 -10.04 9.04
CA LYS A 114 3.40 -9.11 10.15
C LYS A 114 4.80 -9.13 10.75
N ASP A 115 5.19 -10.29 11.27
CA ASP A 115 6.51 -10.46 11.86
C ASP A 115 7.56 -9.67 11.09
N LEU A 116 7.44 -9.67 9.76
CA LEU A 116 8.38 -8.97 8.90
C LEU A 116 9.79 -9.51 9.07
N GLU A 117 9.89 -10.79 9.38
CA GLU A 117 11.19 -11.44 9.56
C GLU A 117 11.52 -12.35 8.38
N GLN A 118 10.50 -13.05 7.87
CA GLN A 118 10.68 -13.95 6.75
C GLN A 118 9.75 -13.58 5.60
N ALA A 119 10.20 -13.84 4.38
CA ALA A 119 9.41 -13.54 3.19
C ALA A 119 8.21 -14.48 3.08
N PHE A 120 7.16 -14.03 2.40
CA PHE A 120 5.97 -14.82 2.22
C PHE A 120 6.00 -15.58 0.88
N LYS A 121 5.97 -14.82 -0.21
CA LYS A 121 5.99 -15.41 -1.54
C LYS A 121 7.08 -14.76 -2.39
N GLY A 122 6.90 -13.47 -2.69
CA GLY A 122 7.87 -12.76 -3.50
C GLY A 122 7.99 -11.30 -3.10
N VAL A 123 7.94 -10.41 -4.08
CA VAL A 123 8.04 -8.98 -3.83
C VAL A 123 6.89 -8.21 -4.49
N ILE A 124 6.81 -6.92 -4.21
CA ILE A 124 5.77 -6.08 -4.78
C ILE A 124 6.35 -4.80 -5.36
N TYR A 125 5.67 -4.25 -6.36
CA TYR A 125 6.13 -3.02 -7.00
C TYR A 125 5.25 -1.84 -6.59
N LEU A 126 5.85 -0.91 -5.84
CA LEU A 126 5.12 0.27 -5.38
C LEU A 126 5.98 1.52 -5.51
N GLU A 127 5.36 2.64 -5.88
CA GLU A 127 6.07 3.89 -6.04
C GLU A 127 5.41 5.00 -5.23
N MET A 128 6.14 5.55 -4.26
CA MET A 128 5.62 6.62 -3.42
C MET A 128 6.47 7.88 -3.56
N ASP A 129 5.87 9.02 -3.23
CA ASP A 129 6.57 10.30 -3.31
C ASP A 129 6.28 11.15 -2.09
N LEU A 130 7.28 11.91 -1.64
CA LEU A 130 7.13 12.78 -0.49
C LEU A 130 7.18 14.25 -0.90
N ILE A 131 6.06 14.95 -0.74
CA ILE A 131 5.98 16.36 -1.09
C ILE A 131 5.89 17.23 0.16
N TYR A 132 6.60 18.35 0.14
CA TYR A 132 6.59 19.27 1.27
C TYR A 132 5.86 20.57 0.93
N ASN A 133 4.81 20.88 1.68
CA ASN A 133 4.03 22.08 1.45
C ASN A 133 4.93 23.22 0.97
N GLY A 1 4.01 34.42 23.69
CA GLY A 1 3.89 35.45 24.70
C GLY A 1 2.51 36.08 24.73
N SER A 2 1.60 35.49 25.49
CA SER A 2 0.24 35.99 25.60
C SER A 2 -0.41 36.08 24.22
N SER A 3 -0.19 35.06 23.40
CA SER A 3 -0.75 35.02 22.05
C SER A 3 -1.34 33.65 21.75
N GLY A 4 -2.57 33.63 21.26
CA GLY A 4 -3.23 32.39 20.93
C GLY A 4 -3.60 32.28 19.46
N SER A 5 -3.41 31.10 18.89
CA SER A 5 -3.71 30.88 17.48
C SER A 5 -5.07 30.20 17.33
N SER A 6 -5.30 29.15 18.12
CA SER A 6 -6.55 28.41 18.07
C SER A 6 -7.06 28.32 16.63
N GLY A 7 -6.15 28.16 15.69
CA GLY A 7 -6.52 28.06 14.29
C GLY A 7 -6.40 26.65 13.76
N ASP A 8 -6.42 26.51 12.43
CA ASP A 8 -6.30 25.21 11.79
C ASP A 8 -4.84 24.87 11.52
N VAL A 9 -4.45 23.62 11.81
CA VAL A 9 -3.08 23.18 11.60
C VAL A 9 -2.89 22.69 10.16
N LYS A 10 -1.67 22.81 9.67
CA LYS A 10 -1.34 22.38 8.31
C LYS A 10 -0.59 21.06 8.32
N ASP A 11 -0.81 20.25 7.29
CA ASP A 11 -0.16 18.95 7.18
C ASP A 11 1.33 19.11 6.87
N VAL A 12 2.15 18.26 7.47
CA VAL A 12 3.59 18.30 7.24
C VAL A 12 3.93 18.14 5.76
N GLY A 13 3.01 17.53 5.02
CA GLY A 13 3.22 17.32 3.60
C GLY A 13 2.22 16.36 2.99
N ILE A 14 2.44 16.01 1.73
CA ILE A 14 1.53 15.09 1.04
C ILE A 14 2.27 13.83 0.61
N LEU A 15 1.65 12.67 0.86
CA LEU A 15 2.24 11.39 0.50
C LEU A 15 1.60 10.84 -0.76
N GLN A 16 2.33 10.88 -1.87
CA GLN A 16 1.83 10.38 -3.14
C GLN A 16 2.27 8.93 -3.37
N VAL A 17 1.30 8.02 -3.38
CA VAL A 17 1.57 6.61 -3.59
C VAL A 17 1.10 6.14 -4.96
N LYS A 18 1.94 5.38 -5.65
CA LYS A 18 1.61 4.87 -6.97
C LYS A 18 1.72 3.35 -7.01
N VAL A 19 0.57 2.67 -6.99
CA VAL A 19 0.55 1.22 -7.03
C VAL A 19 0.80 0.70 -8.44
N LEU A 20 2.04 0.31 -8.71
CA LEU A 20 2.40 -0.20 -10.02
C LEU A 20 1.75 -1.56 -10.28
N LYS A 21 2.26 -2.59 -9.62
CA LYS A 21 1.72 -3.94 -9.78
C LYS A 21 2.39 -4.91 -8.81
N ALA A 22 1.97 -6.16 -8.86
CA ALA A 22 2.54 -7.19 -7.99
C ALA A 22 3.12 -8.34 -8.80
N ALA A 23 4.04 -9.08 -8.20
CA ALA A 23 4.68 -10.21 -8.87
C ALA A 23 4.86 -11.39 -7.91
N ASP A 24 4.93 -12.58 -8.47
CA ASP A 24 5.11 -13.80 -7.66
C ASP A 24 4.07 -13.85 -6.53
N LEU A 25 2.80 -13.74 -6.90
CA LEU A 25 1.72 -13.78 -5.92
C LEU A 25 1.34 -15.21 -5.58
N LEU A 26 0.55 -15.38 -4.53
CA LEU A 26 0.12 -16.71 -4.10
C LEU A 26 -1.22 -17.08 -4.75
N ALA A 27 -1.25 -18.24 -5.40
CA ALA A 27 -2.46 -18.71 -6.06
C ALA A 27 -3.51 -19.15 -5.04
N ALA A 28 -4.26 -18.18 -4.52
CA ALA A 28 -5.30 -18.47 -3.54
C ALA A 28 -6.13 -19.67 -3.96
N ASP A 29 -6.63 -19.65 -5.19
CA ASP A 29 -7.44 -20.74 -5.72
C ASP A 29 -6.57 -21.91 -6.13
N PHE A 30 -7.19 -23.09 -6.25
CA PHE A 30 -6.46 -24.29 -6.63
C PHE A 30 -6.30 -24.36 -8.15
N SER A 31 -7.06 -23.53 -8.86
CA SER A 31 -6.99 -23.50 -10.31
C SER A 31 -5.70 -22.83 -10.79
N GLY A 32 -4.94 -22.31 -9.85
CA GLY A 32 -3.69 -21.65 -10.19
C GLY A 32 -3.86 -20.17 -10.44
N LYS A 33 -4.98 -19.62 -9.98
CA LYS A 33 -5.27 -18.20 -10.16
C LYS A 33 -5.61 -17.55 -8.83
N SER A 34 -5.77 -16.23 -8.85
CA SER A 34 -6.10 -15.48 -7.63
C SER A 34 -6.64 -14.09 -7.98
N ASP A 35 -7.42 -13.52 -7.07
CA ASP A 35 -8.01 -12.21 -7.28
C ASP A 35 -7.59 -11.24 -6.17
N PRO A 36 -6.27 -11.18 -5.91
CA PRO A 36 -5.71 -10.31 -4.88
C PRO A 36 -5.80 -8.83 -5.25
N PHE A 37 -5.88 -7.98 -4.25
CA PHE A 37 -5.98 -6.53 -4.47
C PHE A 37 -5.18 -5.77 -3.41
N CYS A 38 -4.67 -4.61 -3.80
CA CYS A 38 -3.88 -3.77 -2.90
C CYS A 38 -4.79 -2.88 -2.05
N LEU A 39 -4.47 -2.79 -0.77
CA LEU A 39 -5.26 -1.98 0.16
C LEU A 39 -4.37 -1.01 0.93
N LEU A 40 -4.37 0.24 0.52
CA LEU A 40 -3.56 1.27 1.17
C LEU A 40 -4.30 1.86 2.37
N GLU A 41 -3.60 1.92 3.51
CA GLU A 41 -4.18 2.46 4.73
C GLU A 41 -3.19 3.38 5.45
N LEU A 42 -3.54 4.66 5.52
CA LEU A 42 -2.68 5.64 6.18
C LEU A 42 -3.51 6.61 7.02
N GLY A 43 -3.20 6.68 8.32
CA GLY A 43 -3.92 7.57 9.21
C GLY A 43 -5.41 7.26 9.25
N ASN A 44 -6.21 8.19 8.75
CA ASN A 44 -7.66 8.02 8.73
C ASN A 44 -8.16 7.73 7.31
N ASP A 45 -7.40 8.19 6.32
CA ASP A 45 -7.77 7.99 4.93
C ASP A 45 -7.19 6.68 4.40
N ARG A 46 -7.97 5.96 3.61
CA ARG A 46 -7.54 4.69 3.04
C ARG A 46 -8.27 4.40 1.74
N LEU A 47 -7.56 3.78 0.79
CA LEU A 47 -8.14 3.44 -0.51
C LEU A 47 -7.64 2.08 -0.99
N GLN A 48 -8.46 1.41 -1.80
CA GLN A 48 -8.09 0.11 -2.33
C GLN A 48 -8.08 0.13 -3.85
N THR A 49 -7.48 -0.90 -4.45
CA THR A 49 -7.38 -1.00 -5.90
C THR A 49 -8.43 -1.96 -6.45
N HIS A 50 -8.68 -1.88 -7.75
CA HIS A 50 -9.66 -2.75 -8.41
C HIS A 50 -9.22 -4.21 -8.33
N THR A 51 -10.17 -5.09 -8.01
CA THR A 51 -9.88 -6.51 -7.91
C THR A 51 -9.96 -7.19 -9.27
N VAL A 52 -8.81 -7.61 -9.79
CA VAL A 52 -8.75 -8.28 -11.08
C VAL A 52 -8.81 -9.80 -10.92
N TYR A 53 -9.91 -10.38 -11.38
CA TYR A 53 -10.10 -11.83 -11.30
C TYR A 53 -9.57 -12.52 -12.54
N LYS A 54 -9.32 -13.83 -12.42
CA LYS A 54 -8.81 -14.61 -13.54
C LYS A 54 -7.46 -14.08 -14.01
N ASN A 55 -6.52 -13.95 -13.09
CA ASN A 55 -5.19 -13.46 -13.42
C ASN A 55 -4.24 -13.61 -12.23
N LEU A 56 -2.94 -13.63 -12.51
CA LEU A 56 -1.94 -13.76 -11.46
C LEU A 56 -1.15 -12.46 -11.29
N ASN A 57 -1.12 -11.65 -12.34
CA ASN A 57 -0.41 -10.38 -12.29
C ASN A 57 -1.37 -9.21 -12.52
N PRO A 58 -2.12 -8.85 -11.47
CA PRO A 58 -3.08 -7.75 -11.52
C PRO A 58 -2.40 -6.38 -11.64
N GLU A 59 -2.54 -5.75 -12.80
CA GLU A 59 -1.94 -4.44 -13.03
C GLU A 59 -2.88 -3.33 -12.61
N TRP A 60 -2.62 -2.76 -11.43
CA TRP A 60 -3.46 -1.68 -10.91
C TRP A 60 -3.00 -0.33 -11.45
N ASN A 61 -1.68 -0.13 -11.48
CA ASN A 61 -1.12 1.12 -11.98
C ASN A 61 -2.00 2.31 -11.60
N LYS A 62 -2.39 2.37 -10.34
CA LYS A 62 -3.23 3.45 -9.84
C LYS A 62 -2.41 4.46 -9.06
N VAL A 63 -2.95 5.67 -8.88
CA VAL A 63 -2.27 6.72 -8.16
C VAL A 63 -3.13 7.24 -7.02
N PHE A 64 -2.69 6.98 -5.79
CA PHE A 64 -3.42 7.42 -4.61
C PHE A 64 -2.60 8.43 -3.79
N THR A 65 -3.25 9.51 -3.37
CA THR A 65 -2.58 10.54 -2.60
C THR A 65 -3.26 10.74 -1.24
N PHE A 66 -2.45 10.77 -0.18
CA PHE A 66 -2.97 10.95 1.17
C PHE A 66 -2.16 12.00 1.93
N PRO A 67 -2.86 12.82 2.72
CA PRO A 67 -2.23 13.88 3.51
C PRO A 67 -1.39 13.32 4.66
N ILE A 68 -0.27 13.99 4.96
CA ILE A 68 0.61 13.56 6.03
C ILE A 68 0.41 14.41 7.27
N LYS A 69 0.05 13.76 8.37
CA LYS A 69 -0.17 14.46 9.64
C LYS A 69 1.11 14.49 10.47
N ASP A 70 1.95 13.48 10.29
CA ASP A 70 3.21 13.39 11.02
C ASP A 70 4.24 12.58 10.23
N ILE A 71 5.40 13.18 9.99
CA ILE A 71 6.47 12.53 9.25
C ILE A 71 6.70 11.11 9.77
N HIS A 72 6.44 10.91 11.07
CA HIS A 72 6.61 9.61 11.69
C HIS A 72 5.70 8.57 11.05
N ASP A 73 4.46 8.97 10.76
CA ASP A 73 3.50 8.08 10.14
C ASP A 73 4.17 7.15 9.13
N VAL A 74 3.68 5.91 9.05
CA VAL A 74 4.24 4.93 8.13
C VAL A 74 3.15 4.29 7.28
N LEU A 75 3.41 4.14 5.99
CA LEU A 75 2.44 3.54 5.08
C LEU A 75 2.59 2.02 5.06
N GLU A 76 1.47 1.32 5.21
CA GLU A 76 1.47 -0.13 5.21
C GLU A 76 0.56 -0.69 4.12
N VAL A 77 1.17 -1.27 3.09
CA VAL A 77 0.42 -1.83 1.97
C VAL A 77 0.14 -3.31 2.19
N THR A 78 -1.10 -3.63 2.57
CA THR A 78 -1.49 -5.01 2.81
C THR A 78 -2.43 -5.52 1.72
N VAL A 79 -1.96 -6.51 0.96
CA VAL A 79 -2.77 -7.08 -0.11
C VAL A 79 -3.72 -8.14 0.42
N PHE A 80 -4.97 -8.08 -0.02
CA PHE A 80 -5.98 -9.04 0.40
C PHE A 80 -6.66 -9.69 -0.80
N ASP A 81 -7.28 -10.85 -0.57
CA ASP A 81 -7.96 -11.57 -1.62
C ASP A 81 -9.43 -11.76 -1.30
N GLU A 82 -10.30 -11.44 -2.26
CA GLU A 82 -11.74 -11.57 -2.07
C GLU A 82 -12.22 -12.96 -2.48
N ASP A 83 -12.79 -13.69 -1.53
CA ASP A 83 -13.29 -15.03 -1.79
C ASP A 83 -14.71 -15.19 -1.24
N GLY A 84 -15.70 -14.92 -2.08
CA GLY A 84 -17.09 -15.04 -1.66
C GLY A 84 -17.42 -14.13 -0.50
N ASP A 85 -18.58 -14.34 0.10
CA ASP A 85 -19.02 -13.53 1.23
C ASP A 85 -18.01 -13.60 2.38
N LYS A 86 -17.25 -14.68 2.41
CA LYS A 86 -16.25 -14.88 3.46
C LYS A 86 -15.18 -13.79 3.40
N PRO A 87 -14.54 -13.53 4.55
CA PRO A 87 -13.49 -12.52 4.66
C PRO A 87 -12.22 -12.90 3.92
N PRO A 88 -11.45 -11.89 3.47
CA PRO A 88 -10.20 -12.12 2.74
C PRO A 88 -9.11 -12.70 3.64
N ASP A 89 -8.03 -13.18 3.01
CA ASP A 89 -6.91 -13.76 3.75
C ASP A 89 -5.68 -12.87 3.66
N PHE A 90 -4.73 -13.09 4.55
CA PHE A 90 -3.50 -12.31 4.57
C PHE A 90 -2.48 -12.87 3.59
N LEU A 91 -2.14 -12.08 2.57
CA LEU A 91 -1.18 -12.50 1.56
C LEU A 91 0.20 -11.91 1.86
N GLY A 92 0.33 -10.61 1.71
CA GLY A 92 1.60 -9.95 1.97
C GLY A 92 1.44 -8.54 2.48
N LYS A 93 2.47 -8.02 3.14
CA LYS A 93 2.44 -6.67 3.70
C LYS A 93 3.84 -6.09 3.79
N VAL A 94 4.00 -4.86 3.33
CA VAL A 94 5.29 -4.18 3.37
C VAL A 94 5.19 -2.83 4.08
N ALA A 95 5.95 -2.68 5.16
CA ALA A 95 5.95 -1.44 5.92
C ALA A 95 7.16 -0.58 5.57
N ILE A 96 6.91 0.66 5.16
CA ILE A 96 7.97 1.58 4.80
C ILE A 96 7.66 3.00 5.27
N PRO A 97 8.54 3.54 6.13
CA PRO A 97 8.38 4.89 6.68
C PRO A 97 8.60 5.96 5.62
N LEU A 98 7.76 7.01 5.65
CA LEU A 98 7.87 8.11 4.70
C LEU A 98 9.31 8.56 4.55
N LEU A 99 10.07 8.51 5.64
CA LEU A 99 11.47 8.92 5.63
C LEU A 99 12.26 8.13 4.60
N SER A 100 12.20 6.81 4.70
CA SER A 100 12.91 5.94 3.76
C SER A 100 12.86 6.50 2.35
N ILE A 101 11.71 7.07 1.98
CA ILE A 101 11.54 7.64 0.65
C ILE A 101 12.66 8.64 0.34
N ARG A 102 13.62 8.20 -0.47
CA ARG A 102 14.75 9.05 -0.85
C ARG A 102 14.54 9.63 -2.25
N ASP A 103 14.50 8.75 -3.25
CA ASP A 103 14.31 9.17 -4.63
C ASP A 103 12.94 8.74 -5.15
N GLY A 104 12.64 9.11 -6.39
CA GLY A 104 11.36 8.75 -6.98
C GLY A 104 11.49 7.62 -7.98
N GLN A 105 12.11 6.53 -7.56
CA GLN A 105 12.29 5.37 -8.42
C GLN A 105 11.51 4.16 -7.90
N PRO A 106 10.95 3.36 -8.83
CA PRO A 106 10.18 2.17 -8.48
C PRO A 106 11.05 1.06 -7.91
N ASN A 107 11.09 0.98 -6.58
CA ASN A 107 11.88 -0.03 -5.90
C ASN A 107 11.00 -1.18 -5.41
N CYS A 108 11.30 -2.39 -5.84
CA CYS A 108 10.54 -3.56 -5.43
C CYS A 108 10.68 -3.82 -3.94
N TYR A 109 9.55 -3.94 -3.25
CA TYR A 109 9.55 -4.18 -1.81
C TYR A 109 9.21 -5.64 -1.51
N VAL A 110 10.07 -6.30 -0.74
CA VAL A 110 9.87 -7.69 -0.37
C VAL A 110 8.73 -7.83 0.63
N LEU A 111 7.81 -8.75 0.35
CA LEU A 111 6.67 -8.99 1.22
C LEU A 111 7.06 -9.84 2.41
N LYS A 112 7.05 -9.25 3.60
CA LYS A 112 7.40 -9.96 4.82
C LYS A 112 6.20 -10.08 5.75
N ASN A 113 6.02 -11.27 6.32
CA ASN A 113 4.91 -11.51 7.23
C ASN A 113 4.87 -10.46 8.33
N LYS A 114 3.88 -10.59 9.23
CA LYS A 114 3.74 -9.65 10.33
C LYS A 114 5.10 -9.30 10.93
N ASP A 115 5.73 -10.28 11.57
CA ASP A 115 7.04 -10.06 12.19
C ASP A 115 7.87 -9.09 11.37
N LEU A 116 7.68 -9.11 10.06
CA LEU A 116 8.42 -8.24 9.15
C LEU A 116 9.92 -8.50 9.23
N GLU A 117 10.29 -9.78 9.18
CA GLU A 117 11.69 -10.16 9.26
C GLU A 117 12.10 -10.96 8.01
N GLN A 118 11.41 -12.06 7.77
CA GLN A 118 11.71 -12.91 6.62
C GLN A 118 10.66 -12.72 5.53
N ALA A 119 11.04 -13.03 4.30
CA ALA A 119 10.13 -12.90 3.16
C ALA A 119 8.94 -13.84 3.30
N PHE A 120 7.93 -13.63 2.46
CA PHE A 120 6.73 -14.46 2.50
C PHE A 120 6.62 -15.31 1.23
N LYS A 121 6.33 -14.66 0.12
CA LYS A 121 6.19 -15.34 -1.17
C LYS A 121 7.18 -14.80 -2.19
N GLY A 122 6.99 -13.53 -2.57
CA GLY A 122 7.88 -12.92 -3.54
C GLY A 122 8.17 -11.46 -3.22
N VAL A 123 7.73 -10.57 -4.10
CA VAL A 123 7.94 -9.14 -3.91
C VAL A 123 6.79 -8.33 -4.50
N ILE A 124 6.87 -7.01 -4.36
CA ILE A 124 5.84 -6.13 -4.89
C ILE A 124 6.45 -4.85 -5.45
N TYR A 125 5.68 -4.15 -6.28
CA TYR A 125 6.14 -2.91 -6.89
C TYR A 125 5.34 -1.72 -6.38
N LEU A 126 5.98 -0.91 -5.54
CA LEU A 126 5.32 0.28 -4.98
C LEU A 126 6.19 1.51 -5.15
N GLU A 127 5.65 2.51 -5.83
CA GLU A 127 6.38 3.75 -6.07
C GLU A 127 5.74 4.90 -5.30
N MET A 128 6.45 5.40 -4.29
CA MET A 128 5.95 6.50 -3.48
C MET A 128 6.82 7.75 -3.66
N ASP A 129 6.27 8.90 -3.30
CA ASP A 129 7.00 10.16 -3.42
C ASP A 129 6.70 11.08 -2.25
N LEU A 130 7.75 11.50 -1.54
CA LEU A 130 7.60 12.38 -0.38
C LEU A 130 7.46 13.83 -0.83
N ILE A 131 6.46 14.52 -0.29
CA ILE A 131 6.22 15.91 -0.63
C ILE A 131 6.18 16.78 0.63
N TYR A 132 6.88 17.90 0.59
CA TYR A 132 6.92 18.82 1.72
C TYR A 132 6.25 20.15 1.37
N ASN A 133 5.17 20.47 2.07
CA ASN A 133 4.45 21.71 1.84
C ASN A 133 5.36 22.92 2.02
N GLY A 1 -12.69 29.62 24.15
CA GLY A 1 -12.18 30.83 23.54
C GLY A 1 -10.92 30.60 22.73
N SER A 2 -9.78 30.51 23.43
CA SER A 2 -8.50 30.29 22.78
C SER A 2 -7.92 28.93 23.16
N SER A 3 -7.64 28.11 22.14
CA SER A 3 -7.08 26.78 22.37
C SER A 3 -5.73 26.63 21.68
N GLY A 4 -4.68 27.07 22.36
CA GLY A 4 -3.34 26.98 21.81
C GLY A 4 -2.62 28.32 21.81
N SER A 5 -1.49 28.37 22.52
CA SER A 5 -0.71 29.59 22.62
C SER A 5 0.13 29.80 21.36
N SER A 6 0.78 28.73 20.90
CA SER A 6 1.62 28.80 19.72
C SER A 6 0.79 28.61 18.45
N GLY A 7 1.20 29.26 17.37
CA GLY A 7 0.48 29.15 16.11
C GLY A 7 0.13 27.72 15.76
N ASP A 8 -0.99 27.54 15.07
CA ASP A 8 -1.44 26.21 14.68
C ASP A 8 -0.28 25.40 14.10
N VAL A 9 -0.48 24.08 13.98
CA VAL A 9 0.54 23.20 13.44
C VAL A 9 0.59 23.29 11.92
N LYS A 10 1.76 22.98 11.36
CA LYS A 10 1.94 23.03 9.91
C LYS A 10 2.00 21.62 9.33
N ASP A 11 1.22 21.39 8.28
CA ASP A 11 1.18 20.08 7.63
C ASP A 11 2.54 19.73 7.04
N VAL A 12 2.96 18.48 7.22
CA VAL A 12 4.25 18.02 6.71
C VAL A 12 4.32 18.17 5.19
N GLY A 13 3.28 17.69 4.51
CA GLY A 13 3.25 17.78 3.06
C GLY A 13 2.21 16.85 2.45
N ILE A 14 2.61 16.12 1.41
CA ILE A 14 1.70 15.21 0.73
C ILE A 14 2.44 13.94 0.29
N LEU A 15 1.82 12.79 0.55
CA LEU A 15 2.42 11.51 0.18
C LEU A 15 1.69 10.89 -1.01
N GLN A 16 2.28 11.04 -2.19
CA GLN A 16 1.69 10.50 -3.42
C GLN A 16 2.14 9.06 -3.64
N VAL A 17 1.20 8.12 -3.54
CA VAL A 17 1.49 6.71 -3.74
C VAL A 17 1.01 6.23 -5.10
N LYS A 18 1.84 5.42 -5.76
CA LYS A 18 1.50 4.90 -7.08
C LYS A 18 1.75 3.39 -7.14
N VAL A 19 0.66 2.62 -7.25
CA VAL A 19 0.76 1.17 -7.32
C VAL A 19 0.95 0.70 -8.76
N LEU A 20 2.15 0.23 -9.07
CA LEU A 20 2.46 -0.26 -10.41
C LEU A 20 1.81 -1.61 -10.67
N LYS A 21 2.32 -2.64 -10.01
CA LYS A 21 1.79 -4.00 -10.16
C LYS A 21 2.47 -4.97 -9.21
N ALA A 22 1.94 -6.18 -9.12
CA ALA A 22 2.50 -7.20 -8.25
C ALA A 22 2.97 -8.42 -9.05
N ALA A 23 3.97 -9.12 -8.52
CA ALA A 23 4.49 -10.30 -9.19
C ALA A 23 4.60 -11.48 -8.21
N ASP A 24 4.47 -12.69 -8.74
CA ASP A 24 4.56 -13.89 -7.92
C ASP A 24 3.58 -13.82 -6.75
N LEU A 25 2.33 -13.50 -7.04
CA LEU A 25 1.31 -13.40 -6.01
C LEU A 25 0.74 -14.77 -5.65
N LEU A 26 0.81 -15.10 -4.38
CA LEU A 26 0.30 -16.39 -3.90
C LEU A 26 -1.07 -16.70 -4.50
N ALA A 27 -1.24 -17.92 -5.01
CA ALA A 27 -2.50 -18.33 -5.60
C ALA A 27 -3.48 -18.79 -4.53
N ALA A 28 -4.29 -17.86 -4.03
CA ALA A 28 -5.27 -18.19 -3.01
C ALA A 28 -6.01 -19.49 -3.34
N ASP A 29 -6.54 -19.57 -4.55
CA ASP A 29 -7.27 -20.75 -4.99
C ASP A 29 -6.30 -21.88 -5.36
N PHE A 30 -6.85 -23.04 -5.68
CA PHE A 30 -6.04 -24.20 -6.05
C PHE A 30 -5.77 -24.22 -7.56
N SER A 31 -6.68 -23.61 -8.32
CA SER A 31 -6.54 -23.56 -9.77
C SER A 31 -5.14 -23.06 -10.17
N GLY A 32 -4.84 -21.82 -9.81
CA GLY A 32 -3.55 -21.24 -10.14
C GLY A 32 -3.59 -19.73 -10.18
N LYS A 33 -4.79 -19.17 -10.31
CA LYS A 33 -4.94 -17.72 -10.37
C LYS A 33 -5.38 -17.17 -9.02
N SER A 34 -5.55 -15.85 -8.94
CA SER A 34 -5.96 -15.20 -7.71
C SER A 34 -6.61 -13.85 -7.99
N ASP A 35 -7.50 -13.43 -7.10
CA ASP A 35 -8.20 -12.16 -7.25
C ASP A 35 -7.88 -11.22 -6.10
N PRO A 36 -6.57 -11.03 -5.82
CA PRO A 36 -6.11 -10.15 -4.75
C PRO A 36 -6.35 -8.68 -5.05
N PHE A 37 -6.14 -7.84 -4.05
CA PHE A 37 -6.35 -6.40 -4.20
C PHE A 37 -5.48 -5.62 -3.21
N CYS A 38 -5.05 -4.43 -3.61
CA CYS A 38 -4.23 -3.59 -2.77
C CYS A 38 -5.09 -2.73 -1.84
N LEU A 39 -4.64 -2.57 -0.60
CA LEU A 39 -5.37 -1.78 0.39
C LEU A 39 -4.44 -0.84 1.13
N LEU A 40 -4.46 0.44 0.73
CA LEU A 40 -3.61 1.45 1.36
C LEU A 40 -4.27 2.00 2.62
N GLU A 41 -3.49 2.12 3.68
CA GLU A 41 -3.99 2.63 4.95
C GLU A 41 -2.98 3.58 5.59
N LEU A 42 -3.38 4.84 5.73
CA LEU A 42 -2.50 5.85 6.34
C LEU A 42 -3.31 6.84 7.16
N GLY A 43 -2.90 7.03 8.42
CA GLY A 43 -3.60 7.95 9.29
C GLY A 43 -5.00 7.48 9.63
N ASN A 44 -5.99 8.00 8.92
CA ASN A 44 -7.39 7.65 9.15
C ASN A 44 -8.07 7.23 7.84
N ASP A 45 -7.62 7.81 6.74
CA ASP A 45 -8.18 7.50 5.43
C ASP A 45 -7.55 6.22 4.85
N ARG A 46 -8.28 5.56 3.97
CA ARG A 46 -7.80 4.33 3.36
C ARG A 46 -8.46 4.10 2.00
N LEU A 47 -7.66 3.68 1.02
CA LEU A 47 -8.17 3.42 -0.32
C LEU A 47 -7.59 2.13 -0.89
N GLN A 48 -8.44 1.37 -1.58
CA GLN A 48 -8.02 0.10 -2.18
C GLN A 48 -8.11 0.16 -3.69
N THR A 49 -7.58 -0.87 -4.35
CA THR A 49 -7.60 -0.94 -5.81
C THR A 49 -8.67 -1.91 -6.30
N HIS A 50 -8.91 -1.90 -7.61
CA HIS A 50 -9.90 -2.79 -8.20
C HIS A 50 -9.50 -4.26 -8.04
N THR A 51 -10.48 -5.15 -8.10
CA THR A 51 -10.22 -6.57 -7.95
C THR A 51 -10.21 -7.27 -9.31
N VAL A 52 -9.03 -7.68 -9.75
CA VAL A 52 -8.88 -8.36 -11.02
C VAL A 52 -8.97 -9.88 -10.86
N TYR A 53 -9.75 -10.52 -11.72
CA TYR A 53 -9.92 -11.97 -11.66
C TYR A 53 -9.15 -12.65 -12.79
N LYS A 54 -8.74 -13.89 -12.56
CA LYS A 54 -8.00 -14.66 -13.56
C LYS A 54 -6.72 -13.94 -13.95
N ASN A 55 -5.92 -13.57 -12.95
CA ASN A 55 -4.67 -12.86 -13.21
C ASN A 55 -3.82 -12.81 -11.95
N LEU A 56 -2.71 -13.54 -11.95
CA LEU A 56 -1.80 -13.58 -10.81
C LEU A 56 -1.12 -12.23 -10.61
N ASN A 57 -0.87 -11.53 -11.71
CA ASN A 57 -0.22 -10.22 -11.66
C ASN A 57 -1.13 -9.13 -12.23
N PRO A 58 -2.05 -8.63 -11.40
CA PRO A 58 -3.00 -7.58 -11.79
C PRO A 58 -2.31 -6.24 -12.02
N GLU A 59 -2.66 -5.58 -13.13
CA GLU A 59 -2.08 -4.30 -13.47
C GLU A 59 -2.98 -3.15 -12.98
N TRP A 60 -2.74 -2.70 -11.77
CA TRP A 60 -3.52 -1.60 -11.19
C TRP A 60 -3.15 -0.27 -11.82
N ASN A 61 -1.87 0.09 -11.74
CA ASN A 61 -1.38 1.33 -12.30
C ASN A 61 -2.28 2.50 -11.90
N LYS A 62 -2.63 2.56 -10.62
CA LYS A 62 -3.49 3.62 -10.10
C LYS A 62 -2.68 4.63 -9.30
N VAL A 63 -3.35 5.68 -8.83
CA VAL A 63 -2.69 6.70 -8.04
C VAL A 63 -3.49 7.04 -6.78
N PHE A 64 -2.81 7.08 -5.65
CA PHE A 64 -3.46 7.39 -4.38
C PHE A 64 -2.62 8.35 -3.54
N THR A 65 -3.17 9.53 -3.27
CA THR A 65 -2.47 10.54 -2.49
C THR A 65 -3.05 10.66 -1.08
N PHE A 66 -2.19 10.90 -0.10
CA PHE A 66 -2.63 11.03 1.28
C PHE A 66 -1.80 12.09 2.00
N PRO A 67 -2.47 12.86 2.89
CA PRO A 67 -1.82 13.91 3.66
C PRO A 67 -0.87 13.36 4.72
N ILE A 68 0.22 14.08 4.97
CA ILE A 68 1.22 13.65 5.95
C ILE A 68 1.09 14.47 7.23
N LYS A 69 0.44 13.90 8.23
CA LYS A 69 0.26 14.56 9.51
C LYS A 69 1.60 14.77 10.22
N ASP A 70 2.43 13.74 10.19
CA ASP A 70 3.75 13.79 10.82
C ASP A 70 4.78 13.04 9.99
N ILE A 71 6.00 13.58 9.95
CA ILE A 71 7.08 12.96 9.19
C ILE A 71 7.41 11.57 9.74
N HIS A 72 7.02 11.33 10.98
CA HIS A 72 7.27 10.04 11.62
C HIS A 72 6.15 9.05 11.30
N ASP A 73 5.39 9.34 10.26
CA ASP A 73 4.30 8.47 9.84
C ASP A 73 4.79 7.39 8.88
N VAL A 74 4.16 6.22 8.95
CA VAL A 74 4.53 5.11 8.09
C VAL A 74 3.31 4.53 7.37
N LEU A 75 3.48 4.22 6.09
CA LEU A 75 2.39 3.65 5.29
C LEU A 75 2.47 2.14 5.26
N GLU A 76 1.32 1.49 5.28
CA GLU A 76 1.26 0.03 5.25
C GLU A 76 0.43 -0.45 4.06
N VAL A 77 1.09 -1.16 3.15
CA VAL A 77 0.41 -1.69 1.96
C VAL A 77 0.20 -3.19 2.07
N THR A 78 -1.02 -3.58 2.45
CA THR A 78 -1.35 -4.99 2.59
C THR A 78 -2.17 -5.48 1.40
N VAL A 79 -2.03 -6.76 1.08
CA VAL A 79 -2.76 -7.36 -0.04
C VAL A 79 -3.73 -8.44 0.44
N PHE A 80 -4.99 -8.30 0.08
CA PHE A 80 -6.01 -9.25 0.48
C PHE A 80 -6.70 -9.86 -0.74
N ASP A 81 -7.35 -11.00 -0.54
CA ASP A 81 -8.04 -11.69 -1.63
C ASP A 81 -9.49 -11.98 -1.25
N GLU A 82 -10.42 -11.35 -1.96
CA GLU A 82 -11.84 -11.55 -1.69
C GLU A 82 -12.32 -12.90 -2.22
N ASP A 83 -12.91 -13.69 -1.33
CA ASP A 83 -13.41 -15.02 -1.70
C ASP A 83 -14.89 -15.15 -1.37
N GLY A 84 -15.74 -14.70 -2.30
CA GLY A 84 -17.17 -14.78 -2.09
C GLY A 84 -17.59 -14.25 -0.74
N ASP A 85 -18.69 -14.76 -0.21
CA ASP A 85 -19.20 -14.33 1.08
C ASP A 85 -18.14 -14.49 2.17
N LYS A 86 -17.37 -15.57 2.08
CA LYS A 86 -16.31 -15.84 3.05
C LYS A 86 -15.30 -14.69 3.08
N PRO A 87 -14.68 -14.48 4.25
CA PRO A 87 -13.69 -13.43 4.44
C PRO A 87 -12.39 -13.71 3.69
N PRO A 88 -11.66 -12.64 3.36
CA PRO A 88 -10.38 -12.75 2.62
C PRO A 88 -9.28 -13.36 3.49
N ASP A 89 -8.16 -13.70 2.85
CA ASP A 89 -7.03 -14.30 3.54
C ASP A 89 -5.78 -13.44 3.39
N PHE A 90 -4.97 -13.39 4.45
CA PHE A 90 -3.74 -12.60 4.42
C PHE A 90 -2.71 -13.22 3.49
N LEU A 91 -2.18 -12.42 2.58
CA LEU A 91 -1.19 -12.88 1.61
C LEU A 91 0.17 -12.28 1.91
N GLY A 92 0.28 -10.96 1.79
CA GLY A 92 1.54 -10.29 2.06
C GLY A 92 1.34 -8.85 2.52
N LYS A 93 2.41 -8.24 2.99
CA LYS A 93 2.36 -6.86 3.48
C LYS A 93 3.75 -6.26 3.57
N VAL A 94 3.87 -4.97 3.24
CA VAL A 94 5.14 -4.28 3.28
C VAL A 94 5.03 -2.98 4.07
N ALA A 95 5.80 -2.88 5.15
CA ALA A 95 5.79 -1.68 5.98
C ALA A 95 6.98 -0.78 5.66
N ILE A 96 6.70 0.45 5.27
CA ILE A 96 7.75 1.41 4.93
C ILE A 96 7.47 2.77 5.58
N PRO A 97 8.30 3.14 6.56
CA PRO A 97 8.17 4.42 7.27
C PRO A 97 8.53 5.61 6.40
N LEU A 98 7.62 6.58 6.31
CA LEU A 98 7.85 7.77 5.51
C LEU A 98 9.29 8.25 5.65
N LEU A 99 9.86 8.06 6.83
CA LEU A 99 11.23 8.47 7.09
C LEU A 99 12.20 7.80 6.13
N SER A 100 12.08 6.48 6.00
CA SER A 100 12.94 5.71 5.11
C SER A 100 12.95 6.32 3.71
N ILE A 101 11.82 6.85 3.29
CA ILE A 101 11.69 7.47 1.97
C ILE A 101 12.56 8.71 1.87
N ARG A 102 13.63 8.63 1.10
CA ARG A 102 14.54 9.75 0.91
C ARG A 102 14.45 10.29 -0.51
N ASP A 103 14.58 9.39 -1.49
CA ASP A 103 14.52 9.78 -2.90
C ASP A 103 13.26 9.22 -3.55
N GLY A 104 13.10 9.50 -4.84
CA GLY A 104 11.93 9.02 -5.57
C GLY A 104 12.29 7.96 -6.60
N GLN A 105 12.94 6.90 -6.16
CA GLN A 105 13.34 5.82 -7.05
C GLN A 105 12.48 4.59 -6.82
N PRO A 106 12.17 3.87 -7.92
CA PRO A 106 11.35 2.67 -7.87
C PRO A 106 12.07 1.50 -7.19
N ASN A 107 11.93 1.40 -5.87
CA ASN A 107 12.57 0.34 -5.11
C ASN A 107 11.56 -0.76 -4.77
N CYS A 108 11.83 -1.96 -5.28
CA CYS A 108 10.95 -3.11 -5.03
C CYS A 108 10.98 -3.50 -3.57
N TYR A 109 9.81 -3.76 -3.00
CA TYR A 109 9.70 -4.15 -1.60
C TYR A 109 9.35 -5.63 -1.47
N VAL A 110 10.13 -6.35 -0.69
CA VAL A 110 9.91 -7.77 -0.48
C VAL A 110 8.73 -8.01 0.45
N LEU A 111 7.77 -8.82 0.00
CA LEU A 111 6.59 -9.12 0.80
C LEU A 111 6.94 -10.03 1.97
N LYS A 112 6.85 -9.49 3.18
CA LYS A 112 7.15 -10.26 4.39
C LYS A 112 5.91 -10.43 5.25
N ASN A 113 5.61 -11.68 5.59
CA ASN A 113 4.44 -11.98 6.41
C ASN A 113 4.36 -11.04 7.61
N LYS A 114 3.24 -11.11 8.34
CA LYS A 114 3.04 -10.27 9.51
C LYS A 114 4.35 -10.05 10.26
N ASP A 115 5.01 -11.15 10.60
CA ASP A 115 6.28 -11.08 11.33
C ASP A 115 7.15 -9.95 10.80
N LEU A 116 7.23 -9.84 9.48
CA LEU A 116 8.03 -8.79 8.85
C LEU A 116 9.50 -8.92 9.22
N GLU A 117 9.99 -10.16 9.23
CA GLU A 117 11.39 -10.43 9.58
C GLU A 117 12.13 -11.08 8.42
N GLN A 118 11.42 -11.95 7.69
CA GLN A 118 12.00 -12.65 6.56
C GLN A 118 11.00 -12.76 5.41
N ALA A 119 11.52 -12.79 4.19
CA ALA A 119 10.67 -12.89 3.01
C ALA A 119 9.69 -14.06 3.13
N PHE A 120 8.47 -13.85 2.67
CA PHE A 120 7.44 -14.88 2.73
C PHE A 120 7.29 -15.59 1.38
N LYS A 121 6.82 -14.84 0.39
CA LYS A 121 6.63 -15.37 -0.96
C LYS A 121 6.40 -14.26 -1.97
N GLY A 122 7.20 -14.27 -3.04
CA GLY A 122 7.07 -13.24 -4.06
C GLY A 122 7.42 -11.87 -3.56
N VAL A 123 7.13 -10.85 -4.37
CA VAL A 123 7.43 -9.47 -3.99
C VAL A 123 6.44 -8.50 -4.65
N ILE A 124 6.53 -7.24 -4.26
CA ILE A 124 5.64 -6.22 -4.81
C ILE A 124 6.41 -4.94 -5.16
N TYR A 125 5.91 -4.21 -6.14
CA TYR A 125 6.55 -2.97 -6.57
C TYR A 125 5.64 -1.77 -6.33
N LEU A 126 6.13 -0.81 -5.56
CA LEU A 126 5.37 0.39 -5.26
C LEU A 126 6.21 1.65 -5.48
N GLU A 127 5.58 2.69 -6.01
CA GLU A 127 6.28 3.95 -6.27
C GLU A 127 5.61 5.10 -5.51
N MET A 128 6.31 5.61 -4.50
CA MET A 128 5.79 6.71 -3.70
C MET A 128 6.55 8.00 -3.99
N ASP A 129 5.99 9.12 -3.55
CA ASP A 129 6.61 10.42 -3.78
C ASP A 129 6.40 11.34 -2.56
N LEU A 130 7.49 11.69 -1.90
CA LEU A 130 7.43 12.56 -0.73
C LEU A 130 7.41 14.04 -1.15
N ILE A 131 6.31 14.72 -0.85
CA ILE A 131 6.16 16.13 -1.18
C ILE A 131 6.10 16.99 0.07
N TYR A 132 6.67 18.18 -0.01
CA TYR A 132 6.67 19.09 1.13
C TYR A 132 5.82 20.33 0.83
N ASN A 133 4.77 20.53 1.62
CA ASN A 133 3.88 21.67 1.44
C ASN A 133 4.67 22.95 1.25
N GLY A 1 -8.07 28.37 21.97
CA GLY A 1 -7.02 28.65 21.03
C GLY A 1 -6.59 30.10 21.04
N SER A 2 -5.28 30.32 21.14
CA SER A 2 -4.74 31.68 21.17
C SER A 2 -4.72 32.28 19.77
N SER A 3 -5.51 33.34 19.57
CA SER A 3 -5.59 34.01 18.28
C SER A 3 -4.73 35.26 18.27
N GLY A 4 -3.88 35.38 17.26
CA GLY A 4 -3.00 36.55 17.15
C GLY A 4 -1.69 36.22 16.47
N SER A 5 -0.61 36.20 17.24
CA SER A 5 0.71 35.91 16.71
C SER A 5 0.74 34.53 16.06
N SER A 6 0.15 33.55 16.73
CA SER A 6 0.11 32.18 16.22
C SER A 6 -0.89 32.06 15.07
N GLY A 7 -0.43 31.51 13.95
CA GLY A 7 -1.29 31.34 12.79
C GLY A 7 -2.07 30.05 12.84
N ASP A 8 -1.62 29.06 12.07
CA ASP A 8 -2.28 27.76 12.02
C ASP A 8 -1.27 26.64 11.81
N VAL A 9 -1.57 25.48 12.37
CA VAL A 9 -0.68 24.32 12.25
C VAL A 9 -0.29 24.07 10.80
N LYS A 10 1.00 23.83 10.58
CA LYS A 10 1.50 23.57 9.24
C LYS A 10 1.43 22.08 8.90
N ASP A 11 1.06 21.77 7.66
CA ASP A 11 0.96 20.39 7.22
C ASP A 11 2.30 19.89 6.69
N VAL A 12 2.72 18.72 7.15
CA VAL A 12 3.98 18.13 6.72
C VAL A 12 4.13 18.20 5.20
N GLY A 13 3.14 17.67 4.49
CA GLY A 13 3.18 17.68 3.04
C GLY A 13 2.19 16.70 2.43
N ILE A 14 2.46 16.29 1.20
CA ILE A 14 1.59 15.36 0.50
C ILE A 14 2.33 14.08 0.13
N LEU A 15 1.69 12.94 0.38
CA LEU A 15 2.29 11.65 0.08
C LEU A 15 1.62 11.01 -1.15
N GLN A 16 2.36 10.99 -2.26
CA GLN A 16 1.85 10.41 -3.50
C GLN A 16 2.27 8.95 -3.63
N VAL A 17 1.29 8.05 -3.57
CA VAL A 17 1.56 6.62 -3.68
C VAL A 17 1.10 6.08 -5.04
N LYS A 18 1.87 5.16 -5.60
CA LYS A 18 1.54 4.55 -6.88
C LYS A 18 1.80 3.06 -6.87
N VAL A 19 0.80 2.28 -7.28
CA VAL A 19 0.92 0.83 -7.31
C VAL A 19 1.07 0.32 -8.74
N LEU A 20 2.31 0.14 -9.18
CA LEU A 20 2.59 -0.35 -10.52
C LEU A 20 1.89 -1.68 -10.78
N LYS A 21 2.39 -2.73 -10.14
CA LYS A 21 1.82 -4.07 -10.29
C LYS A 21 2.43 -5.03 -9.28
N ALA A 22 1.86 -6.24 -9.22
CA ALA A 22 2.35 -7.26 -8.30
C ALA A 22 2.78 -8.52 -9.05
N ALA A 23 3.97 -9.00 -8.73
CA ALA A 23 4.51 -10.20 -9.39
C ALA A 23 4.72 -11.32 -8.37
N ASP A 24 4.89 -12.54 -8.89
CA ASP A 24 5.11 -13.70 -8.03
C ASP A 24 4.03 -13.78 -6.95
N LEU A 25 2.80 -13.47 -7.33
CA LEU A 25 1.68 -13.51 -6.39
C LEU A 25 1.20 -14.95 -6.17
N LEU A 26 1.56 -15.52 -5.03
CA LEU A 26 1.17 -16.88 -4.70
C LEU A 26 -0.22 -17.20 -5.24
N ALA A 27 -0.38 -18.39 -5.78
CA ALA A 27 -1.67 -18.82 -6.33
C ALA A 27 -2.52 -19.51 -5.27
N ALA A 28 -3.58 -18.84 -4.84
CA ALA A 28 -4.48 -19.37 -3.83
C ALA A 28 -5.23 -20.59 -4.36
N ASP A 29 -5.70 -20.50 -5.59
CA ASP A 29 -6.43 -21.60 -6.22
C ASP A 29 -5.47 -22.63 -6.80
N PHE A 30 -6.01 -23.78 -7.20
CA PHE A 30 -5.21 -24.85 -7.76
C PHE A 30 -4.88 -24.56 -9.23
N SER A 31 -5.88 -24.09 -9.98
CA SER A 31 -5.70 -23.78 -11.38
C SER A 31 -4.45 -22.91 -11.60
N GLY A 32 -4.37 -21.82 -10.85
CA GLY A 32 -3.24 -20.93 -10.97
C GLY A 32 -3.66 -19.48 -11.19
N LYS A 33 -4.67 -19.05 -10.44
CA LYS A 33 -5.17 -17.68 -10.56
C LYS A 33 -5.57 -17.13 -9.20
N SER A 34 -5.74 -15.81 -9.11
CA SER A 34 -6.11 -15.16 -7.87
C SER A 34 -6.62 -13.75 -8.12
N ASP A 35 -7.49 -13.27 -7.24
CA ASP A 35 -8.04 -11.93 -7.37
C ASP A 35 -7.62 -11.04 -6.20
N PRO A 36 -6.30 -10.82 -6.09
CA PRO A 36 -5.73 -9.99 -5.02
C PRO A 36 -6.06 -8.51 -5.18
N PHE A 37 -5.91 -7.76 -4.11
CA PHE A 37 -6.20 -6.32 -4.14
C PHE A 37 -5.41 -5.59 -3.06
N CYS A 38 -4.90 -4.41 -3.40
CA CYS A 38 -4.13 -3.61 -2.47
C CYS A 38 -5.05 -2.75 -1.60
N LEU A 39 -4.67 -2.58 -0.34
CA LEU A 39 -5.45 -1.78 0.60
C LEU A 39 -4.58 -0.77 1.32
N LEU A 40 -4.66 0.49 0.89
CA LEU A 40 -3.88 1.56 1.50
C LEU A 40 -4.56 2.11 2.74
N GLU A 41 -3.79 2.34 3.79
CA GLU A 41 -4.33 2.86 5.03
C GLU A 41 -3.33 3.80 5.72
N LEU A 42 -3.72 5.05 5.89
CA LEU A 42 -2.86 6.04 6.53
C LEU A 42 -3.69 7.03 7.35
N GLY A 43 -3.17 7.38 8.53
CA GLY A 43 -3.87 8.32 9.38
C GLY A 43 -5.32 7.94 9.60
N ASN A 44 -6.23 8.66 8.95
CA ASN A 44 -7.66 8.39 9.07
C ASN A 44 -8.29 8.17 7.70
N ASP A 45 -7.49 7.70 6.75
CA ASP A 45 -7.97 7.44 5.40
C ASP A 45 -7.62 6.04 4.96
N ARG A 46 -8.38 5.51 4.00
CA ARG A 46 -8.15 4.16 3.50
C ARG A 46 -8.71 4.01 2.08
N LEU A 47 -7.87 3.55 1.17
CA LEU A 47 -8.29 3.36 -0.22
C LEU A 47 -7.76 2.04 -0.77
N GLN A 48 -8.67 1.25 -1.35
CA GLN A 48 -8.30 -0.05 -1.91
C GLN A 48 -8.29 0.00 -3.43
N THR A 49 -7.63 -0.97 -4.05
CA THR A 49 -7.54 -1.04 -5.51
C THR A 49 -8.61 -1.96 -6.08
N HIS A 50 -8.78 -1.91 -7.39
CA HIS A 50 -9.77 -2.74 -8.07
C HIS A 50 -9.38 -4.21 -8.01
N THR A 51 -10.38 -5.08 -7.85
CA THR A 51 -10.14 -6.51 -7.78
C THR A 51 -10.18 -7.15 -9.16
N VAL A 52 -9.02 -7.57 -9.65
CA VAL A 52 -8.92 -8.19 -10.97
C VAL A 52 -8.90 -9.72 -10.85
N TYR A 53 -9.92 -10.36 -11.41
CA TYR A 53 -10.02 -11.81 -11.36
C TYR A 53 -9.34 -12.45 -12.57
N LYS A 54 -8.97 -13.71 -12.43
CA LYS A 54 -8.30 -14.44 -13.50
C LYS A 54 -7.04 -13.71 -13.96
N ASN A 55 -6.20 -13.35 -12.98
CA ASN A 55 -4.95 -12.65 -13.28
C ASN A 55 -4.03 -12.67 -12.07
N LEU A 56 -2.87 -13.31 -12.22
CA LEU A 56 -1.90 -13.40 -11.14
C LEU A 56 -1.18 -12.06 -10.94
N ASN A 57 -0.96 -11.34 -12.04
CA ASN A 57 -0.29 -10.05 -11.98
C ASN A 57 -1.21 -8.94 -12.48
N PRO A 58 -2.10 -8.47 -11.59
CA PRO A 58 -3.06 -7.40 -11.92
C PRO A 58 -2.37 -6.05 -12.09
N GLU A 59 -2.69 -5.37 -13.19
CA GLU A 59 -2.11 -4.07 -13.48
C GLU A 59 -2.95 -2.95 -12.88
N TRP A 60 -2.70 -2.64 -11.62
CA TRP A 60 -3.44 -1.58 -10.92
C TRP A 60 -3.15 -0.23 -11.54
N ASN A 61 -1.87 0.12 -11.64
CA ASN A 61 -1.46 1.39 -12.21
C ASN A 61 -2.34 2.53 -11.71
N LYS A 62 -2.75 2.44 -10.44
CA LYS A 62 -3.60 3.45 -9.83
C LYS A 62 -2.80 4.31 -8.86
N VAL A 63 -3.12 5.61 -8.82
CA VAL A 63 -2.44 6.53 -7.93
C VAL A 63 -3.30 6.87 -6.72
N PHE A 64 -2.67 7.05 -5.57
CA PHE A 64 -3.38 7.38 -4.34
C PHE A 64 -2.59 8.39 -3.51
N THR A 65 -3.18 9.57 -3.32
CA THR A 65 -2.53 10.62 -2.54
C THR A 65 -3.18 10.78 -1.17
N PHE A 66 -2.37 11.14 -0.18
CA PHE A 66 -2.87 11.32 1.18
C PHE A 66 -2.10 12.42 1.90
N PRO A 67 -2.81 13.20 2.72
CA PRO A 67 -2.22 14.30 3.49
C PRO A 67 -1.30 13.79 4.60
N ILE A 68 -0.12 14.40 4.70
CA ILE A 68 0.85 14.02 5.72
C ILE A 68 0.71 14.89 6.97
N LYS A 69 0.18 14.30 8.04
CA LYS A 69 0.01 15.03 9.29
C LYS A 69 1.27 14.96 10.15
N ASP A 70 2.03 13.89 10.00
CA ASP A 70 3.26 13.72 10.75
C ASP A 70 4.35 13.10 9.88
N ILE A 71 5.54 13.69 9.93
CA ILE A 71 6.66 13.19 9.13
C ILE A 71 7.12 11.82 9.62
N HIS A 72 6.86 11.54 10.90
CA HIS A 72 7.25 10.26 11.49
C HIS A 72 6.17 9.21 11.24
N ASP A 73 5.35 9.42 10.21
CA ASP A 73 4.29 8.49 9.88
C ASP A 73 4.78 7.40 8.94
N VAL A 74 4.17 6.22 9.02
CA VAL A 74 4.55 5.10 8.17
C VAL A 74 3.34 4.49 7.49
N LEU A 75 3.44 4.32 6.17
CA LEU A 75 2.34 3.75 5.39
C LEU A 75 2.42 2.23 5.39
N GLU A 76 1.27 1.57 5.56
CA GLU A 76 1.20 0.12 5.59
C GLU A 76 0.31 -0.41 4.46
N VAL A 77 0.93 -1.08 3.49
CA VAL A 77 0.20 -1.62 2.36
C VAL A 77 0.13 -3.14 2.44
N THR A 78 -1.08 -3.67 2.62
CA THR A 78 -1.29 -5.11 2.71
C THR A 78 -2.05 -5.64 1.50
N VAL A 79 -1.69 -6.84 1.06
CA VAL A 79 -2.34 -7.45 -0.09
C VAL A 79 -3.38 -8.48 0.35
N PHE A 80 -4.63 -8.27 -0.05
CA PHE A 80 -5.71 -9.17 0.32
C PHE A 80 -6.27 -9.86 -0.92
N ASP A 81 -6.87 -11.04 -0.72
CA ASP A 81 -7.44 -11.81 -1.82
C ASP A 81 -8.94 -11.99 -1.62
N GLU A 82 -9.73 -11.35 -2.47
CA GLU A 82 -11.19 -11.45 -2.39
C GLU A 82 -11.65 -12.88 -2.64
N ASP A 83 -12.23 -13.49 -1.62
CA ASP A 83 -12.72 -14.86 -1.73
C ASP A 83 -14.25 -14.91 -1.59
N GLY A 84 -14.94 -14.74 -2.71
CA GLY A 84 -16.39 -14.76 -2.70
C GLY A 84 -16.97 -14.08 -1.48
N ASP A 85 -18.11 -14.56 -1.01
CA ASP A 85 -18.77 -13.99 0.16
C ASP A 85 -17.82 -13.93 1.34
N LYS A 86 -17.12 -15.05 1.60
CA LYS A 86 -16.18 -15.13 2.71
C LYS A 86 -15.08 -14.06 2.57
N PRO A 87 -14.51 -13.67 3.71
CA PRO A 87 -13.45 -12.66 3.75
C PRO A 87 -12.14 -13.16 3.14
N PRO A 88 -11.24 -12.22 2.80
CA PRO A 88 -9.94 -12.55 2.21
C PRO A 88 -9.01 -13.23 3.20
N ASP A 89 -7.84 -13.64 2.73
CA ASP A 89 -6.85 -14.31 3.57
C ASP A 89 -5.52 -13.58 3.53
N PHE A 90 -5.03 -13.18 4.70
CA PHE A 90 -3.76 -12.46 4.80
C PHE A 90 -2.68 -13.17 4.00
N LEU A 91 -2.22 -12.52 2.92
CA LEU A 91 -1.19 -13.09 2.07
C LEU A 91 0.18 -12.50 2.41
N GLY A 92 0.30 -11.18 2.31
CA GLY A 92 1.56 -10.52 2.62
C GLY A 92 1.37 -9.07 3.01
N LYS A 93 2.39 -8.48 3.63
CA LYS A 93 2.33 -7.10 4.05
C LYS A 93 3.70 -6.43 3.92
N VAL A 94 3.70 -5.10 3.77
CA VAL A 94 4.95 -4.35 3.64
C VAL A 94 4.88 -3.04 4.42
N ALA A 95 5.80 -2.89 5.37
CA ALA A 95 5.85 -1.68 6.19
C ALA A 95 6.97 -0.75 5.73
N ILE A 96 6.61 0.48 5.39
CA ILE A 96 7.59 1.46 4.95
C ILE A 96 7.33 2.83 5.59
N PRO A 97 8.22 3.22 6.50
CA PRO A 97 8.11 4.51 7.20
C PRO A 97 8.40 5.69 6.29
N LEU A 98 7.48 6.65 6.27
CA LEU A 98 7.63 7.84 5.44
C LEU A 98 9.06 8.37 5.50
N LEU A 99 9.74 8.10 6.60
CA LEU A 99 11.11 8.55 6.78
C LEU A 99 12.06 7.81 5.84
N SER A 100 11.88 6.49 5.75
CA SER A 100 12.72 5.67 4.88
C SER A 100 12.77 6.26 3.47
N ILE A 101 11.80 7.11 3.16
CA ILE A 101 11.74 7.75 1.84
C ILE A 101 12.79 8.85 1.71
N ARG A 102 13.78 8.62 0.84
CA ARG A 102 14.84 9.59 0.62
C ARG A 102 14.78 10.14 -0.79
N ASP A 103 14.80 9.23 -1.77
CA ASP A 103 14.75 9.62 -3.17
C ASP A 103 13.45 9.16 -3.83
N GLY A 104 13.29 9.48 -5.11
CA GLY A 104 12.10 9.09 -5.82
C GLY A 104 12.36 8.00 -6.84
N GLN A 105 13.05 6.95 -6.41
CA GLN A 105 13.37 5.83 -7.29
C GLN A 105 12.52 4.62 -6.96
N PRO A 106 12.20 3.81 -7.99
CA PRO A 106 11.39 2.60 -7.83
C PRO A 106 12.12 1.51 -7.06
N ASN A 107 11.83 1.40 -5.77
CA ASN A 107 12.46 0.39 -4.92
C ASN A 107 11.60 -0.86 -4.83
N CYS A 108 12.15 -1.98 -5.29
CA CYS A 108 11.43 -3.25 -5.27
C CYS A 108 11.43 -3.85 -3.86
N TYR A 109 10.24 -4.05 -3.31
CA TYR A 109 10.10 -4.62 -1.98
C TYR A 109 9.61 -6.06 -2.04
N VAL A 110 9.80 -6.79 -0.95
CA VAL A 110 9.38 -8.19 -0.88
C VAL A 110 8.20 -8.35 0.07
N LEU A 111 7.13 -8.97 -0.43
CA LEU A 111 5.93 -9.18 0.38
C LEU A 111 6.25 -10.01 1.62
N LYS A 112 6.60 -9.34 2.71
CA LYS A 112 6.93 -10.01 3.95
C LYS A 112 5.68 -10.30 4.78
N ASN A 113 5.57 -11.53 5.28
CA ASN A 113 4.42 -11.93 6.08
C ASN A 113 4.42 -11.23 7.43
N LYS A 114 3.31 -11.33 8.15
CA LYS A 114 3.19 -10.72 9.46
C LYS A 114 4.49 -10.84 10.25
N ASP A 115 5.28 -11.86 9.93
CA ASP A 115 6.56 -12.08 10.59
C ASP A 115 7.72 -11.55 9.75
N LEU A 116 7.75 -10.23 9.55
CA LEU A 116 8.79 -9.60 8.76
C LEU A 116 10.13 -10.30 8.98
N GLU A 117 10.31 -10.87 10.17
CA GLU A 117 11.54 -11.57 10.49
C GLU A 117 12.14 -12.23 9.25
N GLN A 118 11.28 -12.83 8.44
CA GLN A 118 11.71 -13.50 7.22
C GLN A 118 10.69 -13.33 6.10
N ALA A 119 11.17 -13.28 4.87
CA ALA A 119 10.29 -13.12 3.71
C ALA A 119 9.21 -14.19 3.68
N PHE A 120 8.22 -14.02 2.83
CA PHE A 120 7.12 -14.97 2.70
C PHE A 120 7.16 -15.66 1.35
N LYS A 121 6.81 -14.93 0.29
CA LYS A 121 6.82 -15.48 -1.05
C LYS A 121 6.54 -14.39 -2.09
N GLY A 122 7.33 -14.38 -3.16
CA GLY A 122 7.14 -13.39 -4.20
C GLY A 122 7.54 -12.00 -3.75
N VAL A 123 7.34 -11.02 -4.62
CA VAL A 123 7.68 -9.64 -4.31
C VAL A 123 6.62 -8.67 -4.85
N ILE A 124 6.79 -7.39 -4.55
CA ILE A 124 5.86 -6.37 -5.00
C ILE A 124 6.58 -5.08 -5.37
N TYR A 125 5.95 -4.27 -6.22
CA TYR A 125 6.54 -3.01 -6.64
C TYR A 125 5.63 -1.83 -6.27
N LEU A 126 6.20 -0.86 -5.56
CA LEU A 126 5.45 0.32 -5.14
C LEU A 126 6.30 1.57 -5.28
N GLU A 127 5.76 2.57 -5.99
CA GLU A 127 6.47 3.83 -6.20
C GLU A 127 5.80 4.96 -5.42
N MET A 128 6.51 5.47 -4.42
CA MET A 128 6.00 6.56 -3.60
C MET A 128 6.77 7.85 -3.84
N ASP A 129 6.19 8.98 -3.47
CA ASP A 129 6.82 10.27 -3.65
C ASP A 129 6.49 11.21 -2.49
N LEU A 130 7.52 11.63 -1.77
CA LEU A 130 7.34 12.53 -0.63
C LEU A 130 7.41 13.98 -1.07
N ILE A 131 6.28 14.69 -0.96
CA ILE A 131 6.22 16.09 -1.35
C ILE A 131 6.13 17.00 -0.12
N TYR A 132 6.86 18.10 -0.15
CA TYR A 132 6.87 19.06 0.95
C TYR A 132 6.05 20.30 0.62
N ASN A 133 5.01 20.55 1.41
CA ASN A 133 4.15 21.70 1.19
C ASN A 133 4.97 22.93 0.81
#